data_5A7D
#
_entry.id   5A7D
#
_cell.length_a   128.190
_cell.length_b   212.580
_cell.length_c   280.730
_cell.angle_alpha   90.00
_cell.angle_beta   90.00
_cell.angle_gamma   90.00
#
_symmetry.space_group_name_H-M   'P 21 21 21'
#
loop_
_entity.id
_entity.type
_entity.pdbx_description
1 polymer PINS
2 polymer INSCUTEABLE
3 water water
#
loop_
_entity_poly.entity_id
_entity_poly.type
_entity_poly.pdbx_seq_one_letter_code
_entity_poly.pdbx_strand_id
1 'polypeptide(L)'
;SHDGNSQQGSGSDGGSSMCLELALEGERLCKAGDCRAGVAFFQAAIQAGTEDLRTLSAIYSQLGNAYFYLGDYNKAMQYH
KHDLTLAKSMNDRLGEAKSSGNLGNTLKVMGRFDEAAICCERHLTLARQLGDRLSEGRALYNLGNVYHAKGKHLGQRNPG
KFGDDVKEALTRAVEFYQENLKLMRDLGDRGAQGRACGNLGNTYYLLGDFQAAIEHHQERLRIAREFGDRAAERRANSNL
GNSHIFLGQFEDAAEHYKRTLALAVELGEREVEAQSCYSLGNTYTLLHEFNTAIEYHNRHLAIAQELGDRIGEARACWSL
GNAHSAIGGHERALKYAEQHLQLAKELHDPVGESTARVNISDLRKLLGMPDSEPSPTEEEAR
;
B,C,D,E,F,G,H,I
2 'polypeptide(L)'
;SLRFTASTSTPKSGSKIAKRGKKHPEPVASWMSEQRWAGEPEVMCTLQHKSIAQEAYKNYTITTSAVCKLVRQLQQQALS
LQVHFERSERVLSGLQASSLPEALAGATQLLSHLDDFTATLERRGVFFNDAKIERRRYEQHLEQIRTVSKDTRYSLERQH
YINLESLLDDVQLLKRHTLITLRLIFERLVRVLVISIEQSQCDLLLRANINMVATLMNIDYDGFRSLSDAFVQNEAVRTL
LVVVLDHKQSSVRALALRALATLCCAPQAINQLGSCGGIEIVRDILQVESAGERGAIERREAVSLLAQITAAWHGSEHRV
PGLRDCAESLVAGLAALLQPE
;
L,M,N,O,P,Q,R,S
#
# COMPACT_ATOMS: atom_id res chain seq x y z
N GLY A 15 -21.79 36.89 48.78
CA GLY A 15 -22.14 37.72 49.92
C GLY A 15 -20.91 38.21 50.67
N SER A 16 -20.10 37.28 51.12
CA SER A 16 -18.83 37.60 51.77
C SER A 16 -17.69 37.40 50.78
N SER A 17 -16.50 37.86 51.14
CA SER A 17 -15.34 37.67 50.29
C SER A 17 -14.86 36.22 50.36
N MET A 18 -15.15 35.58 51.49
CA MET A 18 -14.72 34.20 51.74
C MET A 18 -15.31 33.24 50.71
N CYS A 19 -16.64 33.23 50.61
CA CYS A 19 -17.34 32.38 49.66
C CYS A 19 -16.89 32.63 48.23
N LEU A 20 -16.75 33.89 47.88
CA LEU A 20 -16.39 34.27 46.53
C LEU A 20 -15.00 33.78 46.17
N GLU A 21 -14.04 34.01 47.05
CA GLU A 21 -12.67 33.59 46.79
C GLU A 21 -12.54 32.07 46.80
N LEU A 22 -13.32 31.41 47.66
CA LEU A 22 -13.40 29.96 47.68
C LEU A 22 -13.87 29.42 46.34
N ALA A 23 -14.95 30.01 45.82
CA ALA A 23 -15.52 29.61 44.54
C ALA A 23 -14.56 29.90 43.40
N LEU A 24 -13.80 30.99 43.51
CA LEU A 24 -12.81 31.35 42.51
C LEU A 24 -11.71 30.29 42.44
N GLU A 25 -11.14 29.97 43.59
CA GLU A 25 -10.08 28.97 43.65
C GLU A 25 -10.59 27.60 43.20
N GLY A 26 -11.83 27.29 43.55
CA GLY A 26 -12.45 26.05 43.11
C GLY A 26 -12.56 25.99 41.60
N GLU A 27 -12.97 27.11 41.00
CA GLU A 27 -13.06 27.22 39.56
C GLU A 27 -11.69 27.02 38.91
N ARG A 28 -10.67 27.63 39.52
CA ARG A 28 -9.31 27.48 39.03
C ARG A 28 -8.87 26.01 39.04
N LEU A 29 -9.07 25.36 40.19
CA LEU A 29 -8.70 23.96 40.35
C LEU A 29 -9.43 23.06 39.36
N CYS A 30 -10.71 23.32 39.15
CA CYS A 30 -11.51 22.51 38.23
C CYS A 30 -11.08 22.71 36.78
N LYS A 31 -10.74 23.96 36.43
CA LYS A 31 -10.33 24.25 35.06
C LYS A 31 -8.86 23.90 34.80
N ALA A 32 -8.13 23.57 35.86
CA ALA A 32 -6.71 23.28 35.73
C ALA A 32 -6.37 21.83 36.04
N GLY A 33 -7.39 21.02 36.32
CA GLY A 33 -7.16 19.60 36.55
C GLY A 33 -8.00 18.98 37.65
N ASP A 34 -7.48 18.98 38.86
CA ASP A 34 -8.12 18.27 39.97
C ASP A 34 -9.46 18.86 40.37
N CYS A 35 -10.54 18.20 39.94
CA CYS A 35 -11.89 18.62 40.30
C CYS A 35 -12.26 18.08 41.68
N ARG A 36 -11.43 17.17 42.20
CA ARG A 36 -11.66 16.62 43.53
C ARG A 36 -11.41 17.68 44.59
N ALA A 37 -10.44 18.56 44.33
CA ALA A 37 -10.14 19.65 45.23
C ALA A 37 -11.08 20.83 44.97
N GLY A 38 -11.41 21.02 43.70
CA GLY A 38 -12.35 22.07 43.32
C GLY A 38 -13.70 21.84 43.96
N VAL A 39 -14.08 20.58 44.07
CA VAL A 39 -15.33 20.20 44.74
C VAL A 39 -15.25 20.58 46.22
N ALA A 40 -14.09 20.36 46.82
CA ALA A 40 -13.87 20.71 48.23
C ALA A 40 -14.03 22.21 48.44
N PHE A 41 -13.40 22.99 47.57
CA PHE A 41 -13.48 24.45 47.67
C PHE A 41 -14.91 24.95 47.41
N PHE A 42 -15.60 24.33 46.46
CA PHE A 42 -16.97 24.69 46.14
C PHE A 42 -17.90 24.42 47.32
N GLN A 43 -17.78 23.22 47.90
CA GLN A 43 -18.59 22.83 49.03
C GLN A 43 -18.28 23.70 50.24
N ALA A 44 -17.02 24.10 50.35
CA ALA A 44 -16.61 25.02 51.42
C ALA A 44 -17.22 26.40 51.18
N ALA A 45 -17.41 26.74 49.92
CA ALA A 45 -18.00 28.03 49.56
C ALA A 45 -19.50 28.05 49.85
N ILE A 46 -20.17 26.93 49.62
CA ILE A 46 -21.59 26.81 49.92
C ILE A 46 -21.84 27.02 51.40
N GLN A 47 -20.94 26.51 52.23
CA GLN A 47 -21.05 26.63 53.67
C GLN A 47 -20.73 28.05 54.13
N ALA A 48 -20.27 28.88 53.20
CA ALA A 48 -19.94 30.26 53.50
C ALA A 48 -21.07 31.21 53.10
N GLY A 49 -20.72 32.48 52.88
CA GLY A 49 -21.69 33.51 52.60
C GLY A 49 -22.27 33.46 51.19
N THR A 50 -23.49 32.96 51.07
CA THR A 50 -24.16 32.83 49.78
C THR A 50 -24.63 34.20 49.26
N GLU A 51 -25.81 34.61 49.71
CA GLU A 51 -26.42 35.89 49.36
C GLU A 51 -26.56 36.11 47.85
N ASP A 52 -25.45 36.37 47.17
CA ASP A 52 -25.48 36.58 45.72
C ASP A 52 -25.88 35.31 45.00
N LEU A 53 -27.15 35.21 44.63
CA LEU A 53 -27.70 33.98 44.07
C LEU A 53 -27.16 33.66 42.68
N ARG A 54 -26.62 34.66 42.00
CA ARG A 54 -25.99 34.46 40.71
C ARG A 54 -24.75 33.58 40.87
N THR A 55 -23.84 34.02 41.73
CA THR A 55 -22.62 33.29 42.02
C THR A 55 -22.95 31.95 42.66
N LEU A 56 -24.03 31.90 43.44
CA LEU A 56 -24.47 30.65 44.05
C LEU A 56 -24.86 29.64 42.97
N SER A 57 -25.67 30.10 42.02
CA SER A 57 -26.07 29.27 40.88
C SER A 57 -24.84 28.77 40.12
N ALA A 58 -23.88 29.67 39.95
CA ALA A 58 -22.62 29.32 39.29
C ALA A 58 -21.90 28.20 40.03
N ILE A 59 -21.87 28.30 41.36
CA ILE A 59 -21.23 27.30 42.20
C ILE A 59 -21.91 25.95 42.08
N TYR A 60 -23.24 25.95 42.19
CA TYR A 60 -24.01 24.72 42.05
C TYR A 60 -23.78 24.05 40.70
N SER A 61 -23.86 24.84 39.64
CA SER A 61 -23.64 24.33 38.29
C SER A 61 -22.25 23.74 38.11
N GLN A 62 -21.24 24.50 38.50
CA GLN A 62 -19.86 24.08 38.35
C GLN A 62 -19.59 22.81 39.18
N LEU A 63 -20.29 22.69 40.30
CA LEU A 63 -20.23 21.48 41.10
C LEU A 63 -20.85 20.31 40.36
N GLY A 64 -21.94 20.57 39.65
CA GLY A 64 -22.58 19.57 38.83
C GLY A 64 -21.64 19.03 37.76
N ASN A 65 -21.00 19.94 37.03
CA ASN A 65 -20.05 19.53 36.01
C ASN A 65 -18.84 18.82 36.60
N ALA A 66 -18.37 19.29 37.74
CA ALA A 66 -17.24 18.67 38.42
C ALA A 66 -17.55 17.24 38.81
N TYR A 67 -18.75 17.01 39.32
CA TYR A 67 -19.18 15.68 39.70
C TYR A 67 -19.42 14.82 38.46
N PHE A 68 -19.77 15.45 37.35
CA PHE A 68 -19.91 14.74 36.08
C PHE A 68 -18.54 14.24 35.63
N TYR A 69 -17.52 15.06 35.87
CA TYR A 69 -16.15 14.73 35.50
C TYR A 69 -15.62 13.56 36.32
N LEU A 70 -16.12 13.43 37.55
CA LEU A 70 -15.62 12.42 38.48
C LEU A 70 -16.43 11.13 38.43
N GLY A 71 -17.34 11.04 37.47
CA GLY A 71 -18.13 9.84 37.28
C GLY A 71 -19.23 9.65 38.31
N ASP A 72 -19.49 10.68 39.09
CA ASP A 72 -20.57 10.64 40.07
C ASP A 72 -21.79 11.36 39.50
N TYR A 73 -22.46 10.70 38.56
CA TYR A 73 -23.52 11.33 37.78
C TYR A 73 -24.76 11.67 38.61
N ASN A 74 -24.97 10.96 39.70
CA ASN A 74 -26.13 11.20 40.55
C ASN A 74 -26.01 12.53 41.28
N LYS A 75 -24.83 12.77 41.86
CA LYS A 75 -24.56 14.03 42.53
C LYS A 75 -24.54 15.18 41.51
N ALA A 76 -24.09 14.86 40.30
CA ALA A 76 -24.10 15.82 39.20
C ALA A 76 -25.53 16.26 38.92
N MET A 77 -26.42 15.28 38.80
CA MET A 77 -27.83 15.55 38.58
C MET A 77 -28.40 16.38 39.73
N GLN A 78 -27.99 16.03 40.95
CA GLN A 78 -28.47 16.73 42.14
C GLN A 78 -28.11 18.21 42.12
N TYR A 79 -26.82 18.51 42.03
CA TYR A 79 -26.35 19.89 42.07
C TYR A 79 -26.78 20.68 40.84
N HIS A 80 -26.95 20.00 39.71
CA HIS A 80 -27.44 20.66 38.50
C HIS A 80 -28.90 21.04 38.66
N LYS A 81 -29.67 20.18 39.31
CA LYS A 81 -31.08 20.48 39.56
C LYS A 81 -31.21 21.58 40.61
N HIS A 82 -30.26 21.61 41.55
CA HIS A 82 -30.21 22.67 42.55
C HIS A 82 -29.91 24.00 41.89
N ASP A 83 -28.99 23.98 40.92
CA ASP A 83 -28.69 25.17 40.12
C ASP A 83 -29.92 25.61 39.34
N LEU A 84 -30.61 24.64 38.75
CA LEU A 84 -31.83 24.90 38.00
C LEU A 84 -32.89 25.59 38.85
N THR A 85 -33.09 25.09 40.06
CA THR A 85 -34.05 25.66 40.99
C THR A 85 -33.63 27.07 41.42
N LEU A 86 -32.33 27.22 41.70
CA LEU A 86 -31.78 28.50 42.13
C LEU A 86 -31.98 29.57 41.07
N ALA A 87 -31.85 29.18 39.81
CA ALA A 87 -32.05 30.11 38.69
C ALA A 87 -33.54 30.37 38.46
N LYS A 88 -34.34 29.33 38.58
CA LYS A 88 -35.79 29.42 38.36
C LYS A 88 -36.44 30.36 39.35
N SER A 89 -36.02 30.28 40.61
CA SER A 89 -36.55 31.14 41.66
C SER A 89 -36.11 32.59 41.45
N MET A 90 -34.99 32.75 40.77
CA MET A 90 -34.40 34.07 40.56
C MET A 90 -34.93 34.68 39.26
N ASN A 91 -35.84 33.97 38.61
CA ASN A 91 -36.45 34.39 37.35
C ASN A 91 -35.43 34.58 36.23
N ASP A 92 -34.23 34.05 36.42
CA ASP A 92 -33.18 34.12 35.41
C ASP A 92 -33.43 33.10 34.31
N ARG A 93 -34.08 33.52 33.24
CA ARG A 93 -34.48 32.62 32.16
C ARG A 93 -33.30 31.97 31.44
N LEU A 94 -32.30 32.77 31.11
CA LEU A 94 -31.12 32.25 30.43
C LEU A 94 -30.40 31.22 31.28
N GLY A 95 -30.21 31.53 32.56
CA GLY A 95 -29.58 30.61 33.49
C GLY A 95 -30.38 29.33 33.65
N GLU A 96 -31.71 29.47 33.66
CA GLU A 96 -32.59 28.31 33.74
C GLU A 96 -32.42 27.43 32.51
N ALA A 97 -32.24 28.07 31.35
CA ALA A 97 -32.03 27.34 30.10
C ALA A 97 -30.72 26.58 30.13
N LYS A 98 -29.66 27.25 30.59
CA LYS A 98 -28.34 26.63 30.70
C LYS A 98 -28.38 25.42 31.62
N SER A 99 -28.92 25.64 32.82
CA SER A 99 -29.04 24.59 33.83
C SER A 99 -29.88 23.42 33.31
N SER A 100 -30.96 23.74 32.60
CA SER A 100 -31.81 22.73 32.02
C SER A 100 -31.03 21.91 31.00
N GLY A 101 -30.14 22.59 30.28
CA GLY A 101 -29.29 21.92 29.30
C GLY A 101 -28.34 20.93 29.95
N ASN A 102 -27.60 21.40 30.94
CA ASN A 102 -26.66 20.53 31.66
C ASN A 102 -27.37 19.35 32.33
N LEU A 103 -28.48 19.64 32.99
CA LEU A 103 -29.26 18.61 33.65
C LEU A 103 -29.75 17.58 32.65
N GLY A 104 -30.22 18.05 31.50
CA GLY A 104 -30.70 17.17 30.45
C GLY A 104 -29.59 16.27 29.92
N ASN A 105 -28.41 16.86 29.71
CA ASN A 105 -27.26 16.10 29.22
C ASN A 105 -26.86 15.00 30.22
N THR A 106 -26.79 15.38 31.50
CA THR A 106 -26.47 14.43 32.55
C THR A 106 -27.48 13.28 32.61
N LEU A 107 -28.76 13.64 32.58
CA LEU A 107 -29.82 12.63 32.57
C LEU A 107 -29.70 11.71 31.36
N LYS A 108 -29.31 12.27 30.23
CA LYS A 108 -29.10 11.48 29.02
C LYS A 108 -28.00 10.45 29.23
N VAL A 109 -26.88 10.92 29.80
CA VAL A 109 -25.75 10.03 30.07
C VAL A 109 -26.15 8.93 31.05
N MET A 110 -26.99 9.27 32.02
CA MET A 110 -27.44 8.31 33.02
C MET A 110 -28.42 7.28 32.44
N GLY A 111 -28.94 7.56 31.26
CA GLY A 111 -29.85 6.64 30.59
C GLY A 111 -31.31 6.93 30.87
N ARG A 112 -31.57 8.04 31.56
CA ARG A 112 -32.94 8.48 31.82
C ARG A 112 -33.39 9.41 30.69
N PHE A 113 -33.77 8.81 29.57
CA PHE A 113 -33.95 9.53 28.32
C PHE A 113 -35.19 10.42 28.28
N ASP A 114 -36.28 9.99 28.92
CA ASP A 114 -37.51 10.77 28.89
C ASP A 114 -37.39 12.04 29.73
N GLU A 115 -36.81 11.90 30.91
CA GLU A 115 -36.58 13.04 31.79
C GLU A 115 -35.63 14.04 31.12
N ALA A 116 -34.59 13.50 30.49
CA ALA A 116 -33.63 14.30 29.75
C ALA A 116 -34.32 15.04 28.61
N ALA A 117 -35.23 14.35 27.95
CA ALA A 117 -35.98 14.93 26.84
C ALA A 117 -36.85 16.07 27.34
N ILE A 118 -37.41 15.91 28.54
CA ILE A 118 -38.21 16.96 29.16
C ILE A 118 -37.36 18.18 29.46
N CYS A 119 -36.19 17.97 30.06
CA CYS A 119 -35.27 19.06 30.38
C CYS A 119 -34.84 19.82 29.12
N CYS A 120 -34.42 19.08 28.10
CA CYS A 120 -33.95 19.69 26.87
C CYS A 120 -35.08 20.38 26.13
N GLU A 121 -36.30 19.86 26.26
CA GLU A 121 -37.47 20.49 25.67
C GLU A 121 -37.76 21.82 26.36
N ARG A 122 -37.59 21.83 27.68
CA ARG A 122 -37.71 23.04 28.48
C ARG A 122 -36.71 24.07 27.99
N HIS A 123 -35.46 23.63 27.82
CA HIS A 123 -34.41 24.47 27.27
C HIS A 123 -34.82 25.05 25.91
N LEU A 124 -35.43 24.21 25.08
CA LEU A 124 -35.87 24.63 23.75
C LEU A 124 -36.92 25.72 23.80
N THR A 125 -38.03 25.45 24.49
CA THR A 125 -39.12 26.40 24.57
C THR A 125 -38.67 27.71 25.23
N LEU A 126 -37.81 27.59 26.24
CA LEU A 126 -37.27 28.75 26.92
C LEU A 126 -36.40 29.57 25.97
N ALA A 127 -35.65 28.88 25.12
CA ALA A 127 -34.79 29.55 24.14
C ALA A 127 -35.62 30.25 23.07
N ARG A 128 -36.72 29.63 22.67
CA ARG A 128 -37.60 30.22 21.68
C ARG A 128 -38.31 31.45 22.26
N GLN A 129 -38.64 31.39 23.55
CA GLN A 129 -39.24 32.52 24.22
C GLN A 129 -38.24 33.68 24.32
N LEU A 130 -37.05 33.38 24.79
CA LEU A 130 -36.01 34.39 24.97
C LEU A 130 -35.57 35.01 23.64
N GLY A 131 -35.66 34.23 22.57
CA GLY A 131 -35.31 34.71 21.24
C GLY A 131 -33.90 34.37 20.82
N ASP A 132 -33.10 33.90 21.77
CA ASP A 132 -31.73 33.51 21.47
C ASP A 132 -31.71 32.32 20.52
N ARG A 133 -31.29 32.57 19.28
CA ARG A 133 -31.36 31.57 18.23
C ARG A 133 -30.30 30.48 18.38
N LEU A 134 -29.13 30.86 18.87
CA LEU A 134 -28.03 29.90 19.05
C LEU A 134 -28.34 28.94 20.19
N SER A 135 -29.01 29.43 21.22
CA SER A 135 -29.44 28.59 22.32
C SER A 135 -30.51 27.62 21.84
N GLU A 136 -31.33 28.09 20.91
CA GLU A 136 -32.36 27.27 20.27
C GLU A 136 -31.70 26.16 19.46
N GLY A 137 -30.64 26.50 18.75
CA GLY A 137 -29.88 25.53 17.98
C GLY A 137 -29.24 24.48 18.86
N ARG A 138 -28.59 24.94 19.93
CA ARG A 138 -27.99 24.04 20.90
C ARG A 138 -29.04 23.11 21.49
N ALA A 139 -30.23 23.65 21.75
CA ALA A 139 -31.32 22.86 22.33
C ALA A 139 -31.80 21.78 21.36
N LEU A 140 -32.02 22.17 20.11
CA LEU A 140 -32.46 21.22 19.08
C LEU A 140 -31.43 20.11 18.90
N TYR A 141 -30.16 20.50 18.80
CA TYR A 141 -29.07 19.54 18.66
C TYR A 141 -29.01 18.58 19.85
N ASN A 142 -29.24 19.13 21.05
CA ASN A 142 -29.25 18.33 22.26
C ASN A 142 -30.37 17.30 22.27
N LEU A 143 -31.58 17.74 21.94
CA LEU A 143 -32.72 16.84 21.85
C LEU A 143 -32.45 15.74 20.83
N GLY A 144 -31.85 16.13 19.72
CA GLY A 144 -31.43 15.19 18.70
C GLY A 144 -30.50 14.14 19.30
N ASN A 145 -29.53 14.57 20.08
CA ASN A 145 -28.61 13.65 20.74
C ASN A 145 -29.31 12.72 21.73
N VAL A 146 -30.30 13.26 22.43
CA VAL A 146 -31.05 12.50 23.42
C VAL A 146 -31.84 11.37 22.78
N TYR A 147 -32.63 11.70 21.76
CA TYR A 147 -33.44 10.67 21.11
C TYR A 147 -32.57 9.75 20.25
N HIS A 148 -31.39 10.24 19.85
CA HIS A 148 -30.43 9.39 19.16
C HIS A 148 -29.92 8.31 20.10
N ALA A 149 -29.45 8.75 21.28
CA ALA A 149 -28.93 7.83 22.27
C ALA A 149 -30.00 6.84 22.73
N LYS A 150 -31.21 7.36 22.91
CA LYS A 150 -32.36 6.53 23.27
C LYS A 150 -32.62 5.49 22.20
N GLY A 151 -32.58 5.91 20.94
CA GLY A 151 -32.81 5.02 19.82
C GLY A 151 -31.76 3.92 19.72
N LYS A 152 -30.51 4.29 19.93
CA LYS A 152 -29.41 3.32 19.87
C LYS A 152 -29.54 2.31 21.00
N HIS A 153 -29.83 2.81 22.21
CA HIS A 153 -30.00 1.96 23.38
C HIS A 153 -31.14 0.96 23.19
N LEU A 154 -32.32 1.48 22.86
CA LEU A 154 -33.48 0.63 22.62
C LEU A 154 -33.18 -0.39 21.51
N GLY A 155 -32.60 0.08 20.43
CA GLY A 155 -32.26 -0.79 19.31
C GLY A 155 -31.28 -1.88 19.67
N GLN A 156 -30.44 -1.63 20.67
CA GLN A 156 -29.43 -2.59 21.07
C GLN A 156 -29.87 -3.53 22.18
N ARG A 157 -30.87 -3.14 22.97
CA ARG A 157 -31.24 -3.96 24.13
C ARG A 157 -32.73 -4.07 24.42
N ASN A 158 -33.56 -3.25 23.78
CA ASN A 158 -35.00 -3.32 24.03
C ASN A 158 -35.86 -2.80 22.88
N PRO A 159 -35.86 -3.51 21.74
CA PRO A 159 -36.70 -3.11 20.61
C PRO A 159 -38.14 -3.57 20.80
N GLY A 160 -38.48 -4.73 20.26
CA GLY A 160 -39.81 -5.30 20.42
C GLY A 160 -40.69 -5.11 19.20
N LYS A 161 -41.69 -5.98 19.09
CA LYS A 161 -42.61 -5.97 17.95
C LYS A 161 -43.31 -4.62 17.80
N PHE A 162 -43.22 -4.03 16.61
CA PHE A 162 -42.46 -4.61 15.51
C PHE A 162 -41.11 -3.93 15.36
N GLY A 163 -41.14 -2.66 14.95
CA GLY A 163 -39.95 -1.83 14.94
C GLY A 163 -39.33 -1.76 16.33
N ASP A 164 -39.90 -0.94 17.21
CA ASP A 164 -41.03 -0.07 16.88
C ASP A 164 -40.89 1.22 17.67
N ASP A 165 -40.40 1.10 18.89
CA ASP A 165 -40.12 2.26 19.73
C ASP A 165 -38.77 2.85 19.35
N VAL A 166 -37.85 1.98 18.95
CA VAL A 166 -36.55 2.41 18.46
C VAL A 166 -36.73 3.21 17.17
N LYS A 167 -37.64 2.75 16.32
CA LYS A 167 -37.97 3.45 15.08
C LYS A 167 -38.45 4.86 15.35
N GLU A 168 -39.39 4.99 16.28
CA GLU A 168 -39.94 6.30 16.65
C GLU A 168 -38.88 7.19 17.29
N ALA A 169 -38.00 6.58 18.08
CA ALA A 169 -36.94 7.32 18.74
C ALA A 169 -35.98 7.92 17.72
N LEU A 170 -35.43 7.07 16.86
CA LEU A 170 -34.51 7.52 15.82
C LEU A 170 -35.18 8.53 14.90
N THR A 171 -36.47 8.31 14.63
CA THR A 171 -37.25 9.24 13.82
C THR A 171 -37.31 10.62 14.46
N ARG A 172 -37.58 10.64 15.76
CA ARG A 172 -37.60 11.88 16.53
C ARG A 172 -36.24 12.59 16.45
N ALA A 173 -35.18 11.83 16.68
CA ALA A 173 -33.83 12.37 16.63
C ALA A 173 -33.55 12.98 15.26
N VAL A 174 -34.01 12.31 14.21
CA VAL A 174 -33.88 12.81 12.85
C VAL A 174 -34.62 14.14 12.69
N GLU A 175 -35.83 14.20 13.23
CA GLU A 175 -36.63 15.42 13.16
C GLU A 175 -35.92 16.60 13.81
N PHE A 176 -35.47 16.41 15.05
CA PHE A 176 -34.77 17.47 15.78
C PHE A 176 -33.48 17.88 15.08
N TYR A 177 -32.73 16.90 14.59
CA TYR A 177 -31.49 17.16 13.87
C TYR A 177 -31.77 17.99 12.60
N GLN A 178 -32.87 17.69 11.94
CA GLN A 178 -33.28 18.43 10.74
C GLN A 178 -33.62 19.86 11.09
N GLU A 179 -34.36 20.04 12.19
CA GLU A 179 -34.75 21.36 12.65
C GLU A 179 -33.51 22.21 12.95
N ASN A 180 -32.58 21.60 13.68
CA ASN A 180 -31.30 22.23 14.00
C ASN A 180 -30.51 22.60 12.75
N LEU A 181 -30.47 21.68 11.78
CA LEU A 181 -29.75 21.91 10.54
C LEU A 181 -30.35 23.07 9.76
N LYS A 182 -31.68 23.15 9.73
CA LYS A 182 -32.36 24.25 9.08
C LYS A 182 -32.04 25.58 9.75
N LEU A 183 -32.14 25.60 11.07
CA LEU A 183 -31.83 26.81 11.83
C LEU A 183 -30.39 27.27 11.58
N MET A 184 -29.48 26.32 11.51
CA MET A 184 -28.07 26.63 11.28
C MET A 184 -27.82 27.12 9.86
N ARG A 185 -28.59 26.60 8.91
CA ARG A 185 -28.49 27.04 7.53
C ARG A 185 -29.03 28.46 7.38
N ASP A 186 -30.03 28.79 8.21
CA ASP A 186 -30.58 30.14 8.21
C ASP A 186 -29.62 31.12 8.85
N LEU A 187 -29.03 30.72 9.98
CA LEU A 187 -28.12 31.59 10.71
C LEU A 187 -26.80 31.77 9.96
N GLY A 188 -26.31 30.70 9.33
CA GLY A 188 -25.11 30.78 8.53
C GLY A 188 -23.90 30.09 9.14
N ASP A 189 -24.11 29.42 10.27
CA ASP A 189 -23.03 28.69 10.93
C ASP A 189 -22.75 27.39 10.20
N ARG A 190 -21.64 27.33 9.48
CA ARG A 190 -21.32 26.21 8.60
C ARG A 190 -20.90 24.96 9.38
N GLY A 191 -20.01 25.14 10.34
CA GLY A 191 -19.51 24.02 11.13
C GLY A 191 -20.62 23.31 11.89
N ALA A 192 -21.58 24.10 12.38
CA ALA A 192 -22.74 23.56 13.06
C ALA A 192 -23.55 22.69 12.12
N GLN A 193 -23.65 23.14 10.86
CA GLN A 193 -24.26 22.33 9.81
C GLN A 193 -23.46 21.05 9.63
N GLY A 194 -22.16 21.15 9.85
CA GLY A 194 -21.30 19.98 9.79
C GLY A 194 -21.70 18.94 10.82
N ARG A 195 -21.74 19.35 12.08
CA ARG A 195 -22.13 18.46 13.17
C ARG A 195 -23.52 17.88 12.95
N ALA A 196 -24.45 18.76 12.61
CA ALA A 196 -25.84 18.37 12.35
C ALA A 196 -25.93 17.32 11.26
N CYS A 197 -25.20 17.54 10.16
CA CYS A 197 -25.19 16.59 9.05
C CYS A 197 -24.56 15.26 9.45
N GLY A 198 -23.54 15.32 10.30
CA GLY A 198 -22.89 14.11 10.77
C GLY A 198 -23.85 13.23 11.56
N ASN A 199 -24.42 13.80 12.62
CA ASN A 199 -25.34 13.04 13.46
C ASN A 199 -26.60 12.62 12.70
N LEU A 200 -27.06 13.48 11.79
CA LEU A 200 -28.21 13.16 10.95
C LEU A 200 -27.92 11.96 10.08
N GLY A 201 -26.76 11.97 9.44
CA GLY A 201 -26.33 10.88 8.60
C GLY A 201 -26.21 9.57 9.36
N ASN A 202 -25.67 9.65 10.57
CA ASN A 202 -25.57 8.45 11.41
C ASN A 202 -26.94 7.92 11.83
N THR A 203 -27.87 8.83 12.11
CA THR A 203 -29.23 8.43 12.48
C THR A 203 -29.93 7.75 11.32
N TYR A 204 -29.75 8.30 10.13
CA TYR A 204 -30.31 7.71 8.91
C TYR A 204 -29.66 6.36 8.63
N TYR A 205 -28.39 6.22 9.03
CA TYR A 205 -27.67 4.98 8.88
C TYR A 205 -28.28 3.90 9.79
N LEU A 206 -28.54 4.27 11.04
CA LEU A 206 -29.12 3.34 12.00
C LEU A 206 -30.59 3.07 11.71
N LEU A 207 -31.19 3.95 10.91
CA LEU A 207 -32.61 3.83 10.63
C LEU A 207 -32.89 2.87 9.47
N GLY A 208 -32.04 2.92 8.44
CA GLY A 208 -32.16 2.04 7.30
C GLY A 208 -32.04 2.77 5.97
N ASP A 209 -32.28 4.07 5.99
CA ASP A 209 -32.18 4.89 4.78
C ASP A 209 -30.72 5.22 4.49
N PHE A 210 -30.02 4.27 3.88
CA PHE A 210 -28.58 4.40 3.64
C PHE A 210 -28.27 5.50 2.62
N GLN A 211 -29.19 5.76 1.71
CA GLN A 211 -28.98 6.79 0.68
C GLN A 211 -28.96 8.18 1.29
N ALA A 212 -29.95 8.47 2.13
CA ALA A 212 -30.01 9.74 2.83
C ALA A 212 -28.78 9.91 3.71
N ALA A 213 -28.36 8.80 4.32
CA ALA A 213 -27.14 8.76 5.12
C ALA A 213 -25.94 9.18 4.27
N ILE A 214 -25.88 8.65 3.05
CA ILE A 214 -24.81 8.98 2.12
C ILE A 214 -24.82 10.47 1.79
N GLU A 215 -26.01 11.00 1.54
CA GLU A 215 -26.14 12.43 1.21
C GLU A 215 -25.65 13.33 2.34
N HIS A 216 -26.22 13.14 3.53
CA HIS A 216 -25.86 13.96 4.68
C HIS A 216 -24.38 13.81 5.05
N HIS A 217 -23.88 12.58 5.01
CA HIS A 217 -22.47 12.33 5.29
C HIS A 217 -21.59 13.01 4.25
N GLN A 218 -22.08 13.10 3.02
CA GLN A 218 -21.35 13.77 1.96
C GLN A 218 -21.26 15.27 2.24
N GLU A 219 -22.37 15.85 2.68
CA GLU A 219 -22.34 17.27 3.06
C GLU A 219 -21.39 17.50 4.23
N ARG A 220 -21.40 16.56 5.17
CA ARG A 220 -20.50 16.61 6.32
C ARG A 220 -19.06 16.61 5.85
N LEU A 221 -18.77 15.77 4.87
CA LEU A 221 -17.42 15.66 4.31
C LEU A 221 -17.03 16.98 3.63
N ARG A 222 -17.98 17.57 2.91
CA ARG A 222 -17.75 18.83 2.23
C ARG A 222 -17.39 19.94 3.23
N ILE A 223 -18.20 20.08 4.27
CA ILE A 223 -17.95 21.09 5.29
C ILE A 223 -16.63 20.85 6.02
N ALA A 224 -16.38 19.59 6.37
CA ALA A 224 -15.13 19.20 7.01
C ALA A 224 -13.95 19.62 6.15
N ARG A 225 -14.10 19.48 4.84
CA ARG A 225 -13.08 19.94 3.91
C ARG A 225 -12.96 21.47 3.95
N GLU A 226 -14.09 22.14 4.05
CA GLU A 226 -14.12 23.60 4.08
C GLU A 226 -13.35 24.16 5.27
N PHE A 227 -13.47 23.51 6.42
CA PHE A 227 -12.85 24.02 7.65
C PHE A 227 -11.47 23.41 7.92
N GLY A 228 -11.05 22.49 7.06
CA GLY A 228 -9.76 21.84 7.25
C GLY A 228 -9.80 20.88 8.42
N ASP A 229 -10.99 20.41 8.76
CA ASP A 229 -11.17 19.45 9.84
C ASP A 229 -10.93 18.04 9.32
N ARG A 230 -9.68 17.59 9.41
CA ARG A 230 -9.28 16.30 8.85
C ARG A 230 -9.86 15.14 9.65
N ALA A 231 -10.11 15.35 10.94
CA ALA A 231 -10.74 14.34 11.77
C ALA A 231 -12.16 14.08 11.28
N ALA A 232 -12.91 15.17 11.10
CA ALA A 232 -14.27 15.08 10.58
C ALA A 232 -14.27 14.53 9.16
N GLU A 233 -13.24 14.88 8.41
CA GLU A 233 -13.06 14.35 7.06
C GLU A 233 -12.99 12.83 7.09
N ARG A 234 -12.15 12.33 7.99
CA ARG A 234 -11.95 10.89 8.13
C ARG A 234 -13.22 10.18 8.62
N ARG A 235 -13.89 10.79 9.60
CA ARG A 235 -15.15 10.24 10.09
C ARG A 235 -16.19 10.13 8.98
N ALA A 236 -16.39 11.22 8.27
CA ALA A 236 -17.34 11.27 7.17
C ALA A 236 -17.01 10.23 6.10
N ASN A 237 -15.72 10.11 5.79
CA ASN A 237 -15.30 9.13 4.80
C ASN A 237 -15.61 7.69 5.22
N SER A 238 -15.32 7.37 6.48
CA SER A 238 -15.61 6.03 7.00
C SER A 238 -17.10 5.74 6.98
N ASN A 239 -17.89 6.70 7.45
CA ASN A 239 -19.35 6.56 7.43
C ASN A 239 -19.89 6.32 6.03
N LEU A 240 -19.43 7.15 5.09
CA LEU A 240 -19.81 7.00 3.68
C LEU A 240 -19.43 5.63 3.16
N GLY A 241 -18.28 5.14 3.59
CA GLY A 241 -17.83 3.80 3.23
C GLY A 241 -18.81 2.74 3.69
N ASN A 242 -19.19 2.80 4.96
CA ASN A 242 -20.15 1.83 5.49
C ASN A 242 -21.50 1.87 4.77
N SER A 243 -22.03 3.07 4.61
CA SER A 243 -23.31 3.25 3.94
C SER A 243 -23.28 2.70 2.52
N HIS A 244 -22.23 3.06 1.77
CA HIS A 244 -22.05 2.55 0.42
C HIS A 244 -21.97 1.03 0.41
N ILE A 245 -21.29 0.46 1.41
CA ILE A 245 -21.22 -0.99 1.56
C ILE A 245 -22.62 -1.58 1.67
N PHE A 246 -23.45 -1.01 2.53
CA PHE A 246 -24.79 -1.54 2.74
C PHE A 246 -25.72 -1.22 1.57
N LEU A 247 -25.27 -0.35 0.66
CA LEU A 247 -26.07 -0.08 -0.53
C LEU A 247 -25.59 -0.95 -1.70
N GLY A 248 -24.58 -1.78 -1.44
CA GLY A 248 -24.07 -2.70 -2.44
C GLY A 248 -23.06 -2.05 -3.37
N GLN A 249 -22.92 -0.74 -3.27
CA GLN A 249 -22.00 0.02 -4.12
C GLN A 249 -20.57 -0.08 -3.58
N PHE A 250 -19.93 -1.21 -3.84
CA PHE A 250 -18.65 -1.52 -3.23
C PHE A 250 -17.49 -0.68 -3.77
N GLU A 251 -17.66 -0.11 -4.96
CA GLU A 251 -16.62 0.72 -5.55
C GLU A 251 -16.42 2.00 -4.74
N ASP A 252 -17.52 2.74 -4.55
CA ASP A 252 -17.51 3.95 -3.76
C ASP A 252 -17.05 3.66 -2.33
N ALA A 253 -17.49 2.51 -1.81
CA ALA A 253 -17.08 2.06 -0.49
C ALA A 253 -15.57 1.87 -0.43
N ALA A 254 -15.00 1.34 -1.50
CA ALA A 254 -13.56 1.14 -1.59
C ALA A 254 -12.83 2.47 -1.62
N GLU A 255 -13.37 3.41 -2.39
CA GLU A 255 -12.79 4.76 -2.47
C GLU A 255 -12.74 5.43 -1.11
N HIS A 256 -13.91 5.50 -0.47
CA HIS A 256 -14.03 6.17 0.82
C HIS A 256 -13.22 5.45 1.91
N TYR A 257 -13.16 4.14 1.84
CA TYR A 257 -12.37 3.38 2.82
C TYR A 257 -10.88 3.65 2.63
N LYS A 258 -10.46 3.78 1.38
CA LYS A 258 -9.07 4.10 1.07
C LYS A 258 -8.71 5.48 1.58
N ARG A 259 -9.59 6.46 1.36
CA ARG A 259 -9.38 7.81 1.85
C ARG A 259 -9.33 7.82 3.38
N THR A 260 -10.23 7.04 3.99
CA THR A 260 -10.28 6.88 5.43
C THR A 260 -8.94 6.37 5.95
N LEU A 261 -8.39 5.36 5.28
CA LEU A 261 -7.11 4.79 5.65
C LEU A 261 -5.99 5.82 5.52
N ALA A 262 -6.02 6.58 4.42
CA ALA A 262 -5.01 7.60 4.18
C ALA A 262 -5.00 8.63 5.30
N LEU A 263 -6.17 9.17 5.62
CA LEU A 263 -6.29 10.15 6.69
C LEU A 263 -5.97 9.51 8.04
N ALA A 264 -6.15 8.20 8.14
CA ALA A 264 -5.87 7.47 9.38
C ALA A 264 -4.37 7.38 9.63
N VAL A 265 -3.59 7.12 8.59
CA VAL A 265 -2.15 7.09 8.75
C VAL A 265 -1.60 8.51 8.81
N GLU A 266 -2.38 9.45 8.28
CA GLU A 266 -1.98 10.86 8.31
C GLU A 266 -2.14 11.44 9.70
N LEU A 267 -3.14 10.94 10.43
CA LEU A 267 -3.45 11.45 11.77
C LEU A 267 -2.76 10.64 12.87
N GLY A 268 -2.28 9.46 12.50
CA GLY A 268 -1.59 8.60 13.46
C GLY A 268 -2.54 7.74 14.26
N GLU A 269 -3.66 7.36 13.64
CA GLU A 269 -4.66 6.53 14.30
C GLU A 269 -4.47 5.06 13.92
N ARG A 270 -3.69 4.34 14.72
CA ARG A 270 -3.34 2.96 14.44
C ARG A 270 -4.53 2.01 14.41
N GLU A 271 -5.39 2.11 15.42
CA GLU A 271 -6.57 1.24 15.49
C GLU A 271 -7.53 1.54 14.35
N VAL A 272 -7.67 2.81 14.01
CA VAL A 272 -8.51 3.22 12.88
C VAL A 272 -7.87 2.75 11.57
N GLU A 273 -6.54 2.71 11.55
CA GLU A 273 -5.81 2.21 10.39
C GLU A 273 -6.13 0.74 10.16
N ALA A 274 -5.97 -0.07 11.21
CA ALA A 274 -6.27 -1.50 11.14
C ALA A 274 -7.72 -1.74 10.76
N GLN A 275 -8.61 -0.98 11.40
CA GLN A 275 -10.04 -1.07 11.13
C GLN A 275 -10.32 -0.82 9.65
N SER A 276 -9.71 0.22 9.11
CA SER A 276 -9.88 0.59 7.71
C SER A 276 -9.32 -0.48 6.78
N CYS A 277 -8.22 -1.10 7.19
CA CYS A 277 -7.61 -2.15 6.39
C CYS A 277 -8.50 -3.39 6.31
N TYR A 278 -9.02 -3.80 7.45
CA TYR A 278 -9.94 -4.95 7.50
C TYR A 278 -11.19 -4.65 6.68
N SER A 279 -11.67 -3.42 6.82
CA SER A 279 -12.82 -2.94 6.06
C SER A 279 -12.56 -3.06 4.56
N LEU A 280 -11.39 -2.63 4.13
CA LEU A 280 -11.01 -2.67 2.72
C LEU A 280 -10.86 -4.11 2.23
N GLY A 281 -10.39 -4.98 3.12
CA GLY A 281 -10.29 -6.40 2.82
C GLY A 281 -11.67 -6.98 2.51
N ASN A 282 -12.61 -6.76 3.43
CA ASN A 282 -13.96 -7.25 3.22
C ASN A 282 -14.63 -6.62 2.00
N THR A 283 -14.30 -5.36 1.73
CA THR A 283 -14.87 -4.64 0.61
C THR A 283 -14.37 -5.22 -0.71
N TYR A 284 -13.10 -5.58 -0.76
CA TYR A 284 -12.52 -6.14 -1.97
C TYR A 284 -12.86 -7.62 -2.15
N THR A 285 -13.20 -8.31 -1.07
CA THR A 285 -13.67 -9.68 -1.19
C THR A 285 -15.05 -9.69 -1.83
N LEU A 286 -15.82 -8.63 -1.59
CA LEU A 286 -17.14 -8.48 -2.19
C LEU A 286 -17.02 -8.04 -3.64
N LEU A 287 -15.82 -7.60 -4.03
CA LEU A 287 -15.55 -7.22 -5.40
C LEU A 287 -14.79 -8.33 -6.13
N HIS A 288 -14.66 -9.47 -5.46
CA HIS A 288 -13.99 -10.64 -6.00
C HIS A 288 -12.57 -10.36 -6.46
N GLU A 289 -11.86 -9.53 -5.69
CA GLU A 289 -10.46 -9.26 -5.94
C GLU A 289 -9.65 -9.68 -4.71
N PHE A 290 -9.51 -10.98 -4.53
CA PHE A 290 -9.03 -11.57 -3.29
C PHE A 290 -7.56 -11.30 -3.01
N ASN A 291 -6.81 -10.90 -4.04
CA ASN A 291 -5.40 -10.59 -3.86
C ASN A 291 -5.20 -9.31 -3.05
N THR A 292 -5.78 -8.22 -3.54
CA THR A 292 -5.74 -6.94 -2.85
C THR A 292 -6.32 -7.08 -1.45
N ALA A 293 -7.44 -7.79 -1.36
CA ALA A 293 -8.10 -8.07 -0.10
C ALA A 293 -7.15 -8.78 0.86
N ILE A 294 -6.41 -9.75 0.34
CA ILE A 294 -5.42 -10.46 1.13
C ILE A 294 -4.36 -9.49 1.64
N GLU A 295 -3.95 -8.55 0.80
CA GLU A 295 -2.95 -7.56 1.22
C GLU A 295 -3.47 -6.71 2.39
N TYR A 296 -4.68 -6.16 2.23
CA TYR A 296 -5.26 -5.32 3.28
C TYR A 296 -5.46 -6.11 4.58
N HIS A 297 -5.96 -7.34 4.46
CA HIS A 297 -6.13 -8.21 5.61
C HIS A 297 -4.79 -8.48 6.28
N ASN A 298 -3.72 -8.53 5.48
CA ASN A 298 -2.38 -8.69 6.01
C ASN A 298 -1.96 -7.48 6.82
N ARG A 299 -2.26 -6.28 6.33
CA ARG A 299 -1.98 -5.08 7.10
C ARG A 299 -2.73 -5.09 8.44
N HIS A 300 -4.02 -5.37 8.37
CA HIS A 300 -4.85 -5.46 9.58
C HIS A 300 -4.29 -6.47 10.57
N LEU A 301 -3.82 -7.60 10.06
CA LEU A 301 -3.24 -8.63 10.91
C LEU A 301 -1.94 -8.13 11.53
N ALA A 302 -1.19 -7.36 10.76
CA ALA A 302 0.07 -6.79 11.24
C ALA A 302 -0.17 -5.89 12.44
N ILE A 303 -1.13 -4.97 12.29
CA ILE A 303 -1.44 -4.05 13.39
C ILE A 303 -2.03 -4.79 14.59
N ALA A 304 -2.96 -5.71 14.32
CA ALA A 304 -3.61 -6.49 15.37
C ALA A 304 -2.59 -7.26 16.19
N GLN A 305 -1.59 -7.84 15.52
CA GLN A 305 -0.52 -8.54 16.20
C GLN A 305 0.36 -7.56 16.98
N GLU A 306 0.59 -6.40 16.37
CA GLU A 306 1.44 -5.38 16.99
C GLU A 306 0.87 -4.88 18.31
N LEU A 307 -0.45 -4.74 18.37
CA LEU A 307 -1.10 -4.20 19.56
C LEU A 307 -1.49 -5.28 20.56
N GLY A 308 -1.74 -6.48 20.08
CA GLY A 308 -2.16 -7.58 20.95
C GLY A 308 -3.66 -7.81 20.84
N ASP A 309 -4.27 -7.19 19.83
CA ASP A 309 -5.70 -7.34 19.59
C ASP A 309 -6.00 -8.77 19.14
N ARG A 310 -6.09 -9.68 20.11
CA ARG A 310 -6.26 -11.11 19.83
C ARG A 310 -7.58 -11.40 19.12
N ILE A 311 -8.62 -10.65 19.47
CA ILE A 311 -9.91 -10.75 18.77
C ILE A 311 -9.73 -10.39 17.30
N GLY A 312 -9.08 -9.26 17.06
CA GLY A 312 -8.81 -8.81 15.71
C GLY A 312 -7.89 -9.76 14.97
N GLU A 313 -6.99 -10.40 15.70
CA GLU A 313 -6.10 -11.39 15.11
C GLU A 313 -6.90 -12.61 14.66
N ALA A 314 -7.89 -12.97 15.46
CA ALA A 314 -8.79 -14.07 15.11
C ALA A 314 -9.59 -13.74 13.86
N ARG A 315 -10.17 -12.54 13.83
CA ARG A 315 -10.89 -12.07 12.65
C ARG A 315 -10.00 -12.13 11.42
N ALA A 316 -8.76 -11.66 11.58
CA ALA A 316 -7.81 -11.60 10.48
C ALA A 316 -7.46 -12.99 9.96
N CYS A 317 -7.26 -13.95 10.88
CA CYS A 317 -6.93 -15.30 10.48
C CYS A 317 -8.11 -15.97 9.76
N TRP A 318 -9.32 -15.72 10.25
CA TRP A 318 -10.53 -16.24 9.62
C TRP A 318 -10.65 -15.72 8.18
N SER A 319 -10.69 -14.40 8.07
CA SER A 319 -10.85 -13.73 6.78
C SER A 319 -9.74 -14.10 5.80
N LEU A 320 -8.51 -14.19 6.30
CA LEU A 320 -7.37 -14.57 5.45
C LEU A 320 -7.49 -16.01 5.00
N GLY A 321 -8.04 -16.85 5.88
CA GLY A 321 -8.28 -18.25 5.55
C GLY A 321 -9.22 -18.35 4.36
N ASN A 322 -10.41 -17.77 4.50
CA ASN A 322 -11.39 -17.83 3.41
C ASN A 322 -10.90 -17.10 2.15
N ALA A 323 -10.13 -16.04 2.33
CA ALA A 323 -9.63 -15.27 1.20
C ALA A 323 -8.49 -15.98 0.49
N HIS A 324 -7.88 -16.95 1.17
CA HIS A 324 -6.85 -17.77 0.55
C HIS A 324 -7.47 -18.99 -0.10
N SER A 325 -8.60 -19.45 0.44
CA SER A 325 -9.34 -20.55 -0.18
C SER A 325 -9.91 -20.13 -1.54
N ALA A 326 -10.18 -18.84 -1.68
CA ALA A 326 -10.84 -18.32 -2.88
C ALA A 326 -9.88 -18.15 -4.04
N ILE A 327 -8.60 -17.90 -3.73
CA ILE A 327 -7.61 -17.65 -4.78
C ILE A 327 -6.89 -18.94 -5.18
N GLY A 328 -6.97 -19.96 -4.32
CA GLY A 328 -6.40 -21.25 -4.64
C GLY A 328 -5.46 -21.82 -3.59
N GLY A 329 -4.76 -20.94 -2.89
CA GLY A 329 -3.79 -21.37 -1.89
C GLY A 329 -4.42 -21.96 -0.64
N HIS A 330 -5.04 -23.12 -0.78
CA HIS A 330 -5.71 -23.79 0.33
C HIS A 330 -4.70 -24.23 1.39
N GLU A 331 -3.47 -24.48 0.94
CA GLU A 331 -2.38 -24.91 1.82
C GLU A 331 -2.16 -23.93 2.96
N ARG A 332 -2.01 -22.66 2.60
CA ARG A 332 -1.83 -21.58 3.58
C ARG A 332 -3.13 -21.32 4.32
N ALA A 333 -4.24 -21.53 3.63
CA ALA A 333 -5.57 -21.29 4.19
C ALA A 333 -5.82 -22.19 5.39
N LEU A 334 -5.35 -23.43 5.33
CA LEU A 334 -5.51 -24.34 6.45
C LEU A 334 -4.68 -23.88 7.64
N LYS A 335 -3.52 -23.29 7.35
CA LYS A 335 -2.65 -22.74 8.38
C LYS A 335 -3.37 -21.61 9.11
N TYR A 336 -3.90 -20.67 8.33
CA TYR A 336 -4.66 -19.55 8.88
C TYR A 336 -5.86 -20.01 9.69
N ALA A 337 -6.58 -21.00 9.16
CA ALA A 337 -7.75 -21.53 9.84
C ALA A 337 -7.37 -22.20 11.16
N GLU A 338 -6.21 -22.86 11.16
CA GLU A 338 -5.69 -23.48 12.37
C GLU A 338 -5.38 -22.43 13.44
N GLN A 339 -4.74 -21.34 13.01
CA GLN A 339 -4.51 -20.22 13.91
C GLN A 339 -5.83 -19.70 14.48
N HIS A 340 -6.82 -19.58 13.60
CA HIS A 340 -8.15 -19.15 13.98
C HIS A 340 -8.74 -20.04 15.06
N LEU A 341 -8.53 -21.35 14.92
CA LEU A 341 -9.02 -22.32 15.89
C LEU A 341 -8.30 -22.17 17.23
N GLN A 342 -6.99 -22.02 17.19
CA GLN A 342 -6.20 -21.87 18.41
C GLN A 342 -6.65 -20.64 19.18
N LEU A 343 -6.78 -19.52 18.47
CA LEU A 343 -7.24 -18.28 19.08
C LEU A 343 -8.67 -18.41 19.58
N ALA A 344 -9.44 -19.26 18.91
CA ALA A 344 -10.82 -19.52 19.33
C ALA A 344 -10.83 -20.24 20.67
N LYS A 345 -9.95 -21.23 20.83
CA LYS A 345 -9.86 -21.98 22.08
C LYS A 345 -9.31 -21.10 23.19
N GLU A 346 -8.41 -20.18 22.83
CA GLU A 346 -7.80 -19.28 23.81
C GLU A 346 -8.81 -18.27 24.37
N LEU A 347 -9.51 -17.59 23.47
CA LEU A 347 -10.43 -16.52 23.85
C LEU A 347 -11.76 -17.06 24.38
N HIS A 348 -11.88 -18.38 24.42
CA HIS A 348 -13.13 -19.04 24.79
C HIS A 348 -14.28 -18.55 23.92
N ASP A 349 -14.25 -18.91 22.64
CA ASP A 349 -15.29 -18.50 21.70
C ASP A 349 -15.97 -19.71 21.07
N PRO A 350 -16.84 -20.40 21.83
CA PRO A 350 -17.54 -21.56 21.30
C PRO A 350 -18.67 -21.15 20.36
N VAL A 351 -19.19 -19.94 20.58
CA VAL A 351 -20.32 -19.36 19.84
C VAL A 351 -20.32 -19.74 18.37
N GLY A 352 -19.17 -19.58 17.73
CA GLY A 352 -18.99 -19.96 16.35
C GLY A 352 -17.55 -20.29 16.07
N GLU A 353 -16.66 -19.37 16.45
CA GLU A 353 -15.24 -19.44 16.16
C GLU A 353 -14.63 -20.82 16.33
N SER A 354 -14.92 -21.48 17.45
CA SER A 354 -14.44 -22.83 17.67
C SER A 354 -15.05 -23.78 16.64
N THR A 355 -16.38 -23.81 16.62
CA THR A 355 -17.12 -24.68 15.71
C THR A 355 -16.90 -24.31 14.25
N ALA A 356 -16.81 -23.01 13.97
CA ALA A 356 -16.62 -22.55 12.60
C ALA A 356 -15.23 -22.89 12.09
N ARG A 357 -14.22 -22.72 12.94
CA ARG A 357 -12.85 -23.05 12.56
C ARG A 357 -12.72 -24.56 12.36
N VAL A 358 -13.36 -25.32 13.24
CA VAL A 358 -13.41 -26.78 13.10
C VAL A 358 -14.02 -27.13 11.74
N ASN A 359 -15.14 -26.48 11.43
CA ASN A 359 -15.85 -26.70 10.17
C ASN A 359 -14.99 -26.42 8.93
N ILE A 360 -14.39 -25.23 8.88
CA ILE A 360 -13.61 -24.84 7.72
C ILE A 360 -12.25 -25.54 7.68
N SER A 361 -11.89 -26.20 8.78
CA SER A 361 -10.67 -27.01 8.81
C SER A 361 -10.95 -28.39 8.23
N ASP A 362 -12.05 -28.99 8.68
CA ASP A 362 -12.44 -30.32 8.20
C ASP A 362 -12.85 -30.27 6.72
N LEU A 363 -13.55 -29.21 6.35
CA LEU A 363 -13.99 -29.02 4.96
C LEU A 363 -12.79 -28.87 4.03
N ARG A 364 -11.71 -28.29 4.56
CA ARG A 364 -10.48 -28.13 3.79
C ARG A 364 -9.64 -29.40 3.89
N LYS A 365 -8.37 -29.22 4.27
CA LYS A 365 -7.43 -30.33 4.49
C LYS A 365 -7.19 -31.18 3.23
N LEU A 366 -8.27 -31.69 2.64
CA LEU A 366 -8.20 -32.54 1.45
C LEU A 366 -7.35 -33.78 1.70
N LEU A 367 -6.04 -33.62 1.62
CA LEU A 367 -5.12 -34.72 1.92
C LEU A 367 -5.10 -34.97 3.42
N GLY A 368 -6.11 -35.68 3.91
CA GLY A 368 -6.24 -35.95 5.32
C GLY A 368 -5.40 -37.11 5.78
N GLY B 15 20.58 7.50 -15.34
CA GLY B 15 19.46 6.74 -14.81
C GLY B 15 18.17 6.99 -15.56
N SER B 16 17.32 7.84 -14.99
CA SER B 16 16.04 8.17 -15.61
C SER B 16 16.23 9.08 -16.83
N SER B 17 15.68 8.67 -17.96
CA SER B 17 15.76 9.46 -19.19
C SER B 17 14.93 10.72 -19.09
N MET B 18 13.83 10.64 -18.34
CA MET B 18 12.94 11.77 -18.10
C MET B 18 13.70 12.96 -17.53
N CYS B 19 14.50 12.69 -16.50
CA CYS B 19 15.34 13.71 -15.88
C CYS B 19 16.27 14.35 -16.89
N LEU B 20 16.84 13.51 -17.76
CA LEU B 20 17.77 13.98 -18.77
C LEU B 20 17.09 14.94 -19.74
N GLU B 21 15.90 14.54 -20.22
CA GLU B 21 15.12 15.40 -21.11
C GLU B 21 14.76 16.72 -20.44
N LEU B 22 14.31 16.64 -19.19
CA LEU B 22 13.99 17.83 -18.41
C LEU B 22 15.17 18.78 -18.32
N ALA B 23 16.33 18.23 -18.01
CA ALA B 23 17.56 19.01 -17.90
C ALA B 23 17.96 19.62 -19.24
N LEU B 24 17.67 18.90 -20.32
CA LEU B 24 17.97 19.38 -21.66
C LEU B 24 17.12 20.60 -22.01
N GLU B 25 15.81 20.48 -21.80
CA GLU B 25 14.90 21.60 -22.07
C GLU B 25 15.23 22.77 -21.16
N GLY B 26 15.63 22.48 -19.93
CA GLY B 26 16.03 23.50 -18.99
C GLY B 26 17.24 24.28 -19.48
N GLU B 27 18.27 23.54 -19.93
CA GLU B 27 19.46 24.17 -20.49
C GLU B 27 19.11 25.01 -21.71
N ARG B 28 18.18 24.50 -22.52
CA ARG B 28 17.73 25.23 -23.70
C ARG B 28 17.12 26.57 -23.31
N LEU B 29 16.22 26.53 -22.32
CA LEU B 29 15.56 27.73 -21.85
C LEU B 29 16.54 28.73 -21.25
N CYS B 30 17.50 28.24 -20.48
CA CYS B 30 18.50 29.11 -19.87
C CYS B 30 19.42 29.74 -20.92
N LYS B 31 19.72 28.99 -21.98
CA LYS B 31 20.53 29.53 -23.07
C LYS B 31 19.70 30.40 -24.00
N ALA B 32 18.37 30.37 -23.83
CA ALA B 32 17.48 31.18 -24.66
C ALA B 32 17.10 32.48 -23.96
N GLY B 33 17.38 32.56 -22.66
CA GLY B 33 17.08 33.75 -21.89
C GLY B 33 16.10 33.51 -20.76
N ASP B 34 15.08 32.69 -21.03
CA ASP B 34 14.07 32.37 -20.03
C ASP B 34 14.65 31.46 -18.95
N CYS B 35 15.18 32.07 -17.89
CA CYS B 35 15.80 31.30 -16.82
C CYS B 35 14.82 30.89 -15.73
N ARG B 36 13.72 31.63 -15.61
CA ARG B 36 12.72 31.32 -14.60
C ARG B 36 12.05 29.98 -14.90
N ALA B 37 11.83 29.69 -16.17
CA ALA B 37 11.24 28.42 -16.57
C ALA B 37 12.29 27.32 -16.57
N GLY B 38 13.51 27.68 -16.94
CA GLY B 38 14.63 26.76 -16.94
C GLY B 38 14.89 26.23 -15.55
N VAL B 39 14.70 27.08 -14.54
CA VAL B 39 14.82 26.67 -13.16
C VAL B 39 13.74 25.66 -12.82
N ALA B 40 12.53 25.89 -13.31
CA ALA B 40 11.43 24.96 -13.11
C ALA B 40 11.77 23.59 -13.69
N PHE B 41 12.28 23.57 -14.91
CA PHE B 41 12.66 22.33 -15.57
C PHE B 41 13.80 21.63 -14.82
N PHE B 42 14.73 22.41 -14.28
CA PHE B 42 15.85 21.86 -13.55
C PHE B 42 15.41 21.21 -12.24
N GLN B 43 14.57 21.91 -11.49
CA GLN B 43 14.03 21.38 -10.24
C GLN B 43 13.20 20.13 -10.52
N ALA B 44 12.44 20.15 -11.61
CA ALA B 44 11.65 19.00 -12.01
C ALA B 44 12.57 17.84 -12.41
N ALA B 45 13.77 18.17 -12.89
CA ALA B 45 14.74 17.16 -13.27
C ALA B 45 15.35 16.52 -12.02
N ILE B 46 15.62 17.33 -11.00
CA ILE B 46 16.12 16.81 -9.73
C ILE B 46 15.04 15.97 -9.07
N GLN B 47 13.78 16.31 -9.32
CA GLN B 47 12.66 15.56 -8.79
C GLN B 47 12.64 14.12 -9.32
N ALA B 48 13.28 13.91 -10.47
CA ALA B 48 13.40 12.58 -11.06
C ALA B 48 14.74 11.96 -10.72
N GLY B 49 14.91 10.69 -11.12
CA GLY B 49 16.13 9.96 -10.82
C GLY B 49 17.36 10.55 -11.47
N THR B 50 18.53 10.18 -10.97
CA THR B 50 19.79 10.71 -11.50
C THR B 50 20.76 9.62 -11.94
N GLU B 51 21.47 9.03 -10.98
CA GLU B 51 22.51 8.01 -11.24
C GLU B 51 23.70 8.57 -12.02
N ASP B 52 23.42 9.43 -13.00
CA ASP B 52 24.46 10.11 -13.76
C ASP B 52 24.93 11.34 -12.99
N LEU B 53 25.89 11.15 -12.10
CA LEU B 53 26.31 12.22 -11.18
C LEU B 53 26.99 13.40 -11.88
N ARG B 54 27.60 13.16 -13.03
CA ARG B 54 28.21 14.23 -13.80
C ARG B 54 27.12 15.16 -14.34
N THR B 55 26.08 14.54 -14.89
CA THR B 55 24.92 15.27 -15.38
C THR B 55 24.23 16.02 -14.25
N LEU B 56 24.08 15.36 -13.10
CA LEU B 56 23.45 15.97 -11.94
C LEU B 56 24.23 17.19 -11.47
N SER B 57 25.56 17.07 -11.47
CA SER B 57 26.45 18.16 -11.10
C SER B 57 26.26 19.32 -12.08
N ALA B 58 26.12 18.98 -13.36
CA ALA B 58 25.85 19.99 -14.39
C ALA B 58 24.54 20.72 -14.12
N ILE B 59 23.53 19.97 -13.72
CA ILE B 59 22.21 20.53 -13.41
C ILE B 59 22.30 21.50 -12.23
N TYR B 60 22.99 21.08 -11.18
CA TYR B 60 23.19 21.93 -10.01
C TYR B 60 23.92 23.22 -10.38
N SER B 61 24.98 23.09 -11.18
CA SER B 61 25.75 24.25 -11.60
C SER B 61 24.92 25.23 -12.41
N GLN B 62 24.23 24.71 -13.43
CA GLN B 62 23.40 25.56 -14.28
C GLN B 62 22.26 26.20 -13.48
N LEU B 63 21.81 25.51 -12.45
CA LEU B 63 20.82 26.07 -11.54
C LEU B 63 21.41 27.27 -10.80
N GLY B 64 22.62 27.09 -10.31
CA GLY B 64 23.33 28.16 -9.63
C GLY B 64 23.50 29.38 -10.52
N ASN B 65 23.96 29.16 -11.75
CA ASN B 65 24.12 30.25 -12.71
C ASN B 65 22.80 30.92 -13.05
N ALA B 66 21.74 30.12 -13.14
CA ALA B 66 20.40 30.65 -13.42
C ALA B 66 19.96 31.60 -12.32
N TYR B 67 20.09 31.14 -11.07
CA TYR B 67 19.73 31.96 -9.93
C TYR B 67 20.61 33.21 -9.85
N PHE B 68 21.86 33.09 -10.27
CA PHE B 68 22.76 34.23 -10.33
C PHE B 68 22.22 35.25 -11.33
N TYR B 69 21.69 34.74 -12.44
CA TYR B 69 21.11 35.58 -13.47
C TYR B 69 19.81 36.21 -13.00
N LEU B 70 19.15 35.55 -12.05
CA LEU B 70 17.86 36.02 -11.55
C LEU B 70 18.00 36.91 -10.32
N GLY B 71 19.23 37.10 -9.86
CA GLY B 71 19.50 37.99 -8.74
C GLY B 71 19.39 37.36 -7.37
N ASP B 72 18.98 36.10 -7.32
CA ASP B 72 18.92 35.37 -6.06
C ASP B 72 20.28 34.75 -5.77
N TYR B 73 21.24 35.59 -5.38
CA TYR B 73 22.62 35.16 -5.19
C TYR B 73 22.77 34.13 -4.07
N ASN B 74 21.84 34.13 -3.13
CA ASN B 74 21.87 33.19 -2.02
C ASN B 74 21.68 31.75 -2.51
N LYS B 75 20.59 31.53 -3.25
CA LYS B 75 20.31 30.21 -3.80
C LYS B 75 21.34 29.83 -4.85
N ALA B 76 21.89 30.83 -5.53
CA ALA B 76 22.96 30.61 -6.49
C ALA B 76 24.17 30.00 -5.78
N MET B 77 24.60 30.65 -4.71
CA MET B 77 25.70 30.15 -3.90
C MET B 77 25.38 28.76 -3.35
N GLN B 78 24.13 28.56 -2.99
CA GLN B 78 23.66 27.29 -2.45
C GLN B 78 23.84 26.14 -3.43
N TYR B 79 23.26 26.27 -4.62
CA TYR B 79 23.32 25.23 -5.63
C TYR B 79 24.72 25.07 -6.20
N HIS B 80 25.49 26.15 -6.25
CA HIS B 80 26.88 26.06 -6.67
C HIS B 80 27.68 25.24 -5.65
N LYS B 81 27.34 25.41 -4.37
CA LYS B 81 28.00 24.68 -3.31
C LYS B 81 27.64 23.20 -3.37
N HIS B 82 26.36 22.91 -3.58
CA HIS B 82 25.88 21.55 -3.71
C HIS B 82 26.57 20.87 -4.90
N ASP B 83 26.71 21.62 -5.99
CA ASP B 83 27.44 21.15 -7.16
C ASP B 83 28.89 20.83 -6.82
N LEU B 84 29.51 21.73 -6.05
CA LEU B 84 30.89 21.57 -5.62
C LEU B 84 31.10 20.27 -4.86
N THR B 85 30.22 20.03 -3.88
CA THR B 85 30.30 18.81 -3.09
C THR B 85 30.07 17.58 -3.95
N LEU B 86 29.04 17.63 -4.80
CA LEU B 86 28.69 16.51 -5.65
C LEU B 86 29.83 16.12 -6.58
N ALA B 87 30.54 17.12 -7.09
CA ALA B 87 31.68 16.89 -7.96
C ALA B 87 32.88 16.40 -7.16
N LYS B 88 32.98 16.85 -5.92
CA LYS B 88 34.06 16.42 -5.04
C LYS B 88 33.93 14.96 -4.67
N SER B 89 32.69 14.47 -4.60
CA SER B 89 32.44 13.07 -4.27
C SER B 89 32.85 12.14 -5.41
N MET B 90 32.96 12.70 -6.62
CA MET B 90 33.33 11.92 -7.80
C MET B 90 34.82 11.96 -8.06
N ASN B 91 35.53 12.75 -7.26
CA ASN B 91 36.95 13.04 -7.47
C ASN B 91 37.22 13.63 -8.85
N ASP B 92 36.21 14.31 -9.40
CA ASP B 92 36.35 15.01 -10.66
C ASP B 92 36.93 16.40 -10.41
N ARG B 93 38.25 16.51 -10.48
CA ARG B 93 38.95 17.73 -10.12
C ARG B 93 38.61 18.89 -11.06
N LEU B 94 38.33 18.58 -12.32
CA LEU B 94 37.98 19.61 -13.30
C LEU B 94 36.65 20.27 -12.92
N GLY B 95 35.63 19.45 -12.69
CA GLY B 95 34.32 19.94 -12.29
C GLY B 95 34.35 20.67 -10.97
N GLU B 96 35.19 20.19 -10.05
CA GLU B 96 35.35 20.84 -8.76
C GLU B 96 36.02 22.19 -8.94
N ALA B 97 36.91 22.29 -9.91
CA ALA B 97 37.57 23.55 -10.23
C ALA B 97 36.56 24.55 -10.81
N LYS B 98 35.72 24.06 -11.72
CA LYS B 98 34.63 24.87 -12.26
C LYS B 98 33.73 25.39 -11.15
N SER B 99 33.34 24.49 -10.26
CA SER B 99 32.44 24.83 -9.17
C SER B 99 33.08 25.82 -8.20
N SER B 100 34.38 25.68 -7.98
CA SER B 100 35.10 26.61 -7.12
C SER B 100 35.14 27.99 -7.75
N GLY B 101 35.39 28.03 -9.05
CA GLY B 101 35.42 29.28 -9.79
C GLY B 101 34.07 29.99 -9.75
N ASN B 102 33.01 29.25 -10.03
CA ASN B 102 31.66 29.80 -10.01
C ASN B 102 31.23 30.27 -8.62
N LEU B 103 31.39 29.37 -7.64
CA LEU B 103 31.03 29.68 -6.26
C LEU B 103 31.77 30.91 -5.75
N GLY B 104 33.06 30.97 -6.03
CA GLY B 104 33.87 32.11 -5.64
C GLY B 104 33.44 33.38 -6.35
N ASN B 105 33.09 33.25 -7.63
CA ASN B 105 32.64 34.39 -8.42
C ASN B 105 31.34 34.97 -7.89
N THR B 106 30.42 34.10 -7.47
CA THR B 106 29.17 34.55 -6.88
C THR B 106 29.45 35.17 -5.51
N LEU B 107 30.37 34.56 -4.77
CA LEU B 107 30.71 35.06 -3.44
C LEU B 107 31.38 36.43 -3.48
N LYS B 108 32.03 36.74 -4.59
CA LYS B 108 32.69 38.03 -4.75
C LYS B 108 31.68 39.17 -4.81
N VAL B 109 30.58 38.94 -5.52
CA VAL B 109 29.56 39.98 -5.69
C VAL B 109 28.64 40.04 -4.48
N MET B 110 28.74 39.04 -3.61
CA MET B 110 27.94 39.02 -2.38
C MET B 110 28.62 39.81 -1.28
N GLY B 111 29.83 40.31 -1.57
CA GLY B 111 30.56 41.13 -0.62
C GLY B 111 31.33 40.31 0.41
N ARG B 112 31.29 38.99 0.26
CA ARG B 112 32.01 38.09 1.16
C ARG B 112 33.35 37.72 0.56
N PHE B 113 34.29 38.66 0.62
CA PHE B 113 35.53 38.59 -0.15
C PHE B 113 36.52 37.54 0.35
N ASP B 114 36.58 37.31 1.65
CA ASP B 114 37.52 36.35 2.21
C ASP B 114 37.17 34.92 1.79
N GLU B 115 35.90 34.58 1.95
CA GLU B 115 35.40 33.26 1.55
C GLU B 115 35.60 33.04 0.05
N ALA B 116 35.32 34.07 -0.73
CA ALA B 116 35.51 34.03 -2.17
C ALA B 116 36.97 33.82 -2.52
N ALA B 117 37.85 34.44 -1.73
CA ALA B 117 39.28 34.33 -1.95
C ALA B 117 39.76 32.91 -1.66
N ILE B 118 39.19 32.31 -0.62
CA ILE B 118 39.51 30.93 -0.29
C ILE B 118 39.02 29.98 -1.39
N CYS B 119 37.82 30.23 -1.88
CA CYS B 119 37.26 29.44 -2.97
C CYS B 119 38.12 29.52 -4.24
N CYS B 120 38.44 30.74 -4.65
CA CYS B 120 39.25 30.94 -5.85
C CYS B 120 40.67 30.39 -5.67
N GLU B 121 41.16 30.43 -4.44
CA GLU B 121 42.46 29.83 -4.13
C GLU B 121 42.39 28.32 -4.30
N ARG B 122 41.27 27.74 -3.88
CA ARG B 122 41.02 26.32 -4.07
C ARG B 122 41.02 25.98 -5.56
N HIS B 123 40.36 26.84 -6.34
CA HIS B 123 40.35 26.69 -7.80
C HIS B 123 41.77 26.74 -8.36
N LEU B 124 42.58 27.65 -7.83
CA LEU B 124 43.96 27.83 -8.29
C LEU B 124 44.81 26.60 -8.01
N THR B 125 44.81 26.16 -6.76
CA THR B 125 45.58 24.99 -6.36
C THR B 125 45.12 23.76 -7.12
N LEU B 126 43.81 23.63 -7.29
CA LEU B 126 43.24 22.49 -7.99
C LEU B 126 43.60 22.51 -9.48
N ALA B 127 43.80 23.72 -10.01
CA ALA B 127 44.17 23.87 -11.41
C ALA B 127 45.64 23.54 -11.63
N ARG B 128 46.49 24.03 -10.72
CA ARG B 128 47.93 23.81 -10.84
C ARG B 128 48.33 22.36 -10.59
N GLN B 129 47.48 21.63 -9.87
CA GLN B 129 47.73 20.22 -9.60
C GLN B 129 47.24 19.34 -10.74
N LEU B 130 46.60 19.96 -11.74
CA LEU B 130 45.98 19.20 -12.82
C LEU B 130 46.67 19.45 -14.15
N GLY B 131 47.37 20.58 -14.27
CA GLY B 131 48.13 20.88 -15.46
C GLY B 131 47.46 21.86 -16.41
N ASP B 132 46.19 22.14 -16.16
CA ASP B 132 45.45 23.08 -17.00
C ASP B 132 45.94 24.50 -16.76
N ARG B 133 46.87 24.95 -17.58
CA ARG B 133 47.45 26.29 -17.44
C ARG B 133 46.41 27.37 -17.71
N LEU B 134 45.43 27.05 -18.56
CA LEU B 134 44.34 27.97 -18.84
C LEU B 134 43.50 28.21 -17.59
N SER B 135 43.16 27.13 -16.89
CA SER B 135 42.38 27.21 -15.66
C SER B 135 43.19 27.90 -14.57
N GLU B 136 44.50 27.67 -14.58
CA GLU B 136 45.42 28.34 -13.67
C GLU B 136 45.34 29.85 -13.87
N GLY B 137 45.37 30.25 -15.14
CA GLY B 137 45.24 31.65 -15.50
C GLY B 137 43.91 32.25 -15.09
N ARG B 138 42.83 31.55 -15.38
CA ARG B 138 41.49 31.99 -15.00
C ARG B 138 41.40 32.16 -13.48
N ALA B 139 42.06 31.28 -12.75
CA ALA B 139 42.04 31.33 -11.29
C ALA B 139 42.81 32.55 -10.79
N LEU B 140 43.97 32.78 -11.37
CA LEU B 140 44.78 33.95 -11.00
C LEU B 140 44.03 35.25 -11.25
N TYR B 141 43.45 35.36 -12.44
CA TYR B 141 42.66 36.54 -12.83
C TYR B 141 41.45 36.71 -11.92
N ASN B 142 40.82 35.59 -11.56
CA ASN B 142 39.69 35.61 -10.63
C ASN B 142 40.08 36.17 -9.27
N LEU B 143 41.16 35.63 -8.71
CA LEU B 143 41.66 36.10 -7.42
C LEU B 143 42.01 37.58 -7.47
N GLY B 144 42.62 38.00 -8.58
CA GLY B 144 42.91 39.40 -8.81
C GLY B 144 41.65 40.23 -8.75
N ASN B 145 40.59 39.75 -9.41
CA ASN B 145 39.30 40.42 -9.39
C ASN B 145 38.72 40.52 -7.99
N VAL B 146 38.87 39.45 -7.21
CA VAL B 146 38.32 39.39 -5.86
C VAL B 146 39.00 40.39 -4.93
N TYR B 147 40.33 40.36 -4.90
CA TYR B 147 41.08 41.27 -4.03
C TYR B 147 40.96 42.72 -4.50
N HIS B 148 40.81 42.91 -5.81
CA HIS B 148 40.55 44.24 -6.36
C HIS B 148 39.19 44.72 -5.87
N ALA B 149 38.24 43.80 -5.81
CA ALA B 149 36.89 44.13 -5.37
C ALA B 149 36.87 44.51 -3.88
N LYS B 150 37.61 43.75 -3.07
CA LYS B 150 37.69 44.04 -1.64
C LYS B 150 38.38 45.37 -1.41
N GLY B 151 39.48 45.60 -2.12
CA GLY B 151 40.22 46.85 -2.01
C GLY B 151 39.41 48.07 -2.41
N LYS B 152 38.68 47.95 -3.52
CA LYS B 152 37.86 49.05 -4.00
C LYS B 152 36.69 49.30 -3.05
N HIS B 153 36.04 48.23 -2.61
CA HIS B 153 34.93 48.32 -1.67
C HIS B 153 35.34 49.00 -0.38
N LEU B 154 36.53 48.67 0.11
CA LEU B 154 37.06 49.32 1.31
C LEU B 154 37.38 50.77 1.04
N GLY B 155 38.04 51.03 -0.09
CA GLY B 155 38.46 52.38 -0.44
C GLY B 155 37.31 53.35 -0.67
N GLN B 156 36.15 52.83 -1.04
CA GLN B 156 35.01 53.68 -1.37
C GLN B 156 34.16 54.06 -0.16
N ARG B 157 34.07 53.16 0.82
CA ARG B 157 33.11 53.34 1.91
C ARG B 157 33.70 53.94 3.18
N ASN B 158 33.84 53.11 4.21
CA ASN B 158 34.11 53.56 5.59
C ASN B 158 35.21 54.62 5.77
N PRO B 159 36.40 54.44 5.17
CA PRO B 159 37.40 55.49 5.36
C PRO B 159 37.06 56.79 4.64
N GLY B 160 36.19 56.71 3.64
CA GLY B 160 35.77 57.88 2.88
C GLY B 160 36.69 58.18 1.71
N LYS B 161 37.44 59.27 1.81
CA LYS B 161 38.34 59.69 0.74
C LYS B 161 39.80 59.48 1.15
N PHE B 162 40.01 58.89 2.32
CA PHE B 162 41.36 58.65 2.82
C PHE B 162 41.76 57.18 2.66
N GLY B 163 42.94 56.95 2.09
CA GLY B 163 43.45 55.61 1.89
C GLY B 163 43.82 54.94 3.20
N ASP B 164 43.17 53.83 3.50
CA ASP B 164 43.40 53.13 4.76
C ASP B 164 44.51 52.09 4.61
N ASP B 165 44.95 51.54 5.74
CA ASP B 165 45.97 50.50 5.73
C ASP B 165 45.38 49.16 5.30
N VAL B 166 44.11 48.96 5.62
CA VAL B 166 43.42 47.73 5.26
C VAL B 166 43.11 47.69 3.76
N LYS B 167 43.22 48.85 3.12
CA LYS B 167 42.96 48.97 1.68
C LYS B 167 44.19 48.54 0.89
N GLU B 168 45.22 48.06 1.58
CA GLU B 168 46.42 47.56 0.93
C GLU B 168 46.30 46.07 0.62
N ALA B 169 45.06 45.60 0.48
CA ALA B 169 44.79 44.27 -0.03
C ALA B 169 44.93 44.32 -1.56
N LEU B 170 44.85 45.53 -2.10
CA LEU B 170 45.07 45.81 -3.52
C LEU B 170 46.43 45.24 -3.94
N THR B 171 47.41 45.40 -3.06
CA THR B 171 48.75 44.86 -3.27
C THR B 171 48.65 43.39 -3.67
N ARG B 172 47.96 42.58 -2.87
CA ARG B 172 47.69 41.18 -3.18
C ARG B 172 47.12 41.03 -4.60
N ALA B 173 46.05 41.78 -4.90
CA ALA B 173 45.48 41.80 -6.24
C ALA B 173 46.60 42.04 -7.25
N VAL B 174 47.43 43.05 -6.99
CA VAL B 174 48.50 43.41 -7.90
C VAL B 174 49.40 42.21 -8.24
N GLU B 175 49.74 41.41 -7.23
CA GLU B 175 50.62 40.28 -7.47
C GLU B 175 49.83 39.16 -8.17
N PHE B 176 48.59 38.92 -7.74
CA PHE B 176 47.76 37.93 -8.40
C PHE B 176 47.69 38.19 -9.91
N TYR B 177 47.08 39.32 -10.26
CA TYR B 177 47.12 39.82 -11.63
C TYR B 177 48.50 39.63 -12.25
N GLN B 178 49.54 40.07 -11.54
CA GLN B 178 50.88 39.99 -12.08
C GLN B 178 51.17 38.57 -12.54
N GLU B 179 50.99 37.61 -11.64
CA GLU B 179 51.19 36.22 -12.00
C GLU B 179 50.46 35.88 -13.30
N ASN B 180 49.16 36.16 -13.31
CA ASN B 180 48.33 35.91 -14.46
C ASN B 180 49.00 36.45 -15.70
N LEU B 181 49.39 37.72 -15.64
CA LEU B 181 49.99 38.37 -16.80
C LEU B 181 51.17 37.54 -17.30
N LYS B 182 52.08 37.20 -16.40
CA LYS B 182 53.24 36.41 -16.76
C LYS B 182 52.79 35.10 -17.42
N LEU B 183 51.82 34.44 -16.81
CA LEU B 183 51.36 33.16 -17.32
C LEU B 183 50.78 33.33 -18.71
N MET B 184 50.21 34.51 -18.98
CA MET B 184 49.58 34.77 -20.26
C MET B 184 50.63 35.11 -21.30
N ARG B 185 51.76 35.64 -20.82
CA ARG B 185 52.87 35.96 -21.71
C ARG B 185 53.67 34.71 -22.04
N ASP B 186 53.75 33.80 -21.08
CA ASP B 186 54.48 32.54 -21.26
C ASP B 186 53.65 31.52 -22.03
N LEU B 187 52.41 31.89 -22.35
CA LEU B 187 51.53 31.02 -23.11
C LEU B 187 51.27 31.58 -24.51
N GLY B 188 51.01 32.88 -24.60
CA GLY B 188 50.84 33.53 -25.88
C GLY B 188 49.49 34.19 -26.10
N ASP B 189 48.55 33.96 -25.19
CA ASP B 189 47.22 34.53 -25.30
C ASP B 189 47.27 36.05 -25.14
N ARG B 190 47.17 36.77 -26.25
CA ARG B 190 47.30 38.22 -26.26
C ARG B 190 46.13 38.94 -25.58
N GLY B 191 44.91 38.49 -25.86
CA GLY B 191 43.72 39.12 -25.30
C GLY B 191 43.70 39.04 -23.79
N ALA B 192 44.12 37.90 -23.26
CA ALA B 192 44.21 37.69 -21.83
C ALA B 192 45.24 38.64 -21.22
N GLN B 193 46.34 38.84 -21.94
CA GLN B 193 47.35 39.83 -21.56
C GLN B 193 46.70 41.21 -21.54
N GLY B 194 45.74 41.41 -22.44
CA GLY B 194 44.97 42.64 -22.48
C GLY B 194 44.22 42.85 -21.18
N ARG B 195 43.32 41.91 -20.88
CA ARG B 195 42.53 41.98 -19.64
C ARG B 195 43.42 42.21 -18.42
N ALA B 196 44.49 41.41 -18.35
CA ALA B 196 45.45 41.50 -17.26
C ALA B 196 46.04 42.89 -17.13
N CYS B 197 46.54 43.44 -18.24
CA CYS B 197 47.15 44.76 -18.24
C CYS B 197 46.15 45.85 -17.87
N GLY B 198 44.89 45.65 -18.27
CA GLY B 198 43.85 46.60 -17.95
C GLY B 198 43.58 46.67 -16.46
N ASN B 199 43.21 45.54 -15.88
CA ASN B 199 42.92 45.51 -14.45
C ASN B 199 44.15 45.85 -13.60
N LEU B 200 45.33 45.46 -14.07
CA LEU B 200 46.58 45.78 -13.39
C LEU B 200 46.82 47.28 -13.42
N GLY B 201 46.51 47.89 -14.55
CA GLY B 201 46.63 49.33 -14.70
C GLY B 201 45.68 50.06 -13.75
N ASN B 202 44.47 49.52 -13.61
CA ASN B 202 43.49 50.11 -12.72
C ASN B 202 43.85 49.99 -11.24
N THR B 203 44.34 48.82 -10.83
CA THR B 203 44.71 48.63 -9.43
C THR B 203 46.00 49.39 -9.09
N TYR B 204 46.88 49.54 -10.08
CA TYR B 204 48.06 50.38 -9.93
C TYR B 204 47.63 51.83 -9.77
N TYR B 205 46.61 52.22 -10.53
CA TYR B 205 46.04 53.56 -10.44
C TYR B 205 45.45 53.80 -9.06
N LEU B 206 44.82 52.77 -8.50
CA LEU B 206 44.19 52.88 -7.19
C LEU B 206 45.21 52.97 -6.06
N LEU B 207 46.24 52.12 -6.12
CA LEU B 207 47.24 52.06 -5.06
C LEU B 207 48.02 53.37 -4.92
N GLY B 208 48.32 54.01 -6.06
CA GLY B 208 49.05 55.27 -6.04
C GLY B 208 50.07 55.39 -7.15
N ASP B 209 50.62 54.25 -7.58
CA ASP B 209 51.60 54.24 -8.65
C ASP B 209 50.94 54.53 -9.99
N PHE B 210 51.05 55.78 -10.45
CA PHE B 210 50.42 56.19 -11.70
C PHE B 210 51.32 55.90 -12.90
N GLN B 211 52.63 55.86 -12.65
CA GLN B 211 53.59 55.58 -13.70
C GLN B 211 53.41 54.17 -14.26
N ALA B 212 53.44 53.19 -13.37
CA ALA B 212 53.25 51.79 -13.76
C ALA B 212 51.86 51.58 -14.37
N ALA B 213 50.88 52.30 -13.85
CA ALA B 213 49.53 52.26 -14.38
C ALA B 213 49.51 52.70 -15.84
N ILE B 214 50.20 53.80 -16.12
CA ILE B 214 50.37 54.29 -17.48
C ILE B 214 51.05 53.22 -18.34
N GLU B 215 52.11 52.63 -17.79
CA GLU B 215 52.87 51.60 -18.49
C GLU B 215 52.01 50.42 -18.93
N HIS B 216 51.14 49.96 -18.03
CA HIS B 216 50.27 48.83 -18.35
C HIS B 216 49.13 49.24 -19.30
N HIS B 217 48.55 50.40 -19.05
CA HIS B 217 47.44 50.89 -19.87
C HIS B 217 47.86 51.08 -21.33
N GLN B 218 49.11 51.50 -21.52
CA GLN B 218 49.65 51.62 -22.87
C GLN B 218 49.66 50.27 -23.57
N GLU B 219 50.00 49.22 -22.81
CA GLU B 219 50.01 47.87 -23.34
C GLU B 219 48.59 47.43 -23.70
N ARG B 220 47.64 47.73 -22.81
CA ARG B 220 46.23 47.44 -23.08
C ARG B 220 45.79 48.07 -24.39
N LEU B 221 46.14 49.34 -24.56
CA LEU B 221 45.81 50.07 -25.77
C LEU B 221 46.41 49.39 -26.99
N ARG B 222 47.67 49.01 -26.89
CA ARG B 222 48.38 48.34 -27.99
C ARG B 222 47.68 47.05 -28.40
N ILE B 223 47.34 46.22 -27.40
CA ILE B 223 46.67 44.95 -27.66
C ILE B 223 45.29 45.18 -28.28
N ALA B 224 44.57 46.17 -27.76
CA ALA B 224 43.27 46.52 -28.29
C ALA B 224 43.38 46.91 -29.75
N ARG B 225 44.44 47.64 -30.09
CA ARG B 225 44.69 48.01 -31.48
C ARG B 225 45.01 46.78 -32.32
N GLU B 226 45.69 45.81 -31.72
CA GLU B 226 46.02 44.57 -32.41
C GLU B 226 44.75 43.78 -32.75
N PHE B 227 43.82 43.72 -31.80
CA PHE B 227 42.61 42.93 -31.97
C PHE B 227 41.48 43.72 -32.60
N GLY B 228 41.68 45.03 -32.75
CA GLY B 228 40.66 45.89 -33.29
C GLY B 228 39.54 46.10 -32.31
N ASP B 229 39.84 45.91 -31.02
CA ASP B 229 38.86 46.10 -29.97
C ASP B 229 38.75 47.57 -29.62
N ARG B 230 37.93 48.29 -30.38
CA ARG B 230 37.80 49.74 -30.24
C ARG B 230 37.22 50.17 -28.89
N ALA B 231 36.40 49.31 -28.30
CA ALA B 231 35.86 49.57 -26.97
C ALA B 231 36.99 49.60 -25.95
N ALA B 232 37.92 48.67 -26.10
CA ALA B 232 39.08 48.60 -25.22
C ALA B 232 40.09 49.68 -25.54
N GLU B 233 40.10 50.14 -26.78
CA GLU B 233 40.89 51.30 -27.17
C GLU B 233 40.40 52.50 -26.36
N ARG B 234 39.08 52.70 -26.40
CA ARG B 234 38.42 53.78 -25.70
C ARG B 234 38.70 53.70 -24.20
N ARG B 235 38.55 52.50 -23.63
CA ARG B 235 38.81 52.30 -22.20
C ARG B 235 40.26 52.63 -21.86
N ALA B 236 41.19 52.10 -22.65
CA ALA B 236 42.61 52.28 -22.40
C ALA B 236 43.01 53.74 -22.44
N ASN B 237 42.54 54.46 -23.45
CA ASN B 237 42.80 55.90 -23.51
C ASN B 237 42.17 56.64 -22.34
N SER B 238 40.95 56.23 -21.99
CA SER B 238 40.23 56.83 -20.89
C SER B 238 40.98 56.70 -19.56
N ASN B 239 41.68 55.58 -19.40
CA ASN B 239 42.48 55.35 -18.20
C ASN B 239 43.82 56.05 -18.27
N LEU B 240 44.43 56.04 -19.44
CA LEU B 240 45.71 56.70 -19.67
C LEU B 240 45.63 58.19 -19.36
N GLY B 241 44.52 58.80 -19.76
CA GLY B 241 44.29 60.21 -19.47
C GLY B 241 44.21 60.47 -17.97
N ASN B 242 43.36 59.71 -17.30
CA ASN B 242 43.18 59.83 -15.86
C ASN B 242 44.49 59.65 -15.09
N SER B 243 45.34 58.75 -15.59
CA SER B 243 46.63 58.52 -14.98
C SER B 243 47.58 59.67 -15.23
N HIS B 244 47.58 60.18 -16.46
CA HIS B 244 48.44 61.30 -16.84
C HIS B 244 48.11 62.56 -16.05
N ILE B 245 46.82 62.74 -15.74
CA ILE B 245 46.38 63.91 -14.98
C ILE B 245 47.02 63.93 -13.59
N PHE B 246 47.07 62.77 -12.93
CA PHE B 246 47.63 62.67 -11.59
C PHE B 246 49.15 62.62 -11.58
N LEU B 247 49.77 63.22 -12.60
CA LEU B 247 51.22 63.32 -12.66
C LEU B 247 51.64 64.72 -13.08
N GLY B 248 50.86 65.33 -13.96
CA GLY B 248 51.14 66.67 -14.44
C GLY B 248 51.25 66.74 -15.95
N GLN B 249 51.27 65.57 -16.58
CA GLN B 249 51.35 65.50 -18.04
C GLN B 249 50.00 65.89 -18.67
N PHE B 250 49.60 67.14 -18.49
CA PHE B 250 48.32 67.62 -18.96
C PHE B 250 48.26 67.60 -20.49
N GLU B 251 49.41 67.83 -21.13
CA GLU B 251 49.48 67.83 -22.58
C GLU B 251 49.23 66.44 -23.15
N ASP B 252 49.52 65.42 -22.34
CA ASP B 252 49.28 64.04 -22.73
C ASP B 252 47.88 63.62 -22.32
N ALA B 253 47.42 64.16 -21.19
CA ALA B 253 46.08 63.91 -20.69
C ALA B 253 45.04 64.37 -21.69
N ALA B 254 45.23 65.57 -22.22
CA ALA B 254 44.33 66.13 -23.23
C ALA B 254 44.37 65.27 -24.50
N GLU B 255 45.54 64.72 -24.79
CA GLU B 255 45.73 63.86 -25.96
C GLU B 255 44.88 62.59 -25.85
N HIS B 256 45.13 61.82 -24.81
CA HIS B 256 44.39 60.57 -24.60
C HIS B 256 42.90 60.81 -24.40
N TYR B 257 42.56 61.94 -23.77
CA TYR B 257 41.16 62.30 -23.58
C TYR B 257 40.50 62.62 -24.91
N LYS B 258 41.25 63.23 -25.82
CA LYS B 258 40.71 63.56 -27.13
C LYS B 258 40.51 62.29 -27.96
N ARG B 259 41.45 61.36 -27.88
CA ARG B 259 41.29 60.09 -28.54
C ARG B 259 40.08 59.35 -27.97
N THR B 260 39.92 59.47 -26.65
CA THR B 260 38.79 58.86 -25.95
C THR B 260 37.46 59.44 -26.45
N LEU B 261 37.42 60.75 -26.62
CA LEU B 261 36.22 61.41 -27.10
C LEU B 261 35.91 60.99 -28.53
N ALA B 262 36.94 60.93 -29.36
CA ALA B 262 36.77 60.52 -30.76
C ALA B 262 36.21 59.12 -30.85
N LEU B 263 36.76 58.21 -30.04
CA LEU B 263 36.29 56.83 -30.04
C LEU B 263 34.89 56.69 -29.46
N ALA B 264 34.58 57.53 -28.47
CA ALA B 264 33.26 57.51 -27.84
C ALA B 264 32.20 58.00 -28.81
N VAL B 265 32.57 58.95 -29.66
CA VAL B 265 31.69 59.42 -30.72
C VAL B 265 31.54 58.36 -31.79
N GLU B 266 32.66 57.70 -32.11
CA GLU B 266 32.68 56.65 -33.13
C GLU B 266 31.84 55.45 -32.73
N LEU B 267 31.74 55.19 -31.43
CA LEU B 267 30.99 54.04 -30.93
C LEU B 267 29.58 54.43 -30.48
N GLY B 268 29.32 55.72 -30.36
CA GLY B 268 28.01 56.21 -30.00
C GLY B 268 27.70 56.09 -28.52
N GLU B 269 28.64 56.52 -27.69
CA GLU B 269 28.47 56.49 -26.24
C GLU B 269 28.32 57.91 -25.72
N ARG B 270 27.09 58.42 -25.74
CA ARG B 270 26.83 59.82 -25.36
C ARG B 270 27.24 60.13 -23.92
N GLU B 271 27.10 59.14 -23.03
CA GLU B 271 27.50 59.31 -21.65
C GLU B 271 29.02 59.44 -21.55
N VAL B 272 29.72 58.54 -22.23
CA VAL B 272 31.17 58.56 -22.27
C VAL B 272 31.66 59.78 -23.06
N GLU B 273 30.86 60.20 -24.03
CA GLU B 273 31.17 61.40 -24.80
C GLU B 273 31.16 62.63 -23.89
N ALA B 274 30.10 62.78 -23.12
CA ALA B 274 29.97 63.88 -22.18
C ALA B 274 31.06 63.83 -21.12
N GLN B 275 31.35 62.63 -20.64
CA GLN B 275 32.39 62.43 -19.63
C GLN B 275 33.75 62.88 -20.16
N SER B 276 34.05 62.47 -21.39
CA SER B 276 35.30 62.85 -22.04
C SER B 276 35.36 64.35 -22.28
N CYS B 277 34.22 64.95 -22.58
CA CYS B 277 34.15 66.39 -22.77
C CYS B 277 34.44 67.15 -21.49
N TYR B 278 33.89 66.67 -20.38
CA TYR B 278 34.12 67.28 -19.07
C TYR B 278 35.59 67.14 -18.68
N SER B 279 36.13 65.94 -18.90
CA SER B 279 37.54 65.66 -18.63
C SER B 279 38.45 66.60 -19.41
N LEU B 280 38.15 66.75 -20.69
CA LEU B 280 38.90 67.65 -21.56
C LEU B 280 38.79 69.09 -21.10
N GLY B 281 37.59 69.46 -20.65
CA GLY B 281 37.35 70.80 -20.14
C GLY B 281 38.24 71.11 -18.95
N ASN B 282 38.23 70.22 -17.97
CA ASN B 282 39.08 70.40 -16.80
C ASN B 282 40.57 70.36 -17.14
N THR B 283 40.91 69.53 -18.11
CA THR B 283 42.30 69.38 -18.54
C THR B 283 42.83 70.68 -19.15
N TYR B 284 42.05 71.27 -20.06
CA TYR B 284 42.45 72.52 -20.68
C TYR B 284 42.28 73.69 -19.72
N THR B 285 41.49 73.48 -18.67
CA THR B 285 41.40 74.44 -17.58
C THR B 285 42.74 74.45 -16.83
N LEU B 286 43.28 73.26 -16.61
CA LEU B 286 44.59 73.13 -15.98
C LEU B 286 45.70 73.70 -16.84
N LEU B 287 45.56 73.55 -18.16
CA LEU B 287 46.55 74.04 -19.11
C LEU B 287 46.44 75.55 -19.33
N HIS B 288 45.51 76.17 -18.61
CA HIS B 288 45.23 77.61 -18.73
C HIS B 288 44.84 77.98 -20.16
N GLU B 289 44.37 77.00 -20.92
CA GLU B 289 43.81 77.24 -22.24
C GLU B 289 42.29 77.36 -22.10
N PHE B 290 41.86 78.34 -21.32
CA PHE B 290 40.47 78.47 -20.90
C PHE B 290 39.47 78.55 -22.05
N ASN B 291 39.94 79.02 -23.22
CA ASN B 291 39.11 79.10 -24.41
C ASN B 291 38.57 77.72 -24.80
N THR B 292 39.49 76.82 -25.13
CA THR B 292 39.14 75.46 -25.52
C THR B 292 38.46 74.71 -24.39
N ALA B 293 38.86 75.02 -23.16
CA ALA B 293 38.25 74.43 -21.97
C ALA B 293 36.76 74.73 -21.92
N ILE B 294 36.42 76.01 -22.09
CA ILE B 294 35.03 76.44 -22.16
C ILE B 294 34.35 75.74 -23.34
N GLU B 295 35.06 75.65 -24.46
CA GLU B 295 34.52 74.99 -25.65
C GLU B 295 34.08 73.55 -25.39
N TYR B 296 34.86 72.81 -24.59
CA TYR B 296 34.52 71.43 -24.25
C TYR B 296 33.40 71.37 -23.21
N HIS B 297 33.54 72.19 -22.17
CA HIS B 297 32.55 72.24 -21.10
C HIS B 297 31.16 72.56 -21.63
N ASN B 298 31.11 73.35 -22.70
CA ASN B 298 29.83 73.66 -23.35
C ASN B 298 29.17 72.40 -23.91
N ARG B 299 29.97 71.55 -24.55
CA ARG B 299 29.47 70.29 -25.08
C ARG B 299 29.00 69.38 -23.94
N HIS B 300 29.79 69.33 -22.87
CA HIS B 300 29.43 68.53 -21.70
C HIS B 300 28.08 68.96 -21.14
N LEU B 301 27.90 70.27 -21.00
CA LEU B 301 26.64 70.82 -20.52
C LEU B 301 25.50 70.51 -21.47
N ALA B 302 25.79 70.58 -22.77
CA ALA B 302 24.79 70.31 -23.79
C ALA B 302 24.24 68.88 -23.67
N ILE B 303 25.15 67.92 -23.58
CA ILE B 303 24.75 66.52 -23.43
C ILE B 303 24.05 66.30 -22.09
N ALA B 304 24.55 67.00 -21.06
CA ALA B 304 23.96 66.90 -19.72
C ALA B 304 22.49 67.31 -19.73
N GLN B 305 22.19 68.40 -20.43
CA GLN B 305 20.82 68.87 -20.57
C GLN B 305 20.02 67.94 -21.48
N GLU B 306 20.70 67.38 -22.47
CA GLU B 306 20.06 66.48 -23.43
C GLU B 306 19.55 65.20 -22.76
N LEU B 307 20.32 64.70 -21.80
CA LEU B 307 19.99 63.44 -21.15
C LEU B 307 19.16 63.64 -19.87
N GLY B 308 19.23 64.83 -19.30
CA GLY B 308 18.48 65.14 -18.10
C GLY B 308 19.28 64.89 -16.83
N ASP B 309 20.61 64.97 -16.96
CA ASP B 309 21.48 64.76 -15.82
C ASP B 309 21.65 66.05 -15.03
N ARG B 310 20.79 66.24 -14.02
CA ARG B 310 20.78 67.45 -13.21
C ARG B 310 22.10 67.64 -12.46
N ILE B 311 22.66 66.55 -11.97
CA ILE B 311 23.95 66.57 -11.28
C ILE B 311 25.05 67.10 -12.21
N GLY B 312 25.12 66.50 -13.39
CA GLY B 312 26.09 66.89 -14.39
C GLY B 312 25.89 68.32 -14.86
N GLU B 313 24.65 68.79 -14.82
CA GLU B 313 24.33 70.16 -15.19
C GLU B 313 24.84 71.11 -14.13
N ALA B 314 24.71 70.72 -12.87
CA ALA B 314 25.26 71.50 -11.76
C ALA B 314 26.77 71.60 -11.87
N ARG B 315 27.42 70.46 -12.06
CA ARG B 315 28.87 70.42 -12.24
C ARG B 315 29.31 71.31 -13.41
N ALA B 316 28.63 71.16 -14.53
CA ALA B 316 28.95 71.91 -15.74
C ALA B 316 28.81 73.41 -15.53
N CYS B 317 27.76 73.82 -14.83
CA CYS B 317 27.54 75.23 -14.57
C CYS B 317 28.60 75.78 -13.61
N TRP B 318 29.04 74.94 -12.67
CA TRP B 318 30.12 75.30 -11.75
C TRP B 318 31.42 75.56 -12.51
N SER B 319 31.89 74.54 -13.20
CA SER B 319 33.14 74.60 -13.95
C SER B 319 33.14 75.69 -15.01
N LEU B 320 32.02 75.82 -15.73
CA LEU B 320 31.86 76.88 -16.72
C LEU B 320 31.86 78.24 -16.06
N GLY B 321 31.35 78.29 -14.84
CA GLY B 321 31.35 79.51 -14.05
C GLY B 321 32.76 79.99 -13.81
N ASN B 322 33.58 79.13 -13.21
CA ASN B 322 34.98 79.50 -12.96
C ASN B 322 35.78 79.74 -14.23
N ALA B 323 35.56 78.90 -15.24
CA ALA B 323 36.28 79.00 -16.50
C ALA B 323 35.98 80.32 -17.21
N HIS B 324 34.74 80.78 -17.10
CA HIS B 324 34.37 82.07 -17.67
C HIS B 324 34.89 83.19 -16.78
N SER B 325 35.02 82.92 -15.49
CA SER B 325 35.60 83.89 -14.57
C SER B 325 37.08 84.10 -14.88
N ALA B 326 37.69 83.11 -15.53
CA ALA B 326 39.10 83.18 -15.90
C ALA B 326 39.36 84.17 -17.05
N ILE B 327 38.58 84.06 -18.12
CA ILE B 327 38.81 84.86 -19.31
C ILE B 327 38.31 86.31 -19.16
N GLY B 328 37.35 86.52 -18.28
CA GLY B 328 36.86 87.87 -18.02
C GLY B 328 35.36 88.00 -17.95
N GLY B 329 34.65 87.15 -18.68
CA GLY B 329 33.20 87.20 -18.70
C GLY B 329 32.59 86.85 -17.36
N HIS B 330 32.64 87.81 -16.44
CA HIS B 330 32.18 87.57 -15.07
C HIS B 330 30.67 87.68 -14.93
N GLU B 331 30.03 88.35 -15.88
CA GLU B 331 28.57 88.45 -15.89
C GLU B 331 27.96 87.10 -16.24
N ARG B 332 28.39 86.56 -17.37
CA ARG B 332 27.99 85.23 -17.80
C ARG B 332 28.33 84.19 -16.73
N ALA B 333 29.48 84.38 -16.09
CA ALA B 333 29.92 83.50 -15.02
C ALA B 333 29.00 83.61 -13.81
N LEU B 334 28.46 84.81 -13.59
CA LEU B 334 27.56 85.03 -12.47
C LEU B 334 26.20 84.40 -12.75
N LYS B 335 25.80 84.41 -14.02
CA LYS B 335 24.57 83.73 -14.42
C LYS B 335 24.74 82.21 -14.26
N TYR B 336 25.91 81.72 -14.66
CA TYR B 336 26.28 80.33 -14.44
C TYR B 336 26.21 79.99 -12.95
N ALA B 337 26.66 80.92 -12.12
CA ALA B 337 26.63 80.74 -10.68
C ALA B 337 25.20 80.74 -10.16
N GLU B 338 24.32 81.49 -10.83
CA GLU B 338 22.91 81.50 -10.48
C GLU B 338 22.29 80.13 -10.73
N GLN B 339 22.48 79.63 -11.95
CA GLN B 339 21.91 78.33 -12.30
C GLN B 339 22.51 77.21 -11.46
N HIS B 340 23.79 77.37 -11.11
CA HIS B 340 24.46 76.42 -10.22
C HIS B 340 23.81 76.45 -8.84
N LEU B 341 23.54 77.66 -8.35
CA LEU B 341 22.89 77.85 -7.06
C LEU B 341 21.52 77.18 -7.01
N GLN B 342 20.69 77.47 -8.02
CA GLN B 342 19.35 76.91 -8.06
C GLN B 342 19.36 75.40 -8.29
N LEU B 343 20.37 74.91 -8.98
CA LEU B 343 20.51 73.47 -9.19
C LEU B 343 20.88 72.77 -7.89
N ALA B 344 21.76 73.40 -7.11
CA ALA B 344 22.13 72.87 -5.81
C ALA B 344 20.95 72.96 -4.84
N LYS B 345 20.10 73.95 -5.06
CA LYS B 345 18.92 74.16 -4.22
C LYS B 345 17.86 73.11 -4.51
N GLU B 346 17.68 72.80 -5.79
CA GLU B 346 16.65 71.86 -6.22
C GLU B 346 17.02 70.43 -5.85
N LEU B 347 18.31 70.12 -5.88
CA LEU B 347 18.80 68.80 -5.51
C LEU B 347 19.01 68.68 -4.00
N HIS B 348 18.65 69.73 -3.27
CA HIS B 348 18.77 69.78 -1.82
C HIS B 348 20.18 69.46 -1.34
N ASP B 349 21.17 69.94 -2.08
CA ASP B 349 22.57 69.70 -1.74
C ASP B 349 23.13 70.85 -0.91
N PRO B 350 23.37 70.61 0.38
CA PRO B 350 23.90 71.64 1.30
C PRO B 350 25.24 72.20 0.83
N VAL B 351 26.23 71.32 0.74
CA VAL B 351 27.50 71.67 0.12
C VAL B 351 27.21 71.95 -1.35
N GLY B 352 28.04 72.77 -1.98
CA GLY B 352 27.79 73.17 -3.35
C GLY B 352 26.83 74.33 -3.42
N GLU B 353 25.79 74.29 -2.58
CA GLU B 353 24.94 75.44 -2.36
C GLU B 353 25.70 76.46 -1.51
N SER B 354 26.36 75.95 -0.47
CA SER B 354 27.21 76.77 0.39
C SER B 354 28.40 77.32 -0.39
N THR B 355 28.78 76.61 -1.45
CA THR B 355 29.91 77.02 -2.28
C THR B 355 29.49 78.04 -3.34
N ALA B 356 28.35 77.78 -3.99
CA ALA B 356 27.86 78.66 -5.04
C ALA B 356 27.37 79.98 -4.47
N ARG B 357 26.84 79.93 -3.24
CA ARG B 357 26.39 81.15 -2.58
C ARG B 357 27.55 82.09 -2.32
N VAL B 358 28.73 81.52 -2.04
CA VAL B 358 29.93 82.31 -1.81
C VAL B 358 30.53 82.76 -3.14
N ASN B 359 30.54 81.86 -4.11
CA ASN B 359 31.12 82.15 -5.42
C ASN B 359 30.39 83.23 -6.20
N ILE B 360 29.06 83.23 -6.13
CA ILE B 360 28.25 84.14 -6.94
C ILE B 360 28.46 85.60 -6.53
N SER B 361 28.73 85.84 -5.25
CA SER B 361 28.98 87.19 -4.77
C SER B 361 30.48 87.45 -4.71
N ASP B 362 31.26 86.42 -5.03
CA ASP B 362 32.72 86.48 -5.03
C ASP B 362 33.26 86.93 -3.67
N SER C 17 48.04 -42.00 39.56
CA SER C 17 46.93 -42.92 39.65
C SER C 17 45.60 -42.21 39.35
N MET C 18 44.88 -41.83 40.40
CA MET C 18 43.64 -41.08 40.25
C MET C 18 43.95 -39.60 40.02
N CYS C 19 45.16 -39.22 40.40
CA CYS C 19 45.67 -37.87 40.15
C CYS C 19 45.58 -37.54 38.67
N LEU C 20 45.83 -38.55 37.84
CA LEU C 20 45.73 -38.39 36.40
C LEU C 20 44.30 -38.11 35.96
N GLU C 21 43.35 -38.82 36.54
CA GLU C 21 41.95 -38.66 36.17
C GLU C 21 41.44 -37.27 36.58
N LEU C 22 41.75 -36.89 37.81
CA LEU C 22 41.48 -35.54 38.30
C LEU C 22 42.05 -34.50 37.35
N ALA C 23 43.31 -34.72 36.96
CA ALA C 23 44.02 -33.83 36.05
C ALA C 23 43.33 -33.76 34.68
N LEU C 24 42.76 -34.87 34.26
CA LEU C 24 42.07 -34.95 32.98
C LEU C 24 40.80 -34.13 33.01
N GLU C 25 40.06 -34.26 34.10
CA GLU C 25 38.84 -33.46 34.26
C GLU C 25 39.18 -31.97 34.34
N GLY C 26 40.28 -31.67 35.02
CA GLY C 26 40.74 -30.29 35.12
C GLY C 26 41.09 -29.72 33.77
N GLU C 27 41.88 -30.46 33.01
CA GLU C 27 42.28 -30.05 31.67
C GLU C 27 41.05 -29.86 30.78
N ARG C 28 40.08 -30.75 30.93
CA ARG C 28 38.82 -30.63 30.20
C ARG C 28 38.13 -29.32 30.53
N LEU C 29 38.03 -29.02 31.82
CA LEU C 29 37.38 -27.81 32.29
C LEU C 29 38.07 -26.56 31.75
N CYS C 30 39.38 -26.49 31.89
CA CYS C 30 40.14 -25.34 31.42
C CYS C 30 40.01 -25.18 29.90
N LYS C 31 39.98 -26.31 29.20
CA LYS C 31 39.85 -26.29 27.75
C LYS C 31 38.44 -25.88 27.35
N ALA C 32 37.50 -26.02 28.29
CA ALA C 32 36.12 -25.64 28.06
C ALA C 32 35.83 -24.21 28.52
N GLY C 33 36.82 -23.57 29.12
CA GLY C 33 36.69 -22.20 29.57
C GLY C 33 36.20 -22.09 31.00
N ASP C 34 36.53 -23.10 31.81
CA ASP C 34 36.15 -23.10 33.21
C ASP C 34 37.39 -23.36 34.08
N CYS C 35 38.32 -22.42 34.05
CA CYS C 35 39.57 -22.56 34.78
C CYS C 35 39.34 -22.46 36.28
N ARG C 36 38.21 -21.87 36.67
CA ARG C 36 37.84 -21.72 38.07
C ARG C 36 37.73 -23.10 38.76
N ALA C 37 37.21 -24.08 38.03
CA ALA C 37 37.10 -25.43 38.55
C ALA C 37 38.30 -26.27 38.14
N GLY C 38 38.89 -25.90 37.01
CA GLY C 38 40.09 -26.55 36.50
C GLY C 38 41.20 -26.51 37.52
N VAL C 39 41.42 -25.35 38.12
CA VAL C 39 42.45 -25.19 39.13
C VAL C 39 42.09 -26.00 40.39
N ALA C 40 40.80 -26.20 40.61
CA ALA C 40 40.37 -26.99 41.76
C ALA C 40 40.77 -28.45 41.57
N PHE C 41 40.42 -29.00 40.41
CA PHE C 41 40.79 -30.38 40.10
C PHE C 41 42.31 -30.56 40.03
N PHE C 42 43.01 -29.54 39.53
CA PHE C 42 44.46 -29.58 39.43
C PHE C 42 45.11 -29.60 40.81
N GLN C 43 44.68 -28.71 41.68
CA GLN C 43 45.20 -28.65 43.05
C GLN C 43 44.88 -29.95 43.78
N ALA C 44 43.70 -30.49 43.52
CA ALA C 44 43.30 -31.77 44.10
C ALA C 44 44.19 -32.89 43.58
N ALA C 45 44.69 -32.72 42.35
CA ALA C 45 45.59 -33.70 41.76
C ALA C 45 46.98 -33.59 42.40
N ILE C 46 47.39 -32.37 42.71
CA ILE C 46 48.66 -32.15 43.41
C ILE C 46 48.60 -32.77 44.79
N GLN C 47 47.47 -32.59 45.46
CA GLN C 47 47.26 -33.15 46.79
C GLN C 47 47.31 -34.67 46.77
N ALA C 48 47.02 -35.24 45.60
CA ALA C 48 47.11 -36.69 45.41
C ALA C 48 48.49 -37.09 44.92
N GLY C 49 48.80 -38.38 45.00
CA GLY C 49 50.09 -38.88 44.57
C GLY C 49 50.25 -38.81 43.07
N THR C 50 51.36 -38.25 42.61
CA THR C 50 51.62 -38.07 41.19
C THR C 50 52.58 -39.11 40.64
N GLU C 51 53.79 -39.13 41.19
CA GLU C 51 54.86 -40.07 40.80
C GLU C 51 55.34 -39.91 39.35
N ASP C 52 54.42 -39.58 38.44
CA ASP C 52 54.79 -39.30 37.06
C ASP C 52 55.23 -37.85 36.93
N LEU C 53 56.54 -37.63 36.90
CA LEU C 53 57.10 -36.28 36.83
C LEU C 53 56.68 -35.56 35.56
N ARG C 54 56.59 -36.32 34.46
CA ARG C 54 56.19 -35.76 33.17
C ARG C 54 54.74 -35.31 33.21
N THR C 55 53.94 -35.96 34.05
CA THR C 55 52.54 -35.59 34.22
C THR C 55 52.43 -34.40 35.16
N LEU C 56 53.16 -34.45 36.27
CA LEU C 56 53.13 -33.38 37.27
C LEU C 56 53.58 -32.06 36.68
N SER C 57 54.57 -32.12 35.78
CA SER C 57 55.00 -30.95 35.04
C SER C 57 53.84 -30.34 34.27
N ALA C 58 53.05 -31.20 33.64
CA ALA C 58 51.87 -30.77 32.91
C ALA C 58 50.84 -30.17 33.85
N ILE C 59 50.74 -30.71 35.06
CA ILE C 59 49.82 -30.17 36.06
C ILE C 59 50.18 -28.72 36.38
N TYR C 60 51.43 -28.53 36.78
CA TYR C 60 51.91 -27.19 37.16
C TYR C 60 51.81 -26.21 36.00
N SER C 61 52.11 -26.68 34.79
CA SER C 61 52.01 -25.85 33.60
C SER C 61 50.57 -25.41 33.34
N GLN C 62 49.67 -26.37 33.29
CA GLN C 62 48.25 -26.11 33.08
C GLN C 62 47.71 -25.13 34.12
N LEU C 63 48.16 -25.30 35.36
CA LEU C 63 47.82 -24.37 36.43
C LEU C 63 48.33 -22.97 36.12
N GLY C 64 49.55 -22.90 35.61
CA GLY C 64 50.14 -21.62 35.24
C GLY C 64 49.31 -20.90 34.20
N ASN C 65 48.97 -21.61 33.13
CA ASN C 65 48.18 -21.03 32.06
C ASN C 65 46.77 -20.65 32.51
N ALA C 66 46.20 -21.47 33.39
CA ALA C 66 44.88 -21.20 33.94
C ALA C 66 44.90 -19.90 34.75
N TYR C 67 45.92 -19.76 35.59
CA TYR C 67 46.07 -18.55 36.41
C TYR C 67 46.36 -17.32 35.54
N PHE C 68 47.06 -17.54 34.42
CA PHE C 68 47.30 -16.46 33.46
C PHE C 68 45.97 -16.00 32.87
N TYR C 69 45.13 -16.97 32.53
CA TYR C 69 43.80 -16.69 31.99
C TYR C 69 42.93 -15.98 33.02
N LEU C 70 43.12 -16.32 34.30
CA LEU C 70 42.31 -15.77 35.37
C LEU C 70 42.75 -14.38 35.79
N GLY C 71 43.93 -13.97 35.35
CA GLY C 71 44.43 -12.64 35.65
C GLY C 71 45.40 -12.60 36.82
N ASP C 72 45.43 -13.68 37.60
CA ASP C 72 46.36 -13.77 38.72
C ASP C 72 47.76 -14.12 38.21
N TYR C 73 48.45 -13.12 37.67
CA TYR C 73 49.74 -13.32 37.04
C TYR C 73 50.82 -13.75 38.03
N ASN C 74 50.67 -13.34 39.29
CA ASN C 74 51.61 -13.72 40.34
C ASN C 74 51.64 -15.23 40.54
N LYS C 75 50.47 -15.82 40.77
CA LYS C 75 50.35 -17.25 40.99
C LYS C 75 50.71 -18.02 39.73
N ALA C 76 50.41 -17.43 38.58
CA ALA C 76 50.79 -18.00 37.29
C ALA C 76 52.31 -18.13 37.21
N MET C 77 53.00 -17.06 37.58
CA MET C 77 54.46 -17.07 37.65
C MET C 77 54.94 -18.14 38.62
N GLN C 78 54.29 -18.20 39.77
CA GLN C 78 54.62 -19.19 40.80
C GLN C 78 54.62 -20.61 40.25
N TYR C 79 53.53 -20.97 39.58
CA TYR C 79 53.36 -22.35 39.11
C TYR C 79 54.15 -22.64 37.83
N HIS C 80 54.42 -21.61 37.04
CA HIS C 80 55.24 -21.80 35.85
C HIS C 80 56.70 -22.03 36.25
N LYS C 81 57.15 -21.33 37.28
CA LYS C 81 58.49 -21.54 37.81
C LYS C 81 58.55 -22.91 38.48
N HIS C 82 57.50 -23.20 39.25
CA HIS C 82 57.34 -24.49 39.92
C HIS C 82 57.38 -25.63 38.92
N ASP C 83 56.93 -25.34 37.70
CA ASP C 83 56.97 -26.31 36.61
C ASP C 83 58.36 -26.41 36.00
N LEU C 84 59.01 -25.25 35.82
CA LEU C 84 60.33 -25.20 35.21
C LEU C 84 61.35 -26.00 36.02
N THR C 85 61.37 -25.75 37.34
CA THR C 85 62.28 -26.47 38.21
C THR C 85 62.02 -27.97 38.19
N LEU C 86 60.76 -28.33 38.00
CA LEU C 86 60.38 -29.74 37.92
C LEU C 86 60.84 -30.35 36.60
N ALA C 87 60.90 -29.51 35.56
CA ALA C 87 61.32 -29.95 34.24
C ALA C 87 62.84 -30.11 34.18
N LYS C 88 63.54 -29.31 34.97
CA LYS C 88 65.00 -29.38 35.02
C LYS C 88 65.48 -30.67 35.70
N SER C 89 64.78 -31.07 36.76
CA SER C 89 65.19 -32.22 37.55
C SER C 89 65.01 -33.55 36.80
N MET C 90 64.24 -33.52 35.72
CA MET C 90 64.00 -34.72 34.93
C MET C 90 64.71 -34.65 33.58
N ASN C 91 65.50 -33.59 33.40
CA ASN C 91 66.27 -33.37 32.17
C ASN C 91 65.40 -33.36 30.92
N ASP C 92 64.18 -32.84 31.05
CA ASP C 92 63.27 -32.71 29.92
C ASP C 92 63.50 -31.38 29.21
N ARG C 93 64.41 -31.38 28.24
CA ARG C 93 64.84 -30.15 27.57
C ARG C 93 63.70 -29.45 26.83
N LEU C 94 62.87 -30.24 26.15
CA LEU C 94 61.74 -29.69 25.41
C LEU C 94 60.73 -29.03 26.36
N GLY C 95 60.36 -29.77 27.40
CA GLY C 95 59.43 -29.28 28.40
C GLY C 95 59.98 -28.08 29.13
N GLU C 96 61.28 -28.07 29.37
CA GLU C 96 61.93 -26.94 30.04
C GLU C 96 61.93 -25.72 29.11
N ALA C 97 61.98 -25.98 27.80
CA ALA C 97 61.88 -24.89 26.82
C ALA C 97 60.47 -24.29 26.86
N LYS C 98 59.47 -25.16 26.89
CA LYS C 98 58.07 -24.71 27.03
C LYS C 98 57.89 -23.86 28.28
N SER C 99 58.37 -24.38 29.41
CA SER C 99 58.25 -23.69 30.69
C SER C 99 58.98 -22.36 30.67
N SER C 100 60.13 -22.32 30.00
CA SER C 100 60.91 -21.09 29.86
C SER C 100 60.13 -20.04 29.08
N GLY C 101 59.51 -20.47 27.98
CA GLY C 101 58.71 -19.57 27.18
C GLY C 101 57.53 -19.01 27.95
N ASN C 102 56.78 -19.90 28.58
CA ASN C 102 55.61 -19.51 29.37
C ASN C 102 55.96 -18.55 30.50
N LEU C 103 56.91 -18.95 31.33
CA LEU C 103 57.37 -18.12 32.45
C LEU C 103 57.86 -16.77 31.94
N GLY C 104 58.54 -16.80 30.80
CA GLY C 104 59.05 -15.58 30.19
C GLY C 104 57.94 -14.63 29.81
N ASN C 105 56.93 -15.12 29.10
CA ASN C 105 55.81 -14.29 28.69
C ASN C 105 55.04 -13.75 29.90
N THR C 106 54.83 -14.61 30.88
CA THR C 106 54.18 -14.24 32.13
C THR C 106 54.92 -13.08 32.80
N LEU C 107 56.25 -13.20 32.86
CA LEU C 107 57.06 -12.16 33.47
C LEU C 107 57.08 -10.89 32.62
N LYS C 108 56.87 -11.04 31.31
CA LYS C 108 56.78 -9.88 30.43
C LYS C 108 55.52 -9.09 30.76
N VAL C 109 54.42 -9.80 30.97
CA VAL C 109 53.15 -9.17 31.33
C VAL C 109 53.26 -8.42 32.65
N MET C 110 53.97 -9.01 33.61
CA MET C 110 54.11 -8.42 34.94
C MET C 110 55.03 -7.20 34.93
N GLY C 111 55.68 -6.94 33.80
CA GLY C 111 56.53 -5.78 33.66
C GLY C 111 57.99 -6.04 33.98
N ARG C 112 58.27 -7.19 34.59
CA ARG C 112 59.63 -7.57 34.94
C ARG C 112 60.38 -8.07 33.71
N PHE C 113 60.75 -7.14 32.83
CA PHE C 113 61.34 -7.48 31.53
C PHE C 113 62.70 -8.16 31.67
N ASP C 114 63.36 -7.95 32.81
CA ASP C 114 64.67 -8.54 33.05
C ASP C 114 64.59 -10.06 33.21
N GLU C 115 63.77 -10.50 34.17
CA GLU C 115 63.59 -11.92 34.43
C GLU C 115 62.92 -12.61 33.23
N ALA C 116 62.03 -11.88 32.56
CA ALA C 116 61.43 -12.37 31.33
C ALA C 116 62.52 -12.59 30.28
N ALA C 117 63.48 -11.68 30.24
CA ALA C 117 64.58 -11.76 29.30
C ALA C 117 65.45 -12.97 29.57
N ILE C 118 65.80 -13.21 30.83
CA ILE C 118 66.66 -14.35 31.14
C ILE C 118 65.91 -15.67 30.91
N CYS C 119 64.61 -15.67 31.15
CA CYS C 119 63.80 -16.87 30.94
C CYS C 119 63.70 -17.23 29.45
N CYS C 120 63.29 -16.25 28.64
CA CYS C 120 63.19 -16.47 27.20
C CYS C 120 64.55 -16.76 26.58
N GLU C 121 65.61 -16.20 27.18
CA GLU C 121 66.97 -16.47 26.74
C GLU C 121 67.29 -17.93 27.00
N ARG C 122 66.86 -18.44 28.15
CA ARG C 122 67.00 -19.86 28.47
C ARG C 122 66.26 -20.70 27.44
N HIS C 123 65.05 -20.25 27.06
CA HIS C 123 64.26 -20.91 26.04
C HIS C 123 65.03 -21.04 24.73
N LEU C 124 65.59 -19.93 24.26
CA LEU C 124 66.34 -19.92 23.01
C LEU C 124 67.57 -20.82 23.11
N THR C 125 68.20 -20.80 24.29
CA THR C 125 69.38 -21.63 24.54
C THR C 125 69.04 -23.11 24.39
N LEU C 126 67.94 -23.54 25.01
CA LEU C 126 67.51 -24.93 24.89
C LEU C 126 67.12 -25.26 23.46
N ALA C 127 66.45 -24.33 22.79
CA ALA C 127 66.05 -24.52 21.39
C ALA C 127 67.27 -24.71 20.50
N ARG C 128 68.37 -24.05 20.81
CA ARG C 128 69.59 -24.18 20.03
C ARG C 128 70.34 -25.44 20.43
N GLN C 129 70.10 -25.91 21.67
CA GLN C 129 70.70 -27.16 22.13
C GLN C 129 70.07 -28.35 21.42
N LEU C 130 68.76 -28.28 21.19
CA LEU C 130 68.03 -29.38 20.59
C LEU C 130 68.02 -29.33 19.05
N GLY C 131 68.38 -28.19 18.51
CA GLY C 131 68.39 -28.01 17.06
C GLY C 131 66.98 -27.98 16.50
N ASP C 132 66.07 -27.41 17.27
CA ASP C 132 64.68 -27.29 16.84
C ASP C 132 64.46 -25.94 16.14
N ARG C 133 64.20 -26.00 14.84
CA ARG C 133 64.09 -24.79 14.02
C ARG C 133 62.80 -24.02 14.28
N LEU C 134 61.84 -24.65 14.94
CA LEU C 134 60.56 -24.02 15.22
C LEU C 134 60.59 -23.31 16.58
N SER C 135 61.03 -24.03 17.60
CA SER C 135 61.13 -23.49 18.94
C SER C 135 62.10 -22.31 18.98
N GLU C 136 63.12 -22.36 18.12
CA GLU C 136 64.04 -21.24 17.97
C GLU C 136 63.30 -20.01 17.51
N GLY C 137 62.46 -20.16 16.48
CA GLY C 137 61.67 -19.07 15.96
C GLY C 137 60.73 -18.50 16.99
N ARG C 138 60.04 -19.39 17.71
CA ARG C 138 59.12 -18.96 18.75
C ARG C 138 59.85 -18.18 19.84
N ALA C 139 61.05 -18.65 20.20
CA ALA C 139 61.85 -17.99 21.22
C ALA C 139 62.32 -16.62 20.77
N LEU C 140 62.71 -16.53 19.50
CA LEU C 140 63.15 -15.26 18.92
C LEU C 140 62.01 -14.25 18.92
N TYR C 141 60.82 -14.69 18.52
CA TYR C 141 59.64 -13.84 18.54
C TYR C 141 59.33 -13.41 19.97
N ASN C 142 59.53 -14.33 20.91
CA ASN C 142 59.31 -14.05 22.33
C ASN C 142 60.21 -12.93 22.85
N LEU C 143 61.53 -13.10 22.69
CA LEU C 143 62.49 -12.11 23.14
C LEU C 143 62.28 -10.77 22.43
N GLY C 144 61.91 -10.85 21.15
CA GLY C 144 61.54 -9.66 20.39
C GLY C 144 60.42 -8.92 21.07
N ASN C 145 59.38 -9.65 21.46
CA ASN C 145 58.27 -9.07 22.20
C ASN C 145 58.71 -8.48 23.54
N VAL C 146 59.62 -9.18 24.21
CA VAL C 146 60.09 -8.76 25.53
C VAL C 146 60.79 -7.40 25.46
N TYR C 147 61.77 -7.28 24.55
CA TYR C 147 62.51 -6.04 24.45
C TYR C 147 61.71 -4.94 23.75
N HIS C 148 60.74 -5.33 22.95
CA HIS C 148 59.81 -4.37 22.36
C HIS C 148 58.99 -3.71 23.47
N ALA C 149 58.47 -4.56 24.36
CA ALA C 149 57.66 -4.09 25.48
C ALA C 149 58.50 -3.30 26.48
N LYS C 150 59.74 -3.71 26.66
CA LYS C 150 60.65 -3.00 27.57
C LYS C 150 60.98 -1.63 27.00
N GLY C 151 61.18 -1.57 25.69
CA GLY C 151 61.45 -0.31 25.03
C GLY C 151 60.25 0.62 25.08
N LYS C 152 59.06 0.04 24.95
CA LYS C 152 57.83 0.82 25.01
C LYS C 152 57.57 1.37 26.40
N HIS C 153 57.82 0.54 27.41
CA HIS C 153 57.59 0.92 28.81
C HIS C 153 58.56 2.01 29.26
N LEU C 154 59.81 1.91 28.85
CA LEU C 154 60.82 2.89 29.21
C LEU C 154 60.60 4.22 28.49
N GLY C 155 59.65 4.24 27.57
CA GLY C 155 59.32 5.44 26.82
C GLY C 155 58.14 6.18 27.40
N GLN C 156 58.12 6.34 28.72
CA GLN C 156 57.08 7.13 29.38
C GLN C 156 57.38 8.61 29.23
N ARG C 157 58.59 8.91 28.77
CA ARG C 157 58.98 10.27 28.42
C ARG C 157 58.67 10.51 26.94
N ASN C 158 57.43 10.90 26.67
CA ASN C 158 56.91 11.00 25.31
C ASN C 158 57.68 11.88 24.31
N PRO C 159 58.08 13.10 24.70
CA PRO C 159 58.66 13.97 23.65
C PRO C 159 60.09 13.60 23.25
N GLY C 160 60.94 14.62 23.09
CA GLY C 160 62.30 14.43 22.63
C GLY C 160 63.18 13.65 23.58
N LYS C 161 62.70 13.43 24.79
CA LYS C 161 63.45 12.67 25.79
C LYS C 161 63.60 11.21 25.37
N PHE C 162 64.46 10.98 24.39
CA PHE C 162 64.73 9.64 23.89
C PHE C 162 65.90 9.02 24.65
N GLY C 163 65.57 8.24 25.68
CA GLY C 163 66.58 7.62 26.52
C GLY C 163 67.50 6.69 25.77
N ASP C 164 68.75 6.58 26.24
CA ASP C 164 69.73 5.71 25.62
C ASP C 164 69.39 4.24 25.85
N ASP C 165 68.93 3.93 27.05
CA ASP C 165 68.53 2.57 27.39
C ASP C 165 67.32 2.15 26.56
N VAL C 166 66.48 3.12 26.23
CA VAL C 166 65.33 2.88 25.36
C VAL C 166 65.79 2.43 23.98
N LYS C 167 66.69 3.20 23.39
CA LYS C 167 67.26 2.89 22.08
C LYS C 167 67.96 1.53 22.12
N GLU C 168 68.58 1.22 23.25
CA GLU C 168 69.27 -0.05 23.44
C GLU C 168 68.29 -1.22 23.39
N ALA C 169 67.27 -1.15 24.23
CA ALA C 169 66.25 -2.20 24.30
C ALA C 169 65.57 -2.39 22.95
N LEU C 170 65.21 -1.27 22.31
CA LEU C 170 64.58 -1.33 20.99
C LEU C 170 65.52 -1.94 19.96
N THR C 171 66.82 -1.67 20.11
CA THR C 171 67.83 -2.23 19.21
C THR C 171 67.86 -3.75 19.32
N ARG C 172 67.94 -4.25 20.55
CA ARG C 172 67.91 -5.69 20.80
C ARG C 172 66.63 -6.30 20.23
N ALA C 173 65.52 -5.61 20.45
CA ALA C 173 64.23 -6.04 19.90
C ALA C 173 64.31 -6.18 18.38
N VAL C 174 64.95 -5.21 17.73
CA VAL C 174 65.12 -5.24 16.28
C VAL C 174 65.96 -6.44 15.85
N GLU C 175 67.02 -6.73 16.60
CA GLU C 175 67.91 -7.84 16.22
C GLU C 175 67.16 -9.19 16.34
N PHE C 176 66.39 -9.36 17.41
CA PHE C 176 65.65 -10.59 17.61
C PHE C 176 64.56 -10.75 16.55
N TYR C 177 63.81 -9.68 16.33
CA TYR C 177 62.75 -9.66 15.33
C TYR C 177 63.28 -9.94 13.93
N GLN C 178 64.49 -9.46 13.65
CA GLN C 178 65.10 -9.69 12.34
C GLN C 178 65.53 -11.14 12.18
N GLU C 179 66.15 -11.70 13.21
CA GLU C 179 66.50 -13.13 13.18
C GLU C 179 65.26 -13.96 12.92
N ASN C 180 64.21 -13.70 13.70
CA ASN C 180 62.94 -14.41 13.56
C ASN C 180 62.36 -14.26 12.15
N LEU C 181 62.38 -13.04 11.62
CA LEU C 181 61.85 -12.77 10.30
C LEU C 181 62.59 -13.57 9.23
N LYS C 182 63.91 -13.60 9.32
CA LYS C 182 64.73 -14.37 8.39
C LYS C 182 64.35 -15.84 8.46
N LEU C 183 64.29 -16.37 9.68
CA LEU C 183 63.97 -17.79 9.88
C LEU C 183 62.59 -18.15 9.34
N MET C 184 61.63 -17.25 9.50
CA MET C 184 60.26 -17.50 9.03
C MET C 184 60.18 -17.40 7.52
N ARG C 185 60.97 -16.50 6.94
CA ARG C 185 61.03 -16.38 5.48
C ARG C 185 61.69 -17.61 4.88
N ASP C 186 62.56 -18.25 5.65
CA ASP C 186 63.23 -19.46 5.18
C ASP C 186 62.23 -20.61 4.99
N LEU C 187 61.57 -21.02 6.07
CA LEU C 187 60.66 -22.16 6.02
C LEU C 187 59.23 -21.78 5.64
N GLY C 188 59.07 -20.58 5.07
CA GLY C 188 57.82 -20.17 4.45
C GLY C 188 56.60 -20.00 5.33
N ASP C 189 56.80 -19.63 6.59
CA ASP C 189 55.68 -19.35 7.48
C ASP C 189 55.16 -17.94 7.25
N ARG C 190 54.26 -17.80 6.28
CA ARG C 190 53.78 -16.49 5.83
C ARG C 190 53.10 -15.68 6.93
N GLY C 191 52.31 -16.34 7.77
CA GLY C 191 51.64 -15.67 8.87
C GLY C 191 52.63 -15.11 9.88
N ALA C 192 53.59 -15.94 10.27
CA ALA C 192 54.64 -15.53 11.18
C ALA C 192 55.47 -14.41 10.56
N GLN C 193 55.63 -14.46 9.25
CA GLN C 193 56.25 -13.37 8.52
C GLN C 193 55.45 -12.10 8.72
N GLY C 194 54.13 -12.23 8.69
CA GLY C 194 53.24 -11.11 8.92
C GLY C 194 53.44 -10.49 10.29
N ARG C 195 53.29 -11.30 11.33
CA ARG C 195 53.46 -10.82 12.70
C ARG C 195 54.83 -10.19 12.93
N ALA C 196 55.87 -10.85 12.43
CA ALA C 196 57.23 -10.35 12.56
C ALA C 196 57.38 -9.00 11.88
N CYS C 197 56.83 -8.86 10.67
CA CYS C 197 56.87 -7.61 9.93
C CYS C 197 56.17 -6.50 10.70
N GLY C 198 55.01 -6.82 11.28
CA GLY C 198 54.25 -5.86 12.04
C GLY C 198 55.02 -5.34 13.24
N ASN C 199 55.46 -6.25 14.11
CA ASN C 199 56.18 -5.86 15.31
C ASN C 199 57.50 -5.14 14.99
N LEU C 200 58.17 -5.60 13.95
CA LEU C 200 59.44 -4.99 13.52
C LEU C 200 59.20 -3.57 13.05
N GLY C 201 58.16 -3.38 12.24
CA GLY C 201 57.78 -2.06 11.78
C GLY C 201 57.46 -1.14 12.94
N ASN C 202 56.76 -1.68 13.93
CA ASN C 202 56.46 -0.91 15.14
C ASN C 202 57.72 -0.50 15.89
N THR C 203 58.70 -1.40 15.94
CA THR C 203 59.95 -1.09 16.62
C THR C 203 60.72 0.00 15.88
N TYR C 204 60.73 -0.10 14.56
CA TYR C 204 61.34 0.92 13.72
C TYR C 204 60.68 2.28 13.94
N TYR C 205 59.35 2.28 14.03
CA TYR C 205 58.60 3.49 14.28
C TYR C 205 58.92 4.05 15.66
N LEU C 206 59.22 3.16 16.61
CA LEU C 206 59.58 3.58 17.95
C LEU C 206 61.02 4.06 18.02
N LEU C 207 61.81 3.73 17.01
CA LEU C 207 63.21 4.13 16.98
C LEU C 207 63.45 5.38 16.13
N GLY C 208 62.39 5.87 15.49
CA GLY C 208 62.50 7.05 14.65
C GLY C 208 62.83 6.69 13.22
N ASP C 209 63.12 5.42 12.98
CA ASP C 209 63.42 4.94 11.63
C ASP C 209 62.11 4.70 10.88
N PHE C 210 61.49 5.78 10.43
CA PHE C 210 60.18 5.71 9.79
C PHE C 210 60.24 5.07 8.40
N GLN C 211 61.33 5.31 7.69
CA GLN C 211 61.45 4.87 6.30
C GLN C 211 61.42 3.35 6.17
N ALA C 212 62.10 2.66 7.07
CA ALA C 212 62.11 1.21 7.06
C ALA C 212 60.77 0.67 7.57
N ALA C 213 60.18 1.41 8.51
CA ALA C 213 58.88 1.07 9.06
C ALA C 213 57.83 1.04 7.95
N ILE C 214 57.97 1.97 7.00
CA ILE C 214 57.10 2.00 5.84
C ILE C 214 57.17 0.68 5.08
N GLU C 215 58.38 0.22 4.79
CA GLU C 215 58.60 -1.03 4.07
C GLU C 215 58.00 -2.22 4.82
N HIS C 216 58.40 -2.39 6.08
CA HIS C 216 57.95 -3.52 6.88
C HIS C 216 56.42 -3.56 7.02
N HIS C 217 55.83 -2.39 7.28
CA HIS C 217 54.38 -2.30 7.40
C HIS C 217 53.69 -2.55 6.06
N GLN C 218 54.38 -2.23 4.97
CA GLN C 218 53.86 -2.49 3.64
C GLN C 218 53.81 -4.00 3.38
N GLU C 219 54.87 -4.70 3.77
CA GLU C 219 54.91 -6.14 3.61
C GLU C 219 53.87 -6.81 4.51
N ARG C 220 53.70 -6.28 5.72
CA ARG C 220 52.66 -6.76 6.62
C ARG C 220 51.30 -6.56 5.98
N LEU C 221 51.16 -5.44 5.27
CA LEU C 221 49.91 -5.11 4.59
C LEU C 221 49.60 -6.11 3.48
N ARG C 222 50.59 -6.40 2.65
CA ARG C 222 50.37 -7.31 1.52
C ARG C 222 50.16 -8.74 2.00
N ILE C 223 50.79 -9.09 3.13
CA ILE C 223 50.58 -10.40 3.73
C ILE C 223 49.15 -10.51 4.25
N ALA C 224 48.71 -9.46 4.94
CA ALA C 224 47.34 -9.36 5.44
C ALA C 224 46.34 -9.50 4.30
N ARG C 225 46.62 -8.82 3.19
CA ARG C 225 45.76 -8.90 2.01
C ARG C 225 45.81 -10.29 1.38
N GLU C 226 46.94 -10.97 1.54
CA GLU C 226 47.05 -12.35 1.06
C GLU C 226 46.14 -13.27 1.87
N PHE C 227 46.08 -13.04 3.19
CA PHE C 227 45.23 -13.86 4.05
C PHE C 227 43.81 -13.30 4.18
N GLY C 228 43.57 -12.13 3.58
CA GLY C 228 42.28 -11.49 3.68
C GLY C 228 41.98 -11.05 5.10
N ASP C 229 43.03 -10.63 5.81
CA ASP C 229 42.91 -10.19 7.19
C ASP C 229 42.64 -8.70 7.25
N ARG C 230 41.36 -8.33 7.28
CA ARG C 230 40.95 -6.93 7.25
C ARG C 230 41.42 -6.17 8.49
N ALA C 231 41.53 -6.87 9.61
CA ALA C 231 42.01 -6.27 10.85
C ALA C 231 43.48 -5.90 10.71
N ALA C 232 44.28 -6.84 10.21
CA ALA C 232 45.70 -6.61 10.00
C ALA C 232 45.93 -5.61 8.88
N GLU C 233 45.01 -5.58 7.91
CA GLU C 233 45.10 -4.60 6.84
C GLU C 233 44.85 -3.20 7.39
N ARG C 234 43.92 -3.12 8.32
CA ARG C 234 43.59 -1.85 8.97
C ARG C 234 44.74 -1.36 9.85
N ARG C 235 45.32 -2.28 10.62
CA ARG C 235 46.45 -1.94 11.48
C ARG C 235 47.65 -1.51 10.64
N ALA C 236 47.92 -2.24 9.57
CA ALA C 236 49.05 -1.93 8.69
C ALA C 236 48.86 -0.58 8.02
N ASN C 237 47.64 -0.33 7.53
CA ASN C 237 47.32 0.96 6.93
C ASN C 237 47.50 2.10 7.93
N SER C 238 47.03 1.89 9.15
CA SER C 238 47.11 2.90 10.20
C SER C 238 48.56 3.24 10.53
N ASN C 239 49.36 2.21 10.80
CA ASN C 239 50.78 2.38 11.10
C ASN C 239 51.52 3.05 9.95
N LEU C 240 51.17 2.65 8.73
CA LEU C 240 51.76 3.23 7.53
C LEU C 240 51.49 4.72 7.44
N GLY C 241 50.24 5.11 7.67
CA GLY C 241 49.85 6.51 7.67
C GLY C 241 50.61 7.28 8.74
N ASN C 242 50.68 6.69 9.93
CA ASN C 242 51.39 7.29 11.05
C ASN C 242 52.86 7.55 10.70
N SER C 243 53.47 6.61 10.00
CA SER C 243 54.87 6.73 9.61
C SER C 243 55.04 7.76 8.50
N HIS C 244 54.05 7.86 7.62
CA HIS C 244 54.10 8.82 6.52
C HIS C 244 53.92 10.25 7.02
N ILE C 245 53.21 10.41 8.13
CA ILE C 245 53.04 11.71 8.75
C ILE C 245 54.39 12.27 9.20
N PHE C 246 55.23 11.40 9.76
CA PHE C 246 56.53 11.80 10.29
C PHE C 246 57.63 11.81 9.24
N LEU C 247 57.25 12.00 7.98
CA LEU C 247 58.23 12.14 6.90
C LEU C 247 57.86 13.29 5.97
N GLY C 248 56.75 13.96 6.29
CA GLY C 248 56.29 15.09 5.50
C GLY C 248 55.46 14.65 4.30
N GLN C 249 55.33 13.34 4.13
CA GLN C 249 54.54 12.78 3.04
C GLN C 249 53.07 12.74 3.41
N PHE C 250 52.42 13.90 3.39
CA PHE C 250 51.07 14.04 3.91
C PHE C 250 50.01 13.35 3.04
N GLU C 251 50.19 13.40 1.72
CA GLU C 251 49.23 12.81 0.80
C GLU C 251 49.09 11.29 0.99
N ASP C 252 50.23 10.61 1.09
CA ASP C 252 50.26 9.17 1.31
C ASP C 252 49.59 8.83 2.63
N ALA C 253 49.87 9.62 3.66
CA ALA C 253 49.26 9.45 4.96
C ALA C 253 47.74 9.62 4.88
N ALA C 254 47.31 10.52 4.02
CA ALA C 254 45.89 10.74 3.79
C ALA C 254 45.26 9.52 3.13
N GLU C 255 45.97 8.94 2.17
CA GLU C 255 45.52 7.72 1.50
C GLU C 255 45.34 6.58 2.50
N HIS C 256 46.40 6.28 3.24
CA HIS C 256 46.38 5.19 4.21
C HIS C 256 45.36 5.42 5.32
N TYR C 257 45.23 6.66 5.76
CA TYR C 257 44.24 7.00 6.78
C TYR C 257 42.82 6.82 6.25
N LYS C 258 42.64 7.08 4.95
CA LYS C 258 41.34 6.89 4.33
C LYS C 258 40.99 5.41 4.24
N ARG C 259 41.97 4.59 3.86
CA ARG C 259 41.76 3.15 3.81
C ARG C 259 41.45 2.63 5.22
N THR C 260 42.17 3.15 6.20
CA THR C 260 41.94 2.82 7.60
C THR C 260 40.51 3.17 8.00
N LEU C 261 40.05 4.32 7.54
CA LEU C 261 38.67 4.76 7.80
C LEU C 261 37.67 3.78 7.21
N ALA C 262 37.88 3.42 5.95
CA ALA C 262 36.97 2.49 5.26
C ALA C 262 36.90 1.15 5.99
N LEU C 263 38.06 0.59 6.31
CA LEU C 263 38.14 -0.68 7.01
C LEU C 263 37.48 -0.61 8.39
N ALA C 264 37.68 0.52 9.08
CA ALA C 264 37.08 0.72 10.39
C ALA C 264 35.57 0.80 10.31
N VAL C 265 35.07 1.39 9.23
CA VAL C 265 33.63 1.47 8.99
C VAL C 265 33.07 0.09 8.73
N GLU C 266 33.76 -0.69 7.90
CA GLU C 266 33.32 -2.03 7.56
C GLU C 266 33.26 -2.96 8.78
N LEU C 267 34.26 -2.86 9.64
CA LEU C 267 34.36 -3.74 10.81
C LEU C 267 33.49 -3.29 11.97
N GLY C 268 32.58 -2.36 11.71
CA GLY C 268 31.63 -1.90 12.71
C GLY C 268 32.28 -1.27 13.93
N GLU C 269 33.34 -0.51 13.70
CA GLU C 269 34.05 0.14 14.79
C GLU C 269 33.79 1.64 14.81
N ARG C 270 33.34 2.16 15.94
CA ARG C 270 33.11 3.59 16.10
C ARG C 270 34.28 4.22 16.85
N GLU C 271 34.89 3.44 17.72
CA GLU C 271 36.02 3.90 18.52
C GLU C 271 37.25 4.11 17.63
N VAL C 272 37.32 3.35 16.55
CA VAL C 272 38.45 3.42 15.62
C VAL C 272 38.17 4.42 14.50
N GLU C 273 36.93 4.44 14.03
CA GLU C 273 36.50 5.34 12.96
C GLU C 273 36.72 6.80 13.36
N ALA C 274 36.38 7.14 14.59
CA ALA C 274 36.54 8.49 15.11
C ALA C 274 38.01 8.90 15.13
N GLN C 275 38.86 8.01 15.64
CA GLN C 275 40.29 8.27 15.69
C GLN C 275 40.87 8.46 14.30
N SER C 276 40.39 7.65 13.35
CA SER C 276 40.81 7.77 11.96
C SER C 276 40.40 9.12 11.38
N CYS C 277 39.20 9.57 11.75
CA CYS C 277 38.69 10.85 11.29
C CYS C 277 39.47 12.02 11.89
N TYR C 278 39.93 11.86 13.13
CA TYR C 278 40.74 12.87 13.80
C TYR C 278 42.09 12.94 13.12
N SER C 279 42.64 11.77 12.80
CA SER C 279 43.92 11.67 12.10
C SER C 279 43.84 12.34 10.73
N LEU C 280 42.77 12.07 10.00
CA LEU C 280 42.54 12.67 8.69
C LEU C 280 42.36 14.18 8.78
N GLY C 281 41.65 14.61 9.82
CA GLY C 281 41.43 16.03 10.05
C GLY C 281 42.72 16.76 10.28
N ASN C 282 43.55 16.24 11.17
CA ASN C 282 44.85 16.84 11.43
C ASN C 282 45.75 16.78 10.20
N THR C 283 45.64 15.69 9.44
CA THR C 283 46.42 15.51 8.22
C THR C 283 46.09 16.60 7.19
N TYR C 284 44.80 16.89 7.05
CA TYR C 284 44.35 17.92 6.12
C TYR C 284 44.53 19.31 6.69
N THR C 285 44.77 19.39 7.99
CA THR C 285 45.14 20.66 8.62
C THR C 285 46.61 20.94 8.29
N LEU C 286 47.40 19.87 8.18
CA LEU C 286 48.80 19.98 7.79
C LEU C 286 48.95 20.18 6.29
N LEU C 287 48.01 19.63 5.53
CA LEU C 287 48.03 19.74 4.07
C LEU C 287 47.44 21.07 3.63
N HIS C 288 47.11 21.92 4.61
CA HIS C 288 46.53 23.24 4.38
C HIS C 288 45.21 23.15 3.60
N GLU C 289 44.54 22.01 3.72
CA GLU C 289 43.19 21.84 3.21
C GLU C 289 42.21 21.95 4.37
N PHE C 290 42.27 23.09 5.06
CA PHE C 290 41.54 23.30 6.32
C PHE C 290 40.05 23.00 6.21
N ASN C 291 39.49 23.19 5.02
CA ASN C 291 38.08 22.91 4.80
C ASN C 291 37.75 21.43 4.99
N THR C 292 38.49 20.58 4.30
CA THR C 292 38.32 19.13 4.42
C THR C 292 38.65 18.68 5.84
N ALA C 293 39.63 19.35 6.45
CA ALA C 293 39.99 19.11 7.84
C ALA C 293 38.78 19.31 8.73
N ILE C 294 38.05 20.39 8.49
CA ILE C 294 36.80 20.64 9.19
C ILE C 294 35.81 19.53 8.90
N GLU C 295 35.74 19.12 7.64
CA GLU C 295 34.80 18.07 7.22
C GLU C 295 35.02 16.75 7.97
N TYR C 296 36.27 16.46 8.34
CA TYR C 296 36.57 15.24 9.08
C TYR C 296 36.44 15.43 10.59
N HIS C 297 36.92 16.58 11.08
CA HIS C 297 36.83 16.89 12.50
C HIS C 297 35.38 16.97 12.96
N ASN C 298 34.48 17.25 12.02
CA ASN C 298 33.05 17.22 12.31
C ASN C 298 32.58 15.81 12.64
N ARG C 299 32.99 14.85 11.82
CA ARG C 299 32.65 13.45 12.05
C ARG C 299 33.26 12.96 13.36
N HIS C 300 34.53 13.31 13.60
CA HIS C 300 35.18 12.93 14.84
C HIS C 300 34.47 13.51 16.06
N LEU C 301 34.07 14.77 15.96
CA LEU C 301 33.34 15.43 17.04
C LEU C 301 32.00 14.76 17.31
N ALA C 302 31.25 14.50 16.24
CA ALA C 302 29.94 13.88 16.34
C ALA C 302 30.02 12.50 16.99
N ILE C 303 30.99 11.70 16.55
CA ILE C 303 31.16 10.36 17.12
C ILE C 303 31.62 10.45 18.58
N ALA C 304 32.54 11.37 18.85
CA ALA C 304 33.04 11.57 20.21
C ALA C 304 31.92 11.94 21.17
N GLN C 305 30.94 12.69 20.67
CA GLN C 305 29.78 13.06 21.46
C GLN C 305 28.84 11.87 21.61
N GLU C 306 28.64 11.13 20.53
CA GLU C 306 27.78 9.95 20.54
C GLU C 306 28.22 8.93 21.59
N LEU C 307 29.49 8.57 21.54
CA LEU C 307 30.04 7.57 22.45
C LEU C 307 30.26 8.16 23.85
N GLY C 308 30.34 9.47 23.93
CA GLY C 308 30.53 10.15 25.20
C GLY C 308 31.98 10.32 25.58
N ASP C 309 32.85 10.43 24.56
CA ASP C 309 34.26 10.67 24.80
C ASP C 309 34.49 12.13 25.15
N ARG C 310 34.59 12.42 26.44
CA ARG C 310 34.79 13.79 26.92
C ARG C 310 36.12 14.36 26.41
N ILE C 311 37.18 13.60 26.60
CA ILE C 311 38.51 13.98 26.14
C ILE C 311 38.52 14.19 24.64
N GLY C 312 37.96 13.22 23.90
CA GLY C 312 37.88 13.29 22.46
C GLY C 312 37.10 14.50 21.98
N GLU C 313 36.00 14.79 22.66
CA GLU C 313 35.18 15.95 22.32
C GLU C 313 35.97 17.24 22.54
N ALA C 314 36.77 17.26 23.61
CA ALA C 314 37.62 18.41 23.90
C ALA C 314 38.64 18.62 22.78
N ARG C 315 39.31 17.53 22.40
CA ARG C 315 40.27 17.57 21.30
C ARG C 315 39.62 18.11 20.03
N ALA C 316 38.42 17.61 19.74
CA ALA C 316 37.68 18.00 18.55
C ALA C 316 37.36 19.50 18.58
N CYS C 317 36.95 19.99 19.75
CA CYS C 317 36.65 21.41 19.91
C CYS C 317 37.88 22.26 19.66
N TRP C 318 39.02 21.82 20.20
CA TRP C 318 40.29 22.52 20.03
C TRP C 318 40.68 22.59 18.55
N SER C 319 40.80 21.43 17.93
CA SER C 319 41.22 21.32 16.53
C SER C 319 40.28 22.07 15.59
N LEU C 320 38.98 21.94 15.81
CA LEU C 320 38.00 22.67 15.02
C LEU C 320 38.14 24.17 15.25
N GLY C 321 38.57 24.53 16.45
CA GLY C 321 38.84 25.92 16.78
C GLY C 321 39.94 26.46 15.89
N ASN C 322 41.08 25.76 15.86
CA ASN C 322 42.19 26.17 15.00
C ASN C 322 41.80 26.20 13.52
N ALA C 323 41.14 25.14 13.07
CA ALA C 323 40.75 24.98 11.68
C ALA C 323 39.82 26.11 11.22
N HIS C 324 38.84 26.45 12.05
CA HIS C 324 37.91 27.52 11.71
C HIS C 324 38.56 28.88 11.86
N SER C 325 39.58 28.97 12.71
CA SER C 325 40.32 30.22 12.86
C SER C 325 41.18 30.50 11.62
N ALA C 326 41.67 29.43 11.00
CA ALA C 326 42.56 29.55 9.85
C ALA C 326 41.83 30.10 8.62
N ILE C 327 40.58 29.69 8.42
CA ILE C 327 39.84 30.07 7.22
C ILE C 327 39.14 31.42 7.38
N GLY C 328 39.26 32.02 8.55
CA GLY C 328 38.72 33.36 8.77
C GLY C 328 37.46 33.39 9.62
N GLY C 329 36.77 32.26 9.70
CA GLY C 329 35.55 32.19 10.48
C GLY C 329 35.83 32.13 11.98
N HIS C 330 36.23 33.26 12.54
CA HIS C 330 36.60 33.32 13.95
C HIS C 330 35.39 33.29 14.87
N GLU C 331 34.22 33.64 14.33
CA GLU C 331 33.00 33.70 15.11
C GLU C 331 32.60 32.33 15.66
N ARG C 332 32.56 31.34 14.78
CA ARG C 332 32.27 29.96 15.16
C ARG C 332 33.40 29.39 16.01
N ALA C 333 34.62 29.72 15.62
CA ALA C 333 35.83 29.22 16.27
C ALA C 333 35.90 29.63 17.74
N LEU C 334 35.44 30.84 18.04
CA LEU C 334 35.46 31.32 19.41
C LEU C 334 34.47 30.54 20.27
N LYS C 335 33.32 30.21 19.69
CA LYS C 335 32.32 29.40 20.36
C LYS C 335 32.89 28.01 20.65
N TYR C 336 33.56 27.44 19.65
CA TYR C 336 34.24 26.16 19.82
C TYR C 336 35.27 26.25 20.94
N ALA C 337 35.94 27.39 21.04
CA ALA C 337 36.93 27.62 22.08
C ALA C 337 36.27 27.67 23.46
N GLU C 338 35.09 28.26 23.52
CA GLU C 338 34.32 28.30 24.75
C GLU C 338 33.94 26.89 25.20
N GLN C 339 33.50 26.08 24.24
CA GLN C 339 33.21 24.67 24.49
C GLN C 339 34.45 23.97 25.04
N HIS C 340 35.59 24.28 24.43
CA HIS C 340 36.86 23.69 24.85
C HIS C 340 37.18 24.06 26.29
N LEU C 341 36.89 25.31 26.66
CA LEU C 341 37.11 25.77 28.03
C LEU C 341 36.22 25.02 29.02
N GLN C 342 34.93 24.92 28.68
CA GLN C 342 33.97 24.24 29.53
C GLN C 342 34.37 22.78 29.76
N LEU C 343 34.66 22.08 28.66
CA LEU C 343 35.10 20.70 28.73
C LEU C 343 36.39 20.55 29.52
N ALA C 344 37.28 21.52 29.39
CA ALA C 344 38.53 21.52 30.15
C ALA C 344 38.25 21.64 31.64
N LYS C 345 37.26 22.47 31.98
CA LYS C 345 36.88 22.65 33.37
C LYS C 345 36.27 21.39 33.94
N GLU C 346 35.46 20.70 33.13
CA GLU C 346 34.82 19.47 33.58
C GLU C 346 35.83 18.33 33.71
N LEU C 347 36.83 18.34 32.85
CA LEU C 347 37.86 17.29 32.86
C LEU C 347 38.98 17.62 33.84
N HIS C 348 38.85 18.75 34.52
CA HIS C 348 39.84 19.21 35.50
C HIS C 348 41.25 19.30 34.90
N ASP C 349 41.35 19.87 33.71
CA ASP C 349 42.64 20.05 33.05
C ASP C 349 42.99 21.54 32.98
N PRO C 350 43.85 21.99 33.91
CA PRO C 350 44.28 23.40 33.95
C PRO C 350 45.04 23.83 32.70
N VAL C 351 45.73 22.88 32.08
CA VAL C 351 46.51 23.17 30.88
C VAL C 351 45.61 23.57 29.71
N GLY C 352 44.66 22.70 29.39
CA GLY C 352 43.72 22.97 28.32
C GLY C 352 42.83 24.16 28.63
N GLU C 353 42.55 24.34 29.92
CA GLU C 353 41.75 25.47 30.38
C GLU C 353 42.48 26.78 30.12
N SER C 354 43.78 26.80 30.40
CA SER C 354 44.60 27.97 30.15
C SER C 354 44.74 28.20 28.64
N THR C 355 44.85 27.11 27.90
CA THR C 355 44.96 27.17 26.45
C THR C 355 43.72 27.82 25.83
N ALA C 356 42.55 27.43 26.33
CA ALA C 356 41.30 27.99 25.85
C ALA C 356 41.13 29.43 26.32
N ARG C 357 41.56 29.70 27.54
CA ARG C 357 41.47 31.05 28.11
C ARG C 357 42.34 32.03 27.33
N VAL C 358 43.44 31.53 26.77
CA VAL C 358 44.32 32.34 25.95
C VAL C 358 43.71 32.59 24.57
N ASN C 359 43.10 31.55 24.00
CA ASN C 359 42.53 31.63 22.66
C ASN C 359 41.24 32.42 22.56
N ILE C 360 41.06 33.39 23.45
CA ILE C 360 39.88 34.25 23.42
C ILE C 360 40.10 35.47 22.53
N SER C 361 41.04 35.35 21.59
CA SER C 361 41.37 36.44 20.68
C SER C 361 40.18 36.81 19.79
N GLY D 15 -70.94 -8.83 -43.42
CA GLY D 15 -69.51 -9.01 -43.55
C GLY D 15 -69.12 -10.47 -43.64
N SER D 16 -67.90 -10.74 -44.11
CA SER D 16 -67.42 -12.10 -44.26
C SER D 16 -66.79 -12.61 -42.97
N SER D 17 -67.05 -11.91 -41.87
CA SER D 17 -66.51 -12.28 -40.58
C SER D 17 -67.16 -13.56 -40.04
N MET D 18 -68.43 -13.75 -40.37
CA MET D 18 -69.19 -14.91 -39.91
C MET D 18 -68.51 -16.22 -40.30
N CYS D 19 -68.08 -16.29 -41.56
CA CYS D 19 -67.35 -17.45 -42.07
C CYS D 19 -66.09 -17.71 -41.25
N LEU D 20 -65.38 -16.63 -40.91
CA LEU D 20 -64.17 -16.75 -40.12
C LEU D 20 -64.47 -17.31 -38.73
N GLU D 21 -65.51 -16.79 -38.10
CA GLU D 21 -65.90 -17.26 -36.76
C GLU D 21 -66.27 -18.74 -36.78
N LEU D 22 -67.11 -19.11 -37.73
CA LEU D 22 -67.51 -20.50 -37.90
C LEU D 22 -66.30 -21.41 -38.13
N ALA D 23 -65.36 -20.92 -38.94
CA ALA D 23 -64.13 -21.64 -39.22
C ALA D 23 -63.30 -21.82 -37.95
N LEU D 24 -63.27 -20.78 -37.12
CA LEU D 24 -62.53 -20.82 -35.86
C LEU D 24 -63.12 -21.84 -34.91
N GLU D 25 -64.45 -21.84 -34.78
CA GLU D 25 -65.13 -22.79 -33.91
C GLU D 25 -64.92 -24.22 -34.41
N GLY D 26 -64.99 -24.40 -35.73
CA GLY D 26 -64.75 -25.71 -36.32
C GLY D 26 -63.34 -26.20 -36.03
N GLU D 27 -62.37 -25.30 -36.18
CA GLU D 27 -60.98 -25.61 -35.92
C GLU D 27 -60.76 -26.03 -34.47
N ARG D 28 -61.33 -25.25 -33.55
CA ARG D 28 -61.22 -25.54 -32.13
C ARG D 28 -61.85 -26.89 -31.80
N LEU D 29 -62.99 -27.16 -32.44
CA LEU D 29 -63.70 -28.42 -32.22
C LEU D 29 -62.88 -29.61 -32.68
N CYS D 30 -62.37 -29.53 -33.91
CA CYS D 30 -61.55 -30.61 -34.47
C CYS D 30 -60.31 -30.84 -33.63
N LYS D 31 -59.70 -29.75 -33.17
CA LYS D 31 -58.54 -29.84 -32.29
C LYS D 31 -58.92 -30.49 -30.96
N ALA D 32 -60.16 -30.25 -30.52
CA ALA D 32 -60.61 -30.72 -29.22
C ALA D 32 -60.95 -32.21 -29.24
N GLY D 33 -61.64 -32.65 -30.28
CA GLY D 33 -62.00 -34.06 -30.39
C GLY D 33 -63.05 -34.34 -31.44
N ASP D 34 -64.28 -33.86 -31.21
CA ASP D 34 -65.38 -34.16 -32.11
C ASP D 34 -65.23 -33.42 -33.44
N CYS D 35 -64.62 -34.09 -34.41
CA CYS D 35 -64.43 -33.53 -35.73
C CYS D 35 -65.72 -33.53 -36.53
N ARG D 36 -66.75 -34.17 -35.98
CA ARG D 36 -68.05 -34.21 -36.64
C ARG D 36 -68.71 -32.84 -36.58
N ALA D 37 -68.81 -32.30 -35.37
CA ALA D 37 -69.37 -30.97 -35.16
C ALA D 37 -68.47 -29.93 -35.79
N GLY D 38 -67.17 -30.18 -35.76
CA GLY D 38 -66.20 -29.32 -36.41
C GLY D 38 -66.46 -29.23 -37.90
N VAL D 39 -66.73 -30.39 -38.50
CA VAL D 39 -67.08 -30.47 -39.90
C VAL D 39 -68.39 -29.73 -40.16
N ALA D 40 -69.33 -29.85 -39.22
CA ALA D 40 -70.60 -29.13 -39.33
C ALA D 40 -70.37 -27.63 -39.41
N PHE D 41 -69.53 -27.10 -38.52
CA PHE D 41 -69.19 -25.69 -38.50
C PHE D 41 -68.46 -25.28 -39.77
N PHE D 42 -67.53 -26.12 -40.22
CA PHE D 42 -66.76 -25.83 -41.42
C PHE D 42 -67.66 -25.73 -42.65
N GLN D 43 -68.59 -26.67 -42.77
CA GLN D 43 -69.55 -26.67 -43.87
C GLN D 43 -70.47 -25.46 -43.76
N ALA D 44 -70.78 -25.07 -42.53
CA ALA D 44 -71.58 -23.88 -42.29
C ALA D 44 -70.83 -22.64 -42.75
N ALA D 45 -69.50 -22.71 -42.68
CA ALA D 45 -68.66 -21.61 -43.13
C ALA D 45 -68.55 -21.58 -44.65
N ILE D 46 -68.51 -22.77 -45.25
CA ILE D 46 -68.45 -22.90 -46.71
C ILE D 46 -69.67 -22.26 -47.35
N GLN D 47 -70.83 -22.47 -46.74
CA GLN D 47 -72.09 -21.95 -47.26
C GLN D 47 -72.25 -20.47 -46.94
N ALA D 48 -71.30 -19.91 -46.20
CA ALA D 48 -71.28 -18.48 -45.92
C ALA D 48 -70.19 -17.80 -46.73
N GLY D 49 -70.43 -16.54 -47.11
CA GLY D 49 -69.47 -15.80 -47.91
C GLY D 49 -68.16 -15.62 -47.17
N THR D 50 -67.05 -15.71 -47.91
CA THR D 50 -65.74 -15.63 -47.30
C THR D 50 -64.82 -14.60 -47.98
N GLU D 51 -64.75 -14.65 -49.30
CA GLU D 51 -63.89 -13.78 -50.11
C GLU D 51 -62.39 -13.99 -49.83
N ASP D 52 -62.05 -14.26 -48.58
CA ASP D 52 -60.67 -14.55 -48.19
C ASP D 52 -60.28 -15.95 -48.66
N LEU D 53 -59.56 -16.02 -49.77
CA LEU D 53 -59.18 -17.29 -50.38
C LEU D 53 -58.22 -18.09 -49.50
N ARG D 54 -57.40 -17.39 -48.74
CA ARG D 54 -56.43 -18.02 -47.85
C ARG D 54 -57.14 -18.84 -46.77
N THR D 55 -58.01 -18.16 -46.01
CA THR D 55 -58.77 -18.80 -44.95
C THR D 55 -59.69 -19.87 -45.51
N LEU D 56 -60.21 -19.65 -46.71
CA LEU D 56 -61.10 -20.62 -47.36
C LEU D 56 -60.34 -21.91 -47.64
N SER D 57 -59.15 -21.76 -48.23
CA SER D 57 -58.25 -22.88 -48.47
C SER D 57 -57.97 -23.61 -47.16
N ALA D 58 -57.74 -22.83 -46.10
CA ALA D 58 -57.51 -23.41 -44.79
C ALA D 58 -58.73 -24.22 -44.32
N ILE D 59 -59.92 -23.74 -44.67
CA ILE D 59 -61.15 -24.43 -44.29
C ILE D 59 -61.27 -25.76 -45.02
N TYR D 60 -61.00 -25.76 -46.32
CA TYR D 60 -61.05 -26.99 -47.11
C TYR D 60 -60.03 -28.00 -46.59
N SER D 61 -58.84 -27.51 -46.25
CA SER D 61 -57.80 -28.37 -45.69
C SER D 61 -58.23 -28.99 -44.36
N GLN D 62 -58.74 -28.15 -43.47
CA GLN D 62 -59.23 -28.59 -42.17
C GLN D 62 -60.32 -29.65 -42.32
N LEU D 63 -61.23 -29.41 -43.26
CA LEU D 63 -62.27 -30.38 -43.58
C LEU D 63 -61.66 -31.70 -44.02
N GLY D 64 -60.69 -31.63 -44.93
CA GLY D 64 -60.01 -32.82 -45.41
C GLY D 64 -59.40 -33.64 -44.29
N ASN D 65 -58.60 -32.99 -43.44
CA ASN D 65 -57.97 -33.67 -42.32
C ASN D 65 -58.99 -34.23 -41.33
N ALA D 66 -60.12 -33.52 -41.19
CA ALA D 66 -61.18 -33.95 -40.31
C ALA D 66 -61.82 -35.25 -40.80
N TYR D 67 -62.13 -35.29 -42.09
CA TYR D 67 -62.69 -36.49 -42.69
C TYR D 67 -61.69 -37.64 -42.64
N PHE D 68 -60.41 -37.31 -42.79
CA PHE D 68 -59.35 -38.31 -42.67
C PHE D 68 -59.35 -38.90 -41.27
N TYR D 69 -59.59 -38.05 -40.28
CA TYR D 69 -59.71 -38.47 -38.89
C TYR D 69 -60.96 -39.31 -38.69
N LEU D 70 -61.98 -39.05 -39.50
CA LEU D 70 -63.27 -39.71 -39.36
C LEU D 70 -63.33 -41.07 -40.06
N GLY D 71 -62.36 -41.34 -40.92
CA GLY D 71 -62.28 -42.62 -41.61
C GLY D 71 -62.88 -42.60 -43.00
N ASP D 72 -63.55 -41.50 -43.34
CA ASP D 72 -64.13 -41.34 -44.67
C ASP D 72 -63.08 -40.74 -45.61
N TYR D 73 -62.12 -41.57 -46.00
CA TYR D 73 -60.97 -41.11 -46.78
C TYR D 73 -61.37 -40.50 -48.13
N ASN D 74 -62.52 -40.89 -48.65
CA ASN D 74 -63.00 -40.38 -49.93
C ASN D 74 -63.27 -38.89 -49.87
N LYS D 75 -64.06 -38.47 -48.89
CA LYS D 75 -64.37 -37.05 -48.71
C LYS D 75 -63.13 -36.25 -48.34
N ALA D 76 -62.22 -36.88 -47.59
CA ALA D 76 -60.95 -36.26 -47.25
C ALA D 76 -60.18 -35.94 -48.51
N MET D 77 -60.11 -36.92 -49.41
CA MET D 77 -59.50 -36.74 -50.73
C MET D 77 -60.18 -35.63 -51.51
N GLN D 78 -61.51 -35.60 -51.46
CA GLN D 78 -62.29 -34.59 -52.17
C GLN D 78 -61.95 -33.17 -51.73
N TYR D 79 -62.01 -32.93 -50.43
CA TYR D 79 -61.80 -31.58 -49.91
C TYR D 79 -60.33 -31.18 -49.94
N HIS D 80 -59.44 -32.17 -49.87
CA HIS D 80 -58.02 -31.87 -50.05
C HIS D 80 -57.76 -31.50 -51.51
N LYS D 81 -58.57 -32.06 -52.40
CA LYS D 81 -58.52 -31.70 -53.82
C LYS D 81 -59.01 -30.27 -54.01
N HIS D 82 -60.12 -29.95 -53.34
CA HIS D 82 -60.64 -28.58 -53.32
C HIS D 82 -59.56 -27.60 -52.87
N ASP D 83 -58.90 -27.97 -51.77
CA ASP D 83 -57.83 -27.15 -51.20
C ASP D 83 -56.67 -26.98 -52.18
N LEU D 84 -56.30 -28.06 -52.84
CA LEU D 84 -55.20 -28.01 -53.81
C LEU D 84 -55.52 -27.10 -54.99
N THR D 85 -56.74 -27.23 -55.52
CA THR D 85 -57.17 -26.40 -56.62
C THR D 85 -57.22 -24.93 -56.23
N LEU D 86 -57.77 -24.65 -55.05
CA LEU D 86 -57.88 -23.28 -54.56
C LEU D 86 -56.50 -22.67 -54.35
N ALA D 87 -55.57 -23.49 -53.89
CA ALA D 87 -54.20 -23.05 -53.69
C ALA D 87 -53.53 -22.75 -55.02
N LYS D 88 -53.85 -23.57 -56.03
CA LYS D 88 -53.35 -23.35 -57.38
C LYS D 88 -53.85 -22.03 -57.95
N SER D 89 -55.13 -21.76 -57.75
CA SER D 89 -55.76 -20.56 -58.31
C SER D 89 -55.12 -19.27 -57.78
N MET D 90 -54.89 -19.21 -56.47
CA MET D 90 -54.36 -18.01 -55.85
C MET D 90 -52.83 -18.00 -55.83
N ASN D 91 -52.24 -18.93 -56.57
CA ASN D 91 -50.78 -19.03 -56.70
C ASN D 91 -50.07 -19.15 -55.36
N ASP D 92 -50.67 -19.86 -54.42
CA ASP D 92 -50.02 -20.11 -53.14
C ASP D 92 -48.99 -21.21 -53.28
N ARG D 93 -47.77 -20.94 -52.82
CA ARG D 93 -46.68 -21.89 -52.96
C ARG D 93 -46.70 -22.94 -51.85
N LEU D 94 -46.58 -22.48 -50.61
CA LEU D 94 -46.62 -23.38 -49.46
C LEU D 94 -48.00 -24.03 -49.33
N GLY D 95 -49.02 -23.33 -49.81
CA GLY D 95 -50.37 -23.85 -49.82
C GLY D 95 -50.48 -25.11 -50.65
N GLU D 96 -50.02 -25.03 -51.90
CA GLU D 96 -49.97 -26.20 -52.77
C GLU D 96 -49.04 -27.26 -52.19
N ALA D 97 -47.92 -26.81 -51.62
CA ALA D 97 -46.93 -27.72 -51.05
C ALA D 97 -47.53 -28.56 -49.92
N LYS D 98 -48.48 -27.99 -49.19
CA LYS D 98 -49.12 -28.70 -48.08
C LYS D 98 -50.30 -29.53 -48.57
N SER D 99 -51.11 -28.94 -49.45
CA SER D 99 -52.30 -29.60 -49.97
C SER D 99 -51.94 -30.89 -50.72
N SER D 100 -50.90 -30.80 -51.54
CA SER D 100 -50.42 -31.96 -52.30
C SER D 100 -49.93 -33.06 -51.36
N GLY D 101 -49.19 -32.66 -50.33
CA GLY D 101 -48.67 -33.60 -49.35
C GLY D 101 -49.78 -34.33 -48.62
N ASN D 102 -50.79 -33.59 -48.20
CA ASN D 102 -51.94 -34.18 -47.52
C ASN D 102 -52.71 -35.12 -48.44
N LEU D 103 -52.99 -34.65 -49.65
CA LEU D 103 -53.74 -35.44 -50.62
C LEU D 103 -53.03 -36.75 -50.94
N GLY D 104 -51.72 -36.67 -51.13
CA GLY D 104 -50.91 -37.85 -51.39
C GLY D 104 -50.91 -38.78 -50.19
N ASN D 105 -50.83 -38.19 -49.00
CA ASN D 105 -50.84 -38.98 -47.77
C ASN D 105 -52.18 -39.67 -47.57
N THR D 106 -53.22 -39.15 -48.22
CA THR D 106 -54.54 -39.76 -48.20
C THR D 106 -54.65 -40.88 -49.21
N LEU D 107 -54.22 -40.59 -50.44
CA LEU D 107 -54.27 -41.58 -51.52
C LEU D 107 -53.40 -42.79 -51.21
N LYS D 108 -52.33 -42.58 -50.44
CA LYS D 108 -51.48 -43.67 -50.01
C LYS D 108 -52.27 -44.65 -49.13
N VAL D 109 -53.16 -44.10 -48.31
CA VAL D 109 -54.03 -44.90 -47.47
C VAL D 109 -55.12 -45.56 -48.30
N MET D 110 -55.58 -44.84 -49.32
CA MET D 110 -56.64 -45.34 -50.20
C MET D 110 -56.13 -46.46 -51.12
N GLY D 111 -54.83 -46.68 -51.13
CA GLY D 111 -54.23 -47.71 -51.96
C GLY D 111 -54.02 -47.28 -53.39
N ARG D 112 -54.29 -46.01 -53.66
CA ARG D 112 -54.12 -45.45 -54.99
C ARG D 112 -52.74 -44.82 -55.12
N PHE D 113 -51.70 -45.65 -55.00
CA PHE D 113 -50.33 -45.19 -54.94
C PHE D 113 -49.88 -44.41 -56.18
N ASP D 114 -50.48 -44.72 -57.32
CA ASP D 114 -50.10 -44.11 -58.58
C ASP D 114 -50.43 -42.62 -58.64
N GLU D 115 -51.42 -42.20 -57.85
CA GLU D 115 -51.79 -40.79 -57.78
C GLU D 115 -51.08 -40.10 -56.62
N ALA D 116 -50.93 -40.83 -55.52
CA ALA D 116 -50.22 -40.32 -54.36
C ALA D 116 -48.78 -39.98 -54.73
N ALA D 117 -48.22 -40.80 -55.62
CA ALA D 117 -46.85 -40.58 -56.08
C ALA D 117 -46.70 -39.24 -56.80
N ILE D 118 -47.65 -38.93 -57.68
CA ILE D 118 -47.55 -37.68 -58.45
C ILE D 118 -47.91 -36.48 -57.59
N CYS D 119 -48.77 -36.68 -56.59
CA CYS D 119 -49.11 -35.60 -55.67
C CYS D 119 -47.89 -35.23 -54.84
N CYS D 120 -47.27 -36.24 -54.23
CA CYS D 120 -46.07 -36.03 -53.44
C CYS D 120 -44.93 -35.54 -54.32
N GLU D 121 -44.99 -35.86 -55.62
CA GLU D 121 -44.03 -35.35 -56.58
C GLU D 121 -44.20 -33.86 -56.74
N ARG D 122 -45.46 -33.42 -56.84
CA ARG D 122 -45.77 -31.99 -56.88
C ARG D 122 -45.24 -31.31 -55.63
N HIS D 123 -45.48 -31.94 -54.47
CA HIS D 123 -44.99 -31.44 -53.20
C HIS D 123 -43.48 -31.26 -53.22
N LEU D 124 -42.78 -32.25 -53.77
CA LEU D 124 -41.32 -32.23 -53.79
C LEU D 124 -40.75 -31.17 -54.72
N THR D 125 -41.32 -31.07 -55.92
CA THR D 125 -40.82 -30.07 -56.88
C THR D 125 -41.14 -28.66 -56.40
N LEU D 126 -42.25 -28.50 -55.69
CA LEU D 126 -42.57 -27.20 -55.09
C LEU D 126 -41.59 -26.87 -53.97
N ALA D 127 -41.34 -27.84 -53.11
CA ALA D 127 -40.43 -27.69 -51.98
C ALA D 127 -39.03 -27.30 -52.45
N ARG D 128 -38.58 -27.93 -53.54
CA ARG D 128 -37.27 -27.62 -54.09
C ARG D 128 -37.30 -26.29 -54.84
N GLN D 129 -38.47 -25.93 -55.37
CA GLN D 129 -38.63 -24.64 -56.03
C GLN D 129 -38.44 -23.50 -55.04
N LEU D 130 -38.99 -23.67 -53.83
CA LEU D 130 -38.91 -22.62 -52.82
C LEU D 130 -37.64 -22.70 -51.98
N GLY D 131 -36.93 -23.84 -52.07
CA GLY D 131 -35.70 -24.01 -51.34
C GLY D 131 -35.93 -24.41 -49.90
N ASP D 132 -37.18 -24.60 -49.53
CA ASP D 132 -37.54 -25.06 -48.19
C ASP D 132 -37.01 -26.48 -47.99
N ARG D 133 -35.93 -26.61 -47.23
CA ARG D 133 -35.24 -27.89 -47.07
C ARG D 133 -36.07 -28.89 -46.26
N LEU D 134 -36.75 -28.39 -45.24
CA LEU D 134 -37.53 -29.26 -44.36
C LEU D 134 -38.77 -29.84 -45.05
N SER D 135 -39.48 -29.01 -45.78
CA SER D 135 -40.64 -29.47 -46.54
C SER D 135 -40.20 -30.45 -47.61
N GLU D 136 -38.99 -30.23 -48.12
CA GLU D 136 -38.36 -31.16 -49.05
C GLU D 136 -38.15 -32.50 -48.37
N GLY D 137 -37.68 -32.45 -47.12
CA GLY D 137 -37.50 -33.66 -46.33
C GLY D 137 -38.79 -34.42 -46.12
N ARG D 138 -39.85 -33.70 -45.78
CA ARG D 138 -41.17 -34.31 -45.60
C ARG D 138 -41.69 -34.92 -46.89
N ALA D 139 -41.40 -34.25 -48.01
CA ALA D 139 -41.80 -34.77 -49.31
C ALA D 139 -41.06 -36.08 -49.60
N LEU D 140 -39.78 -36.11 -49.24
CA LEU D 140 -38.97 -37.31 -49.41
C LEU D 140 -39.51 -38.47 -48.59
N TYR D 141 -39.76 -38.21 -47.31
CA TYR D 141 -40.30 -39.23 -46.41
C TYR D 141 -41.65 -39.74 -46.93
N ASN D 142 -42.48 -38.81 -47.41
CA ASN D 142 -43.79 -39.16 -47.95
C ASN D 142 -43.71 -40.05 -49.18
N LEU D 143 -42.89 -39.66 -50.16
CA LEU D 143 -42.72 -40.46 -51.36
C LEU D 143 -42.16 -41.84 -51.04
N GLY D 144 -41.19 -41.86 -50.13
CA GLY D 144 -40.62 -43.11 -49.65
C GLY D 144 -41.70 -44.01 -49.09
N ASN D 145 -42.60 -43.43 -48.30
CA ASN D 145 -43.73 -44.18 -47.77
C ASN D 145 -44.65 -44.68 -48.88
N VAL D 146 -44.85 -43.85 -49.89
CA VAL D 146 -45.74 -44.18 -51.00
C VAL D 146 -45.24 -45.41 -51.75
N TYR D 147 -43.96 -45.42 -52.10
CA TYR D 147 -43.41 -46.55 -52.87
C TYR D 147 -43.11 -47.77 -51.98
N HIS D 148 -42.88 -47.52 -50.70
CA HIS D 148 -42.75 -48.62 -49.75
C HIS D 148 -44.09 -49.37 -49.68
N ALA D 149 -45.17 -48.60 -49.59
CA ALA D 149 -46.50 -49.18 -49.51
C ALA D 149 -46.90 -49.84 -50.82
N LYS D 150 -46.51 -49.21 -51.93
CA LYS D 150 -46.82 -49.75 -53.26
C LYS D 150 -46.13 -51.09 -53.44
N GLY D 151 -44.84 -51.14 -53.08
CA GLY D 151 -44.08 -52.37 -53.17
C GLY D 151 -44.62 -53.46 -52.26
N LYS D 152 -44.79 -53.13 -50.99
CA LYS D 152 -45.26 -54.12 -50.01
C LYS D 152 -46.65 -54.63 -50.34
N HIS D 153 -47.47 -53.78 -50.96
CA HIS D 153 -48.80 -54.22 -51.38
C HIS D 153 -48.73 -55.11 -52.61
N LEU D 154 -47.91 -54.72 -53.57
CA LEU D 154 -47.76 -55.49 -54.81
C LEU D 154 -47.18 -56.88 -54.51
N GLY D 155 -46.38 -56.98 -53.46
CA GLY D 155 -45.80 -58.24 -53.05
C GLY D 155 -46.73 -59.07 -52.18
N GLN D 156 -48.02 -58.86 -52.33
CA GLN D 156 -49.02 -59.62 -51.58
C GLN D 156 -50.10 -60.19 -52.48
N ARG D 157 -50.20 -59.65 -53.70
CA ARG D 157 -51.09 -60.20 -54.70
C ARG D 157 -50.57 -61.58 -55.11
N ASN D 158 -49.26 -61.66 -55.30
CA ASN D 158 -48.57 -62.92 -55.52
C ASN D 158 -47.37 -63.02 -54.58
N PRO D 159 -47.62 -63.33 -53.31
CA PRO D 159 -46.61 -63.33 -52.23
C PRO D 159 -45.42 -64.25 -52.51
N GLY D 160 -45.64 -65.30 -53.30
CA GLY D 160 -44.60 -66.25 -53.63
C GLY D 160 -43.81 -65.87 -54.87
N LYS D 161 -44.31 -64.88 -55.60
CA LYS D 161 -43.67 -64.45 -56.84
C LYS D 161 -43.10 -63.04 -56.71
N PHE D 162 -41.80 -62.95 -56.46
CA PHE D 162 -41.11 -61.67 -56.37
C PHE D 162 -41.05 -61.01 -57.74
N GLY D 163 -42.09 -60.23 -58.06
CA GLY D 163 -42.17 -59.56 -59.35
C GLY D 163 -41.13 -58.48 -59.55
N ASP D 164 -41.08 -57.93 -60.76
CA ASP D 164 -40.12 -56.89 -61.08
C ASP D 164 -40.62 -55.50 -60.70
N ASP D 165 -41.92 -55.27 -60.89
CA ASP D 165 -42.54 -54.01 -60.53
C ASP D 165 -42.41 -53.75 -59.03
N VAL D 166 -42.57 -54.81 -58.25
CA VAL D 166 -42.39 -54.75 -56.81
C VAL D 166 -40.96 -54.31 -56.48
N LYS D 167 -40.01 -54.94 -57.16
CA LYS D 167 -38.59 -54.64 -56.97
C LYS D 167 -38.28 -53.18 -57.27
N GLU D 168 -38.79 -52.67 -58.39
CA GLU D 168 -38.55 -51.30 -58.78
C GLU D 168 -39.19 -50.31 -57.80
N ALA D 169 -40.41 -50.62 -57.36
CA ALA D 169 -41.10 -49.80 -56.37
C ALA D 169 -40.28 -49.70 -55.09
N LEU D 170 -39.91 -50.86 -54.55
CA LEU D 170 -39.07 -50.91 -53.35
C LEU D 170 -37.75 -50.16 -53.54
N THR D 171 -37.22 -50.23 -54.76
CA THR D 171 -35.97 -49.54 -55.10
C THR D 171 -36.13 -48.03 -54.99
N ARG D 172 -37.17 -47.50 -55.64
CA ARG D 172 -37.45 -46.07 -55.56
C ARG D 172 -37.66 -45.65 -54.10
N ALA D 173 -38.34 -46.51 -53.35
CA ALA D 173 -38.55 -46.28 -51.93
C ALA D 173 -37.21 -46.13 -51.20
N VAL D 174 -36.28 -47.04 -51.49
CA VAL D 174 -34.94 -47.00 -50.91
C VAL D 174 -34.23 -45.70 -51.26
N GLU D 175 -34.33 -45.29 -52.52
CA GLU D 175 -33.71 -44.07 -52.98
C GLU D 175 -34.22 -42.84 -52.22
N PHE D 176 -35.54 -42.66 -52.23
CA PHE D 176 -36.17 -41.54 -51.54
C PHE D 176 -35.82 -41.52 -50.05
N TYR D 177 -35.94 -42.68 -49.42
CA TYR D 177 -35.61 -42.82 -48.01
C TYR D 177 -34.17 -42.42 -47.73
N GLN D 178 -33.25 -42.81 -48.62
CA GLN D 178 -31.85 -42.50 -48.45
C GLN D 178 -31.60 -41.00 -48.59
N GLU D 179 -32.32 -40.37 -49.52
CA GLU D 179 -32.24 -38.92 -49.69
C GLU D 179 -32.70 -38.22 -48.42
N ASN D 180 -33.82 -38.72 -47.87
CA ASN D 180 -34.37 -38.18 -46.64
C ASN D 180 -33.39 -38.30 -45.48
N LEU D 181 -32.75 -39.47 -45.36
CA LEU D 181 -31.77 -39.69 -44.31
C LEU D 181 -30.56 -38.78 -44.50
N LYS D 182 -30.22 -38.51 -45.76
CA LYS D 182 -29.16 -37.58 -46.10
C LYS D 182 -29.46 -36.19 -45.54
N LEU D 183 -30.65 -35.68 -45.88
CA LEU D 183 -31.06 -34.36 -45.41
C LEU D 183 -31.16 -34.31 -43.89
N MET D 184 -31.62 -35.39 -43.27
CA MET D 184 -31.77 -35.43 -41.82
C MET D 184 -30.44 -35.48 -41.10
N ARG D 185 -29.45 -36.15 -41.69
CA ARG D 185 -28.12 -36.15 -41.12
C ARG D 185 -27.48 -34.78 -41.31
N ASP D 186 -27.88 -34.08 -42.38
CA ASP D 186 -27.39 -32.73 -42.61
C ASP D 186 -27.95 -31.74 -41.59
N LEU D 187 -29.25 -31.82 -41.32
CA LEU D 187 -29.89 -30.88 -40.40
C LEU D 187 -29.83 -31.34 -38.94
N GLY D 188 -29.59 -32.63 -38.73
CA GLY D 188 -29.38 -33.14 -37.39
C GLY D 188 -30.65 -33.47 -36.62
N ASP D 189 -31.71 -33.83 -37.35
CA ASP D 189 -32.96 -34.25 -36.71
C ASP D 189 -32.86 -35.73 -36.36
N ARG D 190 -32.38 -36.02 -35.15
CA ARG D 190 -32.08 -37.38 -34.73
C ARG D 190 -33.29 -38.32 -34.79
N GLY D 191 -34.45 -37.82 -34.36
CA GLY D 191 -35.67 -38.61 -34.38
C GLY D 191 -36.07 -38.97 -35.79
N ALA D 192 -36.01 -37.98 -36.69
CA ALA D 192 -36.32 -38.19 -38.10
C ALA D 192 -35.32 -39.19 -38.70
N GLN D 193 -34.08 -39.15 -38.22
CA GLN D 193 -33.09 -40.13 -38.61
C GLN D 193 -33.53 -41.51 -38.16
N GLY D 194 -34.14 -41.59 -36.98
CA GLY D 194 -34.66 -42.85 -36.48
C GLY D 194 -35.75 -43.41 -37.37
N ARG D 195 -36.72 -42.57 -37.69
CA ARG D 195 -37.83 -42.96 -38.56
C ARG D 195 -37.31 -43.43 -39.92
N ALA D 196 -36.46 -42.61 -40.53
CA ALA D 196 -35.90 -42.89 -41.84
C ALA D 196 -35.11 -44.20 -41.84
N CYS D 197 -34.29 -44.40 -40.81
CA CYS D 197 -33.50 -45.62 -40.70
C CYS D 197 -34.39 -46.85 -40.54
N GLY D 198 -35.48 -46.69 -39.79
CA GLY D 198 -36.42 -47.77 -39.60
C GLY D 198 -37.07 -48.19 -40.90
N ASN D 199 -37.68 -47.22 -41.58
CA ASN D 199 -38.35 -47.51 -42.86
C ASN D 199 -37.37 -48.04 -43.91
N LEU D 200 -36.16 -47.49 -43.92
CA LEU D 200 -35.12 -47.95 -44.83
C LEU D 200 -34.78 -49.41 -44.54
N GLY D 201 -34.66 -49.73 -43.26
CA GLY D 201 -34.39 -51.09 -42.84
C GLY D 201 -35.48 -52.05 -43.29
N ASN D 202 -36.74 -51.60 -43.20
CA ASN D 202 -37.85 -52.43 -43.65
C ASN D 202 -37.86 -52.64 -45.16
N THR D 203 -37.57 -51.59 -45.92
CA THR D 203 -37.49 -51.70 -47.38
C THR D 203 -36.37 -52.64 -47.79
N TYR D 204 -35.24 -52.55 -47.09
CA TYR D 204 -34.11 -53.44 -47.35
C TYR D 204 -34.43 -54.87 -47.01
N TYR D 205 -35.14 -55.08 -45.90
CA TYR D 205 -35.58 -56.40 -45.49
C TYR D 205 -36.56 -57.00 -46.50
N LEU D 206 -37.36 -56.14 -47.11
CA LEU D 206 -38.33 -56.57 -48.10
C LEU D 206 -37.66 -56.92 -49.43
N LEU D 207 -36.68 -56.11 -49.83
CA LEU D 207 -35.97 -56.33 -51.09
C LEU D 207 -35.14 -57.61 -51.06
N GLY D 208 -34.69 -58.00 -49.87
CA GLY D 208 -33.87 -59.18 -49.71
C GLY D 208 -32.45 -58.82 -49.31
N ASP D 209 -32.18 -57.52 -49.22
CA ASP D 209 -30.88 -57.04 -48.79
C ASP D 209 -30.83 -56.99 -47.27
N PHE D 210 -30.76 -58.17 -46.65
CA PHE D 210 -30.93 -58.30 -45.21
C PHE D 210 -29.80 -57.68 -44.39
N GLN D 211 -28.62 -57.55 -44.98
CA GLN D 211 -27.48 -56.98 -44.27
C GLN D 211 -27.66 -55.47 -44.06
N ALA D 212 -28.04 -54.78 -45.13
CA ALA D 212 -28.32 -53.35 -45.06
C ALA D 212 -29.51 -53.09 -44.12
N ALA D 213 -30.47 -54.01 -44.16
CA ALA D 213 -31.60 -53.97 -43.24
C ALA D 213 -31.11 -54.07 -41.80
N ILE D 214 -30.14 -54.94 -41.59
CA ILE D 214 -29.58 -55.16 -40.26
C ILE D 214 -28.87 -53.90 -39.75
N GLU D 215 -28.01 -53.31 -40.56
CA GLU D 215 -27.28 -52.12 -40.11
C GLU D 215 -28.21 -50.92 -39.91
N HIS D 216 -29.17 -50.76 -40.80
CA HIS D 216 -30.13 -49.66 -40.69
C HIS D 216 -31.02 -49.80 -39.45
N HIS D 217 -31.55 -51.00 -39.26
CA HIS D 217 -32.33 -51.29 -38.06
C HIS D 217 -31.48 -51.12 -36.81
N GLN D 218 -30.19 -51.39 -36.92
CA GLN D 218 -29.26 -51.19 -35.82
C GLN D 218 -29.14 -49.73 -35.46
N GLU D 219 -29.00 -48.88 -36.48
CA GLU D 219 -28.93 -47.43 -36.24
C GLU D 219 -30.23 -46.92 -35.63
N ARG D 220 -31.35 -47.41 -36.15
CA ARG D 220 -32.66 -47.04 -35.61
C ARG D 220 -32.77 -47.45 -34.16
N LEU D 221 -32.20 -48.61 -33.82
CA LEU D 221 -32.16 -49.09 -32.45
C LEU D 221 -31.32 -48.17 -31.57
N ARG D 222 -30.19 -47.73 -32.11
CA ARG D 222 -29.29 -46.82 -31.41
C ARG D 222 -30.01 -45.52 -31.06
N ILE D 223 -30.68 -44.95 -32.05
CA ILE D 223 -31.43 -43.72 -31.86
C ILE D 223 -32.58 -43.89 -30.86
N ALA D 224 -33.35 -44.97 -31.04
CA ALA D 224 -34.46 -45.28 -30.15
C ALA D 224 -33.98 -45.43 -28.70
N ARG D 225 -32.79 -45.98 -28.54
CA ARG D 225 -32.21 -46.17 -27.21
C ARG D 225 -31.67 -44.83 -26.68
N GLU D 226 -31.30 -43.94 -27.60
CA GLU D 226 -30.86 -42.61 -27.23
C GLU D 226 -32.03 -41.79 -26.69
N PHE D 227 -33.22 -42.03 -27.22
CA PHE D 227 -34.40 -41.32 -26.76
C PHE D 227 -35.20 -42.09 -25.72
N GLY D 228 -34.83 -43.35 -25.50
CA GLY D 228 -35.53 -44.20 -24.56
C GLY D 228 -36.85 -44.69 -25.13
N ASP D 229 -36.97 -44.60 -26.45
CA ASP D 229 -38.17 -45.05 -27.16
C ASP D 229 -38.26 -46.57 -27.11
N ARG D 230 -38.81 -47.11 -26.03
CA ARG D 230 -38.88 -48.56 -25.83
C ARG D 230 -39.73 -49.26 -26.90
N ALA D 231 -40.75 -48.58 -27.39
CA ALA D 231 -41.59 -49.13 -28.44
C ALA D 231 -40.77 -49.31 -29.72
N ALA D 232 -40.06 -48.26 -30.10
CA ALA D 232 -39.19 -48.30 -31.27
C ALA D 232 -38.04 -49.27 -31.06
N GLU D 233 -37.66 -49.46 -29.80
CA GLU D 233 -36.60 -50.41 -29.47
C GLU D 233 -37.10 -51.84 -29.73
N ARG D 234 -38.34 -52.10 -29.35
CA ARG D 234 -38.97 -53.40 -29.58
C ARG D 234 -39.15 -53.65 -31.08
N ARG D 235 -39.65 -52.64 -31.78
CA ARG D 235 -39.80 -52.72 -33.24
C ARG D 235 -38.48 -53.06 -33.90
N ALA D 236 -37.45 -52.28 -33.57
CA ALA D 236 -36.11 -52.46 -34.12
C ALA D 236 -35.58 -53.86 -33.84
N ASN D 237 -35.72 -54.32 -32.60
CA ASN D 237 -35.24 -55.65 -32.25
C ASN D 237 -35.99 -56.77 -32.98
N SER D 238 -37.28 -56.60 -33.19
CA SER D 238 -38.05 -57.59 -33.94
C SER D 238 -37.56 -57.65 -35.38
N ASN D 239 -37.51 -56.48 -36.03
CA ASN D 239 -37.03 -56.41 -37.41
C ASN D 239 -35.62 -56.96 -37.57
N LEU D 240 -34.76 -56.64 -36.62
CA LEU D 240 -33.39 -57.16 -36.60
C LEU D 240 -33.39 -58.67 -36.47
N GLY D 241 -34.30 -59.18 -35.63
CA GLY D 241 -34.45 -60.61 -35.47
C GLY D 241 -34.81 -61.29 -36.77
N ASN D 242 -35.80 -60.74 -37.47
CA ASN D 242 -36.19 -61.28 -38.77
C ASN D 242 -35.05 -61.26 -39.77
N SER D 243 -34.45 -60.08 -39.95
CA SER D 243 -33.35 -59.90 -40.89
C SER D 243 -32.18 -60.85 -40.62
N HIS D 244 -31.88 -61.07 -39.34
CA HIS D 244 -30.81 -61.99 -38.96
C HIS D 244 -31.23 -63.43 -39.23
N ILE D 245 -32.50 -63.73 -39.00
CA ILE D 245 -33.02 -65.07 -39.27
C ILE D 245 -32.84 -65.40 -40.75
N PHE D 246 -33.16 -64.46 -41.63
CA PHE D 246 -33.07 -64.71 -43.06
C PHE D 246 -31.63 -64.72 -43.59
N LEU D 247 -30.66 -64.48 -42.71
CA LEU D 247 -29.26 -64.56 -43.10
C LEU D 247 -28.53 -65.77 -42.51
N GLY D 248 -29.28 -66.64 -41.83
CA GLY D 248 -28.71 -67.83 -41.26
C GLY D 248 -28.19 -67.62 -39.83
N GLN D 249 -27.86 -66.38 -39.51
CA GLN D 249 -27.38 -66.05 -38.17
C GLN D 249 -28.49 -66.18 -37.14
N PHE D 250 -28.55 -67.34 -36.49
CA PHE D 250 -29.60 -67.63 -35.53
C PHE D 250 -29.18 -67.24 -34.11
N GLU D 251 -27.88 -67.33 -33.85
CA GLU D 251 -27.33 -66.98 -32.55
C GLU D 251 -27.55 -65.51 -32.23
N ASP D 252 -27.60 -64.69 -33.28
CA ASP D 252 -27.85 -63.26 -33.14
C ASP D 252 -29.34 -62.97 -33.05
N ALA D 253 -30.10 -63.65 -33.90
CA ALA D 253 -31.55 -63.49 -33.94
C ALA D 253 -32.18 -63.84 -32.59
N ALA D 254 -31.58 -64.81 -31.91
CA ALA D 254 -32.03 -65.17 -30.57
C ALA D 254 -31.78 -64.00 -29.61
N GLU D 255 -30.61 -63.38 -29.75
CA GLU D 255 -30.23 -62.26 -28.90
C GLU D 255 -31.16 -61.06 -29.09
N HIS D 256 -31.61 -60.85 -30.32
CA HIS D 256 -32.57 -59.77 -30.59
C HIS D 256 -33.97 -60.13 -30.09
N TYR D 257 -34.41 -61.33 -30.41
CA TYR D 257 -35.76 -61.78 -30.05
C TYR D 257 -35.97 -61.81 -28.53
N LYS D 258 -34.92 -62.14 -27.79
CA LYS D 258 -35.01 -62.15 -26.33
C LYS D 258 -35.25 -60.74 -25.80
N ARG D 259 -34.56 -59.77 -26.39
CA ARG D 259 -34.74 -58.36 -26.03
C ARG D 259 -36.16 -57.93 -26.35
N THR D 260 -36.65 -58.36 -27.52
CA THR D 260 -38.03 -58.10 -27.92
C THR D 260 -39.00 -58.63 -26.87
N LEU D 261 -38.76 -59.84 -26.40
CA LEU D 261 -39.60 -60.47 -25.39
C LEU D 261 -39.59 -59.69 -24.08
N ALA D 262 -38.39 -59.31 -23.63
CA ALA D 262 -38.24 -58.55 -22.38
C ALA D 262 -38.99 -57.22 -22.47
N LEU D 263 -38.82 -56.53 -23.58
CA LEU D 263 -39.53 -55.27 -23.81
C LEU D 263 -41.04 -55.48 -23.86
N ALA D 264 -41.44 -56.64 -24.36
CA ALA D 264 -42.86 -56.99 -24.45
C ALA D 264 -43.44 -57.18 -23.04
N VAL D 265 -42.67 -57.82 -22.17
CA VAL D 265 -43.08 -58.02 -20.79
C VAL D 265 -43.15 -56.69 -20.06
N GLU D 266 -42.16 -55.83 -20.30
CA GLU D 266 -42.11 -54.51 -19.67
C GLU D 266 -43.29 -53.64 -20.09
N LEU D 267 -43.60 -53.65 -21.38
CA LEU D 267 -44.69 -52.83 -21.90
C LEU D 267 -46.05 -53.48 -21.67
N GLY D 268 -46.06 -54.64 -21.02
CA GLY D 268 -47.27 -55.29 -20.58
C GLY D 268 -48.16 -55.85 -21.69
N GLU D 269 -47.69 -55.79 -22.93
CA GLU D 269 -48.45 -56.30 -24.05
C GLU D 269 -48.32 -57.81 -24.20
N ARG D 270 -49.42 -58.53 -23.96
CA ARG D 270 -49.42 -59.99 -24.06
C ARG D 270 -49.34 -60.46 -25.50
N GLU D 271 -50.01 -59.74 -26.39
CA GLU D 271 -50.03 -60.09 -27.81
C GLU D 271 -48.63 -60.06 -28.43
N VAL D 272 -47.74 -59.26 -27.83
CA VAL D 272 -46.36 -59.20 -28.29
C VAL D 272 -45.53 -60.30 -27.63
N GLU D 273 -45.85 -60.60 -26.38
CA GLU D 273 -45.20 -61.70 -25.67
C GLU D 273 -45.38 -63.01 -26.42
N ALA D 274 -46.61 -63.25 -26.88
CA ALA D 274 -46.93 -64.46 -27.61
C ALA D 274 -46.09 -64.62 -28.87
N GLN D 275 -46.14 -63.59 -29.73
CA GLN D 275 -45.41 -63.62 -30.99
C GLN D 275 -43.90 -63.70 -30.76
N SER D 276 -43.44 -63.09 -29.67
CA SER D 276 -42.03 -63.14 -29.31
C SER D 276 -41.62 -64.55 -28.94
N CYS D 277 -42.45 -65.22 -28.14
CA CYS D 277 -42.18 -66.58 -27.71
C CYS D 277 -42.27 -67.55 -28.89
N TYR D 278 -43.11 -67.22 -29.87
CA TYR D 278 -43.22 -68.04 -31.07
C TYR D 278 -41.98 -67.87 -31.93
N SER D 279 -41.52 -66.63 -32.05
CA SER D 279 -40.31 -66.32 -32.81
C SER D 279 -39.10 -67.01 -32.20
N LEU D 280 -38.99 -66.96 -30.88
CA LEU D 280 -37.90 -67.62 -30.17
C LEU D 280 -38.04 -69.14 -30.25
N GLY D 281 -39.27 -69.62 -30.26
CA GLY D 281 -39.54 -71.04 -30.38
C GLY D 281 -39.05 -71.60 -31.69
N ASN D 282 -39.41 -70.93 -32.78
CA ASN D 282 -38.94 -71.34 -34.10
C ASN D 282 -37.45 -71.04 -34.30
N THR D 283 -36.95 -70.05 -33.57
CA THR D 283 -35.53 -69.71 -33.63
C THR D 283 -34.69 -70.81 -32.99
N TYR D 284 -35.26 -71.46 -31.98
CA TYR D 284 -34.61 -72.59 -31.34
C TYR D 284 -34.93 -73.89 -32.09
N THR D 285 -36.00 -73.86 -32.88
CA THR D 285 -36.41 -75.03 -33.65
C THR D 285 -35.43 -75.30 -34.78
N LEU D 286 -35.14 -74.29 -35.58
CA LEU D 286 -34.25 -74.46 -36.73
C LEU D 286 -32.78 -74.39 -36.32
N LEU D 287 -32.55 -74.09 -35.03
CA LEU D 287 -31.20 -74.09 -34.49
C LEU D 287 -30.97 -75.34 -33.66
N HIS D 288 -30.23 -75.19 -32.55
CA HIS D 288 -29.93 -76.32 -31.68
C HIS D 288 -31.00 -76.51 -30.61
N GLU D 289 -30.75 -77.43 -29.68
CA GLU D 289 -31.65 -77.73 -28.57
C GLU D 289 -32.99 -78.34 -29.00
N PHE D 290 -33.61 -77.74 -30.02
CA PHE D 290 -34.89 -78.20 -30.55
C PHE D 290 -35.96 -78.29 -29.48
N THR D 292 -35.74 -77.38 -25.63
CA THR D 292 -35.72 -76.01 -25.10
C THR D 292 -36.69 -75.12 -25.89
N ALA D 293 -36.85 -75.42 -27.16
CA ALA D 293 -37.79 -74.70 -28.02
C ALA D 293 -39.23 -74.97 -27.57
N ILE D 294 -39.46 -76.18 -27.07
CA ILE D 294 -40.79 -76.60 -26.64
C ILE D 294 -41.27 -75.75 -25.47
N GLU D 295 -40.35 -75.19 -24.70
CA GLU D 295 -40.69 -74.33 -23.59
C GLU D 295 -41.25 -73.00 -24.08
N TYR D 296 -40.55 -72.40 -25.05
CA TYR D 296 -41.01 -71.16 -25.65
C TYR D 296 -42.33 -71.35 -26.37
N HIS D 297 -42.46 -72.48 -27.07
CA HIS D 297 -43.71 -72.80 -27.75
C HIS D 297 -44.83 -73.06 -26.74
N ASN D 298 -44.45 -73.48 -25.53
CA ASN D 298 -45.41 -73.70 -24.46
C ASN D 298 -45.89 -72.39 -23.86
N ARG D 299 -44.98 -71.43 -23.72
CA ARG D 299 -45.37 -70.09 -23.28
C ARG D 299 -46.28 -69.45 -24.32
N HIS D 300 -45.89 -69.57 -25.58
CA HIS D 300 -46.69 -69.06 -26.69
C HIS D 300 -48.09 -69.68 -26.71
N LEU D 301 -48.15 -71.00 -26.51
CA LEU D 301 -49.42 -71.70 -26.48
C LEU D 301 -50.27 -71.24 -25.31
N ALA D 302 -49.64 -71.05 -24.16
CA ALA D 302 -50.31 -70.59 -22.96
C ALA D 302 -50.95 -69.22 -23.16
N ILE D 303 -50.17 -68.29 -23.70
CA ILE D 303 -50.65 -66.93 -23.93
C ILE D 303 -51.73 -66.91 -25.01
N ALA D 304 -51.52 -67.67 -26.08
CA ALA D 304 -52.49 -67.74 -27.17
C ALA D 304 -53.82 -68.29 -26.70
N GLN D 305 -53.77 -69.30 -25.84
CA GLN D 305 -54.98 -69.88 -25.28
C GLN D 305 -55.64 -68.93 -24.29
N GLU D 306 -54.82 -68.21 -23.53
CA GLU D 306 -55.30 -67.26 -22.54
C GLU D 306 -56.08 -66.12 -23.20
N LEU D 307 -55.49 -65.53 -24.23
CA LEU D 307 -56.15 -64.47 -24.99
C LEU D 307 -57.33 -65.04 -25.77
N GLY D 308 -57.09 -66.14 -26.47
CA GLY D 308 -58.14 -66.81 -27.24
C GLY D 308 -57.84 -66.90 -28.71
N ASP D 309 -56.59 -66.64 -29.09
CA ASP D 309 -56.18 -66.71 -30.49
C ASP D 309 -56.19 -68.16 -30.97
N ARG D 310 -57.33 -68.60 -31.48
CA ARG D 310 -57.51 -69.97 -31.94
C ARG D 310 -56.53 -70.34 -33.05
N ILE D 311 -56.27 -69.39 -33.94
CA ILE D 311 -55.32 -69.59 -35.03
C ILE D 311 -53.92 -69.83 -34.46
N GLY D 312 -53.53 -68.98 -33.52
CA GLY D 312 -52.25 -69.08 -32.86
C GLY D 312 -52.13 -70.36 -32.05
N GLU D 313 -53.25 -70.85 -31.55
CA GLU D 313 -53.28 -72.10 -30.81
C GLU D 313 -53.06 -73.27 -31.77
N ALA D 314 -53.69 -73.17 -32.94
CA ALA D 314 -53.52 -74.17 -33.99
C ALA D 314 -52.06 -74.25 -34.41
N ARG D 315 -51.45 -73.08 -34.64
CA ARG D 315 -50.02 -73.03 -34.96
C ARG D 315 -49.17 -73.55 -33.81
N ALA D 316 -49.65 -73.33 -32.59
CA ALA D 316 -48.94 -73.74 -31.38
C ALA D 316 -48.84 -75.26 -31.31
N CYS D 317 -49.96 -75.94 -31.52
CA CYS D 317 -49.96 -77.40 -31.54
C CYS D 317 -49.18 -77.92 -32.75
N TRP D 318 -49.39 -77.25 -33.88
CA TRP D 318 -48.67 -77.51 -35.12
C TRP D 318 -47.17 -77.60 -34.88
N SER D 319 -46.64 -76.65 -34.10
CA SER D 319 -45.22 -76.63 -33.80
C SER D 319 -44.86 -77.62 -32.68
N LEU D 320 -45.77 -77.78 -31.73
CA LEU D 320 -45.55 -78.68 -30.59
C LEU D 320 -45.29 -80.10 -31.03
N GLY D 321 -46.11 -80.59 -31.96
CA GLY D 321 -45.94 -81.94 -32.48
C GLY D 321 -44.59 -82.11 -33.17
N ASN D 322 -44.28 -81.18 -34.06
CA ASN D 322 -43.05 -81.24 -34.84
C ASN D 322 -41.80 -81.11 -33.97
N ALA D 323 -41.93 -80.44 -32.83
CA ALA D 323 -40.81 -80.24 -31.92
C ALA D 323 -40.61 -81.46 -31.03
N HIS D 324 -41.70 -81.92 -30.42
CA HIS D 324 -41.64 -83.08 -29.55
C HIS D 324 -41.26 -84.34 -30.33
N SER D 325 -41.53 -84.32 -31.63
CA SER D 325 -41.08 -85.40 -32.51
C SER D 325 -39.57 -85.38 -32.62
N ALA D 326 -39.00 -84.19 -32.75
CA ALA D 326 -37.56 -84.02 -32.86
C ALA D 326 -36.86 -84.30 -31.53
N ILE D 327 -37.62 -84.19 -30.44
CA ILE D 327 -37.08 -84.43 -29.11
C ILE D 327 -36.75 -85.90 -28.88
N GLY D 328 -37.67 -86.62 -28.24
CA GLY D 328 -37.48 -88.03 -27.96
C GLY D 328 -38.77 -88.73 -27.59
N GLY D 329 -39.60 -88.04 -26.79
CA GLY D 329 -40.90 -88.57 -26.40
C GLY D 329 -41.95 -88.21 -27.43
N HIS D 330 -42.13 -89.08 -28.42
CA HIS D 330 -43.01 -88.81 -29.55
C HIS D 330 -44.50 -88.95 -29.18
N GLU D 331 -44.77 -89.51 -28.01
CA GLU D 331 -46.14 -89.66 -27.54
C GLU D 331 -46.79 -88.29 -27.33
N ARG D 332 -46.05 -87.39 -26.68
CA ARG D 332 -46.52 -86.03 -26.47
C ARG D 332 -46.71 -85.31 -27.82
N ALA D 333 -45.85 -85.65 -28.77
CA ALA D 333 -45.94 -85.10 -30.11
C ALA D 333 -47.25 -85.52 -30.77
N LEU D 334 -47.61 -86.79 -30.61
CA LEU D 334 -48.85 -87.31 -31.17
C LEU D 334 -50.06 -86.70 -30.46
N LYS D 335 -49.92 -86.44 -29.15
CA LYS D 335 -50.99 -85.82 -28.39
C LYS D 335 -51.26 -84.40 -28.89
N TYR D 336 -50.21 -83.59 -28.94
CA TYR D 336 -50.31 -82.22 -29.43
C TYR D 336 -50.75 -82.19 -30.89
N ALA D 337 -50.43 -83.25 -31.62
CA ALA D 337 -50.85 -83.38 -33.01
C ALA D 337 -52.35 -83.62 -33.09
N GLU D 338 -52.87 -84.41 -32.16
CA GLU D 338 -54.31 -84.64 -32.07
C GLU D 338 -55.01 -83.34 -31.71
N GLN D 339 -54.42 -82.59 -30.78
CA GLN D 339 -54.92 -81.28 -30.42
C GLN D 339 -54.96 -80.38 -31.65
N HIS D 340 -53.92 -80.47 -32.47
CA HIS D 340 -53.85 -79.71 -33.72
C HIS D 340 -54.94 -80.14 -34.68
N LEU D 341 -55.30 -81.42 -34.64
CA LEU D 341 -56.37 -81.93 -35.48
C LEU D 341 -57.70 -81.33 -35.07
N GLN D 342 -58.00 -81.40 -33.78
CA GLN D 342 -59.23 -80.82 -33.25
C GLN D 342 -59.31 -79.32 -33.53
N LEU D 343 -58.19 -78.63 -33.35
CA LEU D 343 -58.13 -77.18 -33.58
C LEU D 343 -58.36 -76.84 -35.04
N ALA D 344 -57.60 -77.46 -35.93
CA ALA D 344 -57.70 -77.20 -37.36
C ALA D 344 -59.09 -77.54 -37.89
N LYS D 345 -59.69 -78.58 -37.33
CA LYS D 345 -61.06 -78.94 -37.70
C LYS D 345 -62.05 -77.90 -37.19
N GLU D 346 -61.76 -77.34 -36.01
CA GLU D 346 -62.64 -76.34 -35.40
C GLU D 346 -62.57 -75.00 -36.15
N LEU D 347 -61.46 -74.75 -36.82
CA LEU D 347 -61.25 -73.48 -37.51
C LEU D 347 -61.72 -73.52 -38.96
N HIS D 348 -62.27 -74.67 -39.36
CA HIS D 348 -62.72 -74.89 -40.75
C HIS D 348 -61.58 -74.63 -41.73
N ASP D 349 -60.63 -75.56 -41.77
CA ASP D 349 -59.46 -75.42 -42.63
C ASP D 349 -59.57 -76.30 -43.87
N PRO D 350 -59.57 -75.66 -45.06
CA PRO D 350 -59.77 -76.34 -46.35
C PRO D 350 -58.69 -77.37 -46.68
N VAL D 351 -58.93 -78.16 -47.72
CA VAL D 351 -58.06 -79.26 -48.09
C VAL D 351 -56.88 -78.77 -48.94
N GLY D 352 -55.73 -79.42 -48.77
CA GLY D 352 -54.54 -79.09 -49.53
C GLY D 352 -53.27 -79.51 -48.83
N GLU D 353 -52.61 -78.54 -48.19
CA GLU D 353 -51.40 -78.80 -47.42
C GLU D 353 -51.63 -78.46 -45.96
N SER D 354 -52.66 -77.64 -45.70
CA SER D 354 -52.97 -77.19 -44.36
C SER D 354 -53.67 -78.26 -43.53
N THR D 355 -54.75 -78.81 -44.06
CA THR D 355 -55.49 -79.86 -43.36
C THR D 355 -54.71 -81.17 -43.42
N ALA D 356 -53.91 -81.33 -44.47
CA ALA D 356 -53.10 -82.53 -44.63
C ALA D 356 -51.88 -82.51 -43.74
N ARG D 357 -51.50 -81.32 -43.28
CA ARG D 357 -50.34 -81.15 -42.42
C ARG D 357 -50.49 -81.92 -41.12
N VAL D 358 -51.72 -82.08 -40.67
CA VAL D 358 -52.01 -82.84 -39.47
C VAL D 358 -52.55 -84.23 -39.82
N ASN D 359 -53.29 -84.29 -40.93
CA ASN D 359 -53.87 -85.54 -41.41
C ASN D 359 -52.80 -86.60 -41.68
N ILE D 360 -51.67 -86.15 -42.21
CA ILE D 360 -50.53 -87.04 -42.45
C ILE D 360 -49.75 -87.24 -41.16
N SER D 361 -49.72 -86.19 -40.32
CA SER D 361 -48.96 -86.21 -39.08
C SER D 361 -49.49 -87.22 -38.08
N ASP D 362 -50.79 -87.51 -38.14
CA ASP D 362 -51.38 -88.48 -37.22
C ASP D 362 -51.17 -89.91 -37.69
N LEU D 363 -51.06 -90.09 -39.00
CA LEU D 363 -50.90 -91.41 -39.60
C LEU D 363 -49.60 -92.08 -39.16
N ARG D 364 -48.53 -91.29 -39.08
CA ARG D 364 -47.24 -91.80 -38.67
C ARG D 364 -47.12 -91.86 -37.14
N LYS D 365 -46.61 -92.97 -36.61
CA LYS D 365 -46.16 -94.09 -37.43
C LYS D 365 -46.62 -95.42 -36.85
N LEU D 366 -46.38 -95.60 -35.55
CA LEU D 366 -46.76 -96.83 -34.86
C LEU D 366 -48.27 -96.96 -34.74
N LEU D 367 -48.78 -98.16 -35.00
CA LEU D 367 -50.21 -98.45 -34.93
C LEU D 367 -51.03 -97.51 -35.80
N SER E 17 29.44 47.94 -37.29
CA SER E 17 28.69 47.76 -36.04
C SER E 17 27.32 47.14 -36.33
N MET E 18 27.00 46.99 -37.61
CA MET E 18 25.78 46.33 -38.05
C MET E 18 26.04 44.82 -38.11
N CYS E 19 27.29 44.50 -38.42
CA CYS E 19 27.80 43.13 -38.45
C CYS E 19 27.50 42.38 -37.16
N LEU E 20 27.63 43.06 -36.02
CA LEU E 20 27.41 42.43 -34.73
C LEU E 20 25.97 41.96 -34.57
N GLU E 21 25.01 42.84 -34.85
CA GLU E 21 23.59 42.48 -34.73
C GLU E 21 23.22 41.39 -35.71
N LEU E 22 23.61 41.58 -36.98
CA LEU E 22 23.35 40.56 -38.00
C LEU E 22 23.87 39.19 -37.57
N ALA E 23 25.08 39.20 -37.02
CA ALA E 23 25.75 37.98 -36.60
C ALA E 23 25.08 37.35 -35.39
N LEU E 24 24.60 38.17 -34.47
CA LEU E 24 23.92 37.67 -33.27
C LEU E 24 22.62 37.00 -33.66
N GLU E 25 21.88 37.63 -34.56
CA GLU E 25 20.65 37.03 -35.05
C GLU E 25 20.93 35.75 -35.80
N GLY E 26 22.03 35.73 -36.56
CA GLY E 26 22.42 34.53 -37.28
C GLY E 26 22.78 33.40 -36.33
N GLU E 27 23.43 33.75 -35.23
CA GLU E 27 23.82 32.80 -34.21
C GLU E 27 22.61 32.18 -33.52
N ARG E 28 21.69 33.03 -33.07
CA ARG E 28 20.49 32.53 -32.41
C ARG E 28 19.60 31.78 -33.39
N LEU E 29 19.76 32.09 -34.68
CA LEU E 29 19.01 31.38 -35.71
C LEU E 29 19.58 29.99 -35.95
N CYS E 30 20.91 29.89 -35.90
CA CYS E 30 21.57 28.59 -36.05
C CYS E 30 21.30 27.71 -34.83
N LYS E 31 21.26 28.32 -33.66
CA LYS E 31 20.92 27.59 -32.43
C LYS E 31 19.51 27.03 -32.49
N ALA E 32 18.62 27.73 -33.17
CA ALA E 32 17.22 27.33 -33.24
C ALA E 32 16.93 26.46 -34.46
N GLY E 33 17.97 25.83 -34.99
CA GLY E 33 17.80 24.90 -36.09
C GLY E 33 17.96 25.50 -37.47
N ASP E 34 17.26 26.59 -37.74
CA ASP E 34 17.30 27.24 -39.06
C ASP E 34 18.71 27.74 -39.38
N CYS E 35 19.48 26.90 -40.07
CA CYS E 35 20.85 27.24 -40.41
C CYS E 35 20.97 27.92 -41.76
N ARG E 36 19.95 27.78 -42.60
CA ARG E 36 19.93 28.48 -43.88
C ARG E 36 19.86 29.99 -43.66
N ALA E 37 18.82 30.42 -42.95
CA ALA E 37 18.64 31.82 -42.62
C ALA E 37 19.81 32.34 -41.79
N GLY E 38 20.32 31.48 -40.91
CA GLY E 38 21.48 31.83 -40.11
C GLY E 38 22.68 32.11 -40.98
N VAL E 39 22.86 31.30 -42.01
CA VAL E 39 23.94 31.48 -42.98
C VAL E 39 23.74 32.81 -43.71
N ALA E 40 22.49 33.09 -44.09
CA ALA E 40 22.17 34.35 -44.76
C ALA E 40 22.57 35.55 -43.89
N PHE E 41 22.22 35.50 -42.62
CA PHE E 41 22.55 36.56 -41.69
C PHE E 41 24.05 36.68 -41.45
N PHE E 42 24.74 35.54 -41.46
CA PHE E 42 26.18 35.53 -41.25
C PHE E 42 26.90 36.18 -42.43
N GLN E 43 26.46 35.83 -43.63
CA GLN E 43 27.02 36.43 -44.85
C GLN E 43 26.71 37.92 -44.88
N ALA E 44 25.50 38.29 -44.44
CA ALA E 44 25.11 39.69 -44.36
C ALA E 44 25.97 40.42 -43.34
N ALA E 45 26.44 39.69 -42.34
CA ALA E 45 27.29 40.26 -41.30
C ALA E 45 28.71 40.45 -41.82
N ILE E 46 29.16 39.52 -42.66
CA ILE E 46 30.47 39.65 -43.30
C ILE E 46 30.44 40.81 -44.28
N GLN E 47 29.28 41.03 -44.91
CA GLN E 47 29.08 42.12 -45.84
C GLN E 47 29.48 43.46 -45.24
N ALA E 48 28.94 43.76 -44.07
CA ALA E 48 29.33 44.95 -43.34
C ALA E 48 30.67 44.72 -42.64
N GLY E 49 31.47 45.77 -42.54
CA GLY E 49 32.78 45.66 -41.92
C GLY E 49 32.69 45.26 -40.47
N THR E 50 33.82 44.88 -39.88
CA THR E 50 33.84 44.45 -38.49
C THR E 50 35.10 44.93 -37.76
N GLU E 51 36.25 44.74 -38.38
CA GLU E 51 37.56 45.11 -37.81
C GLU E 51 37.89 44.31 -36.54
N ASP E 52 36.88 44.05 -35.71
CA ASP E 52 37.04 43.21 -34.54
C ASP E 52 37.29 41.77 -34.98
N LEU E 53 38.49 41.27 -34.75
CA LEU E 53 38.90 39.97 -35.27
C LEU E 53 38.30 38.80 -34.51
N ARG E 54 38.02 38.98 -33.22
CA ARG E 54 37.39 37.94 -32.41
C ARG E 54 36.01 37.62 -32.99
N THR E 55 35.22 38.67 -33.19
CA THR E 55 33.90 38.54 -33.77
C THR E 55 33.97 37.87 -35.13
N LEU E 56 34.82 38.40 -36.00
CA LEU E 56 34.99 37.86 -37.35
C LEU E 56 35.30 36.36 -37.34
N SER E 57 36.24 35.98 -36.46
CA SER E 57 36.60 34.59 -36.28
C SER E 57 35.38 33.77 -35.86
N ALA E 58 34.57 34.33 -34.98
CA ALA E 58 33.34 33.66 -34.55
C ALA E 58 32.40 33.45 -35.74
N ILE E 59 32.30 34.45 -36.61
CA ILE E 59 31.44 34.34 -37.78
C ILE E 59 31.94 33.21 -38.67
N TYR E 60 33.25 33.15 -38.86
CA TYR E 60 33.87 32.13 -39.70
C TYR E 60 33.59 30.73 -39.15
N SER E 61 33.86 30.54 -37.86
CA SER E 61 33.65 29.25 -37.23
C SER E 61 32.20 28.81 -37.30
N GLN E 62 31.30 29.67 -36.86
CA GLN E 62 29.88 29.36 -36.86
C GLN E 62 29.37 29.12 -38.27
N LEU E 63 29.98 29.78 -39.25
CA LEU E 63 29.67 29.53 -40.65
C LEU E 63 30.09 28.13 -41.04
N GLY E 64 31.26 27.73 -40.57
CA GLY E 64 31.76 26.38 -40.84
C GLY E 64 30.82 25.32 -40.29
N ASN E 65 30.44 25.48 -39.03
CA ASN E 65 29.51 24.54 -38.41
C ASN E 65 28.14 24.59 -39.08
N ALA E 66 27.76 25.75 -39.58
CA ALA E 66 26.47 25.93 -40.24
C ALA E 66 26.42 25.18 -41.56
N TYR E 67 27.48 25.31 -42.35
CA TYR E 67 27.55 24.62 -43.63
C TYR E 67 27.74 23.12 -43.43
N PHE E 68 28.44 22.75 -42.36
CA PHE E 68 28.59 21.34 -42.00
C PHE E 68 27.22 20.76 -41.67
N TYR E 69 26.42 21.55 -40.97
CA TYR E 69 25.05 21.18 -40.61
C TYR E 69 24.20 20.94 -41.85
N LEU E 70 24.50 21.68 -42.91
CA LEU E 70 23.68 21.64 -44.13
C LEU E 70 24.28 20.74 -45.21
N GLY E 71 25.40 20.10 -44.89
CA GLY E 71 26.02 19.16 -45.80
C GLY E 71 26.82 19.79 -46.92
N ASP E 72 27.04 21.10 -46.83
CA ASP E 72 27.88 21.80 -47.79
C ASP E 72 29.31 21.79 -47.28
N TYR E 73 29.96 20.63 -47.40
CA TYR E 73 31.25 20.37 -46.75
C TYR E 73 32.40 21.24 -47.27
N ASN E 74 32.34 21.64 -48.53
CA ASN E 74 33.40 22.45 -49.11
C ASN E 74 33.46 23.83 -48.49
N LYS E 75 32.32 24.51 -48.43
CA LYS E 75 32.24 25.83 -47.83
C LYS E 75 32.54 25.76 -46.34
N ALA E 76 32.09 24.68 -45.70
CA ALA E 76 32.36 24.46 -44.28
C ALA E 76 33.86 24.37 -44.04
N MET E 77 34.53 23.58 -44.87
CA MET E 77 35.98 23.45 -44.80
C MET E 77 36.65 24.79 -45.02
N GLN E 78 36.15 25.55 -45.98
CA GLN E 78 36.73 26.84 -46.33
C GLN E 78 36.66 27.83 -45.17
N TYR E 79 35.48 27.95 -44.56
CA TYR E 79 35.30 28.92 -43.50
C TYR E 79 35.96 28.46 -42.19
N HIS E 80 36.05 27.15 -42.01
CA HIS E 80 36.82 26.61 -40.89
C HIS E 80 38.30 26.93 -41.09
N LYS E 81 38.72 26.92 -42.36
CA LYS E 81 40.10 27.23 -42.71
C LYS E 81 40.41 28.70 -42.48
N HIS E 82 39.50 29.57 -42.89
CA HIS E 82 39.64 31.01 -42.67
C HIS E 82 39.67 31.31 -41.18
N ASP E 83 38.78 30.65 -40.44
CA ASP E 83 38.76 30.77 -38.99
C ASP E 83 40.09 30.34 -38.40
N LEU E 84 40.69 29.31 -38.98
CA LEU E 84 41.97 28.80 -38.50
C LEU E 84 43.10 29.79 -38.75
N THR E 85 43.15 30.33 -39.97
CA THR E 85 44.17 31.30 -40.32
C THR E 85 44.07 32.54 -39.44
N LEU E 86 42.84 32.99 -39.22
CA LEU E 86 42.61 34.17 -38.41
C LEU E 86 42.95 33.90 -36.94
N ALA E 87 42.64 32.70 -36.47
CA ALA E 87 42.91 32.33 -35.09
C ALA E 87 44.41 32.20 -34.84
N LYS E 88 45.14 31.78 -35.87
CA LYS E 88 46.58 31.69 -35.78
C LYS E 88 47.20 33.09 -35.89
N SER E 89 46.51 33.97 -36.62
CA SER E 89 46.97 35.34 -36.80
C SER E 89 46.99 36.13 -35.50
N MET E 90 46.10 35.77 -34.58
CA MET E 90 46.05 36.45 -33.28
C MET E 90 46.55 35.55 -32.16
N ASN E 91 47.20 34.45 -32.55
CA ASN E 91 47.83 33.53 -31.61
C ASN E 91 46.88 32.93 -30.56
N ASP E 92 45.59 32.93 -30.87
CA ASP E 92 44.61 32.30 -29.99
C ASP E 92 44.79 30.79 -30.02
N ARG E 93 45.64 30.28 -29.12
CA ARG E 93 46.02 28.88 -29.12
C ARG E 93 44.83 27.92 -28.97
N LEU E 94 43.96 28.20 -27.99
CA LEU E 94 42.78 27.38 -27.78
C LEU E 94 41.86 27.43 -29.00
N GLY E 95 41.67 28.64 -29.52
CA GLY E 95 40.87 28.83 -30.71
C GLY E 95 41.46 28.13 -31.91
N GLU E 96 42.79 28.13 -32.00
CA GLU E 96 43.49 27.43 -33.07
C GLU E 96 43.26 25.94 -32.94
N ALA E 97 43.22 25.45 -31.70
CA ALA E 97 42.97 24.04 -31.44
C ALA E 97 41.56 23.65 -31.89
N LYS E 98 40.57 24.44 -31.48
CA LYS E 98 39.19 24.19 -31.84
C LYS E 98 38.99 24.23 -33.35
N SER E 99 39.58 25.24 -33.99
CA SER E 99 39.49 25.40 -35.43
C SER E 99 40.13 24.21 -36.15
N SER E 100 41.29 23.78 -35.67
CA SER E 100 41.96 22.62 -36.23
C SER E 100 41.10 21.38 -36.09
N GLY E 101 40.41 21.27 -34.97
CA GLY E 101 39.51 20.15 -34.72
C GLY E 101 38.36 20.12 -35.71
N ASN E 102 37.69 21.26 -35.88
CA ASN E 102 36.56 21.35 -36.80
C ASN E 102 36.98 21.11 -38.24
N LEU E 103 38.10 21.71 -38.63
CA LEU E 103 38.64 21.52 -39.97
C LEU E 103 38.94 20.05 -40.21
N GLY E 104 39.56 19.41 -39.22
CA GLY E 104 39.88 18.00 -39.30
C GLY E 104 38.62 17.15 -39.44
N ASN E 105 37.57 17.51 -38.72
CA ASN E 105 36.30 16.81 -38.81
C ASN E 105 35.71 16.89 -40.22
N THR E 106 35.62 18.11 -40.72
CA THR E 106 35.08 18.35 -42.05
C THR E 106 35.90 17.65 -43.12
N LEU E 107 37.21 17.58 -42.91
CA LEU E 107 38.09 16.86 -43.84
C LEU E 107 37.82 15.36 -43.75
N LYS E 108 37.51 14.88 -42.55
CA LYS E 108 37.24 13.47 -42.34
C LYS E 108 35.97 13.06 -43.07
N VAL E 109 34.93 13.90 -43.01
CA VAL E 109 33.69 13.55 -43.70
C VAL E 109 33.81 13.76 -45.20
N MET E 110 34.90 14.38 -45.63
CA MET E 110 35.14 14.62 -47.06
C MET E 110 36.05 13.55 -47.66
N GLY E 111 36.45 12.59 -46.84
CA GLY E 111 37.27 11.48 -47.32
C GLY E 111 38.73 11.83 -47.49
N ARG E 112 39.13 12.98 -46.96
CA ARG E 112 40.51 13.43 -47.03
C ARG E 112 41.20 13.16 -45.69
N PHE E 113 41.52 11.90 -45.45
CA PHE E 113 41.91 11.43 -44.13
C PHE E 113 43.30 11.86 -43.68
N ASP E 114 44.21 12.05 -44.63
CA ASP E 114 45.57 12.47 -44.30
C ASP E 114 45.57 13.90 -43.77
N GLU E 115 44.87 14.78 -44.48
CA GLU E 115 44.75 16.18 -44.10
C GLU E 115 44.02 16.30 -42.77
N ALA E 116 42.96 15.52 -42.62
CA ALA E 116 42.20 15.47 -41.37
C ALA E 116 43.10 15.06 -40.22
N ALA E 117 43.95 14.06 -40.48
CA ALA E 117 44.90 13.59 -39.50
C ALA E 117 45.89 14.69 -39.12
N ILE E 118 46.29 15.47 -40.11
CA ILE E 118 47.18 16.61 -39.87
C ILE E 118 46.53 17.61 -38.90
N CYS E 119 45.31 18.04 -39.26
CA CYS E 119 44.60 19.03 -38.45
C CYS E 119 44.34 18.55 -37.04
N CYS E 120 43.85 17.32 -36.91
CA CYS E 120 43.57 16.74 -35.61
C CYS E 120 44.84 16.55 -34.80
N GLU E 121 45.96 16.30 -35.48
CA GLU E 121 47.24 16.17 -34.82
C GLU E 121 47.69 17.51 -34.26
N ARG E 122 47.42 18.58 -35.01
CA ARG E 122 47.71 19.93 -34.55
C ARG E 122 46.85 20.27 -33.32
N HIS E 123 45.58 19.89 -33.40
CA HIS E 123 44.65 20.05 -32.28
C HIS E 123 45.19 19.36 -31.04
N LEU E 124 45.67 18.13 -31.22
CA LEU E 124 46.22 17.36 -30.12
C LEU E 124 47.47 18.03 -29.54
N THR E 125 48.33 18.52 -30.42
CA THR E 125 49.56 19.20 -30.01
C THR E 125 49.25 20.41 -29.14
N LEU E 126 48.35 21.25 -29.64
CA LEU E 126 47.93 22.45 -28.90
C LEU E 126 47.28 22.07 -27.57
N ALA E 127 46.41 21.07 -27.60
CA ALA E 127 45.71 20.64 -26.39
C ALA E 127 46.69 20.13 -25.34
N ARG E 128 47.80 19.54 -25.79
CA ARG E 128 48.82 19.08 -24.87
C ARG E 128 49.70 20.21 -24.38
N GLN E 129 49.85 21.25 -25.21
CA GLN E 129 50.64 22.41 -24.81
C GLN E 129 49.97 23.19 -23.68
N LEU E 130 48.65 23.26 -23.73
CA LEU E 130 47.89 24.07 -22.77
C LEU E 130 47.47 23.26 -21.54
N GLY E 131 47.72 21.96 -21.57
CA GLY E 131 47.35 21.09 -20.47
C GLY E 131 45.86 20.78 -20.45
N ASP E 132 45.16 21.23 -21.49
CA ASP E 132 43.73 20.96 -21.62
C ASP E 132 43.51 19.47 -21.87
N ARG E 133 43.43 18.69 -20.79
CA ARG E 133 43.30 17.24 -20.90
C ARG E 133 41.99 16.84 -21.55
N LEU E 134 40.97 17.66 -21.39
CA LEU E 134 39.67 17.40 -21.99
C LEU E 134 39.75 17.50 -23.52
N SER E 135 40.29 18.61 -24.00
CA SER E 135 40.47 18.80 -25.43
C SER E 135 41.50 17.82 -25.98
N GLU E 136 42.42 17.40 -25.11
CA GLU E 136 43.39 16.37 -25.47
C GLU E 136 42.68 15.06 -25.78
N GLY E 137 41.83 14.62 -24.86
CA GLY E 137 41.06 13.41 -25.06
C GLY E 137 40.14 13.52 -26.26
N ARG E 138 39.59 14.72 -26.47
CA ARG E 138 38.74 14.97 -27.63
C ARG E 138 39.53 14.77 -28.92
N ALA E 139 40.75 15.28 -28.94
CA ALA E 139 41.62 15.16 -30.11
C ALA E 139 42.01 13.71 -30.35
N LEU E 140 42.26 12.97 -29.27
CA LEU E 140 42.60 11.56 -29.36
C LEU E 140 41.45 10.76 -29.97
N TYR E 141 40.26 10.94 -29.40
CA TYR E 141 39.05 10.29 -29.89
C TYR E 141 38.81 10.61 -31.36
N ASN E 142 38.98 11.88 -31.71
CA ASN E 142 38.84 12.33 -33.08
C ASN E 142 39.81 11.63 -34.03
N LEU E 143 41.08 11.59 -33.65
CA LEU E 143 42.10 10.92 -34.46
C LEU E 143 41.76 9.45 -34.65
N GLY E 144 41.32 8.81 -33.57
CA GLY E 144 40.88 7.42 -33.61
C GLY E 144 39.78 7.23 -34.63
N ASN E 145 38.80 8.12 -34.62
CA ASN E 145 37.71 8.07 -35.60
C ASN E 145 38.21 8.29 -37.03
N VAL E 146 39.18 9.17 -37.18
CA VAL E 146 39.75 9.48 -38.49
C VAL E 146 40.40 8.25 -39.10
N TYR E 147 41.31 7.63 -38.35
CA TYR E 147 42.02 6.45 -38.86
C TYR E 147 41.09 5.25 -38.98
N HIS E 148 40.08 5.17 -38.12
CA HIS E 148 39.08 4.12 -38.21
C HIS E 148 38.31 4.21 -39.54
N ALA E 149 37.73 5.38 -39.78
CA ALA E 149 36.98 5.61 -41.02
C ALA E 149 37.88 5.45 -42.24
N LYS E 150 39.15 5.82 -42.08
CA LYS E 150 40.14 5.65 -43.13
C LYS E 150 40.30 4.18 -43.47
N GLY E 151 40.47 3.35 -42.45
CA GLY E 151 40.60 1.92 -42.63
C GLY E 151 39.36 1.30 -43.26
N LYS E 152 38.20 1.78 -42.84
CA LYS E 152 36.94 1.28 -43.38
C LYS E 152 36.82 1.59 -44.87
N HIS E 153 37.18 2.82 -45.24
CA HIS E 153 37.12 3.27 -46.63
C HIS E 153 38.12 2.53 -47.50
N LEU E 154 39.38 2.47 -47.04
CA LEU E 154 40.42 1.71 -47.74
C LEU E 154 39.99 0.27 -47.95
N GLY E 155 39.33 -0.29 -46.93
CA GLY E 155 38.80 -1.63 -47.02
C GLY E 155 37.71 -1.73 -48.07
N GLN E 156 36.91 -0.67 -48.18
CA GLN E 156 35.87 -0.63 -49.21
C GLN E 156 36.49 -0.63 -50.61
N ARG E 157 37.61 0.05 -50.76
CA ARG E 157 38.25 0.18 -52.06
C ARG E 157 38.74 -1.17 -52.58
N ASN E 158 39.36 -1.96 -51.71
CA ASN E 158 39.77 -3.31 -52.06
C ASN E 158 39.09 -4.32 -51.14
N PRO E 159 37.84 -4.71 -51.49
CA PRO E 159 36.95 -5.47 -50.61
C PRO E 159 37.38 -6.90 -50.28
N GLY E 160 37.91 -7.61 -51.28
CA GLY E 160 38.23 -9.02 -51.14
C GLY E 160 39.21 -9.36 -50.04
N LYS E 161 40.10 -8.42 -49.72
CA LYS E 161 41.14 -8.66 -48.73
C LYS E 161 41.50 -7.40 -47.97
N PHE E 162 41.72 -7.53 -46.66
CA PHE E 162 42.16 -6.40 -45.86
C PHE E 162 43.64 -6.17 -46.07
N GLY E 163 43.97 -5.29 -47.01
CA GLY E 163 45.36 -5.01 -47.36
C GLY E 163 46.18 -4.40 -46.25
N ASP E 164 47.43 -4.07 -46.56
CA ASP E 164 48.35 -3.53 -45.57
C ASP E 164 48.00 -2.09 -45.18
N ASP E 165 47.38 -1.36 -46.11
CA ASP E 165 47.01 0.03 -45.84
C ASP E 165 45.90 0.12 -44.80
N VAL E 166 44.83 -0.66 -45.01
CA VAL E 166 43.74 -0.71 -44.06
C VAL E 166 44.23 -1.27 -42.73
N LYS E 167 45.16 -2.21 -42.80
CA LYS E 167 45.78 -2.79 -41.60
C LYS E 167 46.45 -1.70 -40.77
N GLU E 168 47.34 -0.94 -41.40
CA GLU E 168 48.06 0.16 -40.76
C GLU E 168 47.08 1.19 -40.19
N ALA E 169 46.07 1.53 -40.98
CA ALA E 169 45.07 2.51 -40.56
C ALA E 169 44.36 2.06 -39.28
N LEU E 170 43.77 0.88 -39.32
CA LEU E 170 43.03 0.35 -38.17
C LEU E 170 43.93 0.19 -36.95
N THR E 171 45.20 -0.17 -37.19
CA THR E 171 46.17 -0.28 -36.10
C THR E 171 46.36 1.08 -35.42
N ARG E 172 46.58 2.11 -36.23
CA ARG E 172 46.70 3.48 -35.75
C ARG E 172 45.47 3.87 -34.92
N ALA E 173 44.30 3.53 -35.45
CA ALA E 173 43.04 3.80 -34.79
C ALA E 173 42.99 3.14 -33.41
N VAL E 174 43.42 1.89 -33.33
CA VAL E 174 43.51 1.20 -32.05
C VAL E 174 44.42 1.95 -31.10
N GLU E 175 45.57 2.39 -31.60
CA GLU E 175 46.51 3.15 -30.77
C GLU E 175 45.85 4.38 -30.15
N PHE E 176 45.26 5.22 -30.99
CA PHE E 176 44.65 6.47 -30.50
C PHE E 176 43.48 6.20 -29.56
N TYR E 177 42.63 5.23 -29.92
CA TYR E 177 41.50 4.86 -29.08
C TYR E 177 41.96 4.41 -27.69
N GLN E 178 43.03 3.61 -27.66
CA GLN E 178 43.60 3.14 -26.40
C GLN E 178 44.14 4.30 -25.57
N GLU E 179 44.83 5.22 -26.23
CA GLU E 179 45.35 6.41 -25.57
C GLU E 179 44.22 7.19 -24.91
N ASN E 180 43.18 7.44 -25.69
CA ASN E 180 41.98 8.12 -25.20
C ASN E 180 41.36 7.41 -24.01
N LEU E 181 41.31 6.08 -24.08
CA LEU E 181 40.72 5.30 -23.00
C LEU E 181 41.56 5.41 -21.73
N LYS E 182 42.88 5.47 -21.88
CA LYS E 182 43.77 5.66 -20.75
C LYS E 182 43.47 7.02 -20.10
N LEU E 183 43.38 8.05 -20.93
CA LEU E 183 43.12 9.40 -20.42
C LEU E 183 41.76 9.50 -19.73
N MET E 184 40.76 8.83 -20.28
CA MET E 184 39.41 8.88 -19.73
C MET E 184 39.30 8.09 -18.43
N ARG E 185 40.01 6.98 -18.35
CA ARG E 185 40.08 6.24 -17.09
C ARG E 185 40.80 7.08 -16.05
N ASP E 186 41.75 7.87 -16.52
CA ASP E 186 42.53 8.73 -15.63
C ASP E 186 41.69 9.90 -15.10
N LEU E 187 40.78 10.40 -15.94
CA LEU E 187 39.96 11.55 -15.56
C LEU E 187 38.68 11.15 -14.84
N GLY E 188 38.09 10.03 -15.24
CA GLY E 188 36.90 9.52 -14.58
C GLY E 188 35.65 9.59 -15.42
N ASP E 189 35.76 10.15 -16.61
CA ASP E 189 34.63 10.27 -17.53
C ASP E 189 34.17 8.89 -18.00
N ARG E 190 33.22 8.31 -17.28
CA ARG E 190 32.80 6.93 -17.51
C ARG E 190 32.18 6.71 -18.89
N GLY E 191 31.28 7.61 -19.29
CA GLY E 191 30.62 7.51 -20.57
C GLY E 191 31.57 7.58 -21.74
N ALA E 192 32.58 8.44 -21.60
CA ALA E 192 33.63 8.56 -22.61
C ALA E 192 34.38 7.25 -22.74
N GLN E 193 34.61 6.60 -21.59
CA GLN E 193 35.21 5.27 -21.57
C GLN E 193 34.30 4.29 -22.30
N GLY E 194 33.00 4.50 -22.18
CA GLY E 194 32.04 3.66 -22.89
C GLY E 194 32.18 3.78 -24.39
N ARG E 195 32.18 5.02 -24.88
CA ARG E 195 32.35 5.28 -26.31
C ARG E 195 33.67 4.69 -26.82
N ALA E 196 34.75 5.01 -26.12
CA ALA E 196 36.08 4.56 -26.50
C ALA E 196 36.17 3.05 -26.55
N CYS E 197 35.57 2.38 -25.56
CA CYS E 197 35.57 0.92 -25.50
C CYS E 197 34.75 0.33 -26.65
N GLY E 198 33.64 0.99 -26.99
CA GLY E 198 32.83 0.53 -28.10
C GLY E 198 33.59 0.58 -29.41
N ASN E 199 34.14 1.75 -29.72
CA ASN E 199 34.91 1.92 -30.95
C ASN E 199 36.14 1.03 -30.99
N LEU E 200 36.78 0.85 -29.84
CA LEU E 200 37.91 -0.08 -29.73
C LEU E 200 37.46 -1.49 -30.07
N GLY E 201 36.28 -1.86 -29.59
CA GLY E 201 35.72 -3.16 -29.88
C GLY E 201 35.51 -3.35 -31.37
N ASN E 202 34.91 -2.35 -32.01
CA ASN E 202 34.71 -2.40 -33.46
C ASN E 202 36.02 -2.52 -34.23
N THR E 203 37.02 -1.75 -33.82
CA THR E 203 38.30 -1.72 -34.51
C THR E 203 39.05 -3.04 -34.37
N TYR E 204 39.11 -3.56 -33.15
CA TYR E 204 39.73 -4.86 -32.91
C TYR E 204 38.98 -5.95 -33.66
N TYR E 205 37.66 -5.79 -33.75
CA TYR E 205 36.82 -6.70 -34.52
C TYR E 205 37.26 -6.72 -35.98
N LEU E 206 37.49 -5.53 -36.53
CA LEU E 206 37.94 -5.43 -37.92
C LEU E 206 39.34 -6.03 -38.11
N LEU E 207 40.20 -5.79 -37.12
CA LEU E 207 41.58 -6.26 -37.19
C LEU E 207 41.68 -7.79 -37.03
N GLY E 208 40.68 -8.38 -36.40
CA GLY E 208 40.64 -9.82 -36.25
C GLY E 208 40.92 -10.30 -34.83
N ASP E 209 41.27 -9.37 -33.94
CA ASP E 209 41.50 -9.71 -32.55
C ASP E 209 40.17 -9.78 -31.81
N PHE E 210 39.38 -10.80 -32.13
CA PHE E 210 38.03 -10.93 -31.59
C PHE E 210 38.01 -11.13 -30.08
N GLN E 211 39.12 -11.58 -29.52
CA GLN E 211 39.23 -11.76 -28.08
C GLN E 211 39.25 -10.40 -27.38
N ALA E 212 40.05 -9.49 -27.90
CA ALA E 212 40.13 -8.14 -27.36
C ALA E 212 38.87 -7.35 -27.70
N ALA E 213 38.26 -7.71 -28.83
CA ALA E 213 37.01 -7.09 -29.25
C ALA E 213 35.92 -7.42 -28.25
N ILE E 214 35.80 -8.70 -27.92
CA ILE E 214 34.88 -9.17 -26.89
C ILE E 214 35.21 -8.54 -25.55
N GLU E 215 36.49 -8.49 -25.23
CA GLU E 215 36.98 -7.94 -23.98
C GLU E 215 36.53 -6.49 -23.77
N HIS E 216 36.62 -5.68 -24.84
CA HIS E 216 36.25 -4.28 -24.75
C HIS E 216 34.74 -4.07 -24.86
N HIS E 217 34.09 -4.82 -25.73
CA HIS E 217 32.64 -4.74 -25.88
C HIS E 217 31.94 -5.13 -24.59
N GLN E 218 32.56 -6.01 -23.82
CA GLN E 218 32.03 -6.40 -22.52
C GLN E 218 32.01 -5.20 -21.57
N GLU E 219 33.13 -4.51 -21.47
CA GLU E 219 33.23 -3.31 -20.64
C GLU E 219 32.23 -2.26 -21.10
N ARG E 220 32.08 -2.14 -22.42
CA ARG E 220 31.07 -1.28 -23.03
C ARG E 220 29.68 -1.64 -22.49
N LEU E 221 29.40 -2.93 -22.41
CA LEU E 221 28.13 -3.41 -21.90
C LEU E 221 27.99 -3.16 -20.41
N ARG E 222 29.10 -3.14 -19.69
CA ARG E 222 29.07 -2.89 -18.25
C ARG E 222 28.78 -1.43 -17.95
N ILE E 223 29.39 -0.53 -18.72
CA ILE E 223 29.13 0.89 -18.56
C ILE E 223 27.70 1.21 -19.01
N ALA E 224 27.28 0.58 -20.09
CA ALA E 224 25.90 0.68 -20.54
C ALA E 224 24.95 0.19 -19.46
N ARG E 225 25.41 -0.79 -18.69
CA ARG E 225 24.65 -1.33 -17.57
C ARG E 225 24.64 -0.34 -16.41
N GLU E 226 25.70 0.46 -16.32
CA GLU E 226 25.81 1.47 -15.25
C GLU E 226 24.89 2.65 -15.48
N PHE E 227 24.83 3.13 -16.73
CA PHE E 227 24.03 4.31 -17.04
C PHE E 227 22.57 3.97 -17.34
N GLY E 228 22.25 2.68 -17.41
CA GLY E 228 20.90 2.26 -17.71
C GLY E 228 20.56 2.45 -19.18
N ASP E 229 21.57 2.77 -19.98
CA ASP E 229 21.41 2.97 -21.41
C ASP E 229 21.10 1.63 -22.08
N ARG E 230 19.81 1.30 -22.19
CA ARG E 230 19.38 0.04 -22.77
C ARG E 230 19.79 -0.09 -24.23
N ALA E 231 19.79 1.03 -24.94
CA ALA E 231 20.19 1.05 -26.35
C ALA E 231 21.67 0.70 -26.50
N ALA E 232 22.49 1.24 -25.60
CA ALA E 232 23.92 0.93 -25.61
C ALA E 232 24.14 -0.53 -25.25
N GLU E 233 23.25 -1.09 -24.44
CA GLU E 233 23.29 -2.51 -24.12
C GLU E 233 22.97 -3.33 -25.37
N ARG E 234 22.03 -2.82 -26.17
CA ARG E 234 21.67 -3.47 -27.43
C ARG E 234 22.87 -3.49 -28.37
N ARG E 235 23.50 -2.32 -28.54
CA ARG E 235 24.67 -2.21 -29.40
C ARG E 235 25.79 -3.14 -28.92
N ALA E 236 26.08 -3.08 -27.64
CA ALA E 236 27.15 -3.88 -27.05
C ALA E 236 26.89 -5.37 -27.21
N ASN E 237 25.64 -5.78 -27.05
CA ASN E 237 25.29 -7.19 -27.15
C ASN E 237 25.35 -7.70 -28.58
N SER E 238 24.87 -6.90 -29.53
CA SER E 238 24.97 -7.28 -30.94
C SER E 238 26.43 -7.37 -31.34
N ASN E 239 27.22 -6.45 -30.84
CA ASN E 239 28.66 -6.45 -31.06
C ASN E 239 29.32 -7.71 -30.50
N LEU E 240 28.87 -8.13 -29.32
CA LEU E 240 29.40 -9.33 -28.68
C LEU E 240 28.99 -10.60 -29.44
N GLY E 241 27.79 -10.58 -30.00
CA GLY E 241 27.32 -11.69 -30.80
C GLY E 241 28.14 -11.84 -32.07
N ASN E 242 28.29 -10.73 -32.79
CA ASN E 242 29.12 -10.73 -34.00
C ASN E 242 30.56 -11.09 -33.69
N SER E 243 31.05 -10.69 -32.53
CA SER E 243 32.41 -10.98 -32.12
C SER E 243 32.59 -12.45 -31.76
N HIS E 244 31.53 -13.06 -31.25
CA HIS E 244 31.57 -14.47 -30.87
C HIS E 244 31.45 -15.39 -32.08
N ILE E 245 30.59 -15.00 -33.03
CA ILE E 245 30.34 -15.81 -34.22
C ILE E 245 31.64 -16.19 -34.95
N PHE E 246 32.51 -15.22 -35.16
CA PHE E 246 33.75 -15.46 -35.90
C PHE E 246 34.82 -16.13 -35.03
N LEU E 247 34.59 -16.16 -33.72
CA LEU E 247 35.49 -16.86 -32.81
C LEU E 247 35.08 -18.33 -32.74
N GLY E 248 33.99 -18.66 -33.42
CA GLY E 248 33.51 -20.03 -33.49
C GLY E 248 32.48 -20.35 -32.42
N GLN E 249 32.58 -19.67 -31.29
CA GLN E 249 31.68 -19.90 -30.16
C GLN E 249 30.25 -19.49 -30.50
N PHE E 250 29.51 -20.40 -31.14
CA PHE E 250 28.15 -20.10 -31.60
C PHE E 250 27.13 -20.01 -30.46
N GLU E 251 27.41 -20.72 -29.37
CA GLU E 251 26.51 -20.72 -28.22
C GLU E 251 26.40 -19.33 -27.60
N ASP E 252 27.55 -18.78 -27.20
CA ASP E 252 27.63 -17.45 -26.62
C ASP E 252 27.02 -16.42 -27.55
N ALA E 253 27.28 -16.59 -28.85
CA ALA E 253 26.72 -15.70 -29.86
C ALA E 253 25.20 -15.76 -29.87
N ALA E 254 24.66 -16.97 -29.74
CA ALA E 254 23.21 -17.16 -29.68
C ALA E 254 22.65 -16.46 -28.45
N GLU E 255 23.36 -16.58 -27.34
CA GLU E 255 22.97 -15.91 -26.10
C GLU E 255 22.85 -14.41 -26.29
N HIS E 256 23.96 -13.79 -26.69
CA HIS E 256 24.03 -12.34 -26.86
C HIS E 256 23.02 -11.85 -27.90
N TYR E 257 22.82 -12.62 -28.95
CA TYR E 257 21.83 -12.28 -29.98
C TYR E 257 20.42 -12.31 -29.39
N LYS E 258 20.15 -13.30 -28.55
CA LYS E 258 18.85 -13.38 -27.88
C LYS E 258 18.61 -12.17 -26.99
N ARG E 259 19.62 -11.81 -26.20
CA ARG E 259 19.55 -10.60 -25.37
C ARG E 259 19.28 -9.37 -26.22
N THR E 260 19.96 -9.28 -27.35
CA THR E 260 19.77 -8.19 -28.30
C THR E 260 18.33 -8.12 -28.78
N LEU E 261 17.75 -9.27 -29.12
CA LEU E 261 16.36 -9.32 -29.54
C LEU E 261 15.42 -8.88 -28.43
N ALA E 262 15.74 -9.28 -27.21
CA ALA E 262 14.96 -8.88 -26.04
C ALA E 262 14.92 -7.37 -25.92
N LEU E 263 16.10 -6.75 -25.98
CA LEU E 263 16.19 -5.30 -25.92
C LEU E 263 15.57 -4.63 -27.15
N ALA E 264 15.45 -5.38 -28.24
CA ALA E 264 14.86 -4.87 -29.47
C ALA E 264 13.35 -4.79 -29.36
N VAL E 265 12.74 -5.83 -28.78
CA VAL E 265 11.31 -5.85 -28.57
C VAL E 265 10.94 -4.87 -27.45
N GLU E 266 11.81 -4.77 -26.45
CA GLU E 266 11.59 -3.87 -25.32
C GLU E 266 11.55 -2.41 -25.76
N LEU E 267 12.49 -2.01 -26.60
CA LEU E 267 12.60 -0.62 -27.04
C LEU E 267 11.81 -0.35 -28.32
N GLY E 268 11.01 -1.33 -28.74
CA GLY E 268 10.13 -1.19 -29.88
C GLY E 268 10.83 -0.89 -31.20
N GLU E 269 11.96 -1.54 -31.42
CA GLU E 269 12.71 -1.36 -32.66
C GLU E 269 12.49 -2.55 -33.59
N ARG E 270 11.51 -2.41 -34.49
CA ARG E 270 11.13 -3.49 -35.40
C ARG E 270 12.25 -3.88 -36.37
N GLU E 271 13.00 -2.88 -36.83
CA GLU E 271 14.12 -3.13 -37.74
C GLU E 271 15.19 -3.96 -37.05
N VAL E 272 15.62 -3.49 -35.88
CA VAL E 272 16.61 -4.20 -35.08
C VAL E 272 16.10 -5.58 -34.72
N GLU E 273 14.80 -5.68 -34.47
CA GLU E 273 14.16 -6.95 -34.15
C GLU E 273 14.31 -7.94 -35.30
N ALA E 274 14.00 -7.48 -36.51
CA ALA E 274 14.10 -8.31 -37.70
C ALA E 274 15.52 -8.75 -37.98
N GLN E 275 16.46 -7.80 -37.88
CA GLN E 275 17.87 -8.10 -38.08
C GLN E 275 18.34 -9.14 -37.09
N SER E 276 17.95 -8.98 -35.83
CA SER E 276 18.29 -9.90 -34.76
C SER E 276 17.70 -11.29 -35.04
N CYS E 277 16.50 -11.30 -35.62
CA CYS E 277 15.84 -12.55 -35.98
C CYS E 277 16.62 -13.29 -37.06
N TYR E 278 17.10 -12.54 -38.05
CA TYR E 278 17.88 -13.13 -39.13
C TYR E 278 19.21 -13.69 -38.60
N SER E 279 19.88 -12.89 -37.78
CA SER E 279 21.15 -13.31 -37.20
C SER E 279 20.99 -14.55 -36.33
N LEU E 280 19.94 -14.57 -35.52
CA LEU E 280 19.64 -15.73 -34.67
C LEU E 280 19.32 -16.95 -35.50
N GLY E 281 18.62 -16.74 -36.61
CA GLY E 281 18.29 -17.82 -37.53
C GLY E 281 19.55 -18.46 -38.11
N ASN E 282 20.46 -17.62 -38.59
CA ASN E 282 21.72 -18.12 -39.14
C ASN E 282 22.58 -18.79 -38.07
N THR E 283 22.54 -18.26 -36.85
CA THR E 283 23.30 -18.83 -35.75
C THR E 283 22.78 -20.23 -35.41
N TYR E 284 21.47 -20.37 -35.37
CA TYR E 284 20.86 -21.67 -35.09
C TYR E 284 20.92 -22.58 -36.31
N THR E 285 21.32 -22.01 -37.45
CA THR E 285 21.59 -22.81 -38.63
C THR E 285 23.01 -23.39 -38.53
N LEU E 286 23.92 -22.60 -37.97
CA LEU E 286 25.30 -23.04 -37.77
C LEU E 286 25.40 -24.11 -36.69
N LEU E 287 24.42 -24.14 -35.78
CA LEU E 287 24.39 -25.15 -34.73
C LEU E 287 23.42 -26.27 -35.07
N HIS E 288 22.90 -26.23 -36.29
CA HIS E 288 22.05 -27.29 -36.84
C HIS E 288 20.76 -27.54 -36.06
N GLU E 289 20.29 -26.53 -35.32
CA GLU E 289 18.98 -26.59 -34.70
C GLU E 289 17.98 -25.91 -35.65
N PHE E 290 17.63 -26.63 -36.71
CA PHE E 290 16.95 -26.03 -37.85
C PHE E 290 15.51 -25.58 -37.59
N ASN E 291 14.82 -26.25 -36.68
CA ASN E 291 13.44 -25.87 -36.38
C ASN E 291 13.35 -24.49 -35.75
N THR E 292 14.12 -24.26 -34.70
CA THR E 292 14.18 -22.96 -34.04
C THR E 292 14.66 -21.87 -35.00
N ALA E 293 15.62 -22.23 -35.84
CA ALA E 293 16.13 -21.30 -36.85
C ALA E 293 15.03 -20.92 -37.83
N ILE E 294 14.18 -21.89 -38.16
CA ILE E 294 13.04 -21.65 -39.05
C ILE E 294 12.04 -20.74 -38.35
N GLU E 295 11.87 -20.91 -37.04
CA GLU E 295 11.01 -20.02 -36.27
C GLU E 295 11.50 -18.58 -36.36
N TYR E 296 12.78 -18.38 -36.02
CA TYR E 296 13.38 -17.05 -36.07
C TYR E 296 13.30 -16.43 -37.47
N HIS E 297 13.56 -17.23 -38.49
CA HIS E 297 13.49 -16.76 -39.86
C HIS E 297 12.05 -16.40 -40.26
N ASN E 298 11.09 -17.11 -39.69
CA ASN E 298 9.68 -16.81 -39.92
C ASN E 298 9.31 -15.47 -39.31
N ARG E 299 9.79 -15.23 -38.08
CA ARG E 299 9.60 -13.93 -37.45
C ARG E 299 10.24 -12.82 -38.28
N HIS E 300 11.46 -13.07 -38.74
CA HIS E 300 12.19 -12.13 -39.58
C HIS E 300 11.39 -11.78 -40.84
N LEU E 301 10.86 -12.80 -41.49
CA LEU E 301 10.03 -12.59 -42.68
C LEU E 301 8.79 -11.78 -42.35
N ALA E 302 8.17 -12.09 -41.22
CA ALA E 302 6.95 -11.39 -40.78
C ALA E 302 7.22 -9.90 -40.61
N ILE E 303 8.25 -9.57 -39.85
CA ILE E 303 8.58 -8.18 -39.59
C ILE E 303 9.04 -7.46 -40.86
N ALA E 304 9.81 -8.15 -41.68
CA ALA E 304 10.31 -7.58 -42.94
C ALA E 304 9.16 -7.25 -43.88
N GLN E 305 8.13 -8.10 -43.89
CA GLN E 305 6.97 -7.86 -44.73
C GLN E 305 6.03 -6.84 -44.12
N GLU E 306 6.10 -6.68 -42.80
CA GLU E 306 5.22 -5.76 -42.10
C GLU E 306 5.77 -4.33 -42.16
N LEU E 307 7.08 -4.19 -42.35
CA LEU E 307 7.72 -2.89 -42.42
C LEU E 307 7.82 -2.37 -43.86
N GLY E 308 7.55 -3.25 -44.82
CA GLY E 308 7.62 -2.88 -46.22
C GLY E 308 8.98 -3.14 -46.84
N ASP E 309 9.91 -3.66 -46.03
CA ASP E 309 11.24 -3.99 -46.50
C ASP E 309 11.19 -5.22 -47.39
N ARG E 310 11.50 -5.04 -48.67
CA ARG E 310 11.40 -6.12 -49.64
C ARG E 310 12.74 -6.74 -50.02
N ILE E 311 13.83 -6.18 -49.47
CA ILE E 311 15.15 -6.77 -49.68
C ILE E 311 15.39 -7.85 -48.64
N GLY E 312 15.07 -7.52 -47.39
CA GLY E 312 15.17 -8.46 -46.29
C GLY E 312 14.16 -9.59 -46.45
N GLU E 313 13.11 -9.33 -47.22
CA GLU E 313 12.13 -10.35 -47.55
C GLU E 313 12.76 -11.37 -48.50
N ALA E 314 13.52 -10.87 -49.46
CA ALA E 314 14.25 -11.71 -50.40
C ALA E 314 15.32 -12.51 -49.67
N ARG E 315 15.99 -11.88 -48.72
CA ARG E 315 16.98 -12.56 -47.89
C ARG E 315 16.31 -13.66 -47.07
N ALA E 316 15.13 -13.35 -46.56
CA ALA E 316 14.35 -14.31 -45.79
C ALA E 316 14.00 -15.53 -46.64
N CYS E 317 13.58 -15.28 -47.86
CA CYS E 317 13.25 -16.37 -48.79
C CYS E 317 14.50 -17.18 -49.14
N TRP E 318 15.64 -16.52 -49.24
CA TRP E 318 16.88 -17.20 -49.57
C TRP E 318 17.34 -18.11 -48.43
N SER E 319 17.24 -17.63 -47.21
CA SER E 319 17.67 -18.41 -46.05
C SER E 319 16.70 -19.55 -45.76
N LEU E 320 15.41 -19.26 -45.82
CA LEU E 320 14.37 -20.26 -45.59
C LEU E 320 14.37 -21.32 -46.68
N GLY E 321 14.76 -20.93 -47.90
CA GLY E 321 14.82 -21.84 -49.02
C GLY E 321 15.75 -23.01 -48.80
N ASN E 322 16.75 -22.81 -47.94
CA ASN E 322 17.66 -23.88 -47.55
C ASN E 322 17.29 -24.44 -46.17
N ALA E 323 16.77 -23.57 -45.32
CA ALA E 323 16.38 -23.95 -43.97
C ALA E 323 15.32 -25.06 -43.98
N HIS E 324 14.32 -24.92 -44.85
CA HIS E 324 13.28 -25.93 -44.96
C HIS E 324 13.75 -27.12 -45.78
N SER E 325 14.87 -26.95 -46.48
CA SER E 325 15.47 -28.06 -47.22
C SER E 325 16.29 -28.94 -46.28
N ALA E 326 16.71 -28.34 -45.17
CA ALA E 326 17.54 -29.06 -44.20
C ALA E 326 16.75 -30.13 -43.44
N ILE E 327 15.51 -29.80 -43.06
CA ILE E 327 14.70 -30.71 -42.26
C ILE E 327 14.05 -31.81 -43.09
N GLY E 328 13.85 -31.55 -44.38
CA GLY E 328 13.26 -32.53 -45.27
C GLY E 328 11.99 -32.07 -45.96
N GLY E 329 11.31 -31.11 -45.34
CA GLY E 329 10.10 -30.56 -45.92
C GLY E 329 10.40 -29.62 -47.08
N HIS E 330 10.76 -30.20 -48.23
CA HIS E 330 11.17 -29.42 -49.38
C HIS E 330 9.98 -28.77 -50.09
N GLU E 331 8.77 -29.19 -49.74
CA GLU E 331 7.56 -28.64 -50.33
C GLU E 331 7.37 -27.18 -49.93
N ARG E 332 7.98 -26.80 -48.81
CA ARG E 332 7.96 -25.42 -48.34
C ARG E 332 9.08 -24.62 -49.01
N ALA E 333 10.25 -25.25 -49.07
CA ALA E 333 11.43 -24.64 -49.68
C ALA E 333 11.22 -24.36 -51.15
N LEU E 334 10.33 -25.11 -51.78
CA LEU E 334 9.97 -24.87 -53.17
C LEU E 334 9.27 -23.52 -53.30
N LYS E 335 8.23 -23.33 -52.51
CA LYS E 335 7.47 -22.08 -52.50
C LYS E 335 8.38 -20.91 -52.14
N TYR E 336 9.25 -21.12 -51.15
CA TYR E 336 10.17 -20.07 -50.72
C TYR E 336 11.21 -19.75 -51.81
N ALA E 337 11.56 -20.74 -52.61
CA ALA E 337 12.53 -20.54 -53.69
C ALA E 337 11.89 -19.77 -54.85
N GLU E 338 10.68 -20.17 -55.22
CA GLU E 338 9.93 -19.47 -56.27
C GLU E 338 9.70 -18.02 -55.86
N GLN E 339 9.32 -17.83 -54.60
CA GLN E 339 9.12 -16.50 -54.04
C GLN E 339 10.44 -15.73 -54.07
N HIS E 340 11.54 -16.43 -53.83
CA HIS E 340 12.87 -15.83 -53.83
C HIS E 340 13.24 -15.30 -55.22
N LEU E 341 13.00 -16.10 -56.25
CA LEU E 341 13.28 -15.68 -57.61
C LEU E 341 12.36 -14.54 -58.03
N GLN E 342 11.12 -14.59 -57.54
CA GLN E 342 10.16 -13.52 -57.77
C GLN E 342 10.69 -12.18 -57.24
N LEU E 343 11.04 -12.15 -55.97
CA LEU E 343 11.56 -10.95 -55.34
C LEU E 343 12.88 -10.49 -55.96
N ALA E 344 13.73 -11.45 -56.29
CA ALA E 344 15.03 -11.16 -56.90
C ALA E 344 14.85 -10.48 -58.25
N LYS E 345 13.86 -10.95 -59.01
CA LYS E 345 13.56 -10.35 -60.30
C LYS E 345 12.90 -8.98 -60.12
N GLU E 346 12.14 -8.83 -59.04
CA GLU E 346 11.45 -7.58 -58.78
C GLU E 346 12.37 -6.52 -58.16
N LEU E 347 13.51 -6.96 -57.64
CA LEU E 347 14.50 -6.05 -57.08
C LEU E 347 15.60 -5.74 -58.10
N HIS E 348 15.41 -6.23 -59.31
CA HIS E 348 16.39 -6.05 -60.40
C HIS E 348 17.77 -6.54 -59.97
N ASP E 349 17.80 -7.64 -59.23
CA ASP E 349 19.06 -8.19 -58.74
C ASP E 349 19.56 -9.30 -59.66
N PRO E 350 20.68 -9.05 -60.37
CA PRO E 350 21.29 -10.04 -61.26
C PRO E 350 21.94 -11.17 -60.47
N VAL E 351 22.19 -10.95 -59.19
CA VAL E 351 22.74 -11.98 -58.31
C VAL E 351 21.67 -12.98 -57.94
N GLY E 352 20.52 -12.47 -57.49
CA GLY E 352 19.42 -13.33 -57.11
C GLY E 352 18.83 -14.09 -58.28
N GLU E 353 18.94 -13.52 -59.48
CA GLU E 353 18.42 -14.15 -60.68
C GLU E 353 19.20 -15.40 -61.05
N SER E 354 20.41 -15.52 -60.50
CA SER E 354 21.27 -16.67 -60.79
C SER E 354 21.42 -17.58 -59.58
N THR E 355 21.26 -17.02 -58.38
CA THR E 355 21.40 -17.80 -57.15
C THR E 355 20.10 -18.49 -56.77
N ALA E 356 19.01 -18.08 -57.40
CA ALA E 356 17.72 -18.72 -57.17
C ALA E 356 17.40 -19.71 -58.29
N ARG E 357 17.85 -19.38 -59.49
CA ARG E 357 17.61 -20.22 -60.66
C ARG E 357 18.33 -21.56 -60.56
N VAL E 358 19.38 -21.59 -59.74
CA VAL E 358 20.13 -22.83 -59.53
C VAL E 358 19.44 -23.70 -58.48
N ASN E 359 18.93 -23.06 -57.43
CA ASN E 359 18.30 -23.79 -56.33
C ASN E 359 16.91 -24.33 -56.66
N ILE E 360 16.22 -23.70 -57.61
CA ILE E 360 14.86 -24.12 -57.96
C ILE E 360 14.86 -25.45 -58.72
N SER E 361 15.96 -25.76 -59.39
CA SER E 361 16.07 -26.99 -60.15
C SER E 361 16.08 -28.20 -59.22
N ASP E 362 16.82 -28.08 -58.11
CA ASP E 362 16.90 -29.14 -57.13
C ASP E 362 16.04 -28.84 -55.91
N SER F 16 -45.69 -44.81 -9.18
CA SER F 16 -44.92 -45.03 -10.40
C SER F 16 -45.74 -44.71 -11.65
N SER F 17 -46.85 -45.44 -11.82
CA SER F 17 -47.73 -45.22 -12.96
C SER F 17 -48.71 -44.08 -12.68
N MET F 18 -49.12 -43.97 -11.43
CA MET F 18 -50.03 -42.92 -10.99
C MET F 18 -49.46 -41.55 -11.32
N CYS F 19 -48.15 -41.41 -11.15
CA CYS F 19 -47.45 -40.18 -11.49
C CYS F 19 -47.62 -39.85 -12.97
N LEU F 20 -47.50 -40.87 -13.81
CA LEU F 20 -47.66 -40.67 -15.25
C LEU F 20 -49.09 -40.26 -15.59
N GLU F 21 -50.07 -40.92 -14.98
CA GLU F 21 -51.47 -40.60 -15.24
C GLU F 21 -51.78 -39.15 -14.85
N LEU F 22 -51.37 -38.78 -13.64
CA LEU F 22 -51.51 -37.42 -13.15
C LEU F 22 -50.83 -36.43 -14.10
N ALA F 23 -49.65 -36.78 -14.58
CA ALA F 23 -48.90 -35.94 -15.50
C ALA F 23 -49.65 -35.72 -16.81
N LEU F 24 -50.22 -36.80 -17.34
CA LEU F 24 -51.00 -36.74 -18.57
C LEU F 24 -52.21 -35.85 -18.42
N GLU F 25 -52.96 -36.05 -17.33
CA GLU F 25 -54.12 -35.23 -17.05
C GLU F 25 -53.74 -33.76 -16.94
N GLY F 26 -52.65 -33.50 -16.22
CA GLY F 26 -52.16 -32.13 -16.06
C GLY F 26 -51.79 -31.49 -17.39
N GLU F 27 -51.13 -32.25 -18.25
CA GLU F 27 -50.75 -31.77 -19.57
C GLU F 27 -51.98 -31.42 -20.40
N ARG F 28 -52.96 -32.32 -20.40
CA ARG F 28 -54.19 -32.10 -21.13
C ARG F 28 -54.90 -30.84 -20.62
N LEU F 29 -54.90 -30.67 -19.31
CA LEU F 29 -55.52 -29.51 -18.69
C LEU F 29 -54.82 -28.22 -19.13
N CYS F 30 -53.48 -28.23 -19.08
CA CYS F 30 -52.70 -27.08 -19.50
C CYS F 30 -52.98 -26.72 -20.96
N LYS F 31 -53.13 -27.75 -21.79
CA LYS F 31 -53.38 -27.55 -23.21
C LYS F 31 -54.82 -27.11 -23.45
N ALA F 32 -55.69 -27.35 -22.47
CA ALA F 32 -57.10 -27.04 -22.61
C ALA F 32 -57.42 -25.60 -22.22
N GLY F 33 -56.49 -24.95 -21.53
CA GLY F 33 -56.67 -23.57 -21.11
C GLY F 33 -56.68 -23.41 -19.61
N ASP F 34 -57.01 -24.48 -18.90
CA ASP F 34 -57.00 -24.49 -17.45
C ASP F 34 -55.61 -24.87 -16.95
N CYS F 35 -54.82 -23.88 -16.55
CA CYS F 35 -53.43 -24.14 -16.19
C CYS F 35 -53.22 -24.28 -14.69
N ARG F 36 -54.11 -23.73 -13.87
CA ARG F 36 -53.94 -23.87 -12.43
C ARG F 36 -54.30 -25.29 -12.00
N ALA F 37 -55.27 -25.87 -12.68
CA ALA F 37 -55.64 -27.26 -12.45
C ALA F 37 -54.53 -28.17 -12.93
N GLY F 38 -53.93 -27.79 -14.06
CA GLY F 38 -52.80 -28.51 -14.61
C GLY F 38 -51.63 -28.47 -13.64
N VAL F 39 -51.46 -27.34 -12.98
CA VAL F 39 -50.43 -27.17 -11.96
C VAL F 39 -50.74 -28.07 -10.77
N ALA F 40 -52.03 -28.15 -10.42
CA ALA F 40 -52.46 -29.02 -9.34
C ALA F 40 -52.11 -30.47 -9.61
N PHE F 41 -52.47 -30.95 -10.79
CA PHE F 41 -52.20 -32.33 -11.19
C PHE F 41 -50.70 -32.59 -11.33
N PHE F 42 -49.97 -31.60 -11.80
CA PHE F 42 -48.52 -31.74 -11.96
C PHE F 42 -47.83 -31.83 -10.60
N GLN F 43 -48.30 -31.03 -9.65
CA GLN F 43 -47.78 -31.08 -8.28
C GLN F 43 -48.10 -32.41 -7.63
N ALA F 44 -49.34 -32.86 -7.80
CA ALA F 44 -49.77 -34.16 -7.29
C ALA F 44 -48.93 -35.26 -7.90
N ALA F 45 -48.50 -35.07 -9.14
CA ALA F 45 -47.64 -36.02 -9.83
C ALA F 45 -46.24 -36.00 -9.22
N ILE F 46 -45.76 -34.80 -8.91
CA ILE F 46 -44.44 -34.63 -8.30
C ILE F 46 -44.41 -35.34 -6.94
N GLN F 47 -45.52 -35.27 -6.21
CA GLN F 47 -45.61 -35.91 -4.91
C GLN F 47 -45.49 -37.43 -5.00
N ALA F 48 -45.80 -37.97 -6.17
CA ALA F 48 -45.69 -39.41 -6.39
C ALA F 48 -44.44 -39.76 -7.18
N GLY F 49 -43.64 -40.68 -6.65
CA GLY F 49 -42.40 -41.09 -7.29
C GLY F 49 -42.60 -41.60 -8.71
N THR F 50 -41.56 -41.49 -9.54
CA THR F 50 -41.68 -41.87 -10.93
C THR F 50 -40.48 -42.67 -11.45
N GLU F 51 -39.29 -42.34 -10.97
CA GLU F 51 -38.03 -42.97 -11.38
C GLU F 51 -37.69 -42.72 -12.86
N ASP F 52 -38.71 -42.42 -13.66
CA ASP F 52 -38.51 -42.05 -15.07
C ASP F 52 -38.09 -40.60 -15.15
N LEU F 53 -36.78 -40.35 -15.12
CA LEU F 53 -36.25 -38.99 -15.10
C LEU F 53 -36.64 -38.18 -16.32
N ARG F 54 -36.91 -38.87 -17.43
CA ARG F 54 -37.35 -38.21 -18.65
C ARG F 54 -38.73 -37.60 -18.44
N THR F 55 -39.66 -38.42 -17.96
CA THR F 55 -41.00 -37.97 -17.62
C THR F 55 -40.96 -36.87 -16.56
N LEU F 56 -40.14 -37.07 -15.53
CA LEU F 56 -40.00 -36.09 -14.46
C LEU F 56 -39.55 -34.73 -15.00
N SER F 57 -38.55 -34.76 -15.87
CA SER F 57 -38.06 -33.56 -16.54
C SER F 57 -39.18 -32.90 -17.33
N ALA F 58 -39.95 -33.71 -18.04
CA ALA F 58 -41.08 -33.20 -18.80
C ALA F 58 -42.09 -32.50 -17.90
N ILE F 59 -42.28 -33.06 -16.70
CA ILE F 59 -43.23 -32.51 -15.73
C ILE F 59 -42.75 -31.17 -15.19
N TYR F 60 -41.47 -31.10 -14.82
CA TYR F 60 -40.92 -29.84 -14.31
C TYR F 60 -40.95 -28.75 -15.39
N SER F 61 -40.64 -29.13 -16.63
CA SER F 61 -40.72 -28.20 -17.75
C SER F 61 -42.14 -27.69 -17.95
N GLN F 62 -43.08 -28.63 -17.98
CA GLN F 62 -44.50 -28.31 -18.12
C GLN F 62 -44.96 -27.34 -17.03
N LEU F 63 -44.52 -27.59 -15.80
CA LEU F 63 -44.83 -26.71 -14.68
C LEU F 63 -44.25 -25.32 -14.91
N GLY F 64 -43.01 -25.27 -15.40
CA GLY F 64 -42.36 -24.01 -15.72
C GLY F 64 -43.17 -23.18 -16.70
N ASN F 65 -43.48 -23.78 -17.85
CA ASN F 65 -44.26 -23.09 -18.87
C ASN F 65 -45.65 -22.71 -18.38
N ALA F 66 -46.22 -23.55 -17.51
CA ALA F 66 -47.54 -23.29 -16.95
C ALA F 66 -47.52 -22.04 -16.07
N TYR F 67 -46.51 -21.95 -15.21
CA TYR F 67 -46.35 -20.78 -14.36
C TYR F 67 -46.03 -19.55 -15.19
N PHE F 68 -45.35 -19.75 -16.32
CA PHE F 68 -45.09 -18.64 -17.24
C PHE F 68 -46.40 -18.12 -17.80
N TYR F 69 -47.29 -19.04 -18.18
CA TYR F 69 -48.61 -18.69 -18.67
C TYR F 69 -49.40 -17.96 -17.60
N LEU F 70 -49.23 -18.39 -16.35
CA LEU F 70 -49.97 -17.82 -15.23
C LEU F 70 -49.46 -16.44 -14.81
N GLY F 71 -48.25 -16.09 -15.26
CA GLY F 71 -47.70 -14.78 -14.97
C GLY F 71 -46.80 -14.76 -13.76
N ASP F 72 -46.63 -15.93 -13.13
CA ASP F 72 -45.72 -16.06 -11.99
C ASP F 72 -44.35 -16.47 -12.49
N TYR F 73 -43.56 -15.47 -12.91
CA TYR F 73 -42.31 -15.72 -13.60
C TYR F 73 -41.20 -16.27 -12.70
N ASN F 74 -41.23 -15.92 -11.42
CA ASN F 74 -40.21 -16.40 -10.50
C ASN F 74 -40.33 -17.91 -10.28
N LYS F 75 -41.55 -18.37 -10.05
CA LYS F 75 -41.81 -19.79 -9.86
C LYS F 75 -41.50 -20.57 -11.13
N ALA F 76 -41.87 -19.97 -12.26
CA ALA F 76 -41.57 -20.55 -13.57
C ALA F 76 -40.07 -20.70 -13.75
N MET F 77 -39.33 -19.69 -13.31
CA MET F 77 -37.87 -19.73 -13.34
C MET F 77 -37.35 -20.88 -12.49
N GLN F 78 -37.92 -21.02 -11.29
CA GLN F 78 -37.51 -22.08 -10.37
C GLN F 78 -37.69 -23.46 -10.98
N TYR F 79 -38.89 -23.72 -11.50
CA TYR F 79 -39.21 -25.04 -12.05
C TYR F 79 -38.47 -25.32 -13.35
N HIS F 80 -38.29 -24.30 -14.18
CA HIS F 80 -37.50 -24.45 -15.40
C HIS F 80 -36.05 -24.76 -15.06
N LYS F 81 -35.58 -24.18 -13.97
CA LYS F 81 -34.21 -24.42 -13.49
C LYS F 81 -34.09 -25.86 -13.00
N HIS F 82 -35.10 -26.32 -12.28
CA HIS F 82 -35.14 -27.69 -11.80
C HIS F 82 -35.11 -28.66 -12.98
N ASP F 83 -35.87 -28.32 -14.02
CA ASP F 83 -35.87 -29.11 -15.26
C ASP F 83 -34.50 -29.10 -15.91
N LEU F 84 -33.82 -27.96 -15.88
CA LEU F 84 -32.50 -27.82 -16.47
C LEU F 84 -31.49 -28.73 -15.77
N THR F 85 -31.44 -28.64 -14.45
CA THR F 85 -30.52 -29.46 -13.67
C THR F 85 -30.85 -30.94 -13.79
N LEU F 86 -32.14 -31.24 -13.89
CA LEU F 86 -32.57 -32.63 -14.03
C LEU F 86 -32.13 -33.19 -15.38
N ALA F 87 -32.19 -32.35 -16.40
CA ALA F 87 -31.74 -32.74 -17.73
C ALA F 87 -30.23 -32.87 -17.77
N LYS F 88 -29.55 -32.08 -16.93
CA LYS F 88 -28.10 -32.11 -16.86
C LYS F 88 -27.62 -33.37 -16.13
N SER F 89 -28.45 -33.85 -15.20
CA SER F 89 -28.13 -35.07 -14.46
C SER F 89 -28.16 -36.29 -15.38
N MET F 90 -29.13 -36.34 -16.28
CA MET F 90 -29.26 -37.45 -17.22
C MET F 90 -28.60 -37.12 -18.54
N ASN F 91 -27.77 -36.08 -18.53
CA ASN F 91 -27.06 -35.57 -19.71
C ASN F 91 -27.90 -35.51 -20.99
N ASP F 92 -29.21 -35.34 -20.83
CA ASP F 92 -30.11 -35.22 -21.97
C ASP F 92 -29.85 -33.92 -22.71
N ARG F 93 -28.99 -33.98 -23.72
CA ARG F 93 -28.53 -32.79 -24.42
C ARG F 93 -29.66 -32.01 -25.11
N LEU F 94 -30.55 -32.72 -25.80
CA LEU F 94 -31.70 -32.08 -26.43
C LEU F 94 -32.62 -31.46 -25.38
N GLY F 95 -32.90 -32.23 -24.33
CA GLY F 95 -33.74 -31.76 -23.25
C GLY F 95 -33.11 -30.59 -22.50
N GLU F 96 -31.80 -30.62 -22.36
CA GLU F 96 -31.08 -29.53 -21.71
C GLU F 96 -31.08 -28.30 -22.59
N ALA F 97 -31.13 -28.51 -23.90
CA ALA F 97 -31.23 -27.42 -24.85
C ALA F 97 -32.59 -26.73 -24.71
N LYS F 98 -33.65 -27.54 -24.71
CA LYS F 98 -35.01 -27.02 -24.50
C LYS F 98 -35.10 -26.27 -23.18
N SER F 99 -34.58 -26.88 -22.12
CA SER F 99 -34.65 -26.32 -20.78
C SER F 99 -33.90 -24.99 -20.69
N SER F 100 -32.70 -24.96 -21.25
CA SER F 100 -31.89 -23.75 -21.24
C SER F 100 -32.55 -22.64 -22.05
N GLY F 101 -33.24 -23.04 -23.12
CA GLY F 101 -33.99 -22.10 -23.93
C GLY F 101 -35.12 -21.47 -23.14
N ASN F 102 -35.90 -22.32 -22.47
CA ASN F 102 -37.01 -21.85 -21.65
C ASN F 102 -36.56 -20.93 -20.53
N LEU F 103 -35.55 -21.38 -19.78
CA LEU F 103 -34.98 -20.58 -18.69
C LEU F 103 -34.47 -19.26 -19.22
N GLY F 104 -33.87 -19.30 -20.42
CA GLY F 104 -33.39 -18.10 -21.07
C GLY F 104 -34.51 -17.11 -21.33
N ASN F 105 -35.60 -17.59 -21.92
CA ASN F 105 -36.74 -16.73 -22.20
C ASN F 105 -37.36 -16.14 -20.93
N THR F 106 -37.57 -17.00 -19.93
CA THR F 106 -38.16 -16.56 -18.67
C THR F 106 -37.29 -15.51 -18.00
N LEU F 107 -35.99 -15.75 -17.96
CA LEU F 107 -35.07 -14.79 -17.37
C LEU F 107 -34.98 -13.51 -18.21
N LYS F 108 -35.32 -13.62 -19.49
CA LYS F 108 -35.33 -12.46 -20.37
C LYS F 108 -36.52 -11.56 -20.05
N VAL F 109 -37.70 -12.16 -19.89
CA VAL F 109 -38.90 -11.37 -19.61
C VAL F 109 -38.92 -10.89 -18.16
N MET F 110 -38.02 -11.43 -17.34
CA MET F 110 -37.90 -11.00 -15.95
C MET F 110 -37.00 -9.77 -15.82
N GLY F 111 -36.33 -9.42 -16.91
CA GLY F 111 -35.43 -8.29 -16.92
C GLY F 111 -33.98 -8.69 -16.64
N ARG F 112 -33.80 -9.85 -16.05
CA ARG F 112 -32.47 -10.37 -15.75
C ARG F 112 -31.79 -10.84 -17.03
N PHE F 113 -31.24 -9.89 -17.79
CA PHE F 113 -30.74 -10.16 -19.13
C PHE F 113 -29.47 -11.01 -19.16
N ASP F 114 -28.62 -10.86 -18.14
CA ASP F 114 -27.36 -11.59 -18.09
C ASP F 114 -27.59 -13.08 -17.84
N GLU F 115 -28.37 -13.37 -16.81
CA GLU F 115 -28.70 -14.74 -16.45
C GLU F 115 -29.44 -15.43 -17.59
N ALA F 116 -30.17 -14.65 -18.39
CA ALA F 116 -30.83 -15.16 -19.57
C ALA F 116 -29.80 -15.46 -20.65
N ALA F 117 -28.82 -14.57 -20.75
CA ALA F 117 -27.78 -14.66 -21.78
C ALA F 117 -26.94 -15.91 -21.60
N ILE F 118 -26.57 -16.24 -20.37
CA ILE F 118 -25.74 -17.42 -20.16
C ILE F 118 -26.48 -18.70 -20.52
N CYS F 119 -27.78 -18.75 -20.21
CA CYS F 119 -28.58 -19.93 -20.49
C CYS F 119 -28.84 -20.08 -21.98
N CYS F 120 -29.17 -18.98 -22.64
CA CYS F 120 -29.39 -19.02 -24.07
C CYS F 120 -28.10 -19.40 -24.80
N GLU F 121 -26.98 -18.85 -24.35
CA GLU F 121 -25.68 -19.19 -24.91
C GLU F 121 -25.39 -20.67 -24.72
N ARG F 122 -25.79 -21.21 -23.57
CA ARG F 122 -25.65 -22.63 -23.31
C ARG F 122 -26.51 -23.43 -24.31
N HIS F 123 -27.69 -22.91 -24.61
CA HIS F 123 -28.57 -23.53 -25.58
C HIS F 123 -27.91 -23.59 -26.95
N LEU F 124 -27.30 -22.48 -27.37
CA LEU F 124 -26.61 -22.45 -28.65
C LEU F 124 -25.45 -23.43 -28.66
N THR F 125 -24.73 -23.48 -27.54
CA THR F 125 -23.59 -24.39 -27.38
C THR F 125 -24.02 -25.84 -27.59
N LEU F 126 -25.04 -26.27 -26.84
CA LEU F 126 -25.57 -27.62 -26.97
C LEU F 126 -26.11 -27.87 -28.36
N ALA F 127 -26.69 -26.84 -28.96
CA ALA F 127 -27.27 -26.95 -30.29
C ALA F 127 -26.20 -27.29 -31.32
N ARG F 128 -25.08 -26.58 -31.27
CA ARG F 128 -24.00 -26.86 -32.23
C ARG F 128 -23.21 -28.10 -31.84
N GLN F 129 -23.30 -28.51 -30.57
CA GLN F 129 -22.61 -29.71 -30.12
C GLN F 129 -23.26 -30.98 -30.67
N LEU F 130 -24.53 -30.89 -31.04
CA LEU F 130 -25.24 -32.03 -31.61
C LEU F 130 -25.45 -31.84 -33.11
N GLY F 131 -25.10 -30.66 -33.61
CA GLY F 131 -25.28 -30.36 -35.02
C GLY F 131 -26.73 -30.11 -35.37
N ASP F 132 -27.55 -29.93 -34.34
CA ASP F 132 -28.98 -29.68 -34.53
C ASP F 132 -29.17 -28.31 -35.17
N ARG F 133 -29.30 -28.30 -36.49
CA ARG F 133 -29.31 -27.07 -37.27
C ARG F 133 -30.50 -26.16 -36.94
N LEU F 134 -31.59 -26.76 -36.46
CA LEU F 134 -32.81 -26.01 -36.16
C LEU F 134 -32.74 -25.28 -34.83
N SER F 135 -32.40 -26.01 -33.77
CA SER F 135 -32.28 -25.42 -32.44
C SER F 135 -31.14 -24.41 -32.41
N GLU F 136 -30.23 -24.53 -33.37
CA GLU F 136 -29.15 -23.56 -33.57
C GLU F 136 -29.75 -22.20 -33.91
N GLY F 137 -30.60 -22.19 -34.93
CA GLY F 137 -31.30 -20.99 -35.33
C GLY F 137 -32.22 -20.48 -34.24
N ARG F 138 -32.87 -21.41 -33.54
CA ARG F 138 -33.73 -21.04 -32.41
C ARG F 138 -32.95 -20.24 -31.36
N ALA F 139 -31.81 -20.80 -30.94
CA ALA F 139 -30.97 -20.16 -29.94
C ALA F 139 -30.41 -18.84 -30.45
N LEU F 140 -30.12 -18.78 -31.74
CA LEU F 140 -29.64 -17.54 -32.36
C LEU F 140 -30.69 -16.43 -32.22
N TYR F 141 -31.89 -16.70 -32.73
CA TYR F 141 -32.99 -15.75 -32.68
C TYR F 141 -33.30 -15.33 -31.24
N ASN F 142 -33.31 -16.30 -30.33
CA ASN F 142 -33.56 -16.04 -28.93
C ASN F 142 -32.52 -15.14 -28.29
N LEU F 143 -31.24 -15.39 -28.59
CA LEU F 143 -30.16 -14.57 -28.08
C LEU F 143 -30.27 -13.15 -28.60
N GLY F 144 -30.58 -13.03 -29.90
CA GLY F 144 -30.83 -11.73 -30.50
C GLY F 144 -31.92 -10.99 -29.75
N ASN F 145 -32.99 -11.71 -29.42
CA ASN F 145 -34.07 -11.15 -28.62
C ASN F 145 -33.58 -10.64 -27.27
N VAL F 146 -32.80 -11.47 -26.57
CA VAL F 146 -32.29 -11.12 -25.26
C VAL F 146 -31.48 -9.83 -25.29
N TYR F 147 -30.47 -9.78 -26.15
CA TYR F 147 -29.60 -8.62 -26.21
C TYR F 147 -30.34 -7.37 -26.72
N HIS F 148 -31.29 -7.58 -27.63
CA HIS F 148 -32.12 -6.47 -28.09
C HIS F 148 -32.90 -5.86 -26.94
N ALA F 149 -33.48 -6.73 -26.12
CA ALA F 149 -34.26 -6.31 -24.96
C ALA F 149 -33.37 -5.56 -23.97
N LYS F 150 -32.18 -6.08 -23.74
CA LYS F 150 -31.21 -5.45 -22.85
C LYS F 150 -30.88 -4.04 -23.31
N GLY F 151 -30.55 -3.92 -24.60
CA GLY F 151 -30.23 -2.64 -25.19
C GLY F 151 -31.38 -1.64 -25.11
N LYS F 152 -32.59 -2.10 -25.42
CA LYS F 152 -33.76 -1.23 -25.41
C LYS F 152 -34.06 -0.74 -23.99
N HIS F 153 -33.88 -1.63 -23.02
CA HIS F 153 -34.09 -1.26 -21.62
C HIS F 153 -33.08 -0.22 -21.15
N LEU F 154 -31.80 -0.56 -21.32
CA LEU F 154 -30.70 0.34 -20.95
C LEU F 154 -30.84 1.71 -21.61
N GLY F 155 -31.30 1.71 -22.85
CA GLY F 155 -31.48 2.94 -23.59
C GLY F 155 -32.68 3.74 -23.12
N GLN F 156 -33.75 3.04 -22.75
CA GLN F 156 -34.96 3.71 -22.29
C GLN F 156 -34.73 4.32 -20.91
N ARG F 157 -33.78 3.75 -20.16
CA ARG F 157 -33.40 4.32 -18.86
C ARG F 157 -32.97 5.78 -19.00
N ASN F 158 -32.09 6.03 -19.97
CA ASN F 158 -31.66 7.40 -20.29
C ASN F 158 -31.72 7.64 -21.79
N PRO F 159 -32.89 8.09 -22.28
CA PRO F 159 -33.17 8.24 -23.71
C PRO F 159 -32.30 9.28 -24.40
N GLY F 160 -31.93 10.33 -23.68
CA GLY F 160 -31.13 11.41 -24.25
C GLY F 160 -29.75 10.97 -24.68
N LYS F 161 -28.96 10.48 -23.72
CA LYS F 161 -27.59 10.06 -24.00
C LYS F 161 -27.54 8.63 -24.51
N PHE F 162 -26.84 8.43 -25.63
CA PHE F 162 -26.65 7.11 -26.19
C PHE F 162 -25.31 6.54 -25.78
N GLY F 163 -25.30 5.81 -24.66
CA GLY F 163 -24.07 5.33 -24.06
C GLY F 163 -23.32 4.26 -24.83
N ASP F 164 -22.32 3.68 -24.17
CA ASP F 164 -21.49 2.66 -24.80
C ASP F 164 -22.02 1.25 -24.53
N ASP F 165 -22.60 1.06 -23.35
CA ASP F 165 -23.18 -0.22 -22.96
C ASP F 165 -24.32 -0.60 -23.90
N VAL F 166 -25.20 0.37 -24.17
CA VAL F 166 -26.36 0.14 -25.02
C VAL F 166 -25.94 -0.18 -26.46
N LYS F 167 -24.97 0.57 -26.99
CA LYS F 167 -24.51 0.34 -28.35
C LYS F 167 -23.79 -1.01 -28.44
N GLU F 168 -23.14 -1.42 -27.36
CA GLU F 168 -22.46 -2.70 -27.32
C GLU F 168 -23.47 -3.85 -27.38
N ALA F 169 -24.43 -3.81 -26.47
CA ALA F 169 -25.49 -4.82 -26.42
C ALA F 169 -26.24 -4.91 -27.74
N LEU F 170 -26.65 -3.76 -28.26
CA LEU F 170 -27.38 -3.70 -29.53
C LEU F 170 -26.54 -4.24 -30.68
N THR F 171 -25.25 -3.96 -30.66
CA THR F 171 -24.34 -4.46 -31.69
C THR F 171 -24.29 -5.99 -31.66
N ARG F 172 -24.17 -6.55 -30.45
CA ARG F 172 -24.17 -7.99 -30.28
C ARG F 172 -25.49 -8.59 -30.77
N ALA F 173 -26.58 -7.86 -30.52
CA ALA F 173 -27.89 -8.28 -31.01
C ALA F 173 -27.92 -8.33 -32.53
N VAL F 174 -27.32 -7.34 -33.18
CA VAL F 174 -27.19 -7.32 -34.63
C VAL F 174 -26.42 -8.54 -35.11
N GLU F 175 -25.33 -8.84 -34.42
CA GLU F 175 -24.51 -10.01 -34.71
C GLU F 175 -25.34 -11.30 -34.73
N PHE F 176 -26.00 -11.58 -33.59
CA PHE F 176 -26.84 -12.77 -33.48
C PHE F 176 -27.94 -12.82 -34.54
N TYR F 177 -28.63 -11.70 -34.72
CA TYR F 177 -29.74 -11.62 -35.68
C TYR F 177 -29.30 -11.90 -37.10
N GLN F 178 -28.18 -11.31 -37.52
CA GLN F 178 -27.63 -11.57 -38.84
C GLN F 178 -27.26 -13.04 -39.02
N GLU F 179 -26.54 -13.58 -38.04
CA GLU F 179 -26.13 -14.98 -38.10
C GLU F 179 -27.34 -15.90 -38.20
N ASN F 180 -28.44 -15.50 -37.57
CA ASN F 180 -29.68 -16.26 -37.65
C ASN F 180 -30.33 -16.15 -39.02
N LEU F 181 -30.33 -14.94 -39.56
CA LEU F 181 -30.95 -14.67 -40.86
C LEU F 181 -30.28 -15.47 -41.97
N LYS F 182 -28.95 -15.60 -41.89
CA LYS F 182 -28.23 -16.40 -42.89
C LYS F 182 -28.74 -17.84 -42.90
N LEU F 183 -28.86 -18.44 -41.72
CA LEU F 183 -29.30 -19.81 -41.60
C LEU F 183 -30.76 -19.98 -42.00
N MET F 184 -31.58 -18.97 -41.70
CA MET F 184 -32.99 -19.01 -42.05
C MET F 184 -33.20 -18.90 -43.56
N ARG F 185 -32.30 -18.18 -44.22
CA ARG F 185 -32.31 -18.11 -45.68
C ARG F 185 -31.80 -19.42 -46.26
N ASP F 186 -30.85 -20.03 -45.56
CA ASP F 186 -30.26 -21.29 -45.99
C ASP F 186 -31.27 -22.44 -46.01
N LEU F 187 -32.08 -22.52 -44.96
CA LEU F 187 -33.01 -23.63 -44.80
C LEU F 187 -34.33 -23.41 -45.55
N GLY F 188 -34.55 -22.19 -46.02
CA GLY F 188 -35.72 -21.87 -46.82
C GLY F 188 -36.95 -21.52 -46.01
N ASP F 189 -36.75 -21.19 -44.74
CA ASP F 189 -37.85 -20.77 -43.87
C ASP F 189 -38.20 -19.32 -44.14
N ARG F 190 -39.21 -19.10 -44.97
CA ARG F 190 -39.56 -17.76 -45.44
C ARG F 190 -40.11 -16.86 -44.33
N GLY F 191 -40.80 -17.46 -43.37
CA GLY F 191 -41.43 -16.69 -42.30
C GLY F 191 -40.49 -16.25 -41.21
N ALA F 192 -39.68 -17.19 -40.70
CA ALA F 192 -38.69 -16.88 -39.68
C ALA F 192 -37.68 -15.87 -40.23
N GLN F 193 -37.47 -15.94 -41.55
CA GLN F 193 -36.73 -14.91 -42.26
C GLN F 193 -37.34 -13.55 -41.97
N GLY F 194 -38.66 -13.48 -42.01
CA GLY F 194 -39.38 -12.26 -41.75
C GLY F 194 -39.24 -11.80 -40.31
N ARG F 195 -39.35 -12.74 -39.37
CA ARG F 195 -39.17 -12.42 -37.95
C ARG F 195 -37.80 -11.78 -37.72
N ALA F 196 -36.76 -12.49 -38.15
CA ALA F 196 -35.40 -12.02 -38.00
C ALA F 196 -35.17 -10.70 -38.72
N CYS F 197 -35.83 -10.53 -39.86
CA CYS F 197 -35.72 -9.29 -40.64
C CYS F 197 -36.29 -8.10 -39.88
N GLY F 198 -37.47 -8.29 -39.30
CA GLY F 198 -38.13 -7.26 -38.54
C GLY F 198 -37.30 -6.86 -37.33
N ASN F 199 -36.90 -7.86 -36.55
CA ASN F 199 -36.09 -7.59 -35.37
C ASN F 199 -34.74 -6.95 -35.71
N LEU F 200 -34.20 -7.32 -36.87
CA LEU F 200 -32.95 -6.73 -37.35
C LEU F 200 -33.15 -5.27 -37.71
N GLY F 201 -34.28 -4.99 -38.35
CA GLY F 201 -34.64 -3.64 -38.71
C GLY F 201 -34.79 -2.77 -37.48
N ASN F 202 -35.40 -3.32 -36.44
CA ASN F 202 -35.56 -2.58 -35.19
C ASN F 202 -34.24 -2.35 -34.46
N THR F 203 -33.42 -3.39 -34.35
CA THR F 203 -32.16 -3.26 -33.63
C THR F 203 -31.18 -2.37 -34.40
N TYR F 204 -31.38 -2.26 -35.71
CA TYR F 204 -30.64 -1.30 -36.51
C TYR F 204 -31.18 0.11 -36.28
N TYR F 205 -32.51 0.19 -36.16
CA TYR F 205 -33.18 1.46 -35.93
C TYR F 205 -32.75 2.10 -34.62
N LEU F 206 -32.48 1.27 -33.62
CA LEU F 206 -32.01 1.76 -32.33
C LEU F 206 -30.54 2.17 -32.40
N LEU F 207 -29.82 1.64 -33.39
CA LEU F 207 -28.41 1.95 -33.56
C LEU F 207 -28.18 3.09 -34.55
N GLY F 208 -29.28 3.69 -35.01
CA GLY F 208 -29.19 4.85 -35.88
C GLY F 208 -29.01 4.52 -37.35
N ASP F 209 -28.64 3.27 -37.64
CA ASP F 209 -28.44 2.84 -39.02
C ASP F 209 -29.78 2.69 -39.74
N PHE F 210 -30.41 3.81 -40.06
CA PHE F 210 -31.72 3.81 -40.69
C PHE F 210 -31.66 3.31 -42.13
N GLN F 211 -30.53 3.57 -42.79
CA GLN F 211 -30.36 3.21 -44.20
C GLN F 211 -30.32 1.70 -44.40
N ALA F 212 -30.13 0.95 -43.32
CA ALA F 212 -30.15 -0.50 -43.37
C ALA F 212 -31.50 -1.01 -42.86
N ALA F 213 -32.02 -0.34 -41.85
CA ALA F 213 -33.33 -0.67 -41.28
C ALA F 213 -34.40 -0.58 -42.35
N ILE F 214 -34.25 0.38 -43.25
CA ILE F 214 -35.14 0.52 -44.39
C ILE F 214 -35.14 -0.74 -45.24
N GLU F 215 -33.95 -1.23 -45.55
CA GLU F 215 -33.77 -2.43 -46.36
C GLU F 215 -34.40 -3.65 -45.70
N HIS F 216 -34.01 -3.90 -44.45
CA HIS F 216 -34.51 -5.06 -43.72
C HIS F 216 -36.03 -5.03 -43.55
N HIS F 217 -36.56 -3.86 -43.21
CA HIS F 217 -38.00 -3.72 -43.02
C HIS F 217 -38.74 -3.83 -44.35
N GLN F 218 -38.06 -3.52 -45.44
CA GLN F 218 -38.66 -3.67 -46.77
C GLN F 218 -38.70 -5.15 -47.17
N GLU F 219 -37.67 -5.89 -46.80
CA GLU F 219 -37.66 -7.34 -47.02
C GLU F 219 -38.76 -7.99 -46.18
N ARG F 220 -38.91 -7.51 -44.94
CA ARG F 220 -39.97 -7.98 -44.07
C ARG F 220 -41.34 -7.66 -44.66
N LEU F 221 -41.47 -6.48 -45.27
CA LEU F 221 -42.70 -6.10 -45.95
C LEU F 221 -43.00 -7.09 -47.08
N ARG F 222 -41.98 -7.38 -47.89
CA ARG F 222 -42.11 -8.32 -48.99
C ARG F 222 -42.59 -9.68 -48.50
N ILE F 223 -41.91 -10.22 -47.49
CA ILE F 223 -42.26 -11.51 -46.91
C ILE F 223 -43.70 -11.51 -46.39
N ALA F 224 -44.06 -10.42 -45.72
CA ALA F 224 -45.39 -10.26 -45.16
C ALA F 224 -46.46 -10.29 -46.24
N ARG F 225 -46.21 -9.60 -47.34
CA ARG F 225 -47.16 -9.58 -48.44
C ARG F 225 -47.22 -10.94 -49.13
N GLU F 226 -46.11 -11.66 -49.12
CA GLU F 226 -46.05 -13.00 -49.68
C GLU F 226 -46.92 -13.96 -48.87
N PHE F 227 -46.82 -13.86 -47.55
CA PHE F 227 -47.58 -14.72 -46.65
C PHE F 227 -49.03 -14.27 -46.51
N GLY F 228 -49.28 -12.98 -46.73
CA GLY F 228 -50.60 -12.42 -46.55
C GLY F 228 -50.82 -12.05 -45.09
N ASP F 229 -49.91 -11.25 -44.55
CA ASP F 229 -49.94 -10.86 -43.16
C ASP F 229 -50.10 -9.35 -43.04
N ARG F 230 -51.35 -8.88 -42.99
CA ARG F 230 -51.62 -7.45 -42.95
C ARG F 230 -51.12 -6.78 -41.67
N ALA F 231 -51.07 -7.55 -40.60
CA ALA F 231 -50.52 -7.06 -39.34
C ALA F 231 -49.03 -6.77 -39.51
N ALA F 232 -48.30 -7.73 -40.05
CA ALA F 232 -46.88 -7.57 -40.33
C ALA F 232 -46.66 -6.47 -41.35
N GLU F 233 -47.62 -6.30 -42.26
CA GLU F 233 -47.59 -5.20 -43.22
C GLU F 233 -47.63 -3.87 -42.49
N ARG F 234 -48.53 -3.77 -41.50
CA ARG F 234 -48.67 -2.55 -40.71
C ARG F 234 -47.40 -2.26 -39.92
N ARG F 235 -46.86 -3.29 -39.27
CA ARG F 235 -45.63 -3.15 -38.51
C ARG F 235 -44.49 -2.65 -39.38
N ALA F 236 -44.29 -3.35 -40.50
CA ALA F 236 -43.22 -3.02 -41.45
C ALA F 236 -43.37 -1.60 -41.98
N ASN F 237 -44.57 -1.23 -42.39
CA ASN F 237 -44.82 0.12 -42.89
C ASN F 237 -44.54 1.19 -41.85
N SER F 238 -45.03 0.97 -40.63
CA SER F 238 -44.83 1.91 -39.53
C SER F 238 -43.34 2.12 -39.25
N ASN F 239 -42.60 1.02 -39.17
CA ASN F 239 -41.16 1.11 -38.94
C ASN F 239 -40.44 1.81 -40.09
N LEU F 240 -40.84 1.49 -41.31
CA LEU F 240 -40.28 2.11 -42.50
C LEU F 240 -40.43 3.62 -42.48
N GLY F 241 -41.66 4.08 -42.20
CA GLY F 241 -41.92 5.50 -42.09
C GLY F 241 -41.12 6.11 -40.97
N ASN F 242 -41.01 5.39 -39.86
CA ASN F 242 -40.23 5.84 -38.71
C ASN F 242 -38.76 6.08 -39.06
N SER F 243 -38.23 5.25 -39.96
CA SER F 243 -36.84 5.41 -40.38
C SER F 243 -36.70 6.53 -41.42
N HIS F 244 -37.62 6.57 -42.37
CA HIS F 244 -37.61 7.59 -43.42
C HIS F 244 -37.74 8.99 -42.83
N ILE F 245 -38.42 9.10 -41.69
CA ILE F 245 -38.51 10.37 -40.98
C ILE F 245 -37.12 10.83 -40.55
N PHE F 246 -36.33 9.91 -40.01
CA PHE F 246 -35.00 10.23 -39.53
C PHE F 246 -33.97 10.28 -40.65
N LEU F 247 -34.36 9.86 -41.85
CA LEU F 247 -33.46 9.96 -43.01
C LEU F 247 -33.72 11.22 -43.81
N GLY F 248 -34.83 11.90 -43.55
CA GLY F 248 -35.15 13.13 -44.24
C GLY F 248 -36.18 12.92 -45.34
N GLN F 249 -36.35 11.67 -45.77
CA GLN F 249 -37.35 11.34 -46.77
C GLN F 249 -38.76 11.53 -46.21
N PHE F 250 -39.20 12.78 -46.17
CA PHE F 250 -40.51 13.11 -45.62
C PHE F 250 -41.64 12.53 -46.46
N GLU F 251 -41.43 12.50 -47.77
CA GLU F 251 -42.42 11.98 -48.69
C GLU F 251 -42.61 10.48 -48.52
N ASP F 252 -41.50 9.76 -48.45
CA ASP F 252 -41.53 8.31 -48.24
C ASP F 252 -42.20 7.96 -46.92
N ALA F 253 -41.81 8.67 -45.87
CA ALA F 253 -42.39 8.47 -44.55
C ALA F 253 -43.88 8.77 -44.55
N ALA F 254 -44.27 9.77 -45.33
CA ALA F 254 -45.68 10.13 -45.46
C ALA F 254 -46.46 9.00 -46.13
N GLU F 255 -45.88 8.43 -47.18
CA GLU F 255 -46.52 7.34 -47.90
C GLU F 255 -46.67 6.10 -47.02
N HIS F 256 -45.57 5.68 -46.40
CA HIS F 256 -45.60 4.52 -45.52
C HIS F 256 -46.57 4.72 -44.35
N TYR F 257 -46.62 5.95 -43.83
CA TYR F 257 -47.54 6.26 -42.74
C TYR F 257 -48.99 6.22 -43.22
N LYS F 258 -49.22 6.59 -44.47
CA LYS F 258 -50.56 6.51 -45.05
C LYS F 258 -50.99 5.07 -45.22
N ARG F 259 -50.04 4.22 -45.63
CA ARG F 259 -50.31 2.79 -45.74
C ARG F 259 -50.64 2.20 -44.36
N THR F 260 -49.85 2.59 -43.36
CA THR F 260 -50.08 2.17 -41.98
C THR F 260 -51.46 2.61 -41.53
N LEU F 261 -51.85 3.81 -41.91
CA LEU F 261 -53.17 4.35 -41.57
C LEU F 261 -54.28 3.49 -42.20
N ALA F 262 -54.13 3.19 -43.48
CA ALA F 262 -55.12 2.38 -44.20
C ALA F 262 -55.28 1.00 -43.58
N LEU F 263 -54.15 0.34 -43.33
CA LEU F 263 -54.17 -1.00 -42.74
C LEU F 263 -54.77 -0.98 -41.34
N ALA F 264 -54.40 0.02 -40.54
CA ALA F 264 -54.93 0.16 -39.19
C ALA F 264 -56.44 0.40 -39.23
N VAL F 265 -56.89 1.10 -40.27
CA VAL F 265 -58.32 1.31 -40.48
C VAL F 265 -58.99 -0.03 -40.78
N GLU F 266 -58.34 -0.83 -41.63
CA GLU F 266 -58.87 -2.14 -41.98
C GLU F 266 -58.91 -3.09 -40.79
N LEU F 267 -57.81 -3.15 -40.04
CA LEU F 267 -57.67 -4.10 -38.94
C LEU F 267 -58.51 -3.76 -37.73
N GLY F 268 -59.30 -2.70 -37.82
CA GLY F 268 -60.17 -2.29 -36.72
C GLY F 268 -59.38 -1.85 -35.50
N GLU F 269 -58.31 -1.11 -35.73
CA GLU F 269 -57.48 -0.60 -34.64
C GLU F 269 -57.58 0.92 -34.56
N ARG F 270 -58.42 1.40 -33.65
CA ARG F 270 -58.68 2.83 -33.52
C ARG F 270 -57.46 3.57 -32.99
N GLU F 271 -56.82 2.99 -31.97
CA GLU F 271 -55.65 3.61 -31.35
C GLU F 271 -54.50 3.74 -32.34
N VAL F 272 -54.27 2.70 -33.13
CA VAL F 272 -53.22 2.73 -34.13
C VAL F 272 -53.56 3.74 -35.23
N GLU F 273 -54.85 3.89 -35.50
CA GLU F 273 -55.33 4.86 -36.47
C GLU F 273 -55.00 6.28 -36.01
N ALA F 274 -55.32 6.58 -34.75
CA ALA F 274 -55.04 7.89 -34.18
C ALA F 274 -53.54 8.16 -34.13
N GLN F 275 -52.78 7.16 -33.70
CA GLN F 275 -51.32 7.26 -33.67
C GLN F 275 -50.77 7.61 -35.05
N SER F 276 -51.22 6.88 -36.06
CA SER F 276 -50.81 7.10 -37.43
C SER F 276 -51.21 8.48 -37.92
N CYS F 277 -52.34 8.98 -37.42
CA CYS F 277 -52.80 10.32 -37.77
C CYS F 277 -51.88 11.39 -37.19
N TYR F 278 -51.46 11.19 -35.95
CA TYR F 278 -50.52 12.11 -35.30
C TYR F 278 -49.20 12.11 -36.08
N SER F 279 -48.75 10.90 -36.41
CA SER F 279 -47.53 10.72 -37.19
C SER F 279 -47.59 11.48 -38.52
N LEU F 280 -48.66 11.24 -39.26
CA LEU F 280 -48.87 11.90 -40.55
C LEU F 280 -48.94 13.41 -40.40
N GLY F 281 -49.59 13.88 -39.34
CA GLY F 281 -49.70 15.30 -39.09
C GLY F 281 -48.33 15.92 -38.90
N ASN F 282 -47.52 15.34 -38.02
CA ASN F 282 -46.17 15.85 -37.83
C ASN F 282 -45.32 15.80 -39.10
N THR F 283 -45.45 14.69 -39.83
CA THR F 283 -44.73 14.52 -41.10
C THR F 283 -45.06 15.63 -42.09
N TYR F 284 -46.36 15.94 -42.23
CA TYR F 284 -46.79 16.99 -43.14
C TYR F 284 -46.40 18.37 -42.61
N THR F 285 -46.22 18.47 -41.29
CA THR F 285 -45.70 19.70 -40.72
C THR F 285 -44.26 19.87 -41.18
N LEU F 286 -43.54 18.75 -41.26
CA LEU F 286 -42.16 18.77 -41.73
C LEU F 286 -42.09 19.05 -43.23
N LEU F 287 -43.14 18.67 -43.96
CA LEU F 287 -43.23 18.92 -45.39
C LEU F 287 -43.67 20.36 -45.67
N HIS F 288 -43.93 21.11 -44.60
CA HIS F 288 -44.43 22.49 -44.68
C HIS F 288 -45.76 22.58 -45.43
N GLU F 289 -46.50 21.48 -45.43
CA GLU F 289 -47.89 21.47 -45.88
C GLU F 289 -48.78 21.53 -44.64
N PHE F 290 -48.74 22.66 -43.97
CA PHE F 290 -49.38 22.81 -42.66
C PHE F 290 -50.89 22.54 -42.67
N ASN F 291 -51.52 22.78 -43.80
CA ASN F 291 -52.96 22.55 -43.92
C ASN F 291 -53.32 21.06 -43.77
N THR F 292 -52.60 20.21 -44.49
CA THR F 292 -52.81 18.77 -44.41
C THR F 292 -52.45 18.24 -43.03
N ALA F 293 -51.41 18.83 -42.45
CA ALA F 293 -50.99 18.51 -41.08
C ALA F 293 -52.14 18.76 -40.12
N ILE F 294 -52.78 19.92 -40.29
CA ILE F 294 -53.98 20.26 -39.53
C ILE F 294 -55.07 19.22 -39.77
N GLU F 295 -55.25 18.83 -41.02
CA GLU F 295 -56.27 17.85 -41.40
C GLU F 295 -56.11 16.54 -40.63
N TYR F 296 -54.88 16.02 -40.57
CA TYR F 296 -54.63 14.76 -39.88
C TYR F 296 -54.68 14.91 -38.36
N HIS F 297 -54.09 15.98 -37.86
CA HIS F 297 -54.08 16.24 -36.42
C HIS F 297 -55.50 16.43 -35.88
N ASN F 298 -56.42 16.85 -36.74
CA ASN F 298 -57.83 16.95 -36.37
C ASN F 298 -58.42 15.57 -36.10
N ARG F 299 -58.10 14.62 -36.97
CA ARG F 299 -58.53 13.24 -36.80
C ARG F 299 -57.95 12.67 -35.52
N HIS F 300 -56.65 12.88 -35.32
CA HIS F 300 -55.98 12.43 -34.11
C HIS F 300 -56.65 12.99 -32.87
N LEU F 301 -56.99 14.27 -32.91
CA LEU F 301 -57.68 14.91 -31.79
C LEU F 301 -59.05 14.30 -31.54
N ALA F 302 -59.80 14.08 -32.62
CA ALA F 302 -61.13 13.51 -32.51
C ALA F 302 -61.11 12.14 -31.86
N ILE F 303 -60.21 11.27 -32.33
CA ILE F 303 -60.11 9.94 -31.75
C ILE F 303 -59.60 10.00 -30.32
N ALA F 304 -58.66 10.91 -30.05
CA ALA F 304 -58.11 11.08 -28.71
C ALA F 304 -59.20 11.45 -27.72
N GLN F 305 -60.12 12.31 -28.15
CA GLN F 305 -61.26 12.69 -27.32
C GLN F 305 -62.24 11.54 -27.17
N GLU F 306 -62.45 10.82 -28.28
CA GLU F 306 -63.40 9.70 -28.29
C GLU F 306 -63.00 8.61 -27.29
N LEU F 307 -61.77 8.12 -27.42
CA LEU F 307 -61.28 7.04 -26.55
C LEU F 307 -61.07 7.52 -25.12
N GLY F 308 -60.83 8.82 -24.97
CA GLY F 308 -60.60 9.39 -23.67
C GLY F 308 -59.12 9.57 -23.37
N ASP F 309 -58.30 9.46 -24.41
CA ASP F 309 -56.86 9.67 -24.27
C ASP F 309 -56.59 11.14 -23.96
N ARG F 310 -56.65 11.49 -22.68
CA ARG F 310 -56.48 12.87 -22.25
C ARG F 310 -55.09 13.39 -22.60
N ILE F 311 -54.08 12.54 -22.42
CA ILE F 311 -52.72 12.88 -22.77
C ILE F 311 -52.60 13.11 -24.28
N GLY F 312 -53.21 12.20 -25.04
CA GLY F 312 -53.22 12.29 -26.49
C GLY F 312 -53.95 13.54 -26.96
N GLU F 313 -54.96 13.95 -26.21
CA GLU F 313 -55.70 15.18 -26.51
C GLU F 313 -54.81 16.39 -26.24
N ALA F 314 -54.05 16.32 -25.16
CA ALA F 314 -53.11 17.38 -24.81
C ALA F 314 -52.07 17.56 -25.90
N ARG F 315 -51.48 16.47 -26.35
CA ARG F 315 -50.51 16.51 -27.43
C ARG F 315 -51.17 16.99 -28.73
N ALA F 316 -52.43 16.60 -28.91
CA ALA F 316 -53.19 16.97 -30.10
C ALA F 316 -53.36 18.48 -30.19
N CYS F 317 -53.76 19.11 -29.09
CA CYS F 317 -53.88 20.55 -29.06
C CYS F 317 -52.50 21.20 -29.17
N TRP F 318 -51.52 20.57 -28.54
CA TRP F 318 -50.15 21.07 -28.52
C TRP F 318 -49.57 21.18 -29.93
N SER F 319 -49.96 20.26 -30.81
CA SER F 319 -49.51 20.32 -32.20
C SER F 319 -50.44 21.19 -33.04
N LEU F 320 -51.74 21.07 -32.80
CA LEU F 320 -52.75 21.78 -33.56
C LEU F 320 -52.60 23.29 -33.49
N GLY F 321 -52.28 23.80 -32.30
CA GLY F 321 -52.09 25.23 -32.13
C GLY F 321 -50.86 25.71 -32.87
N ASN F 322 -49.76 24.99 -32.70
CA ASN F 322 -48.49 25.34 -33.33
C ASN F 322 -48.55 25.29 -34.84
N ALA F 323 -49.40 24.42 -35.37
CA ALA F 323 -49.59 24.32 -36.82
C ALA F 323 -50.61 25.34 -37.31
N HIS F 324 -51.54 25.71 -36.44
CA HIS F 324 -52.58 26.69 -36.78
C HIS F 324 -51.99 28.09 -36.85
N SER F 325 -51.02 28.37 -36.00
CA SER F 325 -50.38 29.69 -35.98
C SER F 325 -49.60 29.94 -37.25
N ALA F 326 -49.03 28.88 -37.82
CA ALA F 326 -48.19 28.99 -39.01
C ALA F 326 -49.00 29.33 -40.26
N ILE F 327 -50.29 29.01 -40.24
CA ILE F 327 -51.13 29.24 -41.41
C ILE F 327 -51.80 30.61 -41.34
N GLY F 328 -51.60 31.31 -40.23
CA GLY F 328 -52.11 32.67 -40.09
C GLY F 328 -53.40 32.78 -39.30
N GLY F 329 -53.83 31.67 -38.72
CA GLY F 329 -55.04 31.66 -37.90
C GLY F 329 -54.71 31.65 -36.43
N HIS F 330 -54.12 32.74 -35.95
CA HIS F 330 -53.66 32.81 -34.57
C HIS F 330 -54.82 32.85 -33.58
N GLU F 331 -55.99 33.26 -34.04
CA GLU F 331 -57.18 33.32 -33.21
C GLU F 331 -57.56 31.93 -32.68
N ARG F 332 -57.41 30.92 -33.52
CA ARG F 332 -57.71 29.55 -33.13
C ARG F 332 -56.53 28.94 -32.38
N ALA F 333 -55.33 29.36 -32.75
CA ALA F 333 -54.11 28.91 -32.08
C ALA F 333 -54.13 29.31 -30.61
N LEU F 334 -54.74 30.46 -30.34
CA LEU F 334 -54.97 30.91 -28.97
C LEU F 334 -55.85 29.93 -28.21
N LYS F 335 -56.94 29.51 -28.87
CA LYS F 335 -57.89 28.58 -28.27
C LYS F 335 -57.23 27.24 -27.97
N TYR F 336 -56.47 26.74 -28.93
CA TYR F 336 -55.72 25.49 -28.73
C TYR F 336 -54.68 25.64 -27.65
N ALA F 337 -54.15 26.85 -27.49
CA ALA F 337 -53.19 27.13 -26.43
C ALA F 337 -53.89 27.02 -25.07
N GLU F 338 -55.09 27.58 -24.98
CA GLU F 338 -55.88 27.48 -23.76
C GLU F 338 -56.21 26.03 -23.42
N GLN F 339 -56.69 25.29 -24.42
CA GLN F 339 -56.98 23.88 -24.26
C GLN F 339 -55.76 23.12 -23.75
N HIS F 340 -54.63 23.36 -24.38
CA HIS F 340 -53.37 22.75 -23.99
C HIS F 340 -53.05 23.06 -22.52
N LEU F 341 -53.27 24.30 -22.13
CA LEU F 341 -53.00 24.74 -20.76
C LEU F 341 -53.86 23.98 -19.76
N GLN F 342 -55.18 24.06 -19.91
CA GLN F 342 -56.06 23.44 -18.93
C GLN F 342 -55.90 21.92 -18.90
N LEU F 343 -55.70 21.33 -20.06
CA LEU F 343 -55.47 19.88 -20.15
C LEU F 343 -54.19 19.50 -19.42
N ALA F 344 -53.15 20.31 -19.58
CA ALA F 344 -51.88 20.06 -18.89
C ALA F 344 -52.06 20.19 -17.38
N LYS F 345 -52.86 21.16 -16.97
CA LYS F 345 -53.12 21.40 -15.55
C LYS F 345 -53.90 20.24 -14.94
N GLU F 346 -54.83 19.68 -15.70
CA GLU F 346 -55.60 18.52 -15.26
C GLU F 346 -54.73 17.27 -15.26
N LEU F 347 -53.71 17.27 -16.12
CA LEU F 347 -52.82 16.11 -16.23
C LEU F 347 -51.65 16.24 -15.26
N HIS F 348 -51.59 17.37 -14.56
CA HIS F 348 -50.53 17.64 -13.59
C HIS F 348 -49.15 17.57 -14.21
N ASP F 349 -48.98 18.20 -15.37
CA ASP F 349 -47.70 18.19 -16.08
C ASP F 349 -47.06 19.57 -16.05
N PRO F 350 -45.94 19.70 -15.31
CA PRO F 350 -45.23 20.97 -15.13
C PRO F 350 -44.74 21.59 -16.44
N VAL F 351 -43.99 20.82 -17.22
CA VAL F 351 -43.47 21.30 -18.51
C VAL F 351 -44.61 21.62 -19.46
N GLY F 352 -45.67 20.83 -19.41
CA GLY F 352 -46.85 21.06 -20.24
C GLY F 352 -47.47 22.42 -19.96
N GLU F 353 -47.81 22.66 -18.70
CA GLU F 353 -48.35 23.95 -18.27
C GLU F 353 -47.40 25.08 -18.68
N SER F 354 -46.11 24.85 -18.44
CA SER F 354 -45.08 25.83 -18.75
C SER F 354 -45.14 26.28 -20.20
N THR F 355 -44.93 25.34 -21.12
CA THR F 355 -44.91 25.66 -22.55
C THR F 355 -46.25 26.21 -23.01
N ALA F 356 -47.33 25.67 -22.46
CA ALA F 356 -48.67 26.11 -22.81
C ALA F 356 -48.89 27.58 -22.46
N ARG F 357 -48.33 28.02 -21.33
CA ARG F 357 -48.55 29.39 -20.89
C ARG F 357 -47.50 30.36 -21.42
N VAL F 358 -46.35 29.84 -21.86
CA VAL F 358 -45.38 30.70 -22.55
C VAL F 358 -45.79 30.84 -24.01
N ASN F 359 -46.72 29.99 -24.44
CA ASN F 359 -47.31 30.14 -25.78
C ASN F 359 -48.44 31.17 -25.79
N ILE F 360 -48.40 32.10 -24.85
CA ILE F 360 -49.40 33.16 -24.77
C ILE F 360 -49.00 34.37 -25.60
N SER F 361 -47.84 34.27 -26.24
CA SER F 361 -47.34 35.36 -27.07
C SER F 361 -47.91 35.27 -28.49
N SER G 16 0.79 20.63 12.31
CA SER G 16 -0.65 20.43 12.47
C SER G 16 -0.98 19.83 13.84
N SER G 17 -0.35 18.71 14.15
CA SER G 17 -0.49 18.08 15.47
C SER G 17 0.47 18.75 16.45
N MET G 18 1.70 18.93 16.00
CA MET G 18 2.71 19.65 16.77
C MET G 18 2.20 21.05 17.07
N CYS G 19 1.53 21.64 16.09
CA CYS G 19 0.88 22.93 16.26
C CYS G 19 -0.14 22.91 17.38
N LEU G 20 -0.95 21.85 17.40
CA LEU G 20 -1.97 21.69 18.43
C LEU G 20 -1.34 21.60 19.81
N GLU G 21 -0.26 20.83 19.93
CA GLU G 21 0.42 20.70 21.21
C GLU G 21 1.03 22.03 21.67
N LEU G 22 1.78 22.68 20.77
CA LEU G 22 2.39 23.96 21.05
C LEU G 22 1.34 24.99 21.50
N ALA G 23 0.27 25.10 20.73
CA ALA G 23 -0.79 26.05 21.02
C ALA G 23 -1.51 25.69 22.31
N LEU G 24 -1.58 24.41 22.64
CA LEU G 24 -2.22 23.96 23.86
C LEU G 24 -1.41 24.39 25.07
N GLU G 25 -0.09 24.17 25.01
CA GLU G 25 0.77 24.61 26.10
C GLU G 25 0.82 26.12 26.20
N GLY G 26 0.66 26.79 25.06
CA GLY G 26 0.60 28.25 25.04
C GLY G 26 -0.64 28.75 25.75
N GLU G 27 -1.78 28.13 25.44
CA GLU G 27 -3.04 28.45 26.10
C GLU G 27 -2.92 28.22 27.60
N ARG G 28 -2.36 27.07 27.97
CA ARG G 28 -2.15 26.74 29.37
C ARG G 28 -1.30 27.79 30.08
N LEU G 29 -0.23 28.22 29.41
CA LEU G 29 0.66 29.23 29.97
C LEU G 29 -0.03 30.58 30.11
N CYS G 30 -0.93 30.89 29.18
CA CYS G 30 -1.67 32.14 29.23
C CYS G 30 -2.69 32.14 30.37
N LYS G 31 -3.32 31.00 30.60
CA LYS G 31 -4.28 30.88 31.70
C LYS G 31 -3.56 30.99 33.04
N ALA G 32 -2.27 30.62 33.04
CA ALA G 32 -1.49 30.61 34.27
C ALA G 32 -0.85 31.98 34.54
N GLY G 33 -0.91 32.87 33.56
CA GLY G 33 -0.38 34.21 33.73
C GLY G 33 0.85 34.50 32.90
N ASP G 34 1.68 33.48 32.70
CA ASP G 34 2.89 33.62 31.89
C ASP G 34 2.50 33.79 30.42
N CYS G 35 2.50 35.04 29.95
CA CYS G 35 2.01 35.33 28.61
C CYS G 35 3.10 35.53 27.57
N ARG G 36 4.32 35.85 28.00
CA ARG G 36 5.42 35.98 27.05
C ARG G 36 5.83 34.58 26.58
N ALA G 37 5.85 33.63 27.50
CA ALA G 37 6.15 32.24 27.17
C ALA G 37 5.03 31.67 26.31
N GLY G 38 3.80 32.01 26.66
CA GLY G 38 2.64 31.58 25.91
C GLY G 38 2.67 32.13 24.50
N VAL G 39 3.12 33.36 24.35
CA VAL G 39 3.27 34.00 23.05
C VAL G 39 4.34 33.27 22.24
N ALA G 40 5.45 32.93 22.91
CA ALA G 40 6.52 32.17 22.27
C ALA G 40 6.00 30.84 21.73
N PHE G 41 5.21 30.15 22.55
CA PHE G 41 4.62 28.88 22.15
C PHE G 41 3.62 29.03 21.01
N PHE G 42 2.85 30.11 21.02
CA PHE G 42 1.85 30.36 19.99
C PHE G 42 2.51 30.64 18.64
N GLN G 43 3.53 31.49 18.66
CA GLN G 43 4.27 31.81 17.46
C GLN G 43 4.97 30.56 16.94
N ALA G 44 5.48 29.73 17.86
CA ALA G 44 6.09 28.47 17.50
C ALA G 44 5.05 27.50 16.94
N ALA G 45 3.80 27.72 17.30
CA ALA G 45 2.70 26.87 16.82
C ALA G 45 2.33 27.25 15.40
N ILE G 46 2.31 28.55 15.12
CA ILE G 46 2.03 29.03 13.78
C ILE G 46 3.19 28.70 12.84
N GLN G 47 4.40 28.66 13.40
CA GLN G 47 5.63 28.34 12.67
C GLN G 47 5.45 27.18 11.69
N ALA G 48 4.77 26.14 12.15
CA ALA G 48 4.44 25.00 11.31
C ALA G 48 3.18 24.33 11.84
N GLY G 49 2.04 24.57 11.18
CA GLY G 49 0.79 24.07 11.70
C GLY G 49 -0.41 23.97 10.77
N THR G 50 -1.59 23.98 11.39
CA THR G 50 -2.88 23.81 10.72
C THR G 50 -3.05 24.72 9.51
N GLU G 51 -3.84 24.39 8.46
CA GLU G 51 -4.88 23.34 8.28
C GLU G 51 -6.19 23.72 8.99
N ASP G 52 -6.48 23.11 10.13
CA ASP G 52 -7.69 23.41 10.90
C ASP G 52 -7.82 24.91 11.14
N LEU G 53 -8.83 25.52 10.53
CA LEU G 53 -9.04 26.96 10.61
C LEU G 53 -9.52 27.41 11.98
N ARG G 54 -10.31 26.56 12.65
CA ARG G 54 -10.84 26.89 13.97
C ARG G 54 -9.71 27.07 14.97
N THR G 55 -8.80 26.10 15.01
CA THR G 55 -7.65 26.14 15.89
C THR G 55 -6.79 27.37 15.60
N LEU G 56 -6.56 27.64 14.32
CA LEU G 56 -5.75 28.78 13.90
C LEU G 56 -6.36 30.10 14.37
N SER G 57 -7.66 30.26 14.13
CA SER G 57 -8.38 31.44 14.58
C SER G 57 -8.29 31.61 16.09
N ALA G 58 -8.43 30.49 16.81
CA ALA G 58 -8.28 30.48 18.26
C ALA G 58 -6.90 30.98 18.66
N ILE G 59 -5.88 30.53 17.94
CA ILE G 59 -4.50 30.93 18.20
C ILE G 59 -4.32 32.43 17.98
N TYR G 60 -4.95 32.95 16.93
CA TYR G 60 -4.91 34.38 16.64
C TYR G 60 -5.54 35.18 17.78
N SER G 61 -6.72 34.75 18.22
CA SER G 61 -7.40 35.41 19.33
C SER G 61 -6.53 35.40 20.59
N GLN G 62 -6.07 34.21 20.97
CA GLN G 62 -5.23 34.03 22.14
C GLN G 62 -4.00 34.94 22.07
N LEU G 63 -3.41 35.03 20.89
CA LEU G 63 -2.25 35.91 20.69
C LEU G 63 -2.64 37.38 20.89
N GLY G 64 -3.84 37.73 20.43
CA GLY G 64 -4.33 39.08 20.60
C GLY G 64 -4.45 39.45 22.06
N ASN G 65 -5.18 38.63 22.82
CA ASN G 65 -5.36 38.88 24.24
C ASN G 65 -4.06 38.80 25.03
N ALA G 66 -3.13 37.98 24.55
CA ALA G 66 -1.84 37.82 25.22
C ALA G 66 -0.99 39.08 25.04
N TYR G 67 -0.93 39.56 23.81
CA TYR G 67 -0.19 40.78 23.50
C TYR G 67 -0.83 41.99 24.19
N PHE G 68 -2.15 41.96 24.30
CA PHE G 68 -2.87 42.99 25.05
C PHE G 68 -2.46 42.93 26.52
N TYR G 69 -2.37 41.72 27.04
CA TYR G 69 -1.93 41.46 28.41
C TYR G 69 -0.52 42.00 28.63
N LEU G 70 0.31 41.91 27.60
CA LEU G 70 1.70 42.33 27.70
C LEU G 70 1.90 43.80 27.37
N GLY G 71 0.86 44.44 26.85
CA GLY G 71 0.92 45.86 26.55
C GLY G 71 1.50 46.17 25.19
N ASP G 72 1.63 45.14 24.36
CA ASP G 72 2.09 45.32 22.98
C ASP G 72 0.86 45.46 22.09
N TYR G 73 0.22 46.62 22.17
CA TYR G 73 -1.09 46.83 21.55
C TYR G 73 -1.06 46.77 20.02
N ASN G 74 0.11 47.00 19.43
CA ASN G 74 0.26 46.86 17.99
C ASN G 74 -0.06 45.45 17.53
N LYS G 75 0.73 44.50 18.02
CA LYS G 75 0.58 43.10 17.65
C LYS G 75 -0.75 42.53 18.13
N ALA G 76 -1.27 43.07 19.22
CA ALA G 76 -2.57 42.68 19.73
C ALA G 76 -3.65 43.05 18.73
N MET G 77 -3.62 44.30 18.28
CA MET G 77 -4.55 44.78 17.27
C MET G 77 -4.43 43.96 15.99
N GLN G 78 -3.19 43.65 15.61
CA GLN G 78 -2.94 42.92 14.38
C GLN G 78 -3.51 41.50 14.42
N TYR G 79 -3.25 40.78 15.50
CA TYR G 79 -3.70 39.40 15.58
C TYR G 79 -5.19 39.33 15.85
N HIS G 80 -5.76 40.38 16.44
CA HIS G 80 -7.21 40.46 16.55
C HIS G 80 -7.82 40.74 15.18
N LYS G 81 -7.06 41.45 14.35
CA LYS G 81 -7.47 41.69 12.96
C LYS G 81 -7.47 40.39 12.17
N HIS G 82 -6.43 39.58 12.38
CA HIS G 82 -6.32 38.29 11.70
C HIS G 82 -7.40 37.33 12.16
N ASP G 83 -7.64 37.30 13.47
CA ASP G 83 -8.72 36.50 14.02
C ASP G 83 -10.06 36.95 13.44
N LEU G 84 -10.18 38.27 13.24
CA LEU G 84 -11.42 38.84 12.70
C LEU G 84 -11.64 38.44 11.26
N THR G 85 -10.62 38.55 10.42
CA THR G 85 -10.79 38.21 9.01
C THR G 85 -10.96 36.70 8.83
N LEU G 86 -10.34 35.92 9.71
CA LEU G 86 -10.52 34.48 9.68
C LEU G 86 -11.95 34.12 10.10
N ALA G 87 -12.48 34.87 11.06
CA ALA G 87 -13.85 34.65 11.53
C ALA G 87 -14.86 35.06 10.47
N LYS G 88 -14.53 36.10 9.71
CA LYS G 88 -15.38 36.56 8.63
C LYS G 88 -15.38 35.56 7.48
N SER G 89 -14.22 34.98 7.21
CA SER G 89 -14.08 34.00 6.15
C SER G 89 -14.88 32.74 6.46
N MET G 90 -14.93 32.38 7.74
CA MET G 90 -15.68 31.21 8.19
C MET G 90 -17.16 31.52 8.34
N ASN G 91 -17.51 32.81 8.23
CA ASN G 91 -18.87 33.28 8.48
C ASN G 91 -19.39 32.85 9.84
N ASP G 92 -18.50 32.83 10.83
CA ASP G 92 -18.88 32.57 12.21
C ASP G 92 -19.25 33.88 12.89
N ARG G 93 -20.54 34.18 12.89
CA ARG G 93 -21.03 35.49 13.34
C ARG G 93 -20.72 35.78 14.80
N LEU G 94 -20.81 34.77 15.66
CA LEU G 94 -20.50 34.96 17.07
C LEU G 94 -19.02 35.19 17.28
N GLY G 95 -18.20 34.39 16.59
CA GLY G 95 -16.75 34.55 16.67
C GLY G 95 -16.33 35.89 16.13
N GLU G 96 -16.98 36.32 15.06
CA GLU G 96 -16.75 37.63 14.48
C GLU G 96 -17.12 38.73 15.47
N ALA G 97 -18.18 38.48 16.24
CA ALA G 97 -18.59 39.43 17.27
C ALA G 97 -17.55 39.52 18.38
N LYS G 98 -17.02 38.37 18.80
CA LYS G 98 -15.99 38.31 19.81
C LYS G 98 -14.74 39.07 19.39
N SER G 99 -14.23 38.70 18.22
CA SER G 99 -13.02 39.34 17.69
C SER G 99 -13.24 40.83 17.43
N SER G 100 -14.46 41.20 17.08
CA SER G 100 -14.81 42.60 16.89
C SER G 100 -14.73 43.36 18.21
N GLY G 101 -15.28 42.76 19.27
CA GLY G 101 -15.23 43.35 20.59
C GLY G 101 -13.81 43.53 21.08
N ASN G 102 -13.00 42.48 20.95
CA ASN G 102 -11.60 42.53 21.37
C ASN G 102 -10.81 43.57 20.58
N LEU G 103 -10.97 43.54 19.26
CA LEU G 103 -10.30 44.50 18.40
C LEU G 103 -10.68 45.93 18.76
N GLY G 104 -11.96 46.13 19.04
CA GLY G 104 -12.46 47.44 19.42
C GLY G 104 -11.90 47.89 20.75
N ASN G 105 -11.73 46.96 21.67
CA ASN G 105 -11.14 47.27 22.98
C ASN G 105 -9.69 47.71 22.82
N THR G 106 -8.91 46.89 22.12
CA THR G 106 -7.51 47.20 21.86
C THR G 106 -7.38 48.53 21.12
N LEU G 107 -8.31 48.80 20.22
CA LEU G 107 -8.32 50.04 19.47
C LEU G 107 -8.62 51.23 20.38
N LYS G 108 -9.52 51.03 21.33
CA LYS G 108 -9.86 52.07 22.30
C LYS G 108 -8.66 52.42 23.15
N VAL G 109 -7.94 51.40 23.62
CA VAL G 109 -6.76 51.64 24.45
C VAL G 109 -5.67 52.37 23.67
N MET G 110 -5.64 52.15 22.35
CA MET G 110 -4.65 52.80 21.50
C MET G 110 -5.00 54.25 21.18
N GLY G 111 -6.20 54.65 21.55
CA GLY G 111 -6.63 56.03 21.33
C GLY G 111 -7.30 56.22 19.99
N ARG G 112 -7.47 55.13 19.25
CA ARG G 112 -8.16 55.19 17.96
C ARG G 112 -9.66 54.96 18.18
N PHE G 113 -10.32 55.95 18.77
CA PHE G 113 -11.69 55.79 19.27
C PHE G 113 -12.72 55.58 18.17
N ASP G 114 -12.50 56.15 17.00
CA ASP G 114 -13.45 56.02 15.90
C ASP G 114 -13.56 54.58 15.42
N GLU G 115 -12.42 54.02 15.00
CA GLU G 115 -12.36 52.64 14.54
C GLU G 115 -12.85 51.69 15.61
N ALA G 116 -12.46 51.96 16.85
CA ALA G 116 -12.91 51.18 18.00
C ALA G 116 -14.43 51.17 18.06
N ALA G 117 -15.02 52.36 17.92
CA ALA G 117 -16.46 52.52 17.94
C ALA G 117 -17.11 51.71 16.83
N ILE G 118 -16.51 51.73 15.65
CA ILE G 118 -17.03 50.97 14.51
C ILE G 118 -17.05 49.47 14.82
N CYS G 119 -15.93 48.97 15.34
CA CYS G 119 -15.81 47.56 15.69
C CYS G 119 -16.85 47.15 16.74
N CYS G 120 -16.95 47.95 17.80
CA CYS G 120 -17.91 47.68 18.87
C CYS G 120 -19.34 47.73 18.35
N GLU G 121 -19.58 48.58 17.35
CA GLU G 121 -20.88 48.65 16.71
C GLU G 121 -21.15 47.37 15.92
N ARG G 122 -20.12 46.82 15.31
CA ARG G 122 -20.24 45.55 14.60
C ARG G 122 -20.59 44.44 15.57
N HIS G 123 -19.91 44.44 16.71
CA HIS G 123 -20.23 43.52 17.80
C HIS G 123 -21.69 43.67 18.21
N LEU G 124 -22.15 44.91 18.30
CA LEU G 124 -23.52 45.20 18.69
C LEU G 124 -24.55 44.65 17.70
N THR G 125 -24.38 44.96 16.42
CA THR G 125 -25.34 44.52 15.42
C THR G 125 -25.34 43.01 15.27
N LEU G 126 -24.17 42.39 15.38
CA LEU G 126 -24.10 40.93 15.33
C LEU G 126 -24.81 40.32 16.53
N ALA G 127 -24.56 40.86 17.71
CA ALA G 127 -25.19 40.38 18.93
C ALA G 127 -26.71 40.52 18.86
N ARG G 128 -27.18 41.61 18.29
CA ARG G 128 -28.62 41.81 18.12
C ARG G 128 -29.18 40.83 17.11
N GLN G 129 -28.41 40.56 16.05
CA GLN G 129 -28.82 39.60 15.03
C GLN G 129 -29.03 38.21 15.62
N LEU G 130 -28.03 37.74 16.36
CA LEU G 130 -28.06 36.38 16.90
C LEU G 130 -29.06 36.21 18.05
N GLY G 131 -29.61 37.33 18.52
CA GLY G 131 -30.56 37.30 19.63
C GLY G 131 -29.86 37.20 20.96
N ASP G 132 -28.54 37.29 20.94
CA ASP G 132 -27.74 37.22 22.15
C ASP G 132 -27.83 38.55 22.91
N ARG G 133 -28.66 38.57 23.96
CA ARG G 133 -28.87 39.79 24.73
C ARG G 133 -27.68 40.07 25.67
N LEU G 134 -26.99 39.01 26.07
CA LEU G 134 -25.81 39.15 26.90
C LEU G 134 -24.69 39.87 26.14
N SER G 135 -24.40 39.37 24.94
CA SER G 135 -23.37 39.97 24.09
C SER G 135 -23.79 41.37 23.66
N GLU G 136 -25.10 41.59 23.54
CA GLU G 136 -25.62 42.92 23.25
C GLU G 136 -25.28 43.87 24.40
N GLY G 137 -25.50 43.41 25.62
CA GLY G 137 -25.16 44.19 26.80
C GLY G 137 -23.69 44.51 26.84
N ARG G 138 -22.86 43.50 26.61
CA ARG G 138 -21.41 43.69 26.57
C ARG G 138 -21.03 44.75 25.54
N ALA G 139 -21.69 44.68 24.38
CA ALA G 139 -21.41 45.62 23.30
C ALA G 139 -21.77 47.05 23.70
N LEU G 140 -22.93 47.21 24.33
CA LEU G 140 -23.38 48.52 24.79
C LEU G 140 -22.41 49.11 25.82
N TYR G 141 -22.01 48.28 26.78
CA TYR G 141 -21.05 48.69 27.79
C TYR G 141 -19.73 49.11 27.15
N ASN G 142 -19.32 48.36 26.12
CA ASN G 142 -18.11 48.68 25.38
C ASN G 142 -18.20 50.04 24.69
N LEU G 143 -19.30 50.28 23.99
CA LEU G 143 -19.51 51.55 23.29
C LEU G 143 -19.51 52.72 24.27
N GLY G 144 -20.22 52.55 25.37
CA GLY G 144 -20.23 53.55 26.43
C GLY G 144 -18.81 53.83 26.89
N ASN G 145 -18.03 52.77 27.06
CA ASN G 145 -16.64 52.91 27.48
C ASN G 145 -15.78 53.67 26.49
N VAL G 146 -15.89 53.35 25.21
CA VAL G 146 -15.02 53.96 24.22
C VAL G 146 -15.36 55.43 24.00
N TYR G 147 -16.65 55.77 24.07
CA TYR G 147 -17.03 57.17 23.92
C TYR G 147 -16.67 57.96 25.18
N HIS G 148 -16.82 57.32 26.34
CA HIS G 148 -16.40 57.92 27.62
C HIS G 148 -14.92 58.27 27.59
N ALA G 149 -14.10 57.28 27.26
CA ALA G 149 -12.65 57.46 27.19
C ALA G 149 -12.29 58.48 26.12
N LYS G 150 -13.06 58.50 25.04
CA LYS G 150 -12.86 59.50 23.98
C LYS G 150 -13.03 60.89 24.55
N GLY G 151 -14.11 61.11 25.30
CA GLY G 151 -14.34 62.39 25.94
C GLY G 151 -13.23 62.75 26.91
N LYS G 152 -12.84 61.79 27.74
CA LYS G 152 -11.83 62.04 28.77
C LYS G 152 -10.45 62.29 28.16
N HIS G 153 -10.26 61.87 26.91
CA HIS G 153 -9.01 62.11 26.20
C HIS G 153 -9.02 63.48 25.52
N LEU G 154 -10.13 63.77 24.83
CA LEU G 154 -10.32 65.05 24.18
C LEU G 154 -10.22 66.19 25.20
N GLY G 155 -10.70 65.91 26.41
CA GLY G 155 -10.61 66.88 27.48
C GLY G 155 -9.17 67.07 27.95
N GLN G 156 -8.35 66.06 27.73
CA GLN G 156 -6.94 66.14 28.11
C GLN G 156 -6.13 66.88 27.05
N ARG G 157 -6.56 66.78 25.80
CA ARG G 157 -5.85 67.45 24.70
C ARG G 157 -6.00 68.97 24.82
N ASN G 158 -7.16 69.41 25.28
CA ASN G 158 -7.41 70.83 25.54
C ASN G 158 -7.98 71.02 26.94
N PRO G 159 -7.09 71.15 27.94
CA PRO G 159 -7.47 71.15 29.36
C PRO G 159 -8.33 72.35 29.77
N GLY G 160 -8.11 73.49 29.11
CA GLY G 160 -8.77 74.74 29.50
C GLY G 160 -10.29 74.72 29.47
N LYS G 161 -10.87 73.98 28.54
CA LYS G 161 -12.31 74.01 28.36
C LYS G 161 -12.87 72.74 27.70
N PHE G 162 -13.97 72.23 28.24
CA PHE G 162 -14.71 71.15 27.58
C PHE G 162 -15.34 71.67 26.30
N GLY G 163 -14.73 71.36 25.16
CA GLY G 163 -15.22 71.82 23.88
C GLY G 163 -16.52 71.15 23.46
N ASP G 164 -16.90 71.35 22.20
CA ASP G 164 -18.09 70.74 21.65
C ASP G 164 -17.88 69.24 21.45
N ASP G 165 -16.68 68.89 21.01
CA ASP G 165 -16.29 67.50 20.78
C ASP G 165 -16.45 66.65 22.03
N VAL G 166 -15.89 67.14 23.14
CA VAL G 166 -15.93 66.41 24.40
C VAL G 166 -17.36 66.17 24.86
N LYS G 167 -18.21 67.20 24.78
CA LYS G 167 -19.58 67.07 25.22
C LYS G 167 -20.37 66.14 24.29
N GLU G 168 -20.00 66.12 23.02
CA GLU G 168 -20.62 65.21 22.06
C GLU G 168 -20.32 63.76 22.44
N ALA G 169 -19.04 63.47 22.59
CA ALA G 169 -18.58 62.14 22.96
C ALA G 169 -19.21 61.67 24.26
N LEU G 170 -19.15 62.53 25.28
CA LEU G 170 -19.71 62.19 26.59
C LEU G 170 -21.22 61.97 26.51
N THR G 171 -21.89 62.75 25.67
CA THR G 171 -23.33 62.57 25.47
C THR G 171 -23.63 61.19 24.90
N ARG G 172 -22.90 60.82 23.84
CA ARG G 172 -23.05 59.49 23.25
C ARG G 172 -22.80 58.39 24.28
N ALA G 173 -21.74 58.56 25.06
CA ALA G 173 -21.39 57.61 26.11
C ALA G 173 -22.53 57.46 27.11
N VAL G 174 -23.13 58.58 27.48
CA VAL G 174 -24.28 58.57 28.37
C VAL G 174 -25.42 57.76 27.76
N GLU G 175 -25.70 58.01 26.49
CA GLU G 175 -26.77 57.30 25.79
C GLU G 175 -26.56 55.78 25.82
N PHE G 176 -25.37 55.34 25.43
CA PHE G 176 -25.07 53.91 25.39
C PHE G 176 -25.11 53.28 26.79
N TYR G 177 -24.55 53.99 27.77
CA TYR G 177 -24.59 53.54 29.15
C TYR G 177 -26.03 53.35 29.62
N GLN G 178 -26.90 54.27 29.25
CA GLN G 178 -28.31 54.20 29.61
C GLN G 178 -28.99 53.01 28.95
N GLU G 179 -28.67 52.77 27.68
CA GLU G 179 -29.25 51.63 26.97
C GLU G 179 -28.83 50.32 27.65
N ASN G 180 -27.56 50.24 27.99
CA ASN G 180 -27.03 49.11 28.73
C ASN G 180 -27.75 48.92 30.05
N LEU G 181 -28.01 50.02 30.75
CA LEU G 181 -28.72 49.96 32.03
C LEU G 181 -30.13 49.43 31.84
N LYS G 182 -30.80 49.87 30.76
CA LYS G 182 -32.14 49.38 30.46
C LYS G 182 -32.11 47.87 30.24
N LEU G 183 -31.13 47.41 29.46
CA LEU G 183 -31.01 45.98 29.18
C LEU G 183 -30.71 45.17 30.44
N MET G 184 -29.85 45.71 31.31
CA MET G 184 -29.45 45.00 32.52
C MET G 184 -30.58 44.95 33.54
N ARG G 185 -31.35 46.03 33.63
CA ARG G 185 -32.54 46.04 34.48
C ARG G 185 -33.57 45.06 33.94
N ASP G 186 -33.64 44.98 32.61
CA ASP G 186 -34.57 44.07 31.96
C ASP G 186 -34.18 42.61 32.21
N LEU G 187 -32.88 42.35 32.30
CA LEU G 187 -32.38 41.00 32.50
C LEU G 187 -32.23 40.65 33.98
N GLY G 188 -32.10 41.67 34.82
CA GLY G 188 -32.01 41.46 36.26
C GLY G 188 -30.61 41.23 36.78
N ASP G 189 -29.61 41.70 36.04
CA ASP G 189 -28.22 41.56 36.46
C ASP G 189 -27.84 42.73 37.36
N ARG G 190 -28.00 42.54 38.66
CA ARG G 190 -27.83 43.61 39.64
C ARG G 190 -26.46 44.27 39.59
N GLY G 191 -25.40 43.46 39.61
CA GLY G 191 -24.04 43.97 39.60
C GLY G 191 -23.73 44.77 38.36
N ALA G 192 -24.18 44.26 37.21
CA ALA G 192 -24.00 44.96 35.93
C ALA G 192 -24.67 46.32 35.98
N GLN G 193 -25.86 46.35 36.58
CA GLN G 193 -26.57 47.61 36.80
C GLN G 193 -25.72 48.53 37.68
N GLY G 194 -25.03 47.93 38.65
CA GLY G 194 -24.16 48.69 39.53
C GLY G 194 -23.03 49.37 38.78
N ARG G 195 -22.33 48.61 37.95
CA ARG G 195 -21.21 49.14 37.18
C ARG G 195 -21.68 50.20 36.19
N ALA G 196 -22.79 49.90 35.52
CA ALA G 196 -23.37 50.83 34.56
C ALA G 196 -23.77 52.14 35.23
N CYS G 197 -24.32 52.04 36.44
CA CYS G 197 -24.72 53.21 37.21
C CYS G 197 -23.51 54.01 37.65
N GLY G 198 -22.43 53.32 38.03
CA GLY G 198 -21.21 54.00 38.42
C GLY G 198 -20.64 54.80 37.27
N ASN G 199 -20.49 54.15 36.12
CA ASN G 199 -19.99 54.82 34.94
C ASN G 199 -20.88 55.97 34.49
N LEU G 200 -22.19 55.76 34.55
CA LEU G 200 -23.15 56.80 34.22
C LEU G 200 -22.99 58.00 35.14
N GLY G 201 -22.75 57.72 36.41
CA GLY G 201 -22.50 58.77 37.38
C GLY G 201 -21.24 59.55 37.08
N ASN G 202 -20.18 58.83 36.70
CA ASN G 202 -18.92 59.49 36.37
C ASN G 202 -19.03 60.37 35.13
N THR G 203 -19.65 59.86 34.07
CA THR G 203 -19.76 60.61 32.83
C THR G 203 -20.75 61.77 32.97
N TYR G 204 -21.76 61.61 33.82
CA TYR G 204 -22.68 62.70 34.12
C TYR G 204 -21.96 63.77 34.91
N TYR G 205 -21.10 63.35 35.83
CA TYR G 205 -20.28 64.25 36.62
C TYR G 205 -19.38 65.07 35.71
N LEU G 206 -18.79 64.40 34.72
CA LEU G 206 -17.95 65.08 33.75
C LEU G 206 -18.75 65.98 32.82
N LEU G 207 -20.03 65.64 32.63
CA LEU G 207 -20.90 66.43 31.76
C LEU G 207 -21.39 67.70 32.44
N GLY G 208 -21.35 67.73 33.76
CA GLY G 208 -21.79 68.90 34.50
C GLY G 208 -23.09 68.69 35.25
N ASP G 209 -23.95 67.86 34.70
CA ASP G 209 -25.22 67.52 35.36
C ASP G 209 -24.96 66.76 36.65
N PHE G 210 -24.54 67.47 37.69
CA PHE G 210 -24.12 66.85 38.94
C PHE G 210 -25.27 66.17 39.67
N GLN G 211 -26.51 66.58 39.38
CA GLN G 211 -27.68 66.01 40.03
C GLN G 211 -27.89 64.56 39.56
N ALA G 212 -27.81 64.36 38.25
CA ALA G 212 -27.93 63.03 37.67
C ALA G 212 -26.79 62.14 38.18
N ALA G 213 -25.62 62.74 38.35
CA ALA G 213 -24.48 62.05 38.92
C ALA G 213 -24.80 61.61 40.35
N ILE G 214 -25.44 62.48 41.10
CA ILE G 214 -25.87 62.17 42.45
C ILE G 214 -26.82 60.98 42.45
N GLU G 215 -27.83 61.02 41.59
CA GLU G 215 -28.81 59.94 41.51
C GLU G 215 -28.19 58.60 41.16
N HIS G 216 -27.43 58.56 40.07
CA HIS G 216 -26.84 57.33 39.60
C HIS G 216 -25.81 56.78 40.58
N HIS G 217 -25.03 57.66 41.19
CA HIS G 217 -24.07 57.23 42.20
C HIS G 217 -24.80 56.72 43.45
N GLN G 218 -25.98 57.26 43.70
CA GLN G 218 -26.82 56.77 44.80
C GLN G 218 -27.27 55.35 44.53
N GLU G 219 -27.77 55.11 43.32
CA GLU G 219 -28.16 53.76 42.91
C GLU G 219 -26.98 52.80 43.01
N ARG G 220 -25.81 53.29 42.60
CA ARG G 220 -24.58 52.51 42.69
C ARG G 220 -24.29 52.13 44.15
N LEU G 221 -24.51 53.08 45.05
CA LEU G 221 -24.30 52.84 46.46
C LEU G 221 -25.30 51.80 46.99
N ARG G 222 -26.53 51.88 46.51
CA ARG G 222 -27.57 50.93 46.90
C ARG G 222 -27.21 49.51 46.47
N ILE G 223 -26.68 49.37 45.25
CA ILE G 223 -26.24 48.07 44.76
C ILE G 223 -25.04 47.55 45.56
N ALA G 224 -24.08 48.44 45.78
CA ALA G 224 -22.88 48.12 46.55
C ALA G 224 -23.25 47.66 47.97
N ARG G 225 -24.34 48.19 48.49
CA ARG G 225 -24.85 47.77 49.79
C ARG G 225 -25.60 46.45 49.68
N GLU G 226 -26.22 46.22 48.52
CA GLU G 226 -26.93 44.98 48.28
C GLU G 226 -25.99 43.80 48.12
N PHE G 227 -24.74 44.09 47.75
CA PHE G 227 -23.74 43.02 47.57
C PHE G 227 -22.74 42.96 48.73
N GLY G 228 -22.70 44.02 49.53
CA GLY G 228 -21.79 44.08 50.65
C GLY G 228 -20.36 44.35 50.23
N ASP G 229 -20.21 45.12 49.16
CA ASP G 229 -18.89 45.52 48.67
C ASP G 229 -18.53 46.91 49.21
N ARG G 230 -17.80 46.94 50.31
CA ARG G 230 -17.49 48.19 50.99
C ARG G 230 -16.52 49.06 50.19
N ALA G 231 -15.75 48.43 49.32
CA ALA G 231 -14.85 49.17 48.42
C ALA G 231 -15.69 49.97 47.41
N ALA G 232 -16.71 49.32 46.86
CA ALA G 232 -17.63 50.00 45.96
C ALA G 232 -18.44 51.04 46.73
N GLU G 233 -18.69 50.77 48.00
CA GLU G 233 -19.40 51.71 48.85
C GLU G 233 -18.61 53.00 49.04
N ARG G 234 -17.31 52.87 49.30
CA ARG G 234 -16.46 54.05 49.48
C ARG G 234 -16.19 54.72 48.14
N ARG G 235 -16.27 53.95 47.06
CA ARG G 235 -16.21 54.52 45.71
C ARG G 235 -17.38 55.46 45.50
N ALA G 236 -18.59 54.91 45.62
CA ALA G 236 -19.81 55.68 45.41
C ALA G 236 -19.90 56.85 46.38
N ASN G 237 -19.41 56.65 47.60
CA ASN G 237 -19.41 57.71 48.59
C ASN G 237 -18.44 58.84 48.24
N SER G 238 -17.28 58.48 47.71
CA SER G 238 -16.32 59.49 47.27
C SER G 238 -16.89 60.28 46.10
N ASN G 239 -17.47 59.57 45.13
CA ASN G 239 -18.07 60.21 43.97
C ASN G 239 -19.21 61.14 44.37
N LEU G 240 -20.05 60.70 45.30
CA LEU G 240 -21.14 61.53 45.81
C LEU G 240 -20.59 62.74 46.54
N GLY G 241 -19.48 62.56 47.24
CA GLY G 241 -18.83 63.65 47.94
C GLY G 241 -18.36 64.73 46.99
N ASN G 242 -17.70 64.32 45.91
CA ASN G 242 -17.26 65.26 44.89
C ASN G 242 -18.44 65.96 44.21
N SER G 243 -19.41 65.15 43.81
CA SER G 243 -20.60 65.65 43.11
C SER G 243 -21.39 66.63 43.98
N HIS G 244 -21.27 66.50 45.29
CA HIS G 244 -21.91 67.42 46.21
C HIS G 244 -21.05 68.65 46.46
N ILE G 245 -19.73 68.46 46.41
CA ILE G 245 -18.80 69.58 46.51
C ILE G 245 -19.03 70.57 45.38
N PHE G 246 -19.20 70.03 44.17
CA PHE G 246 -19.39 70.90 43.00
C PHE G 246 -20.83 71.38 42.85
N LEU G 247 -21.69 71.04 43.81
CA LEU G 247 -23.06 71.53 43.81
C LEU G 247 -23.21 72.65 44.84
N GLY G 248 -22.16 72.88 45.62
CA GLY G 248 -22.17 73.89 46.65
C GLY G 248 -22.85 73.39 47.92
N GLN G 249 -23.19 72.11 47.93
CA GLN G 249 -23.83 71.49 49.08
C GLN G 249 -22.78 70.86 49.99
N PHE G 250 -21.96 71.70 50.60
CA PHE G 250 -20.82 71.26 51.40
C PHE G 250 -21.23 70.39 52.59
N GLU G 251 -22.43 70.63 53.10
CA GLU G 251 -23.00 69.82 54.17
C GLU G 251 -23.07 68.35 53.76
N ASP G 252 -23.72 68.09 52.63
CA ASP G 252 -23.87 66.74 52.11
C ASP G 252 -22.53 66.18 51.67
N ALA G 253 -21.66 67.06 51.19
CA ALA G 253 -20.33 66.67 50.74
C ALA G 253 -19.52 66.08 51.87
N ALA G 254 -19.53 66.77 53.02
CA ALA G 254 -18.85 66.27 54.21
C ALA G 254 -19.56 65.03 54.72
N GLU G 255 -20.88 65.05 54.64
CA GLU G 255 -21.72 63.92 55.05
C GLU G 255 -21.32 62.63 54.34
N HIS G 256 -20.96 62.73 53.07
CA HIS G 256 -20.53 61.55 52.30
C HIS G 256 -19.04 61.27 52.49
N TYR G 257 -18.23 62.32 52.52
CA TYR G 257 -16.79 62.19 52.67
C TYR G 257 -16.41 61.45 53.96
N LYS G 258 -17.17 61.71 55.02
CA LYS G 258 -16.92 61.05 56.30
C LYS G 258 -17.14 59.54 56.18
N ARG G 259 -18.23 59.15 55.52
CA ARG G 259 -18.53 57.75 55.30
C ARG G 259 -17.47 57.11 54.42
N THR G 260 -16.97 57.89 53.46
CA THR G 260 -15.87 57.46 52.61
C THR G 260 -14.66 57.10 53.47
N LEU G 261 -14.32 57.98 54.40
CA LEU G 261 -13.18 57.75 55.29
C LEU G 261 -13.41 56.55 56.20
N ALA G 262 -14.64 56.41 56.71
CA ALA G 262 -14.99 55.30 57.58
C ALA G 262 -14.83 53.96 56.88
N LEU G 263 -15.33 53.89 55.66
CA LEU G 263 -15.21 52.68 54.86
C LEU G 263 -13.78 52.47 54.39
N ALA G 264 -13.01 53.56 54.36
CA ALA G 264 -11.62 53.50 53.93
C ALA G 264 -10.74 52.92 55.03
N VAL G 265 -11.06 53.24 56.28
CA VAL G 265 -10.31 52.72 57.41
C VAL G 265 -10.85 51.37 57.85
N GLU G 266 -12.08 51.07 57.45
CA GLU G 266 -12.67 49.77 57.75
C GLU G 266 -12.05 48.70 56.85
N LEU G 267 -11.49 49.12 55.74
CA LEU G 267 -10.86 48.21 54.78
C LEU G 267 -9.34 48.33 54.81
N GLY G 268 -8.83 49.13 55.73
CA GLY G 268 -7.39 49.30 55.90
C GLY G 268 -6.69 49.95 54.73
N GLU G 269 -7.38 50.85 54.04
CA GLU G 269 -6.81 51.57 52.92
C GLU G 269 -6.09 52.83 53.38
N ARG G 270 -4.76 52.79 53.35
CA ARG G 270 -3.94 53.89 53.84
C ARG G 270 -4.06 55.13 52.94
N GLU G 271 -3.71 54.95 51.67
CA GLU G 271 -3.77 56.02 50.67
C GLU G 271 -5.14 56.68 50.60
N VAL G 272 -6.17 55.86 50.46
CA VAL G 272 -7.54 56.35 50.38
C VAL G 272 -7.92 57.10 51.65
N GLU G 273 -7.43 56.64 52.80
CA GLU G 273 -7.65 57.32 54.07
C GLU G 273 -7.07 58.73 54.03
N ALA G 274 -5.83 58.82 53.57
CA ALA G 274 -5.15 60.11 53.44
C ALA G 274 -5.93 61.05 52.53
N GLN G 275 -6.30 60.56 51.35
CA GLN G 275 -7.07 61.33 50.40
C GLN G 275 -8.38 61.83 51.00
N SER G 276 -9.08 60.95 51.71
CA SER G 276 -10.35 61.30 52.35
C SER G 276 -10.16 62.38 53.39
N CYS G 277 -9.06 62.29 54.14
CA CYS G 277 -8.74 63.29 55.16
C CYS G 277 -8.49 64.65 54.51
N TYR G 278 -7.73 64.66 53.42
CA TYR G 278 -7.47 65.90 52.70
C TYR G 278 -8.79 66.50 52.18
N SER G 279 -9.64 65.63 51.65
CA SER G 279 -10.95 66.05 51.13
C SER G 279 -11.80 66.70 52.20
N LEU G 280 -11.96 66.02 53.33
CA LEU G 280 -12.72 66.55 54.45
C LEU G 280 -12.13 67.86 54.96
N GLY G 281 -10.80 67.94 54.92
CA GLY G 281 -10.10 69.16 55.29
C GLY G 281 -10.50 70.34 54.44
N ASN G 282 -10.45 70.17 53.13
CA ASN G 282 -10.85 71.24 52.22
C ASN G 282 -12.34 71.56 52.32
N THR G 283 -13.14 70.54 52.56
CA THR G 283 -14.59 70.73 52.69
C THR G 283 -14.92 71.60 53.90
N TYR G 284 -14.30 71.29 55.03
CA TYR G 284 -14.53 72.07 56.24
C TYR G 284 -13.81 73.42 56.17
N THR G 285 -12.85 73.52 55.26
CA THR G 285 -12.22 74.81 54.96
C THR G 285 -13.25 75.68 54.24
N LEU G 286 -14.02 75.06 53.36
CA LEU G 286 -15.05 75.76 52.61
C LEU G 286 -16.25 76.12 53.50
N LEU G 287 -16.44 75.35 54.56
CA LEU G 287 -17.54 75.61 55.50
C LEU G 287 -17.11 76.60 56.58
N HIS G 288 -15.92 77.18 56.41
CA HIS G 288 -15.37 78.18 57.32
C HIS G 288 -15.19 77.69 58.75
N GLU G 289 -15.32 76.38 58.96
CA GLU G 289 -15.03 75.79 60.25
C GLU G 289 -13.55 75.45 60.31
N PHE G 290 -12.72 76.50 60.31
CA PHE G 290 -11.28 76.37 60.18
C PHE G 290 -10.64 75.55 61.28
N ASN G 291 -11.33 75.41 62.41
CA ASN G 291 -10.79 74.66 63.53
C ASN G 291 -10.79 73.16 63.28
N THR G 292 -11.87 72.66 62.70
CA THR G 292 -12.03 71.23 62.45
C THR G 292 -11.28 70.76 61.21
N ALA G 293 -11.06 71.66 60.26
CA ALA G 293 -10.38 71.33 59.02
C ALA G 293 -8.89 71.02 59.27
N ILE G 294 -8.30 71.79 60.17
CA ILE G 294 -6.90 71.61 60.54
C ILE G 294 -6.65 70.23 61.13
N GLU G 295 -7.68 69.67 61.79
CA GLU G 295 -7.59 68.31 62.32
C GLU G 295 -7.37 67.31 61.19
N TYR G 296 -8.29 67.31 60.23
CA TYR G 296 -8.24 66.39 59.09
C TYR G 296 -6.97 66.59 58.28
N HIS G 297 -6.54 67.84 58.12
CA HIS G 297 -5.31 68.12 57.39
C HIS G 297 -4.09 67.63 58.15
N ASN G 298 -4.14 67.66 59.47
CA ASN G 298 -3.06 67.15 60.31
C ASN G 298 -2.96 65.63 60.23
N ARG G 299 -4.12 64.97 60.28
CA ARG G 299 -4.16 63.51 60.15
C ARG G 299 -3.67 63.10 58.76
N HIS G 300 -4.08 63.87 57.76
CA HIS G 300 -3.63 63.67 56.39
C HIS G 300 -2.13 63.79 56.28
N LEU G 301 -1.56 64.81 56.92
CA LEU G 301 -0.12 65.00 56.91
C LEU G 301 0.58 63.87 57.65
N ALA G 302 -0.09 63.32 58.65
CA ALA G 302 0.45 62.21 59.42
C ALA G 302 0.59 60.97 58.54
N ILE G 303 -0.51 60.60 57.88
CA ILE G 303 -0.49 59.45 56.99
C ILE G 303 0.45 59.65 55.81
N ALA G 304 0.45 60.87 55.26
CA ALA G 304 1.30 61.20 54.11
C ALA G 304 2.78 61.11 54.46
N GLN G 305 3.17 61.69 55.59
CA GLN G 305 4.55 61.64 56.05
C GLN G 305 4.93 60.22 56.44
N GLU G 306 3.92 59.45 56.86
CA GLU G 306 4.13 58.05 57.22
C GLU G 306 4.48 57.21 56.01
N LEU G 307 3.71 57.36 54.94
CA LEU G 307 3.89 56.56 53.73
C LEU G 307 5.03 57.08 52.85
N GLY G 308 5.63 58.18 53.25
CA GLY G 308 6.71 58.79 52.49
C GLY G 308 6.21 59.40 51.19
N ASP G 309 5.16 60.21 51.31
CA ASP G 309 4.56 60.86 50.14
C ASP G 309 4.89 62.35 50.13
N ARG G 310 5.97 62.71 49.42
CA ARG G 310 6.45 64.09 49.39
C ARG G 310 5.47 65.04 48.70
N ILE G 311 4.77 64.54 47.70
CA ILE G 311 3.77 65.33 46.97
C ILE G 311 2.63 65.73 47.91
N GLY G 312 1.98 64.73 48.47
CA GLY G 312 0.89 64.96 49.41
C GLY G 312 1.36 65.69 50.64
N GLU G 313 2.65 65.57 50.95
CA GLU G 313 3.24 66.31 52.06
C GLU G 313 3.30 67.79 51.73
N ALA G 314 3.68 68.10 50.49
CA ALA G 314 3.72 69.48 50.02
C ALA G 314 2.32 70.10 50.01
N ARG G 315 1.37 69.37 49.43
CA ARG G 315 -0.01 69.84 49.40
C ARG G 315 -0.55 70.05 50.82
N ALA G 316 -0.19 69.13 51.71
CA ALA G 316 -0.60 69.20 53.12
C ALA G 316 -0.05 70.46 53.77
N CYS G 317 1.22 70.75 53.51
CA CYS G 317 1.85 71.96 54.06
C CYS G 317 1.16 73.21 53.53
N TRP G 318 0.79 73.17 52.24
CA TRP G 318 0.08 74.28 51.62
C TRP G 318 -1.25 74.56 52.35
N SER G 319 -2.12 73.54 52.36
CA SER G 319 -3.44 73.68 52.96
C SER G 319 -3.38 74.03 54.44
N LEU G 320 -2.50 73.35 55.17
CA LEU G 320 -2.34 73.58 56.61
C LEU G 320 -1.85 75.00 56.89
N GLY G 321 -0.91 75.46 56.09
CA GLY G 321 -0.39 76.81 56.23
C GLY G 321 -1.49 77.84 56.02
N ASN G 322 -2.20 77.71 54.91
CA ASN G 322 -3.28 78.64 54.60
C ASN G 322 -4.40 78.60 55.63
N ALA G 323 -4.63 77.42 56.20
CA ALA G 323 -5.67 77.25 57.22
C ALA G 323 -5.28 77.93 58.53
N HIS G 324 -4.03 77.73 58.94
CA HIS G 324 -3.52 78.37 60.15
C HIS G 324 -3.49 79.89 59.97
N SER G 325 -3.25 80.33 58.75
CA SER G 325 -3.35 81.76 58.44
C SER G 325 -4.80 82.23 58.52
N ALA G 326 -5.72 81.33 58.19
CA ALA G 326 -7.15 81.65 58.23
C ALA G 326 -7.65 81.74 59.66
N ILE G 327 -7.02 80.98 60.56
CA ILE G 327 -7.37 81.04 61.98
C ILE G 327 -6.78 82.28 62.64
N GLY G 328 -5.49 82.51 62.45
CA GLY G 328 -4.82 83.65 63.02
C GLY G 328 -3.45 83.30 63.58
N GLY G 329 -3.24 82.02 63.86
CA GLY G 329 -1.95 81.55 64.35
C GLY G 329 -0.92 81.50 63.25
N HIS G 330 -0.41 82.66 62.85
CA HIS G 330 0.51 82.76 61.73
C HIS G 330 1.89 82.22 62.08
N GLU G 331 2.17 82.08 63.37
CA GLU G 331 3.43 81.53 63.85
C GLU G 331 3.60 80.09 63.37
N ARG G 332 2.47 79.39 63.24
CA ARG G 332 2.45 78.01 62.77
C ARG G 332 2.46 77.99 61.25
N ALA G 333 1.68 78.88 60.66
CA ALA G 333 1.52 78.98 59.21
C ALA G 333 2.85 79.28 58.52
N LEU G 334 3.68 80.09 59.16
CA LEU G 334 4.99 80.42 58.61
C LEU G 334 5.88 79.18 58.54
N LYS G 335 5.81 78.36 59.59
CA LYS G 335 6.55 77.12 59.64
C LYS G 335 6.08 76.17 58.55
N TYR G 336 4.77 76.03 58.43
CA TYR G 336 4.19 75.21 57.37
C TYR G 336 4.62 75.68 55.99
N ALA G 337 4.76 77.00 55.84
CA ALA G 337 5.19 77.58 54.57
C ALA G 337 6.66 77.31 54.30
N GLU G 338 7.47 77.31 55.35
CA GLU G 338 8.89 77.00 55.21
C GLU G 338 9.08 75.55 54.77
N GLN G 339 8.41 74.64 55.48
CA GLN G 339 8.44 73.23 55.12
C GLN G 339 7.90 73.05 53.70
N HIS G 340 6.90 73.86 53.35
CA HIS G 340 6.32 73.84 52.01
C HIS G 340 7.36 74.17 50.95
N LEU G 341 8.12 75.24 51.18
CA LEU G 341 9.18 75.64 50.26
C LEU G 341 10.24 74.55 50.16
N GLN G 342 10.60 73.98 51.30
CA GLN G 342 11.59 72.91 51.33
C GLN G 342 11.15 71.72 50.47
N LEU G 343 9.89 71.34 50.60
CA LEU G 343 9.34 70.24 49.82
C LEU G 343 9.24 70.57 48.34
N ALA G 344 8.83 71.79 48.03
CA ALA G 344 8.69 72.23 46.64
C ALA G 344 10.04 72.27 45.93
N LYS G 345 11.09 72.61 46.69
CA LYS G 345 12.44 72.66 46.14
C LYS G 345 13.05 71.26 46.08
N GLU G 346 12.61 70.39 46.97
CA GLU G 346 13.12 69.02 47.02
C GLU G 346 12.77 68.24 45.77
N LEU G 347 11.49 68.18 45.45
CA LEU G 347 11.02 67.43 44.28
C LEU G 347 11.00 68.28 43.02
N HIS G 348 11.57 69.48 43.13
CA HIS G 348 11.66 70.41 41.99
C HIS G 348 10.31 70.76 41.39
N ASP G 349 9.66 71.78 41.93
CA ASP G 349 8.40 72.27 41.40
C ASP G 349 8.46 73.78 41.20
N PRO G 350 8.49 74.22 39.93
CA PRO G 350 8.60 75.65 39.58
C PRO G 350 7.42 76.46 40.08
N VAL G 351 6.25 75.83 40.15
CA VAL G 351 5.05 76.52 40.61
C VAL G 351 5.04 76.63 42.13
N GLY G 352 5.17 75.49 42.81
CA GLY G 352 5.12 75.43 44.25
C GLY G 352 6.15 76.29 44.94
N GLU G 353 7.34 76.38 44.35
CA GLU G 353 8.41 77.19 44.90
C GLU G 353 8.01 78.66 44.92
N SER G 354 7.39 79.10 43.83
CA SER G 354 6.90 80.47 43.72
C SER G 354 5.74 80.72 44.68
N THR G 355 4.81 79.77 44.76
CA THR G 355 3.66 79.88 45.65
C THR G 355 4.10 79.95 47.11
N ALA G 356 5.23 79.32 47.41
CA ALA G 356 5.79 79.36 48.76
C ALA G 356 6.49 80.69 49.00
N ARG G 357 7.26 81.13 48.02
CA ARG G 357 8.01 82.38 48.13
C ARG G 357 7.08 83.59 48.25
N VAL G 358 5.89 83.48 47.68
CA VAL G 358 4.91 84.55 47.77
C VAL G 358 4.32 84.64 49.18
N ASN G 359 3.90 83.50 49.71
CA ASN G 359 3.24 83.45 51.01
C ASN G 359 4.21 83.46 52.19
N ILE G 360 5.51 83.38 51.91
CA ILE G 360 6.50 83.42 52.99
C ILE G 360 6.77 84.87 53.39
N SER G 361 6.49 85.79 52.48
CA SER G 361 6.65 87.22 52.75
C SER G 361 5.30 87.88 52.96
N ASP G 362 4.44 87.74 51.95
CA ASP G 362 3.08 88.27 52.03
C ASP G 362 2.21 87.42 52.96
N SER H 17 26.96 -11.07 9.40
CA SER H 17 26.19 -12.09 8.69
C SER H 17 25.68 -13.16 9.63
N MET H 18 24.42 -13.56 9.45
CA MET H 18 23.81 -14.64 10.21
C MET H 18 24.58 -15.94 9.99
N CYS H 19 25.02 -16.12 8.75
CA CYS H 19 25.80 -17.29 8.35
C CYS H 19 27.04 -17.47 9.22
N LEU H 20 27.72 -16.36 9.51
CA LEU H 20 28.91 -16.41 10.34
C LEU H 20 28.59 -16.92 11.73
N GLU H 21 27.53 -16.40 12.33
CA GLU H 21 27.08 -16.84 13.64
C GLU H 21 26.79 -18.34 13.65
N LEU H 22 26.00 -18.77 12.67
CA LEU H 22 25.66 -20.17 12.51
C LEU H 22 26.90 -21.05 12.42
N ALA H 23 27.84 -20.64 11.59
CA ALA H 23 29.08 -21.40 11.39
C ALA H 23 29.93 -21.42 12.64
N LEU H 24 29.88 -20.34 13.40
CA LEU H 24 30.60 -20.25 14.67
C LEU H 24 30.08 -21.28 15.65
N GLU H 25 28.75 -21.30 15.79
CA GLU H 25 28.10 -22.31 16.64
C GLU H 25 28.43 -23.71 16.14
N GLY H 26 28.56 -23.85 14.83
CA GLY H 26 28.93 -25.12 14.22
C GLY H 26 30.29 -25.59 14.66
N GLU H 27 31.30 -24.75 14.48
CA GLU H 27 32.67 -25.10 14.87
C GLU H 27 32.75 -25.38 16.35
N ARG H 28 32.10 -24.54 17.16
CA ARG H 28 32.11 -24.73 18.60
C ARG H 28 31.53 -26.08 18.98
N LEU H 29 30.36 -26.40 18.44
CA LEU H 29 29.71 -27.67 18.71
C LEU H 29 30.56 -28.85 18.26
N CYS H 30 31.25 -28.68 17.14
CA CYS H 30 32.12 -29.74 16.62
C CYS H 30 33.33 -29.95 17.52
N LYS H 31 33.77 -28.88 18.19
CA LYS H 31 34.91 -29.00 19.10
C LYS H 31 34.52 -29.63 20.44
N ALA H 32 33.23 -29.75 20.68
CA ALA H 32 32.73 -30.24 21.97
C ALA H 32 33.02 -31.73 22.27
N GLY H 33 32.69 -32.68 21.38
CA GLY H 33 32.16 -32.45 20.05
C GLY H 33 30.79 -33.04 19.80
N ASP H 34 29.81 -32.17 19.56
CA ASP H 34 28.49 -32.60 19.13
C ASP H 34 28.41 -32.42 17.61
N CYS H 35 29.12 -33.29 16.90
CA CYS H 35 29.35 -33.09 15.46
C CYS H 35 28.10 -33.10 14.60
N ARG H 36 27.03 -33.75 15.06
CA ARG H 36 25.80 -33.77 14.26
C ARG H 36 25.04 -32.45 14.38
N ALA H 37 24.99 -31.91 15.60
CA ALA H 37 24.38 -30.60 15.80
C ALA H 37 25.20 -29.54 15.09
N GLY H 38 26.52 -29.71 15.14
CA GLY H 38 27.43 -28.84 14.43
C GLY H 38 27.16 -28.89 12.94
N VAL H 39 26.99 -30.09 12.41
CA VAL H 39 26.64 -30.28 11.01
C VAL H 39 25.34 -29.56 10.69
N ALA H 40 24.37 -29.66 11.58
CA ALA H 40 23.09 -28.98 11.41
C ALA H 40 23.30 -27.47 11.29
N PHE H 41 24.14 -26.92 12.15
CA PHE H 41 24.43 -25.48 12.13
C PHE H 41 25.17 -25.06 10.87
N PHE H 42 26.07 -25.92 10.39
CA PHE H 42 26.84 -25.63 9.19
C PHE H 42 25.93 -25.64 7.95
N GLN H 43 25.06 -26.64 7.88
CA GLN H 43 24.09 -26.71 6.79
C GLN H 43 23.14 -25.52 6.86
N ALA H 44 22.84 -25.08 8.07
CA ALA H 44 22.03 -23.89 8.26
C ALA H 44 22.79 -22.65 7.80
N ALA H 45 24.11 -22.70 7.89
CA ALA H 45 24.96 -21.58 7.48
C ALA H 45 25.05 -21.50 5.97
N ILE H 46 25.14 -22.65 5.32
CA ILE H 46 25.15 -22.71 3.86
C ILE H 46 23.82 -22.20 3.32
N GLN H 47 22.76 -22.40 4.10
CA GLN H 47 21.43 -21.93 3.75
C GLN H 47 21.36 -20.40 3.76
N ALA H 48 22.35 -19.77 4.39
CA ALA H 48 22.42 -18.32 4.41
C ALA H 48 23.40 -17.83 3.33
N GLY H 49 23.08 -16.69 2.73
CA GLY H 49 23.79 -16.17 1.57
C GLY H 49 25.30 -16.18 1.60
N THR H 50 25.88 -15.21 2.32
CA THR H 50 27.33 -15.03 2.44
C THR H 50 28.00 -14.63 1.13
N GLU H 51 28.90 -13.65 1.21
CA GLU H 51 29.70 -13.26 0.06
C GLU H 51 31.18 -13.53 0.33
N ASP H 52 31.49 -13.91 1.57
CA ASP H 52 32.86 -14.24 1.95
C ASP H 52 33.13 -15.71 1.65
N LEU H 53 34.00 -15.97 0.67
CA LEU H 53 34.26 -17.33 0.23
C LEU H 53 35.25 -18.05 1.14
N ARG H 54 36.05 -17.29 1.89
CA ARG H 54 37.01 -17.86 2.81
C ARG H 54 36.26 -18.54 3.96
N THR H 55 35.27 -17.85 4.49
CA THR H 55 34.44 -18.38 5.56
C THR H 55 33.64 -19.60 5.07
N LEU H 56 33.16 -19.54 3.85
CA LEU H 56 32.39 -20.65 3.28
C LEU H 56 33.29 -21.86 3.07
N SER H 57 34.53 -21.61 2.68
CA SER H 57 35.51 -22.68 2.55
C SER H 57 35.79 -23.31 3.90
N ALA H 58 35.83 -22.47 4.93
CA ALA H 58 35.99 -22.96 6.29
C ALA H 58 34.79 -23.83 6.68
N ILE H 59 33.60 -23.44 6.23
CA ILE H 59 32.39 -24.20 6.48
C ILE H 59 32.45 -25.57 5.84
N TYR H 60 32.81 -25.62 4.57
CA TYR H 60 32.92 -26.88 3.84
C TYR H 60 33.99 -27.79 4.43
N SER H 61 35.11 -27.19 4.83
CA SER H 61 36.20 -27.95 5.45
C SER H 61 35.76 -28.56 6.78
N GLN H 62 35.22 -27.73 7.65
CA GLN H 62 34.73 -28.17 8.95
C GLN H 62 33.65 -29.23 8.80
N LEU H 63 32.85 -29.10 7.75
CA LEU H 63 31.86 -30.12 7.43
C LEU H 63 32.52 -31.44 7.06
N GLY H 64 33.55 -31.35 6.23
CA GLY H 64 34.30 -32.53 5.82
C GLY H 64 34.87 -33.27 7.02
N ASN H 65 35.54 -32.53 7.90
CA ASN H 65 36.09 -33.13 9.11
C ASN H 65 35.02 -33.68 10.03
N ALA H 66 33.87 -33.00 10.07
CA ALA H 66 32.76 -33.43 10.90
C ALA H 66 32.22 -34.78 10.44
N TYR H 67 31.93 -34.88 9.14
CA TYR H 67 31.45 -36.12 8.56
C TYR H 67 32.52 -37.22 8.67
N PHE H 68 33.78 -36.81 8.64
CA PHE H 68 34.88 -37.75 8.83
C PHE H 68 34.82 -38.34 10.24
N TYR H 69 34.48 -37.49 11.21
CA TYR H 69 34.35 -37.93 12.60
C TYR H 69 33.13 -38.83 12.77
N LEU H 70 32.05 -38.49 12.08
CA LEU H 70 30.81 -39.24 12.17
C LEU H 70 30.90 -40.59 11.46
N GLY H 71 31.92 -40.75 10.62
CA GLY H 71 32.14 -42.02 9.94
C GLY H 71 31.56 -42.06 8.55
N ASP H 72 30.92 -40.98 8.14
CA ASP H 72 30.32 -40.90 6.80
C ASP H 72 31.36 -40.37 5.81
N TYR H 73 32.32 -41.23 5.45
CA TYR H 73 33.46 -40.83 4.64
C TYR H 73 33.08 -40.39 3.24
N ASN H 74 31.94 -40.87 2.74
CA ASN H 74 31.46 -40.46 1.43
C ASN H 74 31.11 -38.97 1.41
N LYS H 75 30.34 -38.55 2.40
CA LYS H 75 29.95 -37.16 2.54
C LYS H 75 31.14 -36.27 2.91
N ALA H 76 32.08 -36.83 3.67
CA ALA H 76 33.30 -36.13 4.03
C ALA H 76 34.10 -35.81 2.78
N MET H 77 34.31 -36.83 1.96
CA MET H 77 34.98 -36.68 0.68
C MET H 77 34.26 -35.66 -0.19
N GLN H 78 32.93 -35.75 -0.20
CA GLN H 78 32.10 -34.85 -1.00
C GLN H 78 32.31 -33.39 -0.63
N TYR H 79 32.15 -33.08 0.65
CA TYR H 79 32.25 -31.70 1.12
C TYR H 79 33.69 -31.19 1.07
N HIS H 80 34.66 -32.09 1.22
CA HIS H 80 36.06 -31.71 1.06
C HIS H 80 36.33 -31.37 -0.41
N LYS H 81 35.61 -32.04 -1.30
CA LYS H 81 35.69 -31.75 -2.73
C LYS H 81 35.13 -30.35 -2.99
N HIS H 82 33.98 -30.06 -2.40
CA HIS H 82 33.40 -28.73 -2.49
C HIS H 82 34.38 -27.67 -2.00
N ASP H 83 34.98 -27.92 -0.84
CA ASP H 83 35.96 -27.02 -0.24
C ASP H 83 37.16 -26.81 -1.16
N LEU H 84 37.61 -27.87 -1.80
CA LEU H 84 38.75 -27.78 -2.71
C LEU H 84 38.40 -26.92 -3.91
N THR H 85 37.17 -27.07 -4.40
CA THR H 85 36.67 -26.26 -5.50
C THR H 85 36.69 -24.78 -5.11
N LEU H 86 36.11 -24.47 -3.95
CA LEU H 86 36.08 -23.09 -3.46
C LEU H 86 37.47 -22.52 -3.29
N ALA H 87 38.38 -23.33 -2.76
CA ALA H 87 39.75 -22.89 -2.51
C ALA H 87 40.49 -22.63 -3.82
N LYS H 88 40.16 -23.41 -4.85
CA LYS H 88 40.80 -23.23 -6.14
C LYS H 88 40.22 -22.02 -6.86
N SER H 89 38.97 -21.68 -6.54
CA SER H 89 38.33 -20.50 -7.12
C SER H 89 38.93 -19.21 -6.59
N MET H 90 39.37 -19.22 -5.34
CA MET H 90 39.93 -18.04 -4.70
C MET H 90 41.40 -17.85 -5.01
N ASN H 91 41.99 -18.82 -5.70
CA ASN H 91 43.44 -18.88 -5.90
C ASN H 91 44.17 -18.91 -4.56
N ASP H 92 43.49 -19.45 -3.56
CA ASP H 92 44.06 -19.57 -2.22
C ASP H 92 44.92 -20.83 -2.15
N ARG H 93 46.22 -20.66 -2.35
CA ARG H 93 47.15 -21.79 -2.43
C ARG H 93 47.23 -22.61 -1.15
N LEU H 94 47.32 -21.93 -0.01
CA LEU H 94 47.43 -22.60 1.28
C LEU H 94 46.14 -23.35 1.62
N GLY H 95 45.01 -22.71 1.34
CA GLY H 95 43.71 -23.33 1.58
C GLY H 95 43.49 -24.51 0.67
N GLU H 96 43.93 -24.37 -0.59
CA GLU H 96 43.84 -25.46 -1.55
C GLU H 96 44.72 -26.63 -1.10
N ALA H 97 45.85 -26.31 -0.48
CA ALA H 97 46.74 -27.32 0.07
C ALA H 97 46.06 -28.06 1.21
N LYS H 98 45.41 -27.30 2.10
CA LYS H 98 44.63 -27.89 3.18
C LYS H 98 43.57 -28.86 2.66
N SER H 99 42.74 -28.35 1.76
CA SER H 99 41.64 -29.13 1.20
C SER H 99 42.13 -30.37 0.48
N SER H 100 43.25 -30.25 -0.24
CA SER H 100 43.83 -31.38 -0.95
C SER H 100 44.35 -32.43 0.03
N GLY H 101 44.97 -31.98 1.12
CA GLY H 101 45.47 -32.88 2.14
C GLY H 101 44.34 -33.66 2.79
N ASN H 102 43.31 -32.93 3.23
CA ASN H 102 42.14 -33.55 3.85
C ASN H 102 41.45 -34.53 2.92
N LEU H 103 41.19 -34.10 1.69
CA LEU H 103 40.52 -34.93 0.70
C LEU H 103 41.33 -36.18 0.41
N GLY H 104 42.65 -36.01 0.32
CA GLY H 104 43.54 -37.13 0.09
C GLY H 104 43.49 -38.14 1.22
N ASN H 105 43.48 -37.63 2.46
CA ASN H 105 43.37 -38.49 3.62
C ASN H 105 42.06 -39.28 3.61
N THR H 106 40.96 -38.58 3.32
CA THR H 106 39.65 -39.19 3.23
C THR H 106 39.61 -40.29 2.18
N LEU H 107 40.14 -40.01 1.00
CA LEU H 107 40.18 -40.98 -0.08
C LEU H 107 41.08 -42.16 0.26
N LYS H 108 42.11 -41.91 1.07
CA LYS H 108 42.98 -42.98 1.55
C LYS H 108 42.21 -43.91 2.48
N VAL H 109 41.38 -43.33 3.34
CA VAL H 109 40.55 -44.14 4.22
C VAL H 109 39.51 -44.92 3.42
N MET H 110 38.98 -44.29 2.38
CA MET H 110 37.98 -44.93 1.53
C MET H 110 38.56 -46.05 0.68
N GLY H 111 39.89 -46.08 0.57
CA GLY H 111 40.56 -47.11 -0.20
C GLY H 111 40.76 -46.76 -1.65
N ARG H 112 40.45 -45.50 -1.99
CA ARG H 112 40.66 -45.01 -3.35
C ARG H 112 42.06 -44.39 -3.45
N PHE H 113 43.07 -45.25 -3.33
CA PHE H 113 44.47 -44.83 -3.19
C PHE H 113 44.97 -43.95 -4.33
N ASP H 114 44.37 -44.06 -5.50
CA ASP H 114 44.84 -43.33 -6.67
C ASP H 114 44.48 -41.84 -6.59
N GLU H 115 43.20 -41.56 -6.40
CA GLU H 115 42.74 -40.18 -6.25
C GLU H 115 43.38 -39.53 -5.02
N ALA H 116 43.55 -40.33 -3.97
CA ALA H 116 44.24 -39.87 -2.77
C ALA H 116 45.66 -39.49 -3.11
N ALA H 117 46.29 -40.30 -3.95
CA ALA H 117 47.67 -40.06 -4.38
C ALA H 117 47.78 -38.75 -5.13
N ILE H 118 46.91 -38.54 -6.12
CA ILE H 118 47.00 -37.31 -6.92
C ILE H 118 46.63 -36.08 -6.10
N CYS H 119 45.77 -36.25 -5.10
CA CYS H 119 45.40 -35.15 -4.22
C CYS H 119 46.58 -34.75 -3.34
N CYS H 120 47.20 -35.74 -2.71
CA CYS H 120 48.37 -35.49 -1.88
C CYS H 120 49.53 -34.97 -2.71
N GLU H 121 49.56 -35.33 -4.00
CA GLU H 121 50.55 -34.81 -4.92
C GLU H 121 50.29 -33.33 -5.20
N ARG H 122 49.01 -32.98 -5.33
CA ARG H 122 48.64 -31.57 -5.46
C ARG H 122 49.11 -30.80 -4.24
N HIS H 123 48.84 -31.36 -3.06
CA HIS H 123 49.24 -30.75 -1.80
C HIS H 123 50.76 -30.54 -1.73
N LEU H 124 51.51 -31.57 -2.13
CA LEU H 124 52.96 -31.50 -2.12
C LEU H 124 53.48 -30.44 -3.08
N THR H 125 52.99 -30.46 -4.30
CA THR H 125 53.41 -29.51 -5.33
C THR H 125 53.12 -28.08 -4.90
N LEU H 126 51.96 -27.86 -4.27
CA LEU H 126 51.61 -26.55 -3.76
C LEU H 126 52.51 -26.13 -2.60
N ALA H 127 52.82 -27.09 -1.74
CA ALA H 127 53.66 -26.82 -0.58
C ALA H 127 55.07 -26.42 -1.00
N ARG H 128 55.59 -27.07 -2.04
CA ARG H 128 56.90 -26.74 -2.56
C ARG H 128 56.84 -25.46 -3.41
N GLN H 129 55.66 -25.18 -3.94
CA GLN H 129 55.45 -23.97 -4.75
C GLN H 129 55.42 -22.73 -3.87
N LEU H 130 54.94 -22.90 -2.64
CA LEU H 130 54.82 -21.78 -1.71
C LEU H 130 56.08 -21.58 -0.87
N GLY H 131 56.88 -22.63 -0.75
CA GLY H 131 58.08 -22.57 0.07
C GLY H 131 57.79 -23.01 1.49
N ASP H 132 56.52 -23.31 1.76
CA ASP H 132 56.10 -23.81 3.06
C ASP H 132 56.70 -25.19 3.30
N ARG H 133 57.67 -25.28 4.19
CA ARG H 133 58.40 -26.53 4.40
C ARG H 133 57.68 -27.46 5.37
N LEU H 134 56.96 -26.91 6.33
CA LEU H 134 56.16 -27.71 7.24
C LEU H 134 55.05 -28.43 6.47
N SER H 135 54.36 -27.69 5.61
CA SER H 135 53.32 -28.26 4.76
C SER H 135 53.91 -29.30 3.82
N GLU H 136 55.16 -29.06 3.40
CA GLU H 136 55.86 -30.02 2.55
C GLU H 136 56.08 -31.33 3.30
N GLY H 137 56.52 -31.22 4.55
CA GLY H 137 56.75 -32.39 5.38
C GLY H 137 55.47 -33.17 5.63
N ARG H 138 54.40 -32.44 5.94
CA ARG H 138 53.10 -33.06 6.16
C ARG H 138 52.60 -33.76 4.89
N ALA H 139 52.88 -33.16 3.74
CA ALA H 139 52.49 -33.73 2.46
C ALA H 139 53.29 -35.01 2.18
N LEU H 140 54.57 -34.98 2.53
CA LEU H 140 55.43 -36.14 2.37
C LEU H 140 54.94 -37.30 3.24
N TYR H 141 54.61 -36.98 4.49
CA TYR H 141 54.08 -37.98 5.41
C TYR H 141 52.76 -38.54 4.88
N ASN H 142 51.94 -37.66 4.33
CA ASN H 142 50.66 -38.06 3.74
C ASN H 142 50.83 -39.04 2.58
N LEU H 143 51.65 -38.67 1.60
CA LEU H 143 51.91 -39.52 0.46
C LEU H 143 52.52 -40.86 0.89
N GLY H 144 53.42 -40.79 1.86
CA GLY H 144 54.01 -41.98 2.44
C GLY H 144 52.94 -42.91 2.98
N ASN H 145 51.97 -42.33 3.69
CA ASN H 145 50.85 -43.10 4.20
C ASN H 145 49.98 -43.68 3.09
N VAL H 146 49.77 -42.90 2.04
CA VAL H 146 48.94 -43.32 0.92
C VAL H 146 49.52 -44.56 0.23
N TYR H 147 50.81 -44.50 -0.08
CA TYR H 147 51.44 -45.60 -0.80
C TYR H 147 51.77 -46.79 0.12
N HIS H 148 51.97 -46.50 1.41
CA HIS H 148 52.16 -47.58 2.38
C HIS H 148 50.87 -48.38 2.53
N ALA H 149 49.75 -47.65 2.61
CA ALA H 149 48.44 -48.29 2.74
C ALA H 149 48.07 -49.00 1.45
N LYS H 150 48.47 -48.42 0.32
CA LYS H 150 48.24 -49.02 -0.98
C LYS H 150 49.06 -50.30 -1.12
N GLY H 151 50.20 -50.34 -0.46
CA GLY H 151 51.06 -51.51 -0.49
C GLY H 151 50.59 -52.63 0.41
N LYS H 152 50.30 -52.29 1.66
CA LYS H 152 49.86 -53.28 2.65
C LYS H 152 48.49 -53.85 2.30
N HIS H 153 47.75 -53.13 1.46
CA HIS H 153 46.42 -53.54 1.04
C HIS H 153 46.45 -54.82 0.20
N LEU H 154 47.63 -55.16 -0.30
CA LEU H 154 47.78 -56.31 -1.19
C LEU H 154 48.67 -57.40 -0.58
N GLY H 155 48.07 -58.31 0.19
CA GLY H 155 46.66 -58.29 0.46
C GLY H 155 46.00 -59.65 0.33
N GLN H 156 45.29 -59.85 -0.77
CA GLN H 156 44.62 -61.12 -1.02
C GLN H 156 45.61 -62.25 -1.23
N ARG H 157 46.63 -62.00 -2.05
CA ARG H 157 47.71 -62.96 -2.24
C ARG H 157 48.82 -62.68 -1.24
N ASN H 158 48.62 -63.14 -0.01
CA ASN H 158 49.52 -62.82 1.10
C ASN H 158 50.98 -63.23 0.90
N PRO H 159 51.25 -64.49 0.50
CA PRO H 159 52.67 -64.81 0.34
C PRO H 159 53.27 -64.26 -0.95
N GLY H 160 52.45 -64.16 -1.99
CA GLY H 160 52.91 -63.71 -3.29
C GLY H 160 53.00 -62.21 -3.42
N LYS H 161 54.18 -61.66 -3.15
CA LYS H 161 54.41 -60.23 -3.32
C LYS H 161 54.60 -59.89 -4.79
N PHE H 162 53.50 -59.48 -5.44
CA PHE H 162 53.52 -59.20 -6.88
C PHE H 162 54.43 -58.03 -7.21
N GLY H 163 54.85 -57.96 -8.47
CA GLY H 163 55.70 -56.89 -8.93
C GLY H 163 54.99 -55.56 -8.91
N ASP H 164 53.75 -55.55 -9.41
CA ASP H 164 52.92 -54.35 -9.39
C ASP H 164 52.63 -53.90 -7.97
N ASP H 165 52.72 -54.82 -7.03
CA ASP H 165 52.56 -54.49 -5.62
C ASP H 165 53.79 -53.77 -5.07
N VAL H 166 54.94 -54.45 -5.10
CA VAL H 166 56.15 -53.92 -4.50
C VAL H 166 56.66 -52.65 -5.20
N LYS H 167 56.55 -52.61 -6.52
CA LYS H 167 57.05 -51.48 -7.29
C LYS H 167 56.19 -50.23 -7.16
N GLU H 168 54.91 -50.37 -7.49
CA GLU H 168 54.02 -49.20 -7.54
C GLU H 168 53.39 -48.86 -6.18
N ALA H 169 54.09 -49.18 -5.09
CA ALA H 169 53.55 -48.88 -3.76
C ALA H 169 54.64 -48.73 -2.70
N LEU H 170 54.98 -49.86 -2.05
CA LEU H 170 55.85 -49.87 -0.87
C LEU H 170 57.14 -49.07 -1.02
N THR H 171 57.85 -49.28 -2.12
CA THR H 171 59.10 -48.55 -2.37
C THR H 171 58.83 -47.05 -2.53
N ARG H 172 57.79 -46.75 -3.32
CA ARG H 172 57.39 -45.38 -3.59
C ARG H 172 56.88 -44.71 -2.31
N ALA H 173 56.64 -45.51 -1.28
CA ALA H 173 56.31 -44.98 0.04
C ALA H 173 57.58 -44.77 0.84
N VAL H 174 58.53 -45.68 0.66
CA VAL H 174 59.83 -45.60 1.33
C VAL H 174 60.54 -44.30 0.98
N GLU H 175 60.48 -43.89 -0.29
CA GLU H 175 61.11 -42.64 -0.69
C GLU H 175 60.50 -41.44 0.04
N PHE H 176 59.17 -41.36 0.06
CA PHE H 176 58.46 -40.27 0.73
C PHE H 176 58.81 -40.21 2.21
N TYR H 177 58.73 -41.36 2.87
CA TYR H 177 59.06 -41.45 4.30
C TYR H 177 60.49 -41.01 4.56
N GLN H 178 61.41 -41.40 3.66
CA GLN H 178 62.81 -41.00 3.80
C GLN H 178 62.97 -39.48 3.71
N GLU H 179 62.34 -38.88 2.70
CA GLU H 179 62.37 -37.42 2.57
C GLU H 179 61.83 -36.75 3.82
N ASN H 180 60.72 -37.27 4.33
CA ASN H 180 60.11 -36.74 5.55
C ASN H 180 61.07 -36.80 6.73
N LEU H 181 61.71 -37.95 6.92
CA LEU H 181 62.64 -38.11 8.04
C LEU H 181 63.83 -37.17 7.89
N LYS H 182 64.24 -36.91 6.65
CA LYS H 182 65.32 -35.97 6.40
C LYS H 182 64.91 -34.55 6.84
N LEU H 183 63.77 -34.11 6.33
CA LEU H 183 63.26 -32.77 6.61
C LEU H 183 63.06 -32.55 8.11
N MET H 184 62.53 -33.57 8.78
CA MET H 184 62.28 -33.48 10.22
C MET H 184 63.58 -33.58 11.01
N ARG H 185 64.56 -34.26 10.45
CA ARG H 185 65.89 -34.33 11.06
C ARG H 185 66.54 -32.96 11.01
N ASP H 186 66.22 -32.21 9.96
CA ASP H 186 66.72 -30.85 9.82
C ASP H 186 65.97 -29.88 10.73
N LEU H 187 64.66 -30.05 10.83
CA LEU H 187 63.81 -29.15 11.61
C LEU H 187 63.86 -29.42 13.11
N GLY H 188 64.27 -30.64 13.48
CA GLY H 188 64.42 -30.99 14.88
C GLY H 188 63.16 -31.55 15.51
N ASP H 189 62.12 -31.74 14.70
CA ASP H 189 60.87 -32.30 15.18
C ASP H 189 61.06 -33.78 15.53
N ARG H 190 61.51 -34.04 16.75
CA ARG H 190 61.78 -35.39 17.20
C ARG H 190 60.52 -36.26 17.22
N GLY H 191 59.36 -35.62 17.43
CA GLY H 191 58.10 -36.32 17.39
C GLY H 191 57.78 -36.81 16.00
N ALA H 192 57.91 -35.92 15.02
CA ALA H 192 57.69 -36.28 13.63
C ALA H 192 58.77 -37.23 13.14
N GLN H 193 59.96 -37.14 13.74
CA GLN H 193 61.02 -38.10 13.43
C GLN H 193 60.64 -39.47 13.98
N GLY H 194 59.90 -39.49 15.07
CA GLY H 194 59.41 -40.72 15.64
C GLY H 194 58.33 -41.33 14.76
N ARG H 195 57.35 -40.52 14.38
CA ARG H 195 56.28 -40.98 13.50
C ARG H 195 56.85 -41.48 12.17
N ALA H 196 57.84 -40.76 11.65
CA ALA H 196 58.49 -41.14 10.40
C ALA H 196 59.27 -42.44 10.55
N CYS H 197 60.00 -42.56 11.65
CA CYS H 197 60.77 -43.78 11.93
C CYS H 197 59.85 -44.99 12.00
N GLY H 198 58.76 -44.84 12.73
CA GLY H 198 57.80 -45.92 12.91
C GLY H 198 57.12 -46.31 11.62
N ASN H 199 56.70 -45.31 10.84
CA ASN H 199 55.99 -45.58 9.59
C ASN H 199 56.93 -46.01 8.46
N LEU H 200 58.23 -45.80 8.63
CA LEU H 200 59.21 -46.22 7.64
C LEU H 200 59.81 -47.57 8.02
N GLY H 201 59.89 -47.82 9.32
CA GLY H 201 60.42 -49.09 9.81
C GLY H 201 59.47 -50.24 9.57
N ASN H 202 58.24 -49.93 9.17
CA ASN H 202 57.24 -50.96 8.94
C ASN H 202 57.03 -51.26 7.45
N THR H 203 57.39 -50.32 6.59
CA THR H 203 57.27 -50.54 5.15
C THR H 203 58.50 -51.30 4.64
N TYR H 204 59.63 -51.10 5.30
CA TYR H 204 60.83 -51.89 5.03
C TYR H 204 60.57 -53.34 5.43
N TYR H 205 59.90 -53.52 6.55
CA TYR H 205 59.55 -54.84 7.06
C TYR H 205 58.66 -55.60 6.08
N LEU H 206 57.72 -54.88 5.48
CA LEU H 206 56.84 -55.47 4.47
C LEU H 206 57.61 -55.71 3.17
N LEU H 207 58.60 -54.86 2.91
CA LEU H 207 59.37 -54.94 1.68
C LEU H 207 60.39 -56.08 1.73
N GLY H 208 60.98 -56.31 2.90
CA GLY H 208 61.91 -57.41 3.07
C GLY H 208 63.22 -57.04 3.75
N ASP H 209 63.60 -55.78 3.65
CA ASP H 209 64.85 -55.31 4.26
C ASP H 209 64.72 -55.22 5.77
N PHE H 210 64.76 -56.37 6.43
CA PHE H 210 64.48 -56.46 7.87
C PHE H 210 65.52 -55.77 8.72
N GLN H 211 66.75 -55.68 8.21
CA GLN H 211 67.81 -54.95 8.90
C GLN H 211 67.58 -53.45 8.76
N ALA H 212 67.32 -53.03 7.52
CA ALA H 212 67.02 -51.64 7.20
C ALA H 212 65.70 -51.21 7.83
N ALA H 213 64.95 -52.16 8.33
CA ALA H 213 63.75 -51.89 9.11
C ALA H 213 64.11 -51.81 10.59
N ILE H 214 65.02 -52.68 11.00
CA ILE H 214 65.43 -52.78 12.39
C ILE H 214 66.14 -51.51 12.85
N GLU H 215 66.85 -50.86 11.93
CA GLU H 215 67.54 -49.61 12.27
C GLU H 215 66.54 -48.50 12.58
N HIS H 216 65.56 -48.33 11.69
CA HIS H 216 64.52 -47.32 11.87
C HIS H 216 63.67 -47.61 13.09
N HIS H 217 63.46 -48.90 13.36
CA HIS H 217 62.66 -49.31 14.51
C HIS H 217 63.40 -49.08 15.83
N GLN H 218 64.72 -49.21 15.80
CA GLN H 218 65.53 -48.95 16.98
C GLN H 218 65.61 -47.45 17.24
N GLU H 219 65.78 -46.66 16.18
CA GLU H 219 65.74 -45.21 16.29
C GLU H 219 64.39 -44.78 16.85
N ARG H 220 63.34 -45.43 16.38
CA ARG H 220 61.99 -45.21 16.89
C ARG H 220 61.91 -45.54 18.37
N LEU H 221 62.56 -46.64 18.76
CA LEU H 221 62.58 -47.07 20.15
C LEU H 221 63.19 -46.01 21.05
N ARG H 222 64.37 -45.52 20.68
CA ARG H 222 65.05 -44.53 21.51
C ARG H 222 64.37 -43.16 21.45
N ILE H 223 63.64 -42.88 20.37
CA ILE H 223 62.85 -41.65 20.31
C ILE H 223 61.69 -41.72 21.30
N ALA H 224 60.95 -42.83 21.23
CA ALA H 224 59.84 -43.07 22.13
C ALA H 224 60.28 -43.03 23.59
N ARG H 225 61.38 -43.71 23.87
CA ARG H 225 61.95 -43.73 25.21
C ARG H 225 62.41 -42.34 25.62
N GLU H 226 62.87 -41.57 24.63
CA GLU H 226 63.33 -40.20 24.88
C GLU H 226 62.16 -39.33 25.34
N PHE H 227 61.03 -39.42 24.64
CA PHE H 227 59.85 -38.65 25.03
C PHE H 227 59.23 -39.19 26.31
N GLY H 228 59.12 -40.51 26.41
CA GLY H 228 58.46 -41.15 27.54
C GLY H 228 57.13 -41.72 27.11
N ASP H 229 57.12 -42.38 25.96
CA ASP H 229 55.91 -42.94 25.39
C ASP H 229 55.92 -44.46 25.48
N ARG H 230 55.09 -45.01 26.37
CA ARG H 230 55.07 -46.44 26.63
C ARG H 230 54.42 -47.25 25.51
N ALA H 231 53.34 -46.71 24.95
CA ALA H 231 52.64 -47.37 23.86
C ALA H 231 53.55 -47.50 22.64
N ALA H 232 54.35 -46.47 22.40
CA ALA H 232 55.31 -46.49 21.32
C ALA H 232 56.46 -47.44 21.62
N GLU H 233 56.67 -47.73 22.90
CA GLU H 233 57.63 -48.75 23.28
C GLU H 233 57.06 -50.13 22.99
N ARG H 234 55.75 -50.28 23.18
CA ARG H 234 55.06 -51.50 22.80
C ARG H 234 55.23 -51.74 21.30
N ARG H 235 54.89 -50.72 20.52
CA ARG H 235 55.03 -50.78 19.07
C ARG H 235 56.45 -51.10 18.65
N ALA H 236 57.41 -50.35 19.20
CA ALA H 236 58.82 -50.50 18.84
C ALA H 236 59.36 -51.88 19.17
N ASN H 237 59.14 -52.34 20.39
CA ASN H 237 59.64 -53.63 20.82
C ASN H 237 58.99 -54.79 20.06
N SER H 238 57.67 -54.69 19.83
CA SER H 238 56.97 -55.72 19.08
C SER H 238 57.48 -55.82 17.66
N ASN H 239 57.57 -54.66 16.99
CA ASN H 239 58.06 -54.61 15.62
C ASN H 239 59.50 -55.08 15.51
N LEU H 240 60.31 -54.74 16.50
CA LEU H 240 61.70 -55.16 16.54
C LEU H 240 61.80 -56.68 16.69
N GLY H 241 60.92 -57.25 17.51
CA GLY H 241 60.85 -58.69 17.67
C GLY H 241 60.49 -59.35 16.35
N ASN H 242 59.46 -58.82 15.69
CA ASN H 242 59.04 -59.33 14.39
C ASN H 242 60.15 -59.27 13.35
N SER H 243 60.93 -58.18 13.37
CA SER H 243 62.03 -58.01 12.44
C SER H 243 63.16 -59.00 12.74
N HIS H 244 63.43 -59.22 14.02
CA HIS H 244 64.47 -60.16 14.43
C HIS H 244 64.09 -61.59 14.07
N ILE H 245 62.80 -61.90 14.09
CA ILE H 245 62.32 -63.23 13.75
C ILE H 245 62.59 -63.57 12.28
N PHE H 246 62.18 -62.69 11.38
CA PHE H 246 62.34 -62.93 9.94
C PHE H 246 63.79 -62.72 9.49
N LEU H 247 64.68 -62.44 10.45
CA LEU H 247 66.09 -62.27 10.16
C LEU H 247 66.88 -63.49 10.64
N GLY H 248 66.52 -64.01 11.80
CA GLY H 248 67.15 -65.20 12.33
C GLY H 248 67.39 -65.16 13.83
N GLN H 249 67.78 -63.99 14.34
CA GLN H 249 68.10 -63.83 15.75
C GLN H 249 66.89 -64.08 16.65
N PHE H 250 66.66 -65.35 16.98
CA PHE H 250 65.56 -65.71 17.87
C PHE H 250 65.85 -65.22 19.29
N GLU H 251 67.12 -65.15 19.63
CA GLU H 251 67.55 -64.77 20.97
C GLU H 251 67.28 -63.29 21.25
N ASP H 252 67.50 -62.44 20.25
CA ASP H 252 67.20 -61.02 20.38
C ASP H 252 65.70 -60.77 20.36
N ALA H 253 65.02 -61.43 19.43
CA ALA H 253 63.58 -61.37 19.33
C ALA H 253 62.94 -61.75 20.66
N ALA H 254 63.54 -62.71 21.35
CA ALA H 254 63.06 -63.13 22.67
C ALA H 254 63.12 -61.94 23.63
N GLU H 255 64.24 -61.22 23.60
CA GLU H 255 64.43 -60.06 24.47
C GLU H 255 63.40 -58.98 24.19
N HIS H 256 63.24 -58.62 22.91
CA HIS H 256 62.30 -57.55 22.55
C HIS H 256 60.85 -57.95 22.85
N TYR H 257 60.50 -59.20 22.58
CA TYR H 257 59.15 -59.69 22.87
C TYR H 257 58.89 -59.71 24.38
N LYS H 258 59.91 -60.01 25.16
CA LYS H 258 59.80 -59.93 26.61
C LYS H 258 59.63 -58.48 27.06
N ARG H 259 60.27 -57.57 26.33
CA ARG H 259 60.14 -56.15 26.60
C ARG H 259 58.73 -55.67 26.28
N THR H 260 58.09 -56.32 25.32
CA THR H 260 56.70 -56.02 24.98
C THR H 260 55.78 -56.57 26.06
N LEU H 261 56.08 -57.79 26.51
CA LEU H 261 55.30 -58.45 27.56
C LEU H 261 55.31 -57.67 28.87
N ALA H 262 56.49 -57.21 29.27
CA ALA H 262 56.68 -56.55 30.56
C ALA H 262 55.86 -55.26 30.68
N LEU H 263 55.62 -54.60 29.56
CA LEU H 263 54.84 -53.37 29.58
C LEU H 263 53.37 -53.65 29.25
N ALA H 264 53.12 -54.75 28.55
CA ALA H 264 51.76 -55.16 28.23
C ALA H 264 50.99 -55.46 29.52
N VAL H 265 51.66 -56.10 30.47
CA VAL H 265 51.08 -56.41 31.76
C VAL H 265 51.04 -55.18 32.65
N GLU H 266 51.85 -54.18 32.30
CA GLU H 266 51.96 -52.97 33.10
C GLU H 266 50.78 -52.03 32.85
N LEU H 267 50.53 -51.72 31.58
CA LEU H 267 49.40 -50.85 31.23
C LEU H 267 48.14 -51.66 30.95
N GLY H 268 48.16 -52.92 31.39
CA GLY H 268 46.96 -53.75 31.46
C GLY H 268 46.20 -54.03 30.18
N GLU H 269 46.90 -54.21 29.07
CA GLU H 269 46.25 -54.62 27.84
C GLU H 269 46.26 -56.14 27.71
N ARG H 270 45.11 -56.75 27.97
CA ARG H 270 44.99 -58.20 28.00
C ARG H 270 45.28 -58.85 26.65
N GLU H 271 44.62 -58.36 25.61
CA GLU H 271 44.80 -58.89 24.25
C GLU H 271 46.26 -58.89 23.84
N VAL H 272 46.91 -57.74 23.96
CA VAL H 272 48.31 -57.59 23.57
C VAL H 272 49.22 -58.47 24.43
N GLU H 273 48.83 -58.68 25.69
CA GLU H 273 49.56 -59.55 26.58
C GLU H 273 49.52 -60.99 26.07
N ALA H 274 48.33 -61.44 25.69
CA ALA H 274 48.14 -62.78 25.14
C ALA H 274 48.93 -62.96 23.85
N GLN H 275 48.81 -61.98 22.96
CA GLN H 275 49.56 -61.99 21.70
C GLN H 275 51.05 -62.09 21.95
N SER H 276 51.53 -61.35 22.94
CA SER H 276 52.94 -61.34 23.29
C SER H 276 53.38 -62.70 23.84
N CYS H 277 52.53 -63.32 24.64
CA CYS H 277 52.81 -64.64 25.19
C CYS H 277 52.91 -65.69 24.07
N TYR H 278 51.98 -65.61 23.12
CA TYR H 278 51.98 -66.52 21.98
C TYR H 278 53.24 -66.32 21.14
N SER H 279 53.61 -65.05 20.96
CA SER H 279 54.82 -64.70 20.22
C SER H 279 56.06 -65.28 20.87
N LEU H 280 56.17 -65.10 22.19
CA LEU H 280 57.30 -65.62 22.95
C LEU H 280 57.34 -67.15 22.90
N GLY H 281 56.16 -67.75 22.90
CA GLY H 281 56.06 -69.20 22.79
C GLY H 281 56.62 -69.71 21.47
N ASN H 282 56.11 -69.13 20.38
CA ASN H 282 56.60 -69.51 19.05
C ASN H 282 58.06 -69.14 18.83
N THR H 283 58.56 -68.21 19.64
CA THR H 283 59.95 -67.82 19.57
C THR H 283 60.85 -68.84 20.26
N TYR H 284 60.43 -69.27 21.45
CA TYR H 284 61.19 -70.27 22.21
C TYR H 284 61.03 -71.66 21.61
N THR H 285 60.04 -71.82 20.74
CA THR H 285 59.88 -73.08 20.01
C THR H 285 61.04 -73.27 19.04
N LEU H 286 61.33 -72.23 18.28
CA LEU H 286 62.41 -72.26 17.29
C LEU H 286 63.78 -72.20 17.96
N LEU H 287 63.82 -71.71 19.19
CA LEU H 287 65.06 -71.62 19.96
C LEU H 287 65.35 -72.96 20.62
N HIS H 288 64.45 -73.92 20.41
CA HIS H 288 64.56 -75.27 20.95
C HIS H 288 64.64 -75.27 22.48
N GLU H 289 64.01 -74.27 23.09
CA GLU H 289 63.86 -74.21 24.54
C GLU H 289 62.40 -74.46 24.90
N PHE H 290 61.96 -75.70 24.72
CA PHE H 290 60.55 -76.05 24.83
C PHE H 290 60.01 -75.90 26.25
N ASN H 291 60.88 -76.10 27.24
CA ASN H 291 60.48 -76.04 28.65
C ASN H 291 60.00 -74.65 29.07
N THR H 292 60.31 -73.65 28.27
CA THR H 292 59.87 -72.28 28.53
C THR H 292 58.68 -71.95 27.63
N ALA H 293 58.74 -72.43 26.39
CA ALA H 293 57.68 -72.24 25.42
C ALA H 293 56.37 -72.82 25.92
N ILE H 294 56.45 -73.93 26.65
CA ILE H 294 55.25 -74.53 27.22
C ILE H 294 54.64 -73.61 28.28
N GLU H 295 55.49 -72.91 29.01
CA GLU H 295 55.03 -71.99 30.05
C GLU H 295 54.34 -70.77 29.43
N TYR H 296 55.02 -70.14 28.47
CA TYR H 296 54.44 -68.98 27.78
C TYR H 296 53.13 -69.35 27.08
N HIS H 297 53.13 -70.51 26.42
CA HIS H 297 51.92 -71.00 25.77
C HIS H 297 50.82 -71.31 26.78
N ASN H 298 51.21 -71.67 27.99
CA ASN H 298 50.23 -71.89 29.06
C ASN H 298 49.61 -70.57 29.50
N ARG H 299 50.44 -69.51 29.56
CA ARG H 299 49.93 -68.18 29.85
C ARG H 299 48.92 -67.75 28.78
N HIS H 300 49.32 -67.89 27.51
CA HIS H 300 48.44 -67.56 26.39
C HIS H 300 47.15 -68.38 26.46
N LEU H 301 47.25 -69.62 26.90
CA LEU H 301 46.09 -70.49 27.06
C LEU H 301 45.13 -69.92 28.10
N ALA H 302 45.68 -69.62 29.28
CA ALA H 302 44.88 -69.09 30.38
C ALA H 302 44.17 -67.79 29.98
N ILE H 303 44.90 -66.90 29.31
CA ILE H 303 44.32 -65.62 28.92
C ILE H 303 43.27 -65.79 27.82
N ALA H 304 43.57 -66.61 26.83
CA ALA H 304 42.65 -66.85 25.72
C ALA H 304 41.35 -67.46 26.20
N GLN H 305 41.45 -68.37 27.18
CA GLN H 305 40.26 -68.94 27.79
C GLN H 305 39.54 -67.90 28.64
N GLU H 306 40.32 -67.04 29.28
CA GLU H 306 39.77 -65.99 30.15
C GLU H 306 38.89 -65.01 29.38
N LEU H 307 39.40 -64.51 28.27
CA LEU H 307 38.67 -63.51 27.48
C LEU H 307 37.48 -64.10 26.75
N GLY H 308 37.52 -65.41 26.50
CA GLY H 308 36.47 -66.07 25.75
C GLY H 308 36.84 -66.15 24.28
N ASP H 309 38.11 -65.94 23.98
CA ASP H 309 38.60 -66.02 22.61
C ASP H 309 38.75 -67.49 22.21
N ARG H 310 38.05 -67.86 21.14
CA ARG H 310 37.98 -69.25 20.73
C ARG H 310 39.08 -69.62 19.74
N ILE H 311 39.31 -68.75 18.76
CA ILE H 311 40.33 -68.98 17.74
C ILE H 311 41.73 -68.97 18.37
N GLY H 312 41.94 -68.10 19.35
CA GLY H 312 43.20 -68.03 20.06
C GLY H 312 43.40 -69.25 20.93
N GLU H 313 42.28 -69.81 21.40
CA GLU H 313 42.30 -71.04 22.17
C GLU H 313 42.72 -72.20 21.27
N ALA H 314 42.20 -72.18 20.04
CA ALA H 314 42.56 -73.18 19.04
C ALA H 314 44.06 -73.11 18.72
N ARG H 315 44.56 -71.89 18.51
CA ARG H 315 45.98 -71.68 18.28
C ARG H 315 46.80 -72.21 19.45
N ALA H 316 46.33 -71.92 20.65
CA ALA H 316 46.99 -72.34 21.89
C ALA H 316 47.12 -73.86 21.94
N CYS H 317 46.03 -74.55 21.60
CA CYS H 317 46.04 -76.01 21.62
C CYS H 317 46.95 -76.59 20.54
N TRP H 318 46.80 -76.10 19.31
CA TRP H 318 47.58 -76.60 18.18
C TRP H 318 49.07 -76.34 18.37
N SER H 319 49.40 -75.33 19.16
CA SER H 319 50.80 -75.03 19.45
C SER H 319 51.30 -75.90 20.61
N LEU H 320 50.46 -76.06 21.62
CA LEU H 320 50.81 -76.84 22.80
C LEU H 320 51.02 -78.31 22.50
N GLY H 321 50.26 -78.83 21.53
CA GLY H 321 50.42 -80.22 21.12
C GLY H 321 51.76 -80.44 20.46
N ASN H 322 52.08 -79.57 19.49
CA ASN H 322 53.34 -79.64 18.78
C ASN H 322 54.53 -79.38 19.71
N ALA H 323 54.27 -78.66 20.80
CA ALA H 323 55.30 -78.38 21.80
C ALA H 323 55.55 -79.61 22.67
N HIS H 324 54.46 -80.22 23.16
CA HIS H 324 54.55 -81.40 24.02
C HIS H 324 55.04 -82.62 23.27
N SER H 325 54.88 -82.62 21.95
CA SER H 325 55.37 -83.72 21.13
C SER H 325 56.90 -83.72 21.04
N ALA H 326 57.48 -82.52 21.12
CA ALA H 326 58.93 -82.37 21.00
C ALA H 326 59.68 -82.93 22.19
N ILE H 327 59.07 -82.83 23.38
CA ILE H 327 59.70 -83.32 24.59
C ILE H 327 59.51 -84.83 24.74
N GLY H 328 58.57 -85.38 23.97
CA GLY H 328 58.33 -86.81 23.97
C GLY H 328 57.01 -87.23 24.61
N GLY H 329 56.60 -86.49 25.63
CA GLY H 329 55.37 -86.79 26.34
C GLY H 329 54.13 -86.64 25.47
N HIS H 330 53.77 -87.70 24.78
CA HIS H 330 52.62 -87.68 23.88
C HIS H 330 51.30 -87.73 24.63
N GLU H 331 51.36 -88.20 25.87
CA GLU H 331 50.16 -88.33 26.71
C GLU H 331 49.50 -86.98 26.95
N ARG H 332 50.30 -86.00 27.37
CA ARG H 332 49.80 -84.65 27.63
C ARG H 332 49.54 -83.92 26.31
N ALA H 333 50.20 -84.35 25.25
CA ALA H 333 50.04 -83.74 23.94
C ALA H 333 48.70 -84.09 23.32
N LEU H 334 48.27 -85.33 23.51
CA LEU H 334 47.03 -85.82 22.92
C LEU H 334 45.82 -85.07 23.46
N LYS H 335 45.92 -84.59 24.70
CA LYS H 335 44.84 -83.83 25.32
C LYS H 335 44.59 -82.53 24.56
N TYR H 336 45.66 -81.77 24.34
CA TYR H 336 45.57 -80.50 23.61
C TYR H 336 45.28 -80.75 22.14
N ALA H 337 45.66 -81.91 21.64
CA ALA H 337 45.37 -82.30 20.26
C ALA H 337 43.86 -82.49 20.08
N GLU H 338 43.26 -83.29 20.96
CA GLU H 338 41.82 -83.52 20.95
C GLU H 338 41.07 -82.22 21.17
N GLN H 339 41.55 -81.41 22.12
CA GLN H 339 40.96 -80.12 22.40
C GLN H 339 40.97 -79.23 21.15
N HIS H 340 42.07 -79.29 20.41
CA HIS H 340 42.19 -78.55 19.16
C HIS H 340 41.21 -79.07 18.12
N LEU H 341 41.01 -80.39 18.12
CA LEU H 341 40.07 -81.02 17.19
C LEU H 341 38.65 -80.53 17.44
N GLN H 342 38.22 -80.58 18.69
CA GLN H 342 36.87 -80.15 19.05
C GLN H 342 36.70 -78.65 18.86
N LEU H 343 37.76 -77.89 19.14
CA LEU H 343 37.75 -76.44 18.94
C LEU H 343 37.54 -76.09 17.47
N ALA H 344 38.34 -76.70 16.60
CA ALA H 344 38.19 -76.47 15.16
C ALA H 344 36.86 -77.00 14.65
N LYS H 345 36.33 -77.99 15.36
CA LYS H 345 35.05 -78.59 14.99
C LYS H 345 33.89 -77.63 15.25
N GLU H 346 33.87 -77.02 16.43
CA GLU H 346 32.80 -76.11 16.78
C GLU H 346 32.99 -74.73 16.16
N LEU H 347 34.14 -74.52 15.54
CA LEU H 347 34.42 -73.26 14.85
C LEU H 347 34.17 -73.41 13.35
N HIS H 348 33.88 -74.65 12.94
CA HIS H 348 33.62 -74.98 11.54
C HIS H 348 34.79 -74.62 10.63
N ASP H 349 36.01 -74.89 11.10
CA ASP H 349 37.21 -74.63 10.31
C ASP H 349 37.78 -75.92 9.75
N PRO H 350 37.64 -76.14 8.43
CA PRO H 350 38.03 -77.39 7.76
C PRO H 350 39.52 -77.70 7.86
N VAL H 351 40.36 -76.73 7.52
CA VAL H 351 41.80 -76.92 7.54
C VAL H 351 42.30 -77.30 8.94
N GLY H 352 41.72 -76.65 9.95
CA GLY H 352 42.05 -76.95 11.33
C GLY H 352 41.66 -78.37 11.68
N GLU H 353 40.48 -78.79 11.23
CA GLU H 353 40.00 -80.15 11.47
C GLU H 353 40.92 -81.20 10.85
N SER H 354 41.29 -80.98 9.60
CA SER H 354 42.18 -81.92 8.90
C SER H 354 43.55 -82.00 9.56
N THR H 355 44.17 -80.84 9.74
CA THR H 355 45.51 -80.76 10.32
C THR H 355 45.52 -81.26 11.76
N ALA H 356 44.35 -81.24 12.41
CA ALA H 356 44.23 -81.78 13.76
C ALA H 356 44.11 -83.30 13.73
N ARG H 357 43.33 -83.80 12.77
CA ARG H 357 43.10 -85.24 12.64
C ARG H 357 44.39 -85.98 12.29
N VAL H 358 45.13 -85.44 11.32
CA VAL H 358 46.36 -86.09 10.86
C VAL H 358 47.41 -86.16 11.97
N ASN H 359 47.30 -85.28 12.95
CA ASN H 359 48.19 -85.31 14.11
C ASN H 359 47.62 -86.15 15.23
N ILE H 360 46.29 -86.28 15.24
CA ILE H 360 45.59 -87.12 16.20
C ILE H 360 45.93 -88.59 15.97
N SER H 361 45.89 -89.01 14.71
CA SER H 361 46.21 -90.39 14.37
C SER H 361 47.68 -90.70 14.66
N ASP H 362 48.57 -89.77 14.30
CA ASP H 362 49.99 -89.95 14.53
C ASP H 362 50.34 -89.80 16.01
N HIS I 24 -20.68 -22.64 8.87
CA HIS I 24 -21.96 -21.95 8.82
C HIS I 24 -21.80 -20.42 8.64
N PRO I 25 -20.93 -19.78 9.44
CA PRO I 25 -20.84 -18.33 9.25
C PRO I 25 -19.78 -17.92 8.22
N GLU I 26 -19.88 -16.67 7.75
CA GLU I 26 -18.94 -16.12 6.78
C GLU I 26 -18.29 -14.87 7.36
N PRO I 27 -16.97 -14.72 7.16
CA PRO I 27 -16.23 -13.54 7.65
C PRO I 27 -16.85 -12.24 7.18
N VAL I 28 -17.16 -12.15 5.90
CA VAL I 28 -17.76 -10.96 5.32
C VAL I 28 -19.17 -10.73 5.85
N ALA I 29 -19.93 -11.83 5.97
CA ALA I 29 -21.29 -11.75 6.48
C ALA I 29 -21.31 -11.30 7.94
N SER I 30 -20.37 -11.80 8.72
CA SER I 30 -20.24 -11.41 10.12
C SER I 30 -19.82 -9.95 10.24
N TRP I 31 -18.87 -9.56 9.40
CA TRP I 31 -18.39 -8.18 9.36
C TRP I 31 -19.53 -7.22 9.05
N MET I 32 -20.32 -7.55 8.02
CA MET I 32 -21.46 -6.72 7.67
C MET I 32 -22.53 -6.76 8.74
N SER I 33 -22.60 -7.86 9.48
CA SER I 33 -23.59 -8.00 10.54
C SER I 33 -23.21 -7.13 11.73
N GLU I 34 -21.92 -6.90 11.93
CA GLU I 34 -21.46 -6.12 13.07
C GLU I 34 -21.29 -4.63 12.71
N GLN I 35 -21.20 -4.33 11.41
CA GLN I 35 -21.15 -2.93 10.98
C GLN I 35 -22.53 -2.30 10.99
N ARG I 36 -23.53 -3.11 11.36
CA ARG I 36 -24.91 -2.66 11.45
C ARG I 36 -25.09 -1.51 12.44
N TRP I 37 -24.31 -1.54 13.52
CA TRP I 37 -24.43 -0.54 14.58
C TRP I 37 -23.23 0.39 14.65
N ALA I 38 -22.33 0.28 13.68
CA ALA I 38 -21.13 1.12 13.66
C ALA I 38 -21.44 2.52 13.17
N GLY I 39 -20.41 3.35 13.07
CA GLY I 39 -20.57 4.72 12.63
C GLY I 39 -20.10 5.71 13.68
N GLU I 40 -19.14 6.55 13.32
CA GLU I 40 -18.60 7.53 14.25
C GLU I 40 -19.39 8.82 14.23
N PRO I 41 -19.86 9.26 15.41
CA PRO I 41 -20.75 10.41 15.55
C PRO I 41 -20.03 11.70 15.95
N GLU I 42 -20.74 12.82 15.81
CA GLU I 42 -20.22 14.11 16.24
C GLU I 42 -20.33 14.22 17.75
N VAL I 43 -19.97 15.36 18.31
CA VAL I 43 -20.01 15.53 19.76
C VAL I 43 -21.42 15.40 20.29
N MET I 44 -21.62 14.44 21.19
CA MET I 44 -22.94 14.12 21.72
C MET I 44 -23.17 14.78 23.07
N CYS I 45 -22.10 14.96 23.83
CA CYS I 45 -22.19 15.56 25.16
C CYS I 45 -21.71 17.01 25.13
N THR I 46 -22.59 17.93 25.52
CA THR I 46 -22.27 19.35 25.47
C THR I 46 -21.78 19.89 26.81
N LEU I 47 -22.71 20.14 27.73
CA LEU I 47 -22.42 20.69 29.05
C LEU I 47 -21.78 22.08 28.99
N GLN I 48 -22.56 23.10 29.30
CA GLN I 48 -22.06 24.47 29.32
C GLN I 48 -21.72 24.92 30.73
N HIS I 49 -20.75 25.82 30.85
CA HIS I 49 -20.25 26.25 32.15
C HIS I 49 -20.88 27.57 32.59
N LYS I 50 -21.13 27.70 33.89
CA LYS I 50 -21.53 28.97 34.46
C LYS I 50 -20.34 29.60 35.18
N SER I 51 -19.76 30.62 34.55
CA SER I 51 -18.52 31.23 35.03
C SER I 51 -18.66 31.85 36.41
N ILE I 52 -17.86 31.36 37.36
CA ILE I 52 -17.76 31.97 38.67
C ILE I 52 -17.01 33.29 38.55
N ALA I 53 -15.97 33.29 37.72
CA ALA I 53 -15.08 34.45 37.57
C ALA I 53 -15.79 35.68 37.05
N GLN I 54 -16.69 35.51 36.08
CA GLN I 54 -17.37 36.65 35.48
C GLN I 54 -18.26 37.34 36.52
N GLU I 55 -19.14 36.55 37.15
CA GLU I 55 -20.04 37.06 38.17
C GLU I 55 -19.26 37.66 39.35
N ALA I 56 -18.16 37.01 39.71
CA ALA I 56 -17.35 37.48 40.83
C ALA I 56 -16.69 38.82 40.52
N TYR I 57 -16.13 38.93 39.33
CA TYR I 57 -15.40 40.13 38.95
C TYR I 57 -16.31 41.29 38.57
N LYS I 58 -17.58 41.01 38.27
CA LYS I 58 -18.48 42.10 37.91
C LYS I 58 -19.43 42.47 39.04
N ASN I 59 -19.60 41.58 40.02
CA ASN I 59 -20.49 41.88 41.14
C ASN I 59 -19.72 42.22 42.41
N TYR I 60 -18.40 42.23 42.34
CA TYR I 60 -17.59 42.40 43.53
C TYR I 60 -16.23 43.03 43.24
N THR I 61 -15.62 43.62 44.27
CA THR I 61 -14.26 44.14 44.18
C THR I 61 -13.31 43.25 44.98
N ILE I 62 -12.94 42.11 44.38
CA ILE I 62 -12.09 41.15 45.06
C ILE I 62 -10.66 41.67 45.14
N THR I 63 -9.98 41.35 46.23
CA THR I 63 -8.65 41.89 46.48
C THR I 63 -7.68 40.89 47.10
N THR I 64 -7.34 39.83 46.37
CA THR I 64 -6.25 38.95 46.76
C THR I 64 -5.76 38.08 45.59
N SER I 65 -6.69 37.61 44.76
CA SER I 65 -6.32 36.82 43.59
C SER I 65 -6.12 37.75 42.40
N ALA I 66 -7.07 38.66 42.23
CA ALA I 66 -6.98 39.67 41.18
C ALA I 66 -5.72 40.51 41.35
N VAL I 67 -5.33 40.74 42.60
CA VAL I 67 -4.13 41.49 42.91
C VAL I 67 -2.89 40.72 42.47
N CYS I 68 -2.94 39.39 42.60
CA CYS I 68 -1.84 38.54 42.16
C CYS I 68 -1.71 38.50 40.65
N LYS I 69 -2.86 38.39 39.97
CA LYS I 69 -2.86 38.43 38.52
C LYS I 69 -2.32 39.77 38.05
N LEU I 70 -2.70 40.83 38.76
CA LEU I 70 -2.27 42.18 38.43
C LEU I 70 -0.77 42.38 38.65
N VAL I 71 -0.23 41.80 39.71
CA VAL I 71 1.18 41.99 40.02
C VAL I 71 2.05 41.14 39.10
N ARG I 72 1.53 40.01 38.64
CA ARG I 72 2.27 39.20 37.68
C ARG I 72 2.25 39.88 36.31
N GLN I 73 1.10 40.43 35.94
CA GLN I 73 0.97 41.19 34.71
C GLN I 73 1.95 42.37 34.70
N LEU I 74 1.93 43.13 35.79
CA LEU I 74 2.84 44.26 35.97
C LEU I 74 4.29 43.82 35.91
N GLN I 75 4.56 42.63 36.44
CA GLN I 75 5.88 42.05 36.40
C GLN I 75 6.35 41.87 34.94
N GLN I 76 5.56 41.12 34.18
CA GLN I 76 5.90 40.82 32.80
C GLN I 76 5.94 42.07 31.90
N GLN I 77 5.17 43.10 32.26
CA GLN I 77 5.26 44.36 31.53
C GLN I 77 6.56 45.09 31.89
N ALA I 78 6.88 45.09 33.18
CA ALA I 78 8.08 45.74 33.68
C ALA I 78 9.32 45.16 33.02
N LEU I 79 9.27 43.87 32.71
CA LEU I 79 10.36 43.22 31.98
C LEU I 79 10.63 43.91 30.64
N SER I 80 9.58 44.06 29.84
CA SER I 80 9.68 44.68 28.51
C SER I 80 10.11 46.14 28.63
N LEU I 81 9.58 46.83 29.63
CA LEU I 81 9.98 48.22 29.85
C LEU I 81 11.48 48.29 30.13
N GLN I 82 11.96 47.36 30.95
CA GLN I 82 13.38 47.30 31.28
C GLN I 82 14.24 47.06 30.05
N VAL I 83 13.87 46.07 29.23
CA VAL I 83 14.69 45.77 28.06
C VAL I 83 14.64 46.92 27.05
N HIS I 84 13.56 47.69 27.08
CA HIS I 84 13.47 48.88 26.23
C HIS I 84 14.45 49.94 26.72
N PHE I 85 14.47 50.17 28.03
CA PHE I 85 15.45 51.08 28.63
C PHE I 85 16.87 50.67 28.29
N GLU I 86 17.13 49.37 28.37
CA GLU I 86 18.45 48.82 28.05
C GLU I 86 18.80 49.06 26.58
N ARG I 87 17.79 48.94 25.71
CA ARG I 87 18.00 49.17 24.28
C ARG I 87 18.38 50.63 24.02
N SER I 88 17.64 51.55 24.64
CA SER I 88 17.92 52.97 24.49
C SER I 88 19.31 53.31 25.03
N GLU I 89 19.67 52.67 26.15
CA GLU I 89 21.00 52.83 26.72
C GLU I 89 22.08 52.39 25.74
N ARG I 90 21.89 51.22 25.14
CA ARG I 90 22.83 50.70 24.16
C ARG I 90 22.96 51.64 22.96
N VAL I 91 21.83 52.25 22.57
CA VAL I 91 21.84 53.21 21.48
C VAL I 91 22.67 54.44 21.82
N LEU I 92 22.38 55.05 22.97
CA LEU I 92 23.04 56.29 23.36
C LEU I 92 24.43 56.07 23.95
N SER I 93 24.87 54.82 24.03
CA SER I 93 26.20 54.51 24.53
C SER I 93 27.22 54.55 23.40
N GLY I 94 26.73 54.43 22.16
CA GLY I 94 27.59 54.41 21.00
C GLY I 94 27.88 52.99 20.56
N LEU I 95 27.05 52.05 21.03
CA LEU I 95 27.23 50.64 20.69
C LEU I 95 26.41 50.27 19.46
N GLN I 96 25.09 50.37 19.58
CA GLN I 96 24.20 50.08 18.46
C GLN I 96 23.84 51.37 17.72
N ALA I 97 24.56 52.44 18.02
CA ALA I 97 24.30 53.74 17.42
C ALA I 97 24.63 53.75 15.94
N SER I 98 23.66 54.16 15.12
CA SER I 98 23.86 54.28 13.68
C SER I 98 23.55 55.71 13.24
N SER I 99 22.78 56.41 14.06
CA SER I 99 22.42 57.80 13.79
C SER I 99 21.97 58.50 15.07
N LEU I 100 21.91 59.82 15.03
CA LEU I 100 21.53 60.60 16.20
C LEU I 100 20.05 61.03 16.20
N PRO I 101 19.51 61.48 15.05
CA PRO I 101 18.06 61.68 15.06
C PRO I 101 17.29 60.38 15.27
N GLU I 102 17.90 59.27 14.85
CA GLU I 102 17.39 57.94 15.15
C GLU I 102 17.23 57.77 16.65
N ALA I 103 18.19 58.30 17.40
CA ALA I 103 18.15 58.25 18.86
C ALA I 103 17.02 59.13 19.41
N LEU I 104 16.71 60.21 18.70
CA LEU I 104 15.59 61.05 19.08
C LEU I 104 14.28 60.29 18.93
N ALA I 105 14.11 59.64 17.78
CA ALA I 105 12.93 58.83 17.52
C ALA I 105 12.81 57.72 18.56
N GLY I 106 13.94 57.09 18.87
CA GLY I 106 13.99 56.06 19.88
C GLY I 106 13.57 56.58 21.24
N ALA I 107 13.98 57.81 21.55
CA ALA I 107 13.60 58.46 22.79
C ALA I 107 12.09 58.65 22.84
N THR I 108 11.52 59.06 21.70
CA THR I 108 10.08 59.23 21.58
C THR I 108 9.36 57.90 21.85
N GLN I 109 9.88 56.83 21.27
CA GLN I 109 9.34 55.49 21.51
C GLN I 109 9.39 55.13 22.99
N LEU I 110 10.53 55.41 23.62
CA LEU I 110 10.72 55.09 25.04
C LEU I 110 9.71 55.83 25.92
N LEU I 111 9.56 57.12 25.67
CA LEU I 111 8.62 57.94 26.44
C LEU I 111 7.18 57.50 26.23
N SER I 112 6.84 57.17 24.98
CA SER I 112 5.50 56.69 24.66
C SER I 112 5.20 55.38 25.39
N HIS I 113 6.20 54.49 25.42
CA HIS I 113 6.06 53.21 26.11
C HIS I 113 5.86 53.43 27.60
N LEU I 114 6.68 54.30 28.18
CA LEU I 114 6.59 54.61 29.60
C LEU I 114 5.20 55.15 29.95
N ASP I 115 4.74 56.11 29.17
CA ASP I 115 3.43 56.72 29.38
C ASP I 115 2.30 55.71 29.19
N ASP I 116 2.52 54.74 28.30
CA ASP I 116 1.55 53.68 28.09
C ASP I 116 1.48 52.76 29.31
N PHE I 117 2.64 52.48 29.89
CA PHE I 117 2.71 51.67 31.11
C PHE I 117 1.96 52.37 32.23
N THR I 118 2.20 53.68 32.36
CA THR I 118 1.50 54.49 33.34
C THR I 118 -0.01 54.46 33.13
N ALA I 119 -0.44 54.66 31.89
CA ALA I 119 -1.85 54.65 31.55
C ALA I 119 -2.49 53.31 31.86
N THR I 120 -1.73 52.23 31.66
CA THR I 120 -2.21 50.88 31.97
C THR I 120 -2.37 50.73 33.48
N LEU I 121 -1.41 51.27 34.22
CA LEU I 121 -1.51 51.30 35.68
C LEU I 121 -2.79 51.98 36.12
N GLU I 122 -2.98 53.21 35.68
CA GLU I 122 -4.16 53.99 36.04
C GLU I 122 -5.46 53.31 35.60
N ARG I 123 -5.39 52.57 34.49
CA ARG I 123 -6.56 51.88 33.97
C ARG I 123 -6.95 50.72 34.88
N ARG I 124 -5.96 50.08 35.47
CA ARG I 124 -6.20 48.97 36.40
C ARG I 124 -6.43 49.48 37.82
N GLY I 125 -6.61 50.80 37.95
CA GLY I 125 -7.00 51.40 39.21
C GLY I 125 -5.94 51.39 40.31
N VAL I 126 -4.68 51.61 39.93
CA VAL I 126 -3.63 51.78 40.92
C VAL I 126 -2.96 53.14 40.77
N PHE I 127 -3.24 54.03 41.72
CA PHE I 127 -2.68 55.38 41.70
C PHE I 127 -1.26 55.37 42.23
N PHE I 128 -0.45 56.31 41.75
CA PHE I 128 0.95 56.40 42.17
C PHE I 128 1.48 57.84 42.06
N ASN I 129 2.09 58.31 43.14
CA ASN I 129 2.65 59.65 43.16
C ASN I 129 3.92 59.73 42.32
N ASP I 130 3.86 60.52 41.24
CA ASP I 130 4.98 60.61 40.33
C ASP I 130 5.39 62.06 40.06
N ALA I 131 6.47 62.49 40.71
CA ALA I 131 7.08 63.78 40.41
C ALA I 131 8.00 63.63 39.21
N LYS I 132 7.46 63.87 38.02
CA LYS I 132 8.18 63.62 36.78
C LYS I 132 9.37 64.56 36.61
N ILE I 133 10.35 64.41 37.50
CA ILE I 133 11.54 65.27 37.50
C ILE I 133 12.56 64.82 36.48
N GLU I 134 13.04 63.59 36.64
CA GLU I 134 14.01 63.02 35.71
C GLU I 134 13.45 63.01 34.30
N ARG I 135 12.17 62.65 34.18
CA ARG I 135 11.50 62.64 32.90
C ARG I 135 11.45 64.03 32.29
N ARG I 136 11.30 65.06 33.12
CA ARG I 136 11.26 66.44 32.64
C ARG I 136 12.65 66.89 32.18
N ARG I 137 13.67 66.38 32.87
CA ARG I 137 15.06 66.61 32.51
C ARG I 137 15.32 66.07 31.11
N TYR I 138 14.98 64.80 30.92
CA TYR I 138 15.11 64.13 29.63
C TYR I 138 14.30 64.83 28.55
N GLU I 139 13.07 65.22 28.90
CA GLU I 139 12.15 65.89 27.99
C GLU I 139 12.68 67.23 27.51
N GLN I 140 13.31 67.97 28.42
CA GLN I 140 13.88 69.27 28.06
C GLN I 140 15.11 69.08 27.18
N HIS I 141 15.99 68.19 27.61
CA HIS I 141 17.22 67.91 26.87
C HIS I 141 16.93 67.35 25.48
N LEU I 142 15.76 66.74 25.31
CA LEU I 142 15.39 66.18 24.02
C LEU I 142 14.63 67.19 23.15
N GLU I 143 13.74 67.96 23.77
CA GLU I 143 12.95 68.95 23.05
C GLU I 143 13.83 70.09 22.55
N GLN I 144 14.87 70.42 23.31
CA GLN I 144 15.81 71.45 22.90
C GLN I 144 16.67 70.96 21.74
N ILE I 145 17.46 69.93 22.00
CA ILE I 145 18.33 69.34 20.99
C ILE I 145 17.54 68.52 19.99
N ASN I 163 25.53 66.39 22.31
CA ASN I 163 26.28 65.47 23.18
C ASN I 163 25.43 64.29 23.62
N LEU I 164 25.88 63.09 23.26
CA LEU I 164 25.15 61.86 23.58
C LEU I 164 25.24 61.53 25.07
N GLU I 165 26.40 61.83 25.66
CA GLU I 165 26.63 61.56 27.08
C GLU I 165 25.71 62.40 27.97
N SER I 166 25.19 63.49 27.40
CA SER I 166 24.25 64.35 28.12
C SER I 166 22.90 63.67 28.23
N LEU I 167 22.56 62.84 27.25
CA LEU I 167 21.29 62.15 27.22
C LEU I 167 21.35 60.78 27.89
N LEU I 168 22.52 60.16 27.84
CA LEU I 168 22.72 58.84 28.45
C LEU I 168 22.42 58.87 29.95
N ASP I 169 22.97 59.87 30.64
CA ASP I 169 22.76 60.02 32.07
C ASP I 169 21.30 60.31 32.39
N ASP I 170 20.63 61.04 31.51
CA ASP I 170 19.21 61.31 31.68
C ASP I 170 18.41 60.01 31.58
N VAL I 171 18.76 59.18 30.60
CA VAL I 171 18.11 57.89 30.42
C VAL I 171 18.31 57.00 31.65
N GLN I 172 19.54 56.95 32.14
CA GLN I 172 19.85 56.16 33.33
C GLN I 172 19.10 56.67 34.55
N LEU I 173 18.96 58.00 34.64
CA LEU I 173 18.21 58.64 35.71
C LEU I 173 16.75 58.21 35.69
N LEU I 174 16.12 58.33 34.53
CA LEU I 174 14.73 57.94 34.36
C LEU I 174 14.56 56.45 34.64
N LYS I 175 15.58 55.68 34.31
CA LYS I 175 15.58 54.24 34.52
C LYS I 175 15.53 53.93 36.03
N ARG I 176 16.46 54.52 36.77
CA ARG I 176 16.50 54.35 38.23
C ARG I 176 15.20 54.80 38.88
N HIS I 177 14.72 55.98 38.48
CA HIS I 177 13.48 56.54 39.02
C HIS I 177 12.30 55.60 38.80
N THR I 178 12.12 55.16 37.56
CA THR I 178 11.06 54.24 37.20
C THR I 178 11.18 52.95 38.00
N LEU I 179 12.41 52.49 38.21
CA LEU I 179 12.66 51.30 39.02
C LEU I 179 12.16 51.48 40.45
N ILE I 180 12.50 52.62 41.04
CA ILE I 180 12.07 52.93 42.41
C ILE I 180 10.55 52.95 42.52
N THR I 181 9.92 53.73 41.64
CA THR I 181 8.46 53.84 41.63
C THR I 181 7.81 52.46 41.50
N LEU I 182 8.33 51.66 40.57
CA LEU I 182 7.87 50.30 40.36
C LEU I 182 7.96 49.46 41.63
N ARG I 183 9.11 49.51 42.28
CA ARG I 183 9.32 48.72 43.50
C ARG I 183 8.34 49.14 44.60
N LEU I 184 8.07 50.44 44.68
CA LEU I 184 7.09 50.92 45.64
C LEU I 184 5.70 50.36 45.33
N ILE I 185 5.33 50.39 44.05
CA ILE I 185 4.06 49.83 43.61
C ILE I 185 3.94 48.36 44.00
N PHE I 186 4.99 47.60 43.72
CA PHE I 186 5.02 46.17 44.04
C PHE I 186 4.90 45.93 45.54
N GLU I 187 5.56 46.77 46.33
CA GLU I 187 5.44 46.68 47.78
C GLU I 187 3.98 46.87 48.21
N ARG I 188 3.38 47.94 47.69
CA ARG I 188 1.99 48.26 48.00
C ARG I 188 1.03 47.13 47.63
N LEU I 189 1.29 46.47 46.51
CA LEU I 189 0.42 45.40 46.04
C LEU I 189 0.60 44.10 46.83
N VAL I 190 1.86 43.71 47.04
CA VAL I 190 2.18 42.49 47.79
C VAL I 190 1.70 42.57 49.24
N ARG I 191 1.73 43.79 49.78
CA ARG I 191 1.22 44.03 51.13
C ARG I 191 -0.17 43.44 51.32
N VAL I 192 -1.02 43.57 50.30
CA VAL I 192 -2.37 43.02 50.33
C VAL I 192 -2.33 41.51 50.52
N LEU I 193 -1.42 40.85 49.82
CA LEU I 193 -1.29 39.39 49.91
C LEU I 193 -0.84 38.97 51.29
N VAL I 194 0.21 39.61 51.80
CA VAL I 194 0.75 39.26 53.11
C VAL I 194 -0.29 39.46 54.21
N ILE I 195 -0.99 40.60 54.14
CA ILE I 195 -2.08 40.88 55.08
C ILE I 195 -3.17 39.81 54.96
N SER I 196 -3.48 39.41 53.73
CA SER I 196 -4.48 38.38 53.48
C SER I 196 -4.07 37.05 54.10
N ILE I 197 -2.76 36.81 54.17
CA ILE I 197 -2.26 35.60 54.83
C ILE I 197 -2.41 35.72 56.33
N GLU I 198 -1.90 36.80 56.90
CA GLU I 198 -1.89 36.96 58.36
C GLU I 198 -3.27 37.23 58.94
N GLN I 199 -4.25 37.44 58.07
CA GLN I 199 -5.62 37.67 58.51
C GLN I 199 -6.60 36.74 57.80
N SER I 200 -6.19 35.49 57.61
CA SER I 200 -7.06 34.50 56.97
C SER I 200 -8.01 33.87 57.98
N GLN I 201 -9.24 33.62 57.54
CA GLN I 201 -10.26 33.01 58.38
C GLN I 201 -10.37 31.52 58.06
N CYS I 202 -10.53 31.21 56.77
CA CYS I 202 -10.67 29.83 56.32
C CYS I 202 -9.31 29.20 56.04
N ASP I 203 -9.15 27.93 56.40
CA ASP I 203 -7.88 27.23 56.23
C ASP I 203 -7.57 26.95 54.76
N LEU I 204 -8.61 26.74 53.97
CA LEU I 204 -8.42 26.50 52.53
C LEU I 204 -7.87 27.75 51.86
N LEU I 205 -8.52 28.88 52.10
CA LEU I 205 -8.06 30.16 51.56
C LEU I 205 -6.69 30.52 52.13
N LEU I 206 -6.41 30.02 53.34
CA LEU I 206 -5.10 30.18 53.94
C LEU I 206 -4.06 29.46 53.10
N ARG I 207 -4.37 28.20 52.75
CA ARG I 207 -3.50 27.40 51.91
C ARG I 207 -3.26 28.06 50.56
N ALA I 208 -4.34 28.49 49.93
CA ALA I 208 -4.27 29.12 48.61
C ALA I 208 -3.41 30.38 48.65
N ASN I 209 -3.70 31.26 49.63
CA ASN I 209 -2.95 32.50 49.76
C ASN I 209 -1.48 32.28 50.08
N ILE I 210 -1.20 31.24 50.87
CA ILE I 210 0.17 30.88 51.19
C ILE I 210 0.89 30.39 49.93
N ASN I 211 0.15 29.71 49.05
CA ASN I 211 0.73 29.19 47.82
C ASN I 211 0.91 30.25 46.74
N MET I 212 0.08 31.30 46.79
CA MET I 212 0.14 32.36 45.80
C MET I 212 1.47 33.10 45.83
N VAL I 213 2.05 33.23 47.03
CA VAL I 213 3.34 33.88 47.17
C VAL I 213 4.43 32.98 46.59
N ALA I 214 4.25 31.67 46.75
CA ALA I 214 5.21 30.71 46.20
C ALA I 214 5.17 30.76 44.67
N THR I 215 3.98 30.91 44.13
CA THR I 215 3.79 31.00 42.68
C THR I 215 4.35 32.33 42.16
N LEU I 216 4.22 33.38 42.97
CA LEU I 216 4.75 34.69 42.59
C LEU I 216 6.27 34.70 42.69
N MET I 217 6.81 34.06 43.71
CA MET I 217 8.25 33.95 43.88
C MET I 217 8.78 32.68 43.23
N ASN I 218 8.10 32.25 42.17
CA ASN I 218 8.54 31.10 41.38
C ASN I 218 9.95 31.31 40.86
N ILE I 219 10.18 32.45 40.22
CA ILE I 219 11.49 32.83 39.71
C ILE I 219 11.80 34.27 40.07
N ASP I 220 12.94 34.49 40.72
CA ASP I 220 13.36 35.84 41.07
C ASP I 220 14.03 36.53 39.89
N TYR I 221 13.65 37.78 39.65
CA TYR I 221 14.24 38.58 38.59
C TYR I 221 15.00 39.75 39.21
N ASP I 222 16.21 40.00 38.70
CA ASP I 222 17.07 41.03 39.28
C ASP I 222 16.73 42.44 38.83
N GLY I 223 15.89 42.55 37.80
CA GLY I 223 15.58 43.83 37.22
C GLY I 223 14.31 44.48 37.74
N PHE I 224 13.57 45.12 36.83
CA PHE I 224 12.32 45.80 37.17
C PHE I 224 11.31 44.85 37.78
N ARG I 225 11.33 43.61 37.31
CA ARG I 225 10.33 42.62 37.67
C ARG I 225 10.60 41.95 39.02
N SER I 226 11.43 42.57 39.84
CA SER I 226 11.78 42.00 41.14
C SER I 226 10.63 42.15 42.13
N LEU I 227 10.32 41.06 42.83
CA LEU I 227 9.28 41.08 43.86
C LEU I 227 9.87 40.71 45.22
N SER I 228 11.15 40.39 45.23
CA SER I 228 11.84 39.95 46.45
C SER I 228 11.77 40.99 47.55
N ASP I 229 12.23 42.20 47.25
CA ASP I 229 12.24 43.29 48.23
C ASP I 229 10.82 43.66 48.65
N ALA I 230 9.86 43.43 47.76
CA ALA I 230 8.46 43.70 48.06
C ALA I 230 7.96 42.75 49.15
N PHE I 231 8.52 41.54 49.17
CA PHE I 231 8.19 40.56 50.20
C PHE I 231 9.03 40.79 51.44
N VAL I 232 10.20 41.39 51.27
CA VAL I 232 11.09 41.68 52.40
C VAL I 232 10.52 42.81 53.26
N GLN I 233 10.15 43.92 52.62
CA GLN I 233 9.65 45.08 53.33
C GLN I 233 8.30 44.83 53.99
N ASN I 234 7.54 43.89 53.44
CA ASN I 234 6.23 43.56 53.99
C ASN I 234 6.30 42.47 55.05
N GLU I 235 7.52 42.05 55.37
CA GLU I 235 7.77 41.02 56.38
C GLU I 235 6.94 39.77 56.18
N ALA I 236 6.98 39.22 54.97
CA ALA I 236 6.29 37.98 54.66
C ALA I 236 6.96 36.82 55.37
N VAL I 237 8.26 36.96 55.58
CA VAL I 237 9.05 35.93 56.25
C VAL I 237 8.54 35.68 57.67
N ARG I 238 8.35 36.76 58.43
CA ARG I 238 7.89 36.67 59.80
C ARG I 238 6.48 36.10 59.88
N THR I 239 5.64 36.45 58.90
CA THR I 239 4.27 35.95 58.85
C THR I 239 4.26 34.45 58.61
N LEU I 240 5.02 34.01 57.61
CA LEU I 240 5.10 32.60 57.27
C LEU I 240 5.72 31.80 58.42
N LEU I 241 6.66 32.39 59.15
CA LEU I 241 7.20 31.74 60.33
C LEU I 241 6.14 31.64 61.42
N VAL I 242 5.33 32.68 61.53
CA VAL I 242 4.23 32.69 62.48
C VAL I 242 3.27 31.54 62.20
N VAL I 243 3.04 31.26 60.91
CA VAL I 243 2.10 30.19 60.59
C VAL I 243 2.77 28.80 60.59
N VAL I 244 4.09 28.71 60.44
CA VAL I 244 4.74 27.41 60.63
C VAL I 244 4.80 27.11 62.12
N LEU I 245 4.67 28.14 62.94
CA LEU I 245 4.65 27.96 64.39
C LEU I 245 3.26 27.63 64.92
N ASP I 246 2.35 28.60 64.82
CA ASP I 246 1.08 28.55 65.53
C ASP I 246 0.05 27.58 64.94
N HIS I 247 0.11 27.33 63.63
CA HIS I 247 -0.92 26.52 63.00
C HIS I 247 -0.88 25.08 63.48
N LYS I 248 -1.99 24.37 63.30
CA LYS I 248 -2.19 23.07 63.92
C LYS I 248 -2.14 21.91 62.94
N GLN I 249 -2.33 22.19 61.65
CA GLN I 249 -2.28 21.14 60.64
C GLN I 249 -0.89 21.10 60.00
N SER I 250 -0.33 19.90 59.86
CA SER I 250 1.02 19.72 59.35
C SER I 250 1.18 20.17 57.89
N SER I 251 0.14 19.90 57.09
CA SER I 251 0.17 20.25 55.67
C SER I 251 0.35 21.74 55.44
N VAL I 252 -0.40 22.55 56.19
CA VAL I 252 -0.33 24.00 56.07
C VAL I 252 1.06 24.50 56.43
N ARG I 253 1.59 23.97 57.53
CA ARG I 253 2.95 24.29 57.95
C ARG I 253 3.95 23.95 56.84
N ALA I 254 3.73 22.82 56.18
CA ALA I 254 4.57 22.41 55.07
C ALA I 254 4.51 23.42 53.93
N LEU I 255 3.31 23.85 53.58
CA LEU I 255 3.11 24.85 52.54
C LEU I 255 3.89 26.12 52.86
N ALA I 256 3.72 26.60 54.09
CA ALA I 256 4.40 27.80 54.54
C ALA I 256 5.91 27.64 54.45
N LEU I 257 6.39 26.45 54.82
CA LEU I 257 7.81 26.15 54.71
C LEU I 257 8.28 26.22 53.25
N ARG I 258 7.41 25.80 52.34
CA ARG I 258 7.73 25.84 50.92
C ARG I 258 7.83 27.28 50.43
N ALA I 259 6.87 28.11 50.82
CA ALA I 259 6.90 29.52 50.45
C ALA I 259 8.17 30.19 50.99
N LEU I 260 8.48 29.90 52.26
CA LEU I 260 9.71 30.37 52.87
C LEU I 260 10.92 29.94 52.05
N ALA I 261 10.89 28.70 51.57
CA ALA I 261 11.97 28.19 50.73
C ALA I 261 12.09 28.99 49.44
N THR I 262 10.96 29.41 48.89
CA THR I 262 10.96 30.21 47.67
C THR I 262 11.53 31.60 47.94
N LEU I 263 11.29 32.11 49.15
CA LEU I 263 11.71 33.47 49.48
C LEU I 263 13.19 33.59 49.80
N CYS I 264 13.87 32.46 49.99
CA CYS I 264 15.26 32.49 50.41
C CYS I 264 16.25 32.63 49.27
N CYS I 265 15.86 33.38 48.25
CA CYS I 265 16.77 33.71 47.15
C CYS I 265 17.46 35.03 47.45
N ALA I 266 16.78 35.88 48.22
CA ALA I 266 17.33 37.16 48.65
C ALA I 266 17.97 37.04 50.04
N PRO I 267 19.14 37.67 50.21
CA PRO I 267 19.89 37.62 51.48
C PRO I 267 19.13 38.29 52.63
N GLN I 268 18.45 39.39 52.33
CA GLN I 268 17.70 40.14 53.33
C GLN I 268 16.63 39.27 53.97
N ALA I 269 16.00 38.42 53.16
CA ALA I 269 14.97 37.52 53.65
C ALA I 269 15.57 36.43 54.53
N ILE I 270 16.82 36.07 54.26
CA ILE I 270 17.52 35.07 55.06
C ILE I 270 17.90 35.64 56.42
N ASN I 271 18.46 36.85 56.43
CA ASN I 271 18.78 37.53 57.67
C ASN I 271 17.51 37.76 58.49
N GLN I 272 16.44 38.12 57.80
CA GLN I 272 15.14 38.34 58.42
C GLN I 272 14.60 37.03 58.99
N LEU I 273 14.96 35.92 58.35
CA LEU I 273 14.53 34.60 58.80
C LEU I 273 15.28 34.20 60.06
N GLY I 274 16.58 34.47 60.09
CA GLY I 274 17.40 34.15 61.24
C GLY I 274 17.10 35.05 62.41
N SER I 275 16.61 36.26 62.13
CA SER I 275 16.27 37.22 63.18
C SER I 275 15.10 36.73 64.03
N CYS I 276 14.12 36.12 63.39
CA CYS I 276 12.93 35.63 64.07
C CYS I 276 13.18 34.30 64.75
N GLY I 277 14.39 33.77 64.58
CA GLY I 277 14.75 32.48 65.16
C GLY I 277 14.10 31.32 64.42
N GLY I 278 14.05 31.42 63.09
CA GLY I 278 13.42 30.41 62.27
C GLY I 278 14.23 29.13 62.19
N ILE I 279 15.55 29.26 62.29
CA ILE I 279 16.45 28.11 62.23
C ILE I 279 16.14 27.13 63.35
N GLU I 280 15.88 27.66 64.53
CA GLU I 280 15.54 26.85 65.69
C GLU I 280 14.20 26.16 65.47
N ILE I 281 13.30 26.84 64.76
CA ILE I 281 11.98 26.29 64.47
C ILE I 281 12.09 25.12 63.51
N VAL I 282 12.87 25.28 62.45
CA VAL I 282 13.09 24.22 61.48
C VAL I 282 13.80 23.03 62.13
N ARG I 283 14.81 23.34 62.95
CA ARG I 283 15.52 22.31 63.69
C ARG I 283 14.59 21.60 64.66
N ASP I 284 13.51 22.29 65.06
CA ASP I 284 12.48 21.66 65.87
C ASP I 284 11.56 20.79 65.01
N ILE I 285 11.41 21.16 63.74
CA ILE I 285 10.64 20.35 62.81
C ILE I 285 11.35 19.02 62.62
N LEU I 286 12.67 19.08 62.51
CA LEU I 286 13.48 17.88 62.32
C LEU I 286 13.79 17.16 63.63
N GLN I 287 14.52 17.83 64.52
CA GLN I 287 14.89 17.24 65.80
C GLN I 287 13.80 17.45 66.84
N SER I 290 12.51 14.33 66.25
CA SER I 290 12.40 13.56 67.49
C SER I 290 10.94 13.43 67.92
N ALA I 291 10.25 14.55 68.01
CA ALA I 291 8.85 14.57 68.42
C ALA I 291 7.95 14.01 67.33
N GLY I 292 6.92 13.27 67.74
CA GLY I 292 6.01 12.64 66.80
C GLY I 292 4.65 13.31 66.76
N GLU I 293 4.51 14.29 65.88
CA GLU I 293 3.24 15.00 65.68
C GLU I 293 3.23 15.62 64.29
N ARG I 294 4.40 16.01 63.82
CA ARG I 294 4.57 16.54 62.47
C ARG I 294 5.45 15.59 61.67
N GLY I 295 5.31 15.60 60.35
CA GLY I 295 6.12 14.74 59.52
C GLY I 295 5.74 14.70 58.05
N ALA I 296 6.31 13.73 57.34
CA ALA I 296 6.09 13.52 55.91
C ALA I 296 6.46 14.73 55.07
N ILE I 297 5.46 15.43 54.57
CA ILE I 297 5.65 16.58 53.69
C ILE I 297 6.35 17.72 54.42
N GLU I 298 5.99 17.91 55.69
CA GLU I 298 6.51 19.00 56.49
C GLU I 298 8.02 18.92 56.66
N ARG I 299 8.52 17.74 56.97
CA ARG I 299 9.95 17.54 57.13
C ARG I 299 10.68 17.75 55.80
N ARG I 300 10.02 17.38 54.70
CA ARG I 300 10.58 17.54 53.37
C ARG I 300 10.77 19.00 53.04
N GLU I 301 9.72 19.79 53.25
CA GLU I 301 9.80 21.22 52.98
C GLU I 301 10.75 21.90 53.96
N ALA I 302 10.88 21.31 55.15
CA ALA I 302 11.77 21.83 56.17
C ALA I 302 13.24 21.69 55.75
N VAL I 303 13.62 20.48 55.34
CA VAL I 303 14.98 20.24 54.90
C VAL I 303 15.25 20.97 53.59
N SER I 304 14.20 21.18 52.80
CA SER I 304 14.33 21.94 51.56
C SER I 304 14.68 23.38 51.88
N LEU I 305 13.97 23.94 52.86
CA LEU I 305 14.24 25.29 53.34
C LEU I 305 15.65 25.40 53.91
N LEU I 306 16.05 24.38 54.66
CA LEU I 306 17.37 24.35 55.29
C LEU I 306 18.47 24.35 54.24
N ALA I 307 18.30 23.54 53.21
CA ALA I 307 19.27 23.48 52.12
C ALA I 307 19.31 24.79 51.34
N GLN I 308 18.13 25.34 51.08
CA GLN I 308 18.01 26.58 50.32
C GLN I 308 18.68 27.73 51.05
N ILE I 309 18.59 27.72 52.38
CA ILE I 309 19.27 28.73 53.20
C ILE I 309 20.77 28.49 53.19
N THR I 310 21.18 27.24 53.41
CA THR I 310 22.60 26.90 53.46
C THR I 310 23.22 26.85 52.06
N ALA I 311 22.49 27.33 51.06
CA ALA I 311 22.98 27.37 49.70
C ALA I 311 24.02 28.47 49.47
N ALA I 312 24.45 29.11 50.56
CA ALA I 312 25.48 30.14 50.49
C ALA I 312 26.84 29.52 50.17
N TRP I 313 27.03 28.28 50.60
CA TRP I 313 28.27 27.55 50.34
C TRP I 313 28.01 26.05 50.35
N HIS I 314 28.31 25.38 49.24
CA HIS I 314 28.07 23.95 49.11
C HIS I 314 29.28 23.13 49.55
N GLY I 315 29.09 22.34 50.60
CA GLY I 315 30.15 21.51 51.13
C GLY I 315 29.62 20.26 51.81
N SER I 316 28.53 20.42 52.56
CA SER I 316 27.91 19.29 53.25
C SER I 316 27.13 18.42 52.27
N GLU I 317 26.89 18.95 51.07
CA GLU I 317 26.20 18.21 50.02
C GLU I 317 27.08 17.07 49.52
N HIS I 318 28.39 17.29 49.54
CA HIS I 318 29.35 16.26 49.16
C HIS I 318 29.39 15.17 50.22
N ARG I 319 29.17 15.58 51.48
CA ARG I 319 29.09 14.64 52.58
C ARG I 319 27.80 13.82 52.46
N VAL I 320 26.76 14.46 51.93
CA VAL I 320 25.49 13.78 51.67
C VAL I 320 25.65 12.86 50.46
N PRO I 321 26.62 13.16 49.62
CA PRO I 321 26.95 12.31 48.48
C PRO I 321 27.72 11.08 48.95
N GLY I 322 28.61 11.29 49.92
CA GLY I 322 29.35 10.19 50.53
C GLY I 322 28.40 9.34 51.37
N LEU I 323 27.31 9.95 51.81
CA LEU I 323 26.28 9.25 52.56
C LEU I 323 25.40 8.45 51.62
N ARG I 324 25.45 8.78 50.34
CA ARG I 324 24.66 8.09 49.32
C ARG I 324 25.48 7.01 48.63
N ASP I 325 26.80 7.18 48.64
CA ASP I 325 27.70 6.23 47.98
C ASP I 325 27.82 4.93 48.76
N CYS I 326 27.32 4.93 49.99
CA CYS I 326 27.35 3.74 50.83
C CYS I 326 25.99 3.46 51.44
N HIS J 24 37.86 76.11 0.88
CA HIS J 24 36.78 76.40 -0.07
C HIS J 24 36.88 75.52 -1.31
N PRO J 25 35.78 74.86 -1.67
CA PRO J 25 35.73 73.94 -2.81
C PRO J 25 35.81 74.63 -4.17
N GLU J 26 36.63 74.08 -5.06
CA GLU J 26 36.69 74.54 -6.44
C GLU J 26 36.39 73.36 -7.36
N PRO J 27 35.88 73.64 -8.58
CA PRO J 27 35.44 72.57 -9.50
C PRO J 27 36.49 71.51 -9.81
N VAL J 28 37.71 71.94 -10.15
CA VAL J 28 38.76 71.00 -10.50
C VAL J 28 39.20 70.13 -9.31
N ALA J 29 39.05 70.66 -8.10
CA ALA J 29 39.40 69.91 -6.89
C ALA J 29 38.45 68.75 -6.68
N SER J 30 37.15 69.04 -6.74
CA SER J 30 36.13 68.00 -6.63
C SER J 30 36.26 67.02 -7.79
N TRP J 31 36.63 67.55 -8.95
CA TRP J 31 36.88 66.74 -10.13
C TRP J 31 37.94 65.69 -9.86
N MET J 32 39.15 66.13 -9.51
CA MET J 32 40.25 65.22 -9.24
C MET J 32 39.96 64.30 -8.05
N SER J 33 39.26 64.82 -7.05
CA SER J 33 38.94 64.04 -5.86
C SER J 33 37.96 62.92 -6.16
N GLU J 34 37.11 63.14 -7.16
CA GLU J 34 36.11 62.13 -7.54
C GLU J 34 36.60 61.30 -8.72
N GLN J 35 37.76 61.65 -9.27
CA GLN J 35 38.36 60.87 -10.34
C GLN J 35 39.47 59.96 -9.82
N ARG J 36 39.72 60.03 -8.52
CA ARG J 36 40.78 59.23 -7.89
C ARG J 36 40.38 57.76 -7.82
N TRP J 37 39.09 57.50 -7.66
CA TRP J 37 38.58 56.14 -7.59
C TRP J 37 37.80 55.75 -8.84
N ALA J 38 38.12 56.40 -9.95
CA ALA J 38 37.45 56.13 -11.21
C ALA J 38 38.40 55.46 -12.20
N GLY J 39 37.88 54.50 -12.97
CA GLY J 39 38.67 53.80 -13.95
C GLY J 39 37.90 52.69 -14.65
N GLU J 40 37.95 52.70 -15.98
CA GLU J 40 37.29 51.67 -16.78
C GLU J 40 37.98 50.32 -16.58
N PRO J 41 37.26 49.35 -16.02
CA PRO J 41 37.84 48.03 -15.74
C PRO J 41 37.56 46.99 -16.82
N GLU J 42 38.32 45.90 -16.79
CA GLU J 42 38.07 44.77 -17.68
C GLU J 42 37.03 43.86 -17.04
N VAL J 43 36.77 42.72 -17.66
CA VAL J 43 35.75 41.80 -17.18
C VAL J 43 36.02 41.34 -15.75
N MET J 44 35.05 41.54 -14.87
CA MET J 44 35.21 41.23 -13.45
C MET J 44 34.44 40.00 -13.01
N CYS J 45 33.51 39.56 -13.85
CA CYS J 45 32.64 38.44 -13.48
C CYS J 45 32.63 37.35 -14.54
N THR J 46 33.46 36.32 -14.33
CA THR J 46 33.54 35.21 -15.27
C THR J 46 33.01 33.92 -14.65
N LEU J 47 31.93 33.40 -15.22
CA LEU J 47 31.31 32.17 -14.73
C LEU J 47 31.33 31.09 -15.81
N GLN J 48 31.85 29.92 -15.46
CA GLN J 48 31.90 28.80 -16.39
C GLN J 48 30.65 27.94 -16.28
N HIS J 49 30.21 27.38 -17.39
CA HIS J 49 29.02 26.53 -17.41
C HIS J 49 29.40 25.05 -17.50
N LYS J 50 28.51 24.19 -17.03
CA LYS J 50 28.68 22.75 -17.19
C LYS J 50 27.61 22.24 -18.14
N SER J 51 28.02 21.91 -19.37
CA SER J 51 27.09 21.53 -20.43
C SER J 51 26.30 20.28 -20.07
N ILE J 52 24.97 20.40 -20.14
CA ILE J 52 24.08 19.28 -19.90
C ILE J 52 23.95 18.44 -21.17
N ALA J 53 23.87 19.12 -22.31
CA ALA J 53 23.75 18.45 -23.61
C ALA J 53 24.95 17.56 -23.90
N GLN J 54 26.13 18.04 -23.53
CA GLN J 54 27.37 17.28 -23.71
C GLN J 54 27.30 15.95 -22.98
N GLU J 55 27.01 16.00 -21.69
CA GLU J 55 26.93 14.80 -20.85
C GLU J 55 25.74 13.94 -21.24
N ALA J 56 24.73 14.54 -21.85
CA ALA J 56 23.53 13.82 -22.24
C ALA J 56 23.74 13.07 -23.55
N TYR J 57 24.66 13.56 -24.37
CA TYR J 57 24.96 12.91 -25.65
C TYR J 57 26.18 12.01 -25.53
N LYS J 58 26.95 12.19 -24.47
CA LYS J 58 28.15 11.40 -24.23
C LYS J 58 27.87 10.22 -23.30
N ASN J 59 27.16 10.48 -22.21
CA ASN J 59 26.88 9.45 -21.22
C ASN J 59 25.55 8.74 -21.47
N TYR J 60 24.77 9.25 -22.42
CA TYR J 60 23.46 8.67 -22.69
C TYR J 60 23.18 8.62 -24.19
N THR J 61 22.19 7.84 -24.58
CA THR J 61 21.84 7.66 -25.98
C THR J 61 20.90 8.77 -26.48
N ILE J 62 20.37 8.58 -27.68
CA ILE J 62 19.52 9.57 -28.32
C ILE J 62 18.21 9.80 -27.56
N THR J 63 17.59 10.96 -27.78
CA THR J 63 16.33 11.29 -27.14
C THR J 63 15.36 11.89 -28.18
N THR J 64 14.13 12.17 -27.76
CA THR J 64 13.12 12.72 -28.65
C THR J 64 13.52 14.09 -29.19
N SER J 65 14.11 14.91 -28.32
CA SER J 65 14.58 16.23 -28.71
C SER J 65 15.62 16.13 -29.82
N ALA J 66 16.60 15.27 -29.60
CA ALA J 66 17.66 15.05 -30.58
C ALA J 66 17.08 14.57 -31.91
N VAL J 67 16.03 13.74 -31.82
CA VAL J 67 15.34 13.25 -33.00
C VAL J 67 14.71 14.42 -33.76
N CYS J 68 14.08 15.33 -33.02
CA CYS J 68 13.46 16.51 -33.64
C CYS J 68 14.50 17.38 -34.34
N LYS J 69 15.61 17.62 -33.65
CA LYS J 69 16.73 18.37 -34.22
C LYS J 69 17.19 17.71 -35.52
N LEU J 70 17.28 16.39 -35.49
CA LEU J 70 17.65 15.61 -36.67
C LEU J 70 16.64 15.82 -37.79
N VAL J 71 15.36 15.87 -37.46
CA VAL J 71 14.32 16.08 -38.46
C VAL J 71 14.49 17.43 -39.15
N ARG J 72 14.70 18.46 -38.34
CA ARG J 72 14.95 19.80 -38.85
C ARG J 72 16.15 19.83 -39.80
N GLN J 73 17.26 19.24 -39.35
CA GLN J 73 18.47 19.14 -40.16
C GLN J 73 18.20 18.45 -41.50
N LEU J 74 17.50 17.32 -41.42
CA LEU J 74 17.21 16.51 -42.59
C LEU J 74 16.35 17.24 -43.60
N GLN J 75 15.32 17.96 -43.13
CA GLN J 75 14.47 18.69 -44.08
C GLN J 75 15.23 19.87 -44.66
N GLN J 76 16.10 20.47 -43.87
CA GLN J 76 16.91 21.59 -44.36
C GLN J 76 17.89 21.13 -45.44
N GLN J 77 18.42 19.92 -45.31
CA GLN J 77 19.29 19.37 -46.35
C GLN J 77 18.46 18.91 -47.55
N ALA J 78 17.25 18.45 -47.27
CA ALA J 78 16.33 18.00 -48.30
C ALA J 78 15.95 19.14 -49.23
N LEU J 79 15.88 20.35 -48.67
CA LEU J 79 15.68 21.55 -49.48
C LEU J 79 16.74 21.65 -50.57
N SER J 80 18.00 21.66 -50.14
CA SER J 80 19.13 21.80 -51.04
C SER J 80 19.19 20.67 -52.05
N LEU J 81 18.94 19.44 -51.59
CA LEU J 81 18.93 18.29 -52.47
C LEU J 81 17.88 18.43 -53.57
N GLN J 82 16.68 18.85 -53.16
CA GLN J 82 15.60 19.05 -54.11
C GLN J 82 15.96 20.13 -55.13
N VAL J 83 16.57 21.21 -54.65
CA VAL J 83 17.02 22.28 -55.54
C VAL J 83 18.01 21.73 -56.57
N HIS J 84 18.93 20.90 -56.11
CA HIS J 84 19.93 20.28 -56.99
C HIS J 84 19.25 19.42 -58.05
N PHE J 85 18.25 18.65 -57.64
CA PHE J 85 17.48 17.82 -58.57
C PHE J 85 16.79 18.68 -59.62
N GLU J 86 16.19 19.79 -59.17
CA GLU J 86 15.47 20.70 -60.07
C GLU J 86 16.41 21.32 -61.11
N ARG J 87 17.53 21.85 -60.65
CA ARG J 87 18.47 22.49 -61.56
C ARG J 87 19.16 21.46 -62.43
N SER J 88 19.12 20.19 -62.02
CA SER J 88 19.59 19.10 -62.87
C SER J 88 18.55 18.82 -63.95
N GLU J 89 17.28 19.00 -63.60
CA GLU J 89 16.19 18.83 -64.56
C GLU J 89 16.25 19.94 -65.62
N ARG J 90 16.64 21.13 -65.20
CA ARG J 90 16.71 22.27 -66.11
C ARG J 90 17.68 22.05 -67.26
N VAL J 91 18.71 21.24 -67.02
CA VAL J 91 19.75 20.99 -68.02
C VAL J 91 19.19 20.29 -69.26
N LEU J 92 18.21 19.42 -69.05
CA LEU J 92 17.64 18.65 -70.14
C LEU J 92 16.31 19.24 -70.61
N SER J 93 16.36 20.49 -71.07
CA SER J 93 15.18 21.17 -71.58
C SER J 93 15.58 22.38 -72.42
N PRO J 101 27.99 16.29 -72.53
CA PRO J 101 29.15 17.10 -72.16
C PRO J 101 29.00 17.80 -70.82
N GLU J 102 27.99 18.67 -70.69
CA GLU J 102 27.74 19.38 -69.44
C GLU J 102 26.95 18.53 -68.46
N ALA J 103 25.92 17.86 -68.97
CA ALA J 103 25.10 16.96 -68.15
C ALA J 103 25.93 15.79 -67.67
N LEU J 104 27.03 15.52 -68.37
CA LEU J 104 27.96 14.48 -67.99
C LEU J 104 28.51 14.74 -66.59
N ALA J 105 28.89 15.98 -66.35
CA ALA J 105 29.43 16.39 -65.05
C ALA J 105 28.30 16.66 -64.06
N GLY J 106 27.23 17.27 -64.56
CA GLY J 106 26.08 17.58 -63.73
C GLY J 106 25.52 16.34 -63.04
N ALA J 107 25.44 15.25 -63.80
CA ALA J 107 24.99 13.97 -63.25
C ALA J 107 25.91 13.50 -62.15
N THR J 108 27.21 13.63 -62.40
CA THR J 108 28.22 13.17 -61.45
C THR J 108 28.11 13.91 -60.11
N GLN J 109 28.02 15.24 -60.17
CA GLN J 109 27.92 16.01 -58.93
C GLN J 109 26.57 15.80 -58.26
N LEU J 110 25.53 15.53 -59.05
CA LEU J 110 24.22 15.22 -58.49
C LEU J 110 24.28 13.94 -57.66
N LEU J 111 24.86 12.90 -58.25
CA LEU J 111 25.01 11.62 -57.56
C LEU J 111 25.93 11.74 -56.36
N SER J 112 26.93 12.61 -56.46
CA SER J 112 27.82 12.88 -55.34
C SER J 112 27.04 13.47 -54.17
N HIS J 113 26.21 14.46 -54.48
CA HIS J 113 25.32 15.08 -53.50
C HIS J 113 24.46 14.02 -52.83
N LEU J 114 23.77 13.22 -53.64
CA LEU J 114 22.87 12.19 -53.13
C LEU J 114 23.60 11.22 -52.19
N ASP J 115 24.78 10.78 -52.62
CA ASP J 115 25.58 9.86 -51.84
C ASP J 115 26.00 10.46 -50.50
N ASP J 116 26.38 11.73 -50.51
CA ASP J 116 26.76 12.42 -49.28
C ASP J 116 25.56 12.54 -48.34
N PHE J 117 24.38 12.75 -48.91
CA PHE J 117 23.14 12.80 -48.14
C PHE J 117 22.93 11.45 -47.44
N THR J 118 23.08 10.37 -48.21
CA THR J 118 22.92 9.03 -47.66
C THR J 118 23.96 8.75 -46.56
N ALA J 119 25.16 9.31 -46.74
CA ALA J 119 26.22 9.16 -45.76
C ALA J 119 25.83 9.84 -44.45
N THR J 120 25.32 11.06 -44.55
CA THR J 120 24.84 11.79 -43.38
C THR J 120 23.71 11.02 -42.70
N LEU J 121 22.87 10.40 -43.51
CA LEU J 121 21.80 9.56 -42.99
C LEU J 121 22.36 8.38 -42.19
N GLU J 122 23.40 7.75 -42.71
CA GLU J 122 23.98 6.59 -42.06
C GLU J 122 24.75 6.96 -40.80
N ARG J 123 25.27 8.19 -40.74
CA ARG J 123 25.93 8.65 -39.52
C ARG J 123 24.91 8.83 -38.39
N ARG J 124 23.65 9.01 -38.76
CA ARG J 124 22.58 9.14 -37.78
C ARG J 124 21.67 7.91 -37.79
N GLY J 125 22.18 6.80 -38.33
CA GLY J 125 21.46 5.54 -38.31
C GLY J 125 20.39 5.41 -39.38
N VAL J 126 19.17 5.82 -39.03
CA VAL J 126 17.95 5.73 -39.84
C VAL J 126 17.79 4.48 -40.74
N PHE J 127 18.84 4.09 -41.46
CA PHE J 127 18.82 2.95 -42.39
C PHE J 127 17.81 3.14 -43.52
N PHE J 128 18.32 3.37 -44.73
CA PHE J 128 17.47 3.61 -45.90
C PHE J 128 16.72 2.35 -46.33
N ASN J 129 16.10 2.40 -47.51
CA ASN J 129 15.24 1.30 -47.95
C ASN J 129 16.00 0.03 -48.40
N ASP J 130 16.93 0.07 -49.35
CA ASP J 130 17.33 1.23 -50.14
C ASP J 130 17.10 0.97 -51.62
N ALA J 131 17.30 -0.29 -52.01
CA ALA J 131 17.13 -0.77 -53.38
C ALA J 131 18.13 -0.15 -54.37
N LYS J 132 18.17 1.18 -54.42
CA LYS J 132 19.01 1.91 -55.38
C LYS J 132 18.70 1.44 -56.79
N ILE J 133 17.42 1.25 -57.08
CA ILE J 133 16.98 0.62 -58.31
C ILE J 133 16.95 1.61 -59.49
N GLU J 134 16.37 2.79 -59.28
CA GLU J 134 16.36 3.81 -60.32
C GLU J 134 17.76 4.41 -60.50
N ARG J 135 18.50 4.50 -59.40
CA ARG J 135 19.84 5.05 -59.41
C ARG J 135 20.78 4.22 -60.27
N ARG J 136 20.56 2.91 -60.28
CA ARG J 136 21.39 2.01 -61.08
C ARG J 136 21.08 2.17 -62.57
N ARG J 137 19.83 2.47 -62.88
CA ARG J 137 19.45 2.75 -64.26
C ARG J 137 20.12 4.04 -64.72
N TYR J 138 20.02 5.07 -63.87
CA TYR J 138 20.63 6.36 -64.16
C TYR J 138 22.13 6.24 -64.33
N GLU J 139 22.76 5.39 -63.52
CA GLU J 139 24.18 5.14 -63.61
C GLU J 139 24.51 4.37 -64.89
N GLN J 140 23.64 3.45 -65.27
CA GLN J 140 23.84 2.67 -66.48
C GLN J 140 23.68 3.53 -67.73
N HIS J 141 23.00 4.65 -67.59
CA HIS J 141 22.85 5.59 -68.70
C HIS J 141 24.16 6.34 -69.01
N LEU J 142 25.24 5.95 -68.35
CA LEU J 142 26.55 6.54 -68.60
C LEU J 142 27.22 5.87 -69.80
N GLU J 143 26.45 5.08 -70.54
CA GLU J 143 26.95 4.41 -71.73
C GLU J 143 27.13 5.40 -72.87
N GLN J 144 26.61 6.61 -72.69
CA GLN J 144 26.74 7.68 -73.67
C GLN J 144 28.19 8.14 -73.79
N ILE J 145 28.99 7.85 -72.76
CA ILE J 145 30.40 8.21 -72.76
C ILE J 145 31.18 7.36 -73.75
N LEU J 164 18.41 10.83 -76.37
CA LEU J 164 19.08 12.06 -75.96
C LEU J 164 18.42 12.65 -74.72
N GLU J 165 17.10 12.63 -74.68
CA GLU J 165 16.35 13.26 -73.58
C GLU J 165 15.75 12.22 -72.63
N SER J 166 16.17 10.97 -72.77
CA SER J 166 15.69 9.90 -71.90
C SER J 166 16.25 10.08 -70.48
N LEU J 167 17.47 10.62 -70.42
CA LEU J 167 18.13 10.89 -69.15
C LEU J 167 17.27 11.79 -68.26
N LEU J 168 16.44 12.62 -68.88
CA LEU J 168 15.50 13.45 -68.15
C LEU J 168 14.49 12.61 -67.40
N ASP J 169 13.93 11.62 -68.10
CA ASP J 169 12.99 10.69 -67.50
C ASP J 169 13.68 9.95 -66.35
N ASP J 170 14.92 9.52 -66.60
CA ASP J 170 15.72 8.89 -65.55
C ASP J 170 15.79 9.78 -64.30
N VAL J 171 16.21 11.03 -64.48
CA VAL J 171 16.35 11.98 -63.38
C VAL J 171 15.04 12.15 -62.62
N GLN J 172 13.96 12.35 -63.38
CA GLN J 172 12.64 12.56 -62.79
C GLN J 172 12.21 11.38 -61.93
N LEU J 173 12.35 10.17 -62.47
CA LEU J 173 12.00 8.97 -61.72
C LEU J 173 12.86 8.84 -60.46
N LEU J 174 14.15 9.18 -60.58
CA LEU J 174 15.06 9.10 -59.43
C LEU J 174 14.65 10.11 -58.36
N LYS J 175 14.20 11.29 -58.78
CA LYS J 175 13.73 12.31 -57.86
C LYS J 175 12.47 11.82 -57.15
N ARG J 176 11.61 11.13 -57.90
CA ARG J 176 10.43 10.49 -57.33
C ARG J 176 10.83 9.53 -56.22
N HIS J 177 11.71 8.60 -56.56
CA HIS J 177 12.23 7.61 -55.61
C HIS J 177 12.73 8.26 -54.33
N THR J 178 13.66 9.20 -54.51
CA THR J 178 14.27 9.91 -53.39
C THR J 178 13.21 10.60 -52.53
N LEU J 179 12.26 11.26 -53.16
CA LEU J 179 11.17 11.92 -52.45
C LEU J 179 10.39 10.93 -51.59
N ILE J 180 10.05 9.79 -52.19
CA ILE J 180 9.27 8.78 -51.48
C ILE J 180 10.00 8.23 -50.26
N THR J 181 11.24 7.76 -50.46
CA THR J 181 11.99 7.17 -49.36
C THR J 181 12.25 8.21 -48.27
N LEU J 182 12.49 9.45 -48.69
CA LEU J 182 12.68 10.54 -47.73
C LEU J 182 11.43 10.76 -46.88
N ARG J 183 10.27 10.83 -47.54
CA ARG J 183 9.02 11.01 -46.81
C ARG J 183 8.78 9.84 -45.87
N LEU J 184 9.22 8.64 -46.25
CA LEU J 184 9.12 7.49 -45.35
C LEU J 184 10.00 7.68 -44.12
N ILE J 185 11.22 8.16 -44.33
CA ILE J 185 12.13 8.42 -43.21
C ILE J 185 11.50 9.44 -42.24
N PHE J 186 10.96 10.51 -42.81
CA PHE J 186 10.29 11.53 -42.01
C PHE J 186 9.13 10.93 -41.23
N GLU J 187 8.35 10.09 -41.90
CA GLU J 187 7.20 9.43 -41.28
C GLU J 187 7.64 8.55 -40.11
N ARG J 188 8.84 7.98 -40.21
CA ARG J 188 9.36 7.13 -39.16
C ARG J 188 9.92 7.95 -38.00
N LEU J 189 10.46 9.13 -38.29
CA LEU J 189 11.06 9.96 -37.25
C LEU J 189 10.04 10.75 -36.44
N VAL J 190 9.03 11.30 -37.12
CA VAL J 190 7.96 12.07 -36.46
C VAL J 190 7.19 11.20 -35.47
N ARG J 191 7.10 9.91 -35.80
CA ARG J 191 6.41 8.92 -34.97
C ARG J 191 6.91 8.96 -33.53
N VAL J 192 8.21 9.13 -33.34
CA VAL J 192 8.81 9.20 -32.02
C VAL J 192 8.24 10.38 -31.23
N LEU J 193 8.11 11.52 -31.89
CA LEU J 193 7.54 12.72 -31.29
C LEU J 193 6.09 12.48 -30.90
N VAL J 194 5.30 12.03 -31.85
CA VAL J 194 3.87 11.81 -31.61
C VAL J 194 3.63 10.82 -30.46
N ILE J 195 4.44 9.77 -30.44
CA ILE J 195 4.38 8.78 -29.36
C ILE J 195 4.74 9.40 -28.03
N SER J 196 5.83 10.18 -28.01
CA SER J 196 6.28 10.85 -26.80
C SER J 196 5.20 11.78 -26.25
N ILE J 197 4.39 12.33 -27.15
CA ILE J 197 3.22 13.09 -26.74
C ILE J 197 2.18 12.16 -26.14
N GLU J 198 1.90 11.07 -26.85
CA GLU J 198 0.89 10.12 -26.41
C GLU J 198 1.29 9.43 -25.12
N GLN J 199 2.50 8.89 -25.09
CA GLN J 199 3.01 8.21 -23.91
C GLN J 199 3.79 9.19 -23.02
N SER J 200 3.09 10.19 -22.51
CA SER J 200 3.73 11.24 -21.71
C SER J 200 3.36 11.13 -20.24
N GLN J 201 4.36 11.27 -19.37
CA GLN J 201 4.15 11.21 -17.93
C GLN J 201 4.31 12.59 -17.29
N CYS J 202 5.50 13.16 -17.41
CA CYS J 202 5.78 14.48 -16.88
C CYS J 202 5.08 15.55 -17.71
N ASP J 203 4.37 16.45 -17.04
CA ASP J 203 3.60 17.49 -17.72
C ASP J 203 4.47 18.53 -18.42
N LEU J 204 5.60 18.85 -17.80
CA LEU J 204 6.55 19.79 -18.41
C LEU J 204 7.05 19.24 -19.74
N LEU J 205 7.42 17.96 -19.74
CA LEU J 205 7.88 17.30 -20.94
C LEU J 205 6.77 17.18 -21.97
N LEU J 206 5.53 17.11 -21.50
CA LEU J 206 4.38 17.09 -22.39
C LEU J 206 4.28 18.43 -23.12
N ARG J 207 4.36 19.51 -22.34
CA ARG J 207 4.39 20.86 -22.89
C ARG J 207 5.47 20.99 -23.94
N ALA J 208 6.70 20.60 -23.57
CA ALA J 208 7.84 20.70 -24.45
C ALA J 208 7.62 19.92 -25.75
N ASN J 209 7.19 18.68 -25.61
CA ASN J 209 6.98 17.80 -26.75
C ASN J 209 5.92 18.33 -27.70
N ILE J 210 4.85 18.91 -27.16
CA ILE J 210 3.82 19.51 -28.00
C ILE J 210 4.37 20.75 -28.71
N ASN J 211 5.15 21.54 -27.98
CA ASN J 211 5.77 22.73 -28.55
C ASN J 211 6.79 22.40 -29.64
N MET J 212 7.32 21.18 -29.60
CA MET J 212 8.25 20.72 -30.63
C MET J 212 7.55 20.57 -31.97
N VAL J 213 6.37 19.95 -31.97
CA VAL J 213 5.58 19.82 -33.17
C VAL J 213 5.05 21.19 -33.57
N ALA J 214 4.80 22.04 -32.57
CA ALA J 214 4.35 23.40 -32.82
C ALA J 214 5.40 24.18 -33.61
N THR J 215 6.67 23.96 -33.29
CA THR J 215 7.77 24.66 -33.94
C THR J 215 8.13 24.02 -35.28
N LEU J 216 8.04 22.70 -35.35
CA LEU J 216 8.43 21.96 -36.54
C LEU J 216 7.51 22.21 -37.74
N MET J 217 6.30 22.70 -37.48
CA MET J 217 5.32 22.90 -38.54
C MET J 217 4.94 24.37 -38.73
N ASN J 218 5.76 25.28 -38.21
CA ASN J 218 5.54 26.69 -38.40
C ASN J 218 5.79 27.08 -39.86
N ILE J 219 6.91 26.61 -40.40
CA ILE J 219 7.23 26.82 -41.80
C ILE J 219 6.96 25.55 -42.59
N ASP J 220 5.83 25.52 -43.30
CA ASP J 220 5.48 24.34 -44.07
C ASP J 220 6.08 24.38 -45.47
N TYR J 221 6.55 23.23 -45.93
CA TYR J 221 7.06 23.09 -47.30
C TYR J 221 6.26 22.01 -48.01
N ASP J 222 6.28 22.04 -49.34
CA ASP J 222 5.51 21.06 -50.11
C ASP J 222 6.42 20.19 -50.96
N GLY J 223 7.73 20.33 -50.75
CA GLY J 223 8.69 19.56 -51.51
C GLY J 223 9.31 18.43 -50.71
N PHE J 224 10.63 18.29 -50.80
CA PHE J 224 11.34 17.25 -50.07
C PHE J 224 11.23 17.44 -48.56
N ARG J 225 11.17 18.70 -48.13
CA ARG J 225 11.21 19.03 -46.71
C ARG J 225 9.85 18.99 -46.04
N SER J 226 8.84 18.52 -46.77
CA SER J 226 7.49 18.45 -46.23
C SER J 226 7.39 17.47 -45.08
N LEU J 227 6.73 17.88 -44.00
CA LEU J 227 6.53 17.03 -42.84
C LEU J 227 5.04 16.79 -42.61
N SER J 228 4.22 17.38 -43.47
CA SER J 228 2.76 17.31 -43.33
C SER J 228 2.24 15.88 -43.37
N ASP J 229 2.57 15.17 -44.44
CA ASP J 229 2.10 13.79 -44.61
C ASP J 229 2.63 12.91 -43.48
N ALA J 230 3.83 13.21 -43.02
CA ALA J 230 4.44 12.46 -41.93
C ALA J 230 3.68 12.66 -40.62
N PHE J 231 2.91 13.75 -40.55
CA PHE J 231 2.11 14.04 -39.37
C PHE J 231 0.68 13.53 -39.52
N VAL J 232 0.17 13.51 -40.75
CA VAL J 232 -1.19 13.02 -40.97
C VAL J 232 -1.22 11.50 -41.00
N GLN J 233 -0.06 10.88 -41.23
CA GLN J 233 0.03 9.42 -41.26
C GLN J 233 0.27 8.86 -39.86
N ASN J 234 0.96 9.62 -39.02
CA ASN J 234 1.19 9.21 -37.64
C ASN J 234 0.00 9.55 -36.75
N GLU J 235 -1.07 10.05 -37.38
CA GLU J 235 -2.31 10.42 -36.69
C GLU J 235 -2.06 11.34 -35.50
N ALA J 236 -1.30 12.41 -35.74
CA ALA J 236 -0.97 13.35 -34.69
C ALA J 236 -2.20 14.14 -34.25
N VAL J 237 -3.10 14.39 -35.19
CA VAL J 237 -4.32 15.15 -34.91
C VAL J 237 -5.15 14.46 -33.83
N ARG J 238 -5.26 13.15 -33.91
CA ARG J 238 -6.03 12.39 -32.95
C ARG J 238 -5.42 12.48 -31.56
N THR J 239 -4.09 12.40 -31.51
CA THR J 239 -3.35 12.48 -30.25
C THR J 239 -3.56 13.85 -29.59
N LEU J 240 -3.37 14.90 -30.38
CA LEU J 240 -3.54 16.26 -29.90
C LEU J 240 -4.97 16.52 -29.45
N LEU J 241 -5.94 15.92 -30.12
CA LEU J 241 -7.33 16.05 -29.72
C LEU J 241 -7.58 15.29 -28.42
N VAL J 242 -6.89 14.17 -28.25
CA VAL J 242 -6.99 13.38 -27.03
C VAL J 242 -6.49 14.18 -25.84
N VAL J 243 -5.30 14.78 -25.96
CA VAL J 243 -4.74 15.56 -24.87
C VAL J 243 -5.53 16.86 -24.69
N VAL J 244 -6.19 17.31 -25.76
CA VAL J 244 -7.10 18.46 -25.65
C VAL J 244 -8.28 18.11 -24.77
N LEU J 245 -8.79 16.88 -24.94
CA LEU J 245 -9.97 16.43 -24.20
C LEU J 245 -9.69 16.07 -22.75
N ASP J 246 -8.71 15.20 -22.54
CA ASP J 246 -8.58 14.52 -21.25
C ASP J 246 -7.74 15.22 -20.19
N HIS J 247 -6.85 16.12 -20.61
CA HIS J 247 -5.91 16.71 -19.66
C HIS J 247 -6.59 17.73 -18.75
N LYS J 248 -6.09 17.83 -17.52
CA LYS J 248 -6.68 18.69 -16.49
C LYS J 248 -6.25 20.15 -16.64
N GLN J 249 -4.95 20.37 -16.73
CA GLN J 249 -4.41 21.73 -16.84
C GLN J 249 -4.89 22.41 -18.12
N SER J 250 -5.23 23.69 -18.00
CA SER J 250 -5.81 24.44 -19.12
C SER J 250 -4.76 24.88 -20.14
N SER J 251 -3.61 25.32 -19.63
CA SER J 251 -2.53 25.81 -20.48
C SER J 251 -2.03 24.72 -21.43
N VAL J 252 -1.95 23.50 -20.93
CA VAL J 252 -1.54 22.36 -21.74
C VAL J 252 -2.52 22.15 -22.88
N ARG J 253 -3.81 22.22 -22.56
CA ARG J 253 -4.86 22.13 -23.56
C ARG J 253 -4.65 23.21 -24.62
N ALA J 254 -4.35 24.43 -24.16
CA ALA J 254 -4.10 25.55 -25.06
C ALA J 254 -2.96 25.25 -26.04
N LEU J 255 -1.85 24.74 -25.50
CA LEU J 255 -0.70 24.38 -26.33
C LEU J 255 -1.09 23.34 -27.38
N ALA J 256 -1.83 22.33 -26.94
CA ALA J 256 -2.30 21.28 -27.84
C ALA J 256 -3.15 21.87 -28.96
N LEU J 257 -3.98 22.83 -28.62
CA LEU J 257 -4.81 23.51 -29.62
C LEU J 257 -3.96 24.32 -30.59
N ARG J 258 -2.85 24.87 -30.09
CA ARG J 258 -1.94 25.62 -30.93
C ARG J 258 -1.28 24.72 -31.96
N ALA J 259 -0.81 23.56 -31.49
CA ALA J 259 -0.21 22.58 -32.40
C ALA J 259 -1.25 22.10 -33.42
N LEU J 260 -2.47 21.87 -32.95
CA LEU J 260 -3.58 21.53 -33.83
C LEU J 260 -3.75 22.58 -34.91
N ALA J 261 -3.60 23.84 -34.53
CA ALA J 261 -3.75 24.95 -35.46
C ALA J 261 -2.60 24.99 -36.47
N THR J 262 -1.40 24.64 -36.02
CA THR J 262 -0.24 24.66 -36.91
C THR J 262 -0.25 23.44 -37.84
N LEU J 263 -1.08 22.46 -37.52
CA LEU J 263 -1.20 21.28 -38.37
C LEU J 263 -2.27 21.47 -39.45
N CYS J 264 -2.82 22.67 -39.55
CA CYS J 264 -3.96 22.93 -40.43
C CYS J 264 -3.56 23.32 -41.86
N CYS J 265 -2.26 23.40 -42.13
CA CYS J 265 -1.80 23.75 -43.47
C CYS J 265 -2.01 22.58 -44.43
N ALA J 266 -2.38 21.43 -43.89
CA ALA J 266 -2.69 20.25 -44.69
C ALA J 266 -4.18 19.93 -44.62
N PRO J 267 -4.80 19.65 -45.77
CA PRO J 267 -6.23 19.34 -45.87
C PRO J 267 -6.60 18.02 -45.19
N GLN J 268 -5.74 17.02 -45.32
CA GLN J 268 -6.00 15.70 -44.74
C GLN J 268 -6.06 15.76 -43.22
N ALA J 269 -5.40 16.76 -42.64
CA ALA J 269 -5.45 16.96 -41.20
C ALA J 269 -6.80 17.54 -40.79
N ILE J 270 -7.31 18.44 -41.63
CA ILE J 270 -8.64 18.99 -41.42
C ILE J 270 -9.68 17.87 -41.51
N ASN J 271 -9.52 17.00 -42.50
CA ASN J 271 -10.40 15.86 -42.67
C ASN J 271 -10.31 14.89 -41.50
N GLN J 272 -9.09 14.70 -41.00
CA GLN J 272 -8.87 13.85 -39.83
C GLN J 272 -9.60 14.40 -38.62
N LEU J 273 -9.48 15.71 -38.42
CA LEU J 273 -10.15 16.39 -37.32
C LEU J 273 -11.66 16.33 -37.51
N GLY J 274 -12.09 16.22 -38.76
CA GLY J 274 -13.50 16.06 -39.08
C GLY J 274 -14.00 14.67 -38.74
N SER J 275 -13.14 13.67 -38.91
CA SER J 275 -13.49 12.30 -38.59
C SER J 275 -13.46 12.07 -37.09
N CYS J 276 -12.61 12.81 -36.39
CA CYS J 276 -12.52 12.72 -34.94
C CYS J 276 -13.56 13.61 -34.27
N GLY J 277 -14.21 14.46 -35.07
CA GLY J 277 -15.22 15.37 -34.55
C GLY J 277 -14.65 16.37 -33.57
N GLY J 278 -13.51 16.96 -33.91
CA GLY J 278 -12.83 17.91 -33.05
C GLY J 278 -13.50 19.27 -33.00
N ILE J 279 -14.22 19.62 -34.06
CA ILE J 279 -14.89 20.92 -34.14
C ILE J 279 -15.95 21.04 -33.04
N GLU J 280 -16.62 19.93 -32.73
CA GLU J 280 -17.57 19.89 -31.63
C GLU J 280 -16.84 20.04 -30.30
N ILE J 281 -15.67 19.41 -30.20
CA ILE J 281 -14.87 19.46 -28.99
C ILE J 281 -14.43 20.90 -28.69
N VAL J 282 -14.13 21.65 -29.75
CA VAL J 282 -13.74 23.04 -29.61
C VAL J 282 -14.95 23.93 -29.29
N ARG J 283 -16.02 23.74 -30.06
CA ARG J 283 -17.23 24.55 -29.90
C ARG J 283 -17.82 24.39 -28.50
N ASP J 284 -17.62 23.21 -27.91
CA ASP J 284 -18.12 22.93 -26.57
C ASP J 284 -17.39 23.75 -25.52
N ILE J 285 -16.06 23.79 -25.62
CA ILE J 285 -15.24 24.49 -24.65
C ILE J 285 -15.05 25.96 -25.07
N LEU J 286 -15.78 26.37 -26.09
CA LEU J 286 -15.82 27.78 -26.49
C LEU J 286 -17.04 28.46 -25.91
N GLN J 287 -18.22 28.03 -26.36
CA GLN J 287 -19.48 28.60 -25.88
C GLN J 287 -20.19 27.65 -24.93
N ILE J 297 -12.82 27.79 -17.06
CA ILE J 297 -11.44 27.42 -17.32
C ILE J 297 -11.06 27.69 -18.78
N GLU J 298 -10.75 28.94 -19.10
CA GLU J 298 -10.46 29.33 -20.48
C GLU J 298 -9.13 30.08 -20.60
N ARG J 299 -9.23 31.41 -20.64
CA ARG J 299 -8.09 32.28 -20.91
C ARG J 299 -7.47 32.00 -22.29
N ARG J 300 -6.14 31.92 -22.33
CA ARG J 300 -5.42 31.71 -23.58
C ARG J 300 -5.93 30.48 -24.34
N GLU J 301 -6.41 29.49 -23.61
CA GLU J 301 -7.06 28.33 -24.22
C GLU J 301 -8.03 28.80 -25.31
N ALA J 302 -9.06 29.54 -24.88
CA ALA J 302 -10.05 30.12 -25.76
C ALA J 302 -9.41 30.79 -26.96
N VAL J 303 -8.36 31.59 -26.73
CA VAL J 303 -7.68 32.24 -27.83
C VAL J 303 -7.31 31.21 -28.90
N SER J 304 -6.50 30.23 -28.49
CA SER J 304 -6.04 29.19 -29.39
C SER J 304 -7.24 28.51 -30.02
N LEU J 305 -8.29 28.29 -29.22
CA LEU J 305 -9.51 27.69 -29.73
C LEU J 305 -9.90 28.39 -31.02
N LEU J 306 -10.14 29.69 -30.89
CA LEU J 306 -10.56 30.49 -32.03
C LEU J 306 -9.62 30.28 -33.21
N ALA J 307 -8.33 30.40 -32.92
CA ALA J 307 -7.29 30.23 -33.93
C ALA J 307 -7.56 28.97 -34.74
N GLN J 308 -7.63 27.84 -34.04
CA GLN J 308 -7.89 26.53 -34.65
C GLN J 308 -9.09 26.61 -35.57
N ILE J 309 -10.24 26.99 -35.00
CA ILE J 309 -11.47 27.14 -35.77
C ILE J 309 -11.22 28.00 -37.01
N THR J 310 -10.69 29.20 -36.81
CA THR J 310 -10.49 30.10 -37.93
C THR J 310 -9.55 29.48 -38.98
N ALA J 311 -8.48 28.82 -38.54
CA ALA J 311 -7.59 28.10 -39.46
C ALA J 311 -8.40 27.09 -40.26
N ALA J 312 -9.24 26.32 -39.56
CA ALA J 312 -10.07 25.32 -40.21
C ALA J 312 -11.07 25.97 -41.16
N TRP J 313 -11.36 27.24 -40.92
CA TRP J 313 -12.33 27.96 -41.72
C TRP J 313 -11.67 28.53 -42.97
N HIS J 314 -10.34 28.62 -42.94
CA HIS J 314 -9.59 29.20 -44.05
C HIS J 314 -9.50 28.27 -45.25
N GLY J 315 -9.49 26.97 -45.00
CA GLY J 315 -9.37 25.98 -46.05
C GLY J 315 -10.55 25.98 -47.01
N SER J 316 -11.74 25.71 -46.46
CA SER J 316 -12.96 25.67 -47.26
C SER J 316 -13.59 27.04 -47.37
N GLU K 26 49.14 24.24 20.40
CA GLU K 26 48.75 23.79 19.07
C GLU K 26 48.26 22.34 19.09
N PRO K 27 47.08 22.10 18.51
CA PRO K 27 46.46 20.76 18.48
C PRO K 27 47.25 19.76 17.64
N VAL K 28 47.80 20.23 16.53
CA VAL K 28 48.52 19.36 15.61
C VAL K 28 49.82 18.83 16.23
N ALA K 29 50.56 19.73 16.90
CA ALA K 29 51.79 19.33 17.57
C ALA K 29 51.49 18.34 18.68
N SER K 30 50.37 18.55 19.38
CA SER K 30 49.96 17.68 20.46
C SER K 30 49.60 16.28 19.97
N TRP K 31 48.76 16.22 18.93
CA TRP K 31 48.32 14.95 18.38
C TRP K 31 49.49 14.20 17.73
N MET K 32 50.44 14.95 17.17
CA MET K 32 51.63 14.34 16.59
C MET K 32 52.53 13.79 17.68
N SER K 33 52.62 14.50 18.80
CA SER K 33 53.38 14.01 19.95
C SER K 33 52.70 12.78 20.53
N GLU K 34 51.38 12.68 20.34
CA GLU K 34 50.63 11.51 20.76
C GLU K 34 50.94 10.31 19.86
N GLN K 35 50.97 10.54 18.55
CA GLN K 35 51.15 9.46 17.58
C GLN K 35 52.50 8.77 17.71
N ARG K 36 53.53 9.53 18.08
CA ARG K 36 54.83 8.93 18.36
C ARG K 36 54.66 7.96 19.52
N TRP K 37 55.43 6.86 19.47
CA TRP K 37 55.32 5.74 20.42
C TRP K 37 54.07 4.89 20.20
N ALA K 38 53.00 5.51 19.70
CA ALA K 38 51.75 4.79 19.46
C ALA K 38 51.82 3.95 18.19
N GLY K 39 51.18 2.78 18.22
CA GLY K 39 51.16 1.89 17.08
C GLY K 39 50.62 0.52 17.44
N GLU K 40 49.56 0.11 16.78
CA GLU K 40 48.93 -1.18 17.03
C GLU K 40 49.79 -2.32 16.50
N PRO K 41 50.24 -3.21 17.38
CA PRO K 41 51.15 -4.31 17.05
C PRO K 41 50.41 -5.62 16.76
N GLU K 42 51.16 -6.72 16.75
CA GLU K 42 50.58 -8.03 16.46
C GLU K 42 50.43 -8.85 17.74
N VAL K 43 50.12 -10.14 17.58
CA VAL K 43 49.85 -11.02 18.71
C VAL K 43 51.04 -11.14 19.66
N MET K 44 50.87 -10.63 20.88
CA MET K 44 51.90 -10.69 21.90
C MET K 44 51.71 -11.91 22.79
N CYS K 45 50.80 -12.81 22.39
CA CYS K 45 50.48 -13.98 23.19
C CYS K 45 51.01 -15.27 22.58
N THR K 46 51.91 -15.92 23.29
CA THR K 46 52.48 -17.19 22.85
C THR K 46 52.64 -18.16 24.02
N LEU K 47 51.54 -18.75 24.45
CA LEU K 47 51.55 -19.69 25.56
C LEU K 47 51.50 -21.14 25.07
N GLN K 48 52.52 -21.91 25.43
CA GLN K 48 52.58 -23.32 25.08
C GLN K 48 51.90 -24.18 26.13
N HIS K 49 51.24 -25.24 25.70
CA HIS K 49 50.52 -26.12 26.61
C HIS K 49 51.18 -27.48 26.75
N LYS K 50 51.09 -28.06 27.93
CA LYS K 50 51.56 -29.42 28.18
C LYS K 50 50.37 -30.33 28.40
N SER K 51 49.98 -31.06 27.35
CA SER K 51 48.77 -31.87 27.38
C SER K 51 48.85 -33.01 28.38
N ILE K 52 47.77 -33.18 29.15
CA ILE K 52 47.66 -34.29 30.08
C ILE K 52 46.96 -35.46 29.39
N ALA K 53 46.10 -35.13 28.44
CA ALA K 53 45.37 -36.13 27.66
C ALA K 53 46.33 -37.06 26.93
N GLN K 54 47.44 -36.51 26.45
CA GLN K 54 48.45 -37.31 25.76
C GLN K 54 49.11 -38.29 26.72
N GLU K 55 49.39 -37.84 27.94
CA GLU K 55 50.03 -38.68 28.94
C GLU K 55 49.17 -39.90 29.27
N ALA K 56 47.87 -39.67 29.42
CA ALA K 56 46.93 -40.74 29.71
C ALA K 56 46.77 -41.66 28.49
N TYR K 57 46.71 -41.06 27.31
CA TYR K 57 46.53 -41.79 26.06
C TYR K 57 47.77 -42.60 25.69
N LYS K 58 48.90 -42.29 26.33
CA LYS K 58 50.15 -42.96 26.02
C LYS K 58 50.60 -43.95 27.09
N ASN K 59 50.89 -43.45 28.28
CA ASN K 59 51.53 -44.25 29.31
C ASN K 59 50.58 -44.93 30.30
N TYR K 60 49.33 -44.48 30.34
CA TYR K 60 48.38 -45.01 31.31
C TYR K 60 47.31 -45.90 30.70
N THR K 61 46.67 -46.68 31.56
CA THR K 61 45.51 -47.48 31.16
C THR K 61 44.34 -46.55 30.86
N ILE K 62 43.29 -47.09 30.23
CA ILE K 62 42.15 -46.27 29.83
C ILE K 62 41.41 -45.72 31.05
N THR K 63 40.86 -44.51 30.89
CA THR K 63 40.13 -43.87 31.97
C THR K 63 38.63 -43.84 31.66
N THR K 64 37.82 -43.73 32.70
CA THR K 64 36.37 -43.73 32.55
C THR K 64 35.90 -42.50 31.77
N SER K 65 36.59 -41.38 31.99
CA SER K 65 36.28 -40.14 31.29
C SER K 65 36.52 -40.28 29.78
N ALA K 66 37.37 -41.23 29.41
CA ALA K 66 37.63 -41.52 28.00
C ALA K 66 36.60 -42.52 27.46
N VAL K 67 36.18 -43.43 28.33
CA VAL K 67 35.13 -44.38 27.99
C VAL K 67 33.87 -43.60 27.62
N CYS K 68 33.58 -42.56 28.38
CA CYS K 68 32.45 -41.67 28.09
C CYS K 68 32.60 -41.04 26.71
N LYS K 69 33.83 -40.64 26.37
CA LYS K 69 34.12 -40.07 25.07
C LYS K 69 33.78 -41.06 23.97
N LEU K 70 34.20 -42.31 24.16
CA LEU K 70 33.88 -43.37 23.22
C LEU K 70 32.37 -43.55 23.08
N VAL K 71 31.66 -43.44 24.20
CA VAL K 71 30.22 -43.55 24.20
C VAL K 71 29.57 -42.47 23.34
N ARG K 72 29.96 -41.22 23.56
CA ARG K 72 29.43 -40.10 22.78
C ARG K 72 29.74 -40.25 21.28
N GLN K 73 31.00 -40.54 20.99
CA GLN K 73 31.48 -40.72 19.63
C GLN K 73 30.66 -41.77 18.88
N LEU K 74 30.62 -42.97 19.45
CA LEU K 74 29.88 -44.07 18.87
C LEU K 74 28.40 -43.75 18.76
N GLN K 75 27.90 -42.96 19.70
CA GLN K 75 26.50 -42.54 19.70
C GLN K 75 26.20 -41.70 18.45
N GLN K 76 27.03 -40.69 18.22
CA GLN K 76 26.84 -39.84 17.04
C GLN K 76 27.01 -40.61 15.74
N GLN K 77 28.04 -41.45 15.66
CA GLN K 77 28.27 -42.27 14.47
C GLN K 77 27.05 -43.14 14.18
N ALA K 78 26.51 -43.75 15.23
CA ALA K 78 25.33 -44.58 15.13
C ALA K 78 24.14 -43.77 14.64
N LEU K 79 24.05 -42.53 15.08
CA LEU K 79 22.99 -41.64 14.62
C LEU K 79 23.10 -41.39 13.11
N SER K 80 24.31 -41.09 12.64
CA SER K 80 24.53 -40.87 11.21
C SER K 80 24.16 -42.11 10.39
N LEU K 81 24.65 -43.26 10.83
CA LEU K 81 24.32 -44.51 10.16
C LEU K 81 22.82 -44.74 10.13
N GLN K 82 22.15 -44.37 11.23
CA GLN K 82 20.70 -44.58 11.33
C GLN K 82 19.93 -43.69 10.35
N VAL K 83 20.30 -42.43 10.24
CA VAL K 83 19.59 -41.55 9.32
C VAL K 83 19.89 -41.97 7.87
N HIS K 84 21.06 -42.54 7.64
CA HIS K 84 21.38 -43.11 6.33
C HIS K 84 20.43 -44.26 6.02
N PHE K 85 20.29 -45.16 7.00
CA PHE K 85 19.35 -46.29 6.92
C PHE K 85 17.93 -45.81 6.60
N GLU K 86 17.51 -44.75 7.29
CA GLU K 86 16.16 -44.23 7.12
C GLU K 86 15.97 -43.61 5.74
N ARG K 87 17.04 -43.01 5.22
CA ARG K 87 16.99 -42.47 3.86
C ARG K 87 16.81 -43.59 2.84
N SER K 88 17.63 -44.63 2.98
CA SER K 88 17.51 -45.80 2.11
C SER K 88 16.13 -46.43 2.19
N GLU K 89 15.61 -46.54 3.40
CA GLU K 89 14.26 -47.08 3.62
C GLU K 89 13.21 -46.22 2.93
N ARG K 90 13.40 -44.90 3.00
CA ARG K 90 12.53 -43.98 2.29
C ARG K 90 12.52 -44.28 0.80
N VAL K 91 13.70 -44.51 0.24
CA VAL K 91 13.80 -44.80 -1.18
C VAL K 91 13.16 -46.14 -1.56
N LEU K 92 13.48 -47.18 -0.80
CA LEU K 92 13.06 -48.54 -1.14
C LEU K 92 11.59 -48.81 -0.82
N SER K 93 10.99 -47.98 0.05
CA SER K 93 9.58 -48.13 0.37
C SER K 93 8.71 -47.50 -0.71
N GLY K 94 9.32 -46.64 -1.53
CA GLY K 94 8.60 -45.95 -2.59
C GLY K 94 8.11 -44.60 -2.15
N LEU K 95 8.32 -44.27 -0.87
CA LEU K 95 7.90 -42.97 -0.33
C LEU K 95 8.65 -41.83 -0.98
N GLN K 96 9.97 -41.93 -1.03
CA GLN K 96 10.80 -40.90 -1.63
C GLN K 96 11.05 -41.24 -3.10
N ALA K 97 10.64 -40.32 -3.98
CA ALA K 97 10.76 -40.53 -5.43
C ALA K 97 12.23 -40.58 -5.86
N SER K 98 12.61 -41.68 -6.49
CA SER K 98 13.98 -41.87 -6.97
C SER K 98 14.04 -42.97 -8.02
N SER K 99 14.92 -42.80 -9.00
CA SER K 99 15.10 -43.81 -10.04
C SER K 99 15.80 -45.04 -9.47
N LEU K 100 15.61 -46.18 -10.13
CA LEU K 100 16.16 -47.45 -9.62
C LEU K 100 17.69 -47.53 -9.58
N PRO K 101 18.40 -47.05 -10.63
CA PRO K 101 19.86 -47.07 -10.49
C PRO K 101 20.34 -46.25 -9.30
N GLU K 102 19.68 -45.12 -9.07
CA GLU K 102 19.97 -44.26 -7.93
C GLU K 102 19.71 -45.01 -6.63
N ALA K 103 18.63 -45.79 -6.62
CA ALA K 103 18.26 -46.57 -5.43
C ALA K 103 19.30 -47.63 -5.11
N LEU K 104 19.69 -48.39 -6.13
CA LEU K 104 20.68 -49.45 -5.98
C LEU K 104 22.03 -48.89 -5.54
N ALA K 105 22.48 -47.83 -6.23
CA ALA K 105 23.74 -47.18 -5.88
C ALA K 105 23.71 -46.67 -4.44
N GLY K 106 22.59 -46.06 -4.07
CA GLY K 106 22.39 -45.58 -2.72
C GLY K 106 22.50 -46.70 -1.71
N ALA K 107 21.93 -47.85 -2.05
CA ALA K 107 21.99 -49.03 -1.19
C ALA K 107 23.44 -49.48 -1.03
N THR K 108 24.20 -49.41 -2.12
CA THR K 108 25.60 -49.79 -2.10
C THR K 108 26.41 -48.89 -1.16
N GLN K 109 26.16 -47.58 -1.26
CA GLN K 109 26.82 -46.62 -0.39
C GLN K 109 26.44 -46.85 1.07
N LEU K 110 25.17 -47.16 1.30
CA LEU K 110 24.69 -47.51 2.63
C LEU K 110 25.48 -48.70 3.17
N LEU K 111 25.72 -49.67 2.29
CA LEU K 111 26.49 -50.85 2.66
C LEU K 111 27.93 -50.51 3.00
N SER K 112 28.52 -49.58 2.26
CA SER K 112 29.89 -49.14 2.53
C SER K 112 30.00 -48.49 3.90
N HIS K 113 29.12 -47.51 4.15
CA HIS K 113 29.02 -46.83 5.43
C HIS K 113 28.89 -47.86 6.56
N LEU K 114 27.96 -48.79 6.36
CA LEU K 114 27.72 -49.86 7.32
C LEU K 114 28.97 -50.70 7.56
N ASP K 115 29.77 -50.88 6.52
CA ASP K 115 31.00 -51.66 6.63
C ASP K 115 32.02 -50.94 7.50
N ASP K 116 32.17 -49.64 7.28
CA ASP K 116 33.05 -48.83 8.11
C ASP K 116 32.62 -48.90 9.58
N PHE K 117 31.33 -48.70 9.81
CA PHE K 117 30.77 -48.76 11.15
C PHE K 117 30.99 -50.13 11.78
N THR K 118 30.90 -51.18 10.95
CA THR K 118 31.10 -52.55 11.39
C THR K 118 32.54 -52.74 11.84
N ALA K 119 33.48 -52.10 11.13
CA ALA K 119 34.87 -52.14 11.51
C ALA K 119 35.06 -51.49 12.88
N THR K 120 34.48 -50.31 13.06
CA THR K 120 34.57 -49.60 14.33
C THR K 120 34.02 -50.44 15.48
N LEU K 121 32.85 -51.02 15.29
CA LEU K 121 32.27 -51.91 16.29
C LEU K 121 33.20 -53.07 16.60
N GLU K 122 33.74 -53.66 15.53
CA GLU K 122 34.64 -54.79 15.62
C GLU K 122 35.83 -54.51 16.52
N ARG K 123 36.48 -53.36 16.32
CA ARG K 123 37.63 -53.03 17.15
C ARG K 123 37.21 -52.41 18.48
N ARG K 124 35.92 -52.13 18.63
CA ARG K 124 35.41 -51.62 19.89
C ARG K 124 34.84 -52.75 20.75
N GLY K 125 34.93 -53.97 20.24
CA GLY K 125 34.39 -55.12 20.95
C GLY K 125 35.24 -55.67 22.08
N VAL K 126 36.36 -55.00 22.37
CA VAL K 126 37.29 -55.48 23.38
C VAL K 126 36.79 -55.28 24.80
N PHE K 127 35.74 -54.48 24.96
CA PHE K 127 35.22 -54.15 26.28
C PHE K 127 34.42 -55.28 26.90
N PHE K 128 34.14 -56.32 26.12
CA PHE K 128 33.50 -57.52 26.64
C PHE K 128 34.54 -58.45 27.25
N ASN K 129 35.35 -57.92 28.17
CA ASN K 129 36.47 -58.65 28.75
C ASN K 129 36.08 -59.94 29.45
N ASP K 130 35.42 -59.82 30.61
CA ASP K 130 35.02 -60.99 31.38
C ASP K 130 33.70 -61.58 30.87
N ALA K 131 32.79 -60.71 30.45
CA ALA K 131 31.47 -61.15 30.01
C ALA K 131 31.54 -61.99 28.74
N LYS K 132 31.65 -63.30 28.91
CA LYS K 132 31.77 -64.22 27.78
C LYS K 132 30.45 -64.35 27.02
N ILE K 133 29.35 -64.32 27.74
CA ILE K 133 28.02 -64.46 27.15
C ILE K 133 27.73 -63.32 26.18
N GLU K 134 27.76 -62.10 26.69
CA GLU K 134 27.52 -60.91 25.89
C GLU K 134 28.53 -60.78 24.76
N ARG K 135 29.76 -61.24 25.01
CA ARG K 135 30.79 -61.23 23.98
C ARG K 135 30.43 -62.16 22.83
N ARG K 136 29.96 -63.35 23.18
CA ARG K 136 29.57 -64.35 22.20
C ARG K 136 28.39 -63.86 21.37
N ARG K 137 27.40 -63.28 22.04
CA ARG K 137 26.24 -62.75 21.33
C ARG K 137 26.64 -61.61 20.41
N TYR K 138 27.52 -60.75 20.90
CA TYR K 138 28.07 -59.63 20.14
C TYR K 138 28.75 -60.12 18.87
N GLU K 139 29.64 -61.09 19.02
CA GLU K 139 30.37 -61.67 17.89
C GLU K 139 29.41 -62.34 16.90
N GLN K 140 28.39 -63.00 17.42
CA GLN K 140 27.41 -63.68 16.57
C GLN K 140 26.67 -62.68 15.69
N HIS K 141 26.05 -61.69 16.31
CA HIS K 141 25.30 -60.69 15.57
C HIS K 141 26.19 -59.90 14.62
N LEU K 142 27.42 -59.63 15.04
CA LEU K 142 28.37 -58.89 14.21
C LEU K 142 28.75 -59.68 12.96
N GLU K 143 29.05 -60.96 13.15
CA GLU K 143 29.36 -61.85 12.04
C GLU K 143 28.17 -61.93 11.08
N GLN K 144 26.97 -61.98 11.65
CA GLN K 144 25.76 -61.96 10.83
C GLN K 144 25.69 -60.68 10.00
N ILE K 145 26.03 -59.54 10.61
CA ILE K 145 26.07 -58.27 9.90
C ILE K 145 27.01 -58.34 8.71
N ARG K 146 28.25 -58.76 8.97
CA ARG K 146 29.24 -58.91 7.90
C ARG K 146 28.72 -59.78 6.76
N THR K 147 28.18 -60.93 7.13
CA THR K 147 27.70 -61.92 6.16
C THR K 147 26.58 -61.35 5.28
N VAL K 148 25.50 -60.92 5.89
CA VAL K 148 24.35 -60.45 5.13
C VAL K 148 24.69 -59.18 4.35
N SER K 149 25.65 -58.41 4.85
CA SER K 149 26.11 -57.21 4.13
C SER K 149 26.84 -57.61 2.86
N LYS K 150 27.78 -58.55 2.99
CA LYS K 150 28.53 -59.05 1.85
C LYS K 150 27.60 -59.66 0.80
N ASP K 151 26.70 -60.51 1.26
CA ASP K 151 25.73 -61.16 0.37
C ASP K 151 24.86 -60.13 -0.33
N THR K 152 24.43 -59.10 0.40
CA THR K 152 23.59 -58.05 -0.17
C THR K 152 24.33 -57.26 -1.24
N ARG K 153 25.58 -56.91 -0.95
CA ARG K 153 26.39 -56.16 -1.90
C ARG K 153 26.63 -56.97 -3.17
N TYR K 154 27.05 -58.22 -3.01
CA TYR K 154 27.32 -59.07 -4.16
C TYR K 154 26.04 -59.43 -4.91
N SER K 155 24.90 -59.28 -4.25
CA SER K 155 23.62 -59.49 -4.90
C SER K 155 23.22 -58.24 -5.67
N LEU K 156 23.72 -57.10 -5.22
CA LEU K 156 23.47 -55.83 -5.90
C LEU K 156 24.37 -55.68 -7.12
N GLU K 157 25.57 -56.24 -7.04
CA GLU K 157 26.52 -56.17 -8.14
C GLU K 157 26.02 -56.94 -9.35
N ARG K 158 25.52 -58.16 -9.12
CA ARG K 158 25.06 -59.02 -10.20
C ARG K 158 23.65 -58.64 -10.65
N GLN K 159 23.12 -57.57 -10.06
CA GLN K 159 21.77 -57.08 -10.38
C GLN K 159 20.73 -58.19 -10.20
N HIS K 160 20.67 -58.74 -9.00
CA HIS K 160 19.77 -59.84 -8.71
C HIS K 160 18.46 -59.38 -8.07
N TYR K 161 18.40 -58.09 -7.74
CA TYR K 161 17.19 -57.52 -7.16
C TYR K 161 16.25 -57.03 -8.25
N ILE K 162 15.23 -57.82 -8.56
CA ILE K 162 14.24 -57.43 -9.56
C ILE K 162 13.13 -56.62 -8.89
N ASN K 163 13.09 -56.68 -7.56
CA ASN K 163 12.11 -55.94 -6.79
C ASN K 163 12.75 -55.25 -5.60
N LEU K 164 12.44 -53.97 -5.41
CA LEU K 164 13.03 -53.17 -4.34
C LEU K 164 12.70 -53.71 -2.95
N GLU K 165 11.57 -54.40 -2.84
CA GLU K 165 11.09 -54.92 -1.57
C GLU K 165 12.09 -55.84 -0.88
N SER K 166 12.67 -56.76 -1.63
CA SER K 166 13.64 -57.71 -1.08
C SER K 166 14.87 -56.98 -0.55
N LEU K 167 15.37 -56.03 -1.33
CA LEU K 167 16.50 -55.21 -0.93
C LEU K 167 16.18 -54.49 0.37
N LEU K 168 14.96 -53.96 0.46
CA LEU K 168 14.49 -53.32 1.68
C LEU K 168 14.52 -54.28 2.85
N ASP K 169 14.14 -55.53 2.59
CA ASP K 169 14.12 -56.56 3.63
C ASP K 169 15.53 -56.81 4.17
N ASP K 170 16.48 -56.99 3.26
CA ASP K 170 17.87 -57.22 3.65
C ASP K 170 18.43 -56.03 4.44
N VAL K 171 18.14 -54.83 3.93
CA VAL K 171 18.58 -53.60 4.60
C VAL K 171 18.04 -53.51 6.02
N GLN K 172 16.74 -53.76 6.18
CA GLN K 172 16.10 -53.71 7.48
C GLN K 172 16.66 -54.77 8.43
N LEU K 173 17.04 -55.92 7.87
CA LEU K 173 17.69 -56.97 8.66
C LEU K 173 19.03 -56.46 9.20
N LEU K 174 19.82 -55.89 8.30
CA LEU K 174 21.09 -55.26 8.67
C LEU K 174 20.89 -54.24 9.79
N LYS K 175 19.84 -53.45 9.66
CA LYS K 175 19.50 -52.44 10.66
C LYS K 175 19.22 -53.07 12.01
N ARG K 176 18.44 -54.16 11.99
CA ARG K 176 18.10 -54.90 13.20
C ARG K 176 19.36 -55.36 13.92
N HIS K 177 20.17 -56.16 13.23
CA HIS K 177 21.40 -56.68 13.82
C HIS K 177 22.31 -55.57 14.34
N THR K 178 22.43 -54.51 13.54
CA THR K 178 23.23 -53.35 13.91
C THR K 178 22.76 -52.77 15.25
N LEU K 179 21.45 -52.63 15.38
CA LEU K 179 20.86 -52.11 16.61
C LEU K 179 21.18 -53.01 17.80
N ILE K 180 21.06 -54.33 17.58
CA ILE K 180 21.35 -55.28 18.66
C ILE K 180 22.79 -55.15 19.16
N THR K 181 23.74 -55.23 18.24
CA THR K 181 25.16 -55.09 18.59
C THR K 181 25.43 -53.76 19.29
N LEU K 182 24.84 -52.70 18.75
CA LEU K 182 24.96 -51.36 19.29
C LEU K 182 24.54 -51.32 20.76
N ARG K 183 23.35 -51.81 21.04
CA ARG K 183 22.83 -51.81 22.41
C ARG K 183 23.68 -52.65 23.35
N LEU K 184 24.16 -53.79 22.85
CA LEU K 184 25.06 -54.63 23.65
C LEU K 184 26.32 -53.88 24.08
N ILE K 185 27.03 -53.34 23.10
CA ILE K 185 28.28 -52.63 23.38
C ILE K 185 28.02 -51.39 24.23
N PHE K 186 26.86 -50.78 24.07
CA PHE K 186 26.50 -49.60 24.86
C PHE K 186 26.33 -49.97 26.33
N GLU K 187 25.61 -51.06 26.57
CA GLU K 187 25.44 -51.59 27.92
C GLU K 187 26.81 -51.84 28.55
N ARG K 188 27.65 -52.55 27.82
CA ARG K 188 28.98 -52.90 28.31
C ARG K 188 29.82 -51.66 28.65
N LEU K 189 29.69 -50.62 27.83
CA LEU K 189 30.45 -49.40 28.06
C LEU K 189 29.94 -48.59 29.25
N VAL K 190 28.62 -48.41 29.31
CA VAL K 190 27.99 -47.66 30.40
C VAL K 190 28.27 -48.29 31.76
N ARG K 191 28.38 -49.63 31.78
CA ARG K 191 28.71 -50.34 33.02
C ARG K 191 29.93 -49.74 33.72
N VAL K 192 30.95 -49.40 32.93
CA VAL K 192 32.18 -48.81 33.47
C VAL K 192 31.90 -47.50 34.20
N LEU K 193 31.03 -46.67 33.64
CA LEU K 193 30.67 -45.40 34.25
C LEU K 193 29.89 -45.62 35.55
N VAL K 194 28.91 -46.51 35.48
CA VAL K 194 28.08 -46.79 36.65
C VAL K 194 28.91 -47.33 37.81
N ILE K 195 29.88 -48.21 37.51
CA ILE K 195 30.75 -48.72 38.56
C ILE K 195 31.77 -47.67 38.98
N SER K 196 32.04 -46.72 38.09
CA SER K 196 32.91 -45.60 38.43
C SER K 196 32.26 -44.78 39.53
N ILE K 197 30.94 -44.63 39.43
CA ILE K 197 30.18 -43.98 40.48
C ILE K 197 30.09 -44.86 41.72
N GLU K 198 29.89 -46.16 41.50
CA GLU K 198 29.71 -47.10 42.61
C GLU K 198 30.97 -47.21 43.48
N GLN K 199 32.14 -47.14 42.86
CA GLN K 199 33.39 -47.24 43.60
C GLN K 199 34.21 -45.96 43.51
N SER K 200 33.66 -44.87 44.05
CA SER K 200 34.37 -43.59 44.06
C SER K 200 35.34 -43.49 45.22
N GLN K 201 36.59 -43.17 44.90
CA GLN K 201 37.62 -42.96 45.91
C GLN K 201 37.88 -41.47 46.09
N CYS K 202 37.06 -40.65 45.45
CA CYS K 202 37.22 -39.19 45.48
C CYS K 202 35.91 -38.50 45.18
N ASP K 203 35.55 -37.52 45.99
CA ASP K 203 34.27 -36.82 45.84
C ASP K 203 34.22 -35.96 44.58
N LEU K 204 35.36 -35.39 44.19
CA LEU K 204 35.42 -34.58 42.96
C LEU K 204 35.13 -35.44 41.74
N LEU K 205 35.84 -36.57 41.64
CA LEU K 205 35.64 -37.51 40.55
C LEU K 205 34.22 -38.07 40.57
N LEU K 206 33.67 -38.19 41.77
CA LEU K 206 32.29 -38.63 41.94
C LEU K 206 31.34 -37.63 41.29
N ARG K 207 31.51 -36.37 41.65
CA ARG K 207 30.73 -35.28 41.06
C ARG K 207 30.85 -35.30 39.53
N ALA K 208 32.08 -35.46 39.06
CA ALA K 208 32.36 -35.48 37.63
C ALA K 208 31.60 -36.60 36.92
N ASN K 209 31.71 -37.80 37.46
CA ASN K 209 31.08 -38.97 36.85
C ASN K 209 29.55 -38.90 36.90
N ILE K 210 29.00 -38.46 38.02
CA ILE K 210 27.56 -38.30 38.13
C ILE K 210 27.08 -37.28 37.10
N ASN K 211 27.77 -36.15 37.04
CA ASN K 211 27.45 -35.13 36.04
C ASN K 211 27.55 -35.67 34.63
N MET K 212 28.49 -36.59 34.41
CA MET K 212 28.64 -37.20 33.10
C MET K 212 27.48 -38.12 32.78
N VAL K 213 26.92 -38.77 33.81
CA VAL K 213 25.69 -39.53 33.64
C VAL K 213 24.58 -38.58 33.22
N ALA K 214 24.52 -37.42 33.87
CA ALA K 214 23.49 -36.43 33.58
C ALA K 214 23.62 -35.86 32.17
N THR K 215 24.85 -35.79 31.67
CA THR K 215 25.10 -35.21 30.34
C THR K 215 24.92 -36.22 29.23
N LEU K 216 25.20 -37.49 29.52
CA LEU K 216 25.02 -38.54 28.54
C LEU K 216 23.53 -38.79 28.27
N MET K 217 22.72 -38.51 29.27
CA MET K 217 21.28 -38.77 29.19
C MET K 217 20.45 -37.48 29.11
N ASN K 218 21.08 -36.39 28.67
CA ASN K 218 20.36 -35.14 28.50
C ASN K 218 19.34 -35.26 27.37
N ILE K 219 19.67 -36.09 26.39
CA ILE K 219 18.77 -36.36 25.28
C ILE K 219 18.62 -37.87 25.10
N ASP K 220 17.42 -38.39 25.29
CA ASP K 220 17.18 -39.82 25.13
C ASP K 220 16.67 -40.14 23.73
N TYR K 221 17.53 -40.75 22.92
CA TYR K 221 17.14 -41.19 21.59
C TYR K 221 16.42 -42.53 21.68
N ASP K 222 15.91 -43.01 20.55
CA ASP K 222 15.18 -44.26 20.53
C ASP K 222 15.81 -45.29 19.59
N GLY K 223 16.50 -44.80 18.57
CA GLY K 223 17.09 -45.66 17.57
C GLY K 223 18.42 -46.27 18.01
N PHE K 224 19.43 -46.13 17.16
CA PHE K 224 20.74 -46.71 17.43
C PHE K 224 21.41 -46.09 18.65
N ARG K 225 21.05 -44.86 18.96
CA ARG K 225 21.78 -44.07 19.93
C ARG K 225 21.17 -44.05 21.32
N SER K 226 20.19 -44.92 21.57
CA SER K 226 19.53 -44.94 22.86
C SER K 226 20.43 -45.54 23.93
N LEU K 227 20.50 -44.88 25.08
CA LEU K 227 21.30 -45.36 26.21
C LEU K 227 20.42 -45.66 27.42
N SER K 228 19.13 -45.34 27.30
CA SER K 228 18.19 -45.50 28.39
C SER K 228 18.16 -46.92 28.96
N ASP K 229 17.98 -47.90 28.08
CA ASP K 229 17.92 -49.30 28.50
C ASP K 229 19.26 -49.77 29.03
N ALA K 230 20.35 -49.18 28.51
CA ALA K 230 21.68 -49.54 28.95
C ALA K 230 21.93 -49.04 30.37
N PHE K 231 21.32 -47.92 30.72
CA PHE K 231 21.41 -47.37 32.07
C PHE K 231 20.48 -48.12 33.01
N VAL K 232 19.35 -48.58 32.47
CA VAL K 232 18.39 -49.34 33.25
C VAL K 232 18.98 -50.67 33.70
N GLN K 233 19.59 -51.39 32.77
CA GLN K 233 20.11 -52.73 33.05
C GLN K 233 21.33 -52.72 33.97
N ASN K 234 21.99 -51.57 34.09
CA ASN K 234 23.18 -51.48 34.93
C ASN K 234 22.87 -50.97 36.33
N GLU K 235 21.58 -50.87 36.65
CA GLU K 235 21.11 -50.39 37.94
C GLU K 235 21.72 -49.04 38.31
N ALA K 236 21.74 -48.11 37.36
CA ALA K 236 22.28 -46.78 37.59
C ALA K 236 21.40 -46.03 38.58
N VAL K 237 20.08 -46.18 38.42
CA VAL K 237 19.11 -45.54 39.29
C VAL K 237 19.36 -45.90 40.75
N ARG K 238 19.56 -47.20 41.01
CA ARG K 238 19.77 -47.69 42.36
C ARG K 238 21.05 -47.11 42.96
N THR K 239 22.10 -47.07 42.14
CA THR K 239 23.38 -46.55 42.57
C THR K 239 23.28 -45.07 42.95
N LEU K 240 22.64 -44.29 42.07
CA LEU K 240 22.43 -42.87 42.33
C LEU K 240 21.58 -42.66 43.58
N LEU K 241 20.63 -43.56 43.80
CA LEU K 241 19.80 -43.48 45.01
C LEU K 241 20.61 -43.80 46.25
N VAL K 242 21.60 -44.67 46.10
CA VAL K 242 22.53 -44.96 47.19
C VAL K 242 23.33 -43.71 47.50
N VAL K 243 23.78 -43.03 46.45
CA VAL K 243 24.51 -41.77 46.62
C VAL K 243 23.66 -40.75 47.37
N VAL K 244 22.41 -40.64 46.95
CA VAL K 244 21.47 -39.72 47.59
C VAL K 244 21.27 -40.09 49.06
N LEU K 245 21.25 -41.38 49.35
CA LEU K 245 20.91 -41.85 50.69
C LEU K 245 22.08 -41.81 51.67
N ASP K 246 23.31 -41.89 51.18
CA ASP K 246 24.44 -42.05 52.09
C ASP K 246 25.52 -40.97 52.06
N HIS K 247 25.58 -40.17 51.00
CA HIS K 247 26.66 -39.18 50.90
C HIS K 247 26.46 -38.03 51.87
N LYS K 248 27.55 -37.55 52.46
CA LYS K 248 27.49 -36.51 53.49
C LYS K 248 27.24 -35.12 52.90
N GLN K 249 27.82 -34.83 51.75
CA GLN K 249 27.69 -33.52 51.14
C GLN K 249 26.35 -33.33 50.43
N SER K 250 25.71 -32.19 50.68
CA SER K 250 24.42 -31.88 50.07
C SER K 250 24.55 -31.62 48.59
N SER K 251 25.71 -31.10 48.19
CA SER K 251 25.99 -30.80 46.79
C SER K 251 25.97 -32.08 45.94
N VAL K 252 26.69 -33.09 46.41
CA VAL K 252 26.77 -34.36 45.71
C VAL K 252 25.39 -35.01 45.61
N ARG K 253 24.63 -34.95 46.69
CA ARG K 253 23.27 -35.46 46.69
C ARG K 253 22.41 -34.73 45.66
N ALA K 254 22.62 -33.42 45.55
CA ALA K 254 21.92 -32.61 44.56
C ALA K 254 22.25 -33.08 43.15
N LEU K 255 23.54 -33.25 42.86
CA LEU K 255 23.98 -33.72 41.56
C LEU K 255 23.38 -35.08 41.22
N ALA K 256 23.34 -35.95 42.22
CA ALA K 256 22.76 -37.27 42.05
C ALA K 256 21.28 -37.17 41.69
N LEU K 257 20.56 -36.29 42.40
CA LEU K 257 19.15 -36.06 42.12
C LEU K 257 18.96 -35.53 40.71
N ARG K 258 19.90 -34.72 40.26
CA ARG K 258 19.90 -34.21 38.89
C ARG K 258 20.02 -35.36 37.89
N ALA K 259 21.02 -36.20 38.11
CA ALA K 259 21.24 -37.36 37.25
C ALA K 259 20.01 -38.26 37.18
N LEU K 260 19.41 -38.52 38.34
CA LEU K 260 18.18 -39.32 38.39
C LEU K 260 17.07 -38.66 37.61
N ALA K 261 16.96 -37.34 37.77
CA ALA K 261 15.98 -36.56 37.05
C ALA K 261 16.13 -36.72 35.54
N THR K 262 17.38 -36.85 35.09
CA THR K 262 17.64 -37.08 33.67
C THR K 262 17.27 -38.51 33.28
N LEU K 263 17.60 -39.45 34.15
CA LEU K 263 17.40 -40.88 33.87
C LEU K 263 15.92 -41.25 33.84
N CYS K 264 15.09 -40.46 34.50
CA CYS K 264 13.67 -40.80 34.67
C CYS K 264 12.82 -40.53 33.44
N CYS K 265 13.45 -40.26 32.30
CA CYS K 265 12.72 -39.99 31.07
C CYS K 265 12.28 -41.29 30.41
N ALA K 266 12.77 -42.41 30.91
CA ALA K 266 12.38 -43.72 30.44
C ALA K 266 11.60 -44.45 31.54
N PRO K 267 10.36 -44.89 31.22
CA PRO K 267 9.43 -45.48 32.19
C PRO K 267 10.01 -46.69 32.93
N GLN K 268 10.95 -47.39 32.30
CA GLN K 268 11.59 -48.54 32.94
C GLN K 268 12.38 -48.09 34.15
N ALA K 269 13.11 -46.98 33.99
CA ALA K 269 13.88 -46.39 35.07
C ALA K 269 12.95 -45.86 36.17
N ILE K 270 11.77 -45.41 35.75
CA ILE K 270 10.74 -44.99 36.70
C ILE K 270 10.32 -46.17 37.56
N ASN K 271 10.06 -47.30 36.91
CA ASN K 271 9.73 -48.53 37.60
C ASN K 271 10.84 -48.93 38.57
N GLN K 272 12.08 -48.74 38.14
CA GLN K 272 13.22 -49.02 39.00
C GLN K 272 13.22 -48.14 40.24
N LEU K 273 13.02 -46.85 40.04
CA LEU K 273 13.03 -45.88 41.14
C LEU K 273 11.91 -46.17 42.13
N GLY K 274 10.75 -46.58 41.60
CA GLY K 274 9.63 -46.96 42.45
C GLY K 274 9.92 -48.24 43.20
N SER K 275 10.68 -49.13 42.58
CA SER K 275 11.02 -50.41 43.17
C SER K 275 12.06 -50.25 44.28
N CYS K 276 12.76 -49.13 44.27
CA CYS K 276 13.77 -48.84 45.28
C CYS K 276 13.20 -47.94 46.36
N GLY K 277 11.92 -47.62 46.24
CA GLY K 277 11.27 -46.69 47.14
C GLY K 277 11.87 -45.31 47.01
N GLY K 278 12.35 -44.99 45.81
CA GLY K 278 12.99 -43.73 45.54
C GLY K 278 12.10 -42.53 45.80
N ILE K 279 10.80 -42.72 45.58
CA ILE K 279 9.81 -41.69 45.87
C ILE K 279 9.90 -41.27 47.33
N GLU K 280 9.90 -42.26 48.23
CA GLU K 280 9.98 -42.01 49.66
C GLU K 280 11.31 -41.38 50.04
N ILE K 281 12.38 -41.77 49.35
CA ILE K 281 13.71 -41.24 49.64
C ILE K 281 13.82 -39.77 49.26
N VAL K 282 13.26 -39.40 48.11
CA VAL K 282 13.32 -38.02 47.64
C VAL K 282 12.21 -37.18 48.24
N ARG K 283 11.28 -37.83 48.94
CA ARG K 283 10.22 -37.12 49.64
C ARG K 283 10.66 -36.77 51.06
N ASP K 284 11.44 -37.66 51.67
CA ASP K 284 11.88 -37.48 53.05
C ASP K 284 12.99 -36.44 53.16
N ILE K 285 13.56 -36.03 52.03
CA ILE K 285 14.58 -35.00 52.03
C ILE K 285 13.94 -33.62 51.82
N LEU K 286 12.62 -33.60 51.76
CA LEU K 286 11.87 -32.34 51.67
C LEU K 286 11.09 -32.09 52.96
N GLN K 287 10.68 -33.17 53.62
CA GLN K 287 9.95 -33.06 54.88
C GLN K 287 10.89 -33.29 56.06
N VAL K 288 11.87 -32.40 56.21
CA VAL K 288 12.84 -32.50 57.30
C VAL K 288 12.93 -31.19 58.08
N ARG K 294 20.99 -30.03 55.53
CA ARG K 294 20.32 -30.30 54.25
C ARG K 294 19.49 -29.10 53.79
N GLY K 295 19.66 -28.75 52.52
CA GLY K 295 18.92 -27.64 51.95
C GLY K 295 19.54 -27.16 50.64
N ALA K 296 19.26 -25.91 50.30
CA ALA K 296 19.77 -25.28 49.07
C ALA K 296 19.42 -26.07 47.82
N ILE K 297 20.36 -26.09 46.87
CA ILE K 297 20.15 -26.70 45.55
C ILE K 297 19.50 -28.09 45.65
N GLU K 298 20.04 -28.94 46.53
CA GLU K 298 19.48 -30.26 46.78
C GLU K 298 17.96 -30.24 46.78
N ARG K 299 17.41 -29.44 47.70
CA ARG K 299 15.97 -29.27 47.78
C ARG K 299 15.31 -29.08 46.41
N ARG K 300 15.70 -28.04 45.68
CA ARG K 300 15.07 -27.73 44.40
C ARG K 300 15.21 -28.95 43.48
N GLU K 301 16.39 -29.57 43.49
CA GLU K 301 16.62 -30.72 42.61
C GLU K 301 15.64 -31.83 42.95
N ALA K 302 15.49 -32.08 44.26
CA ALA K 302 14.56 -33.07 44.76
C ALA K 302 13.20 -32.76 44.18
N VAL K 303 12.77 -31.51 44.33
CA VAL K 303 11.50 -31.10 43.73
C VAL K 303 11.49 -31.42 42.23
N SER K 304 12.54 -30.98 41.55
CA SER K 304 12.62 -31.14 40.10
C SER K 304 12.55 -32.61 39.74
N LEU K 305 12.96 -33.48 40.66
CA LEU K 305 12.84 -34.91 40.42
C LEU K 305 11.36 -35.31 40.50
N LEU K 306 10.75 -35.05 41.64
CA LEU K 306 9.38 -35.47 41.88
C LEU K 306 8.44 -34.95 40.79
N ALA K 307 8.51 -33.65 40.54
CA ALA K 307 7.83 -32.98 39.44
C ALA K 307 7.93 -33.81 38.16
N GLN K 308 9.19 -34.06 37.74
CA GLN K 308 9.47 -34.86 36.55
C GLN K 308 8.70 -36.17 36.56
N ILE K 309 8.81 -36.90 37.66
CA ILE K 309 8.07 -38.14 37.79
C ILE K 309 6.56 -37.92 37.65
N THR K 310 6.03 -36.93 38.38
CA THR K 310 4.59 -36.67 38.34
C THR K 310 4.17 -36.09 36.98
N ALA K 311 5.14 -35.69 36.16
CA ALA K 311 4.84 -35.23 34.80
C ALA K 311 4.47 -36.41 33.88
N ALA K 312 4.88 -37.61 34.25
CA ALA K 312 4.59 -38.80 33.47
C ALA K 312 3.47 -39.63 34.09
N TRP K 313 3.69 -40.07 35.33
CA TRP K 313 2.71 -40.89 36.03
C TRP K 313 1.81 -40.04 36.91
N PRO L 25 -43.66 -81.61 -45.54
CA PRO L 25 -43.13 -80.29 -45.16
C PRO L 25 -44.23 -79.29 -44.89
N GLU L 26 -44.16 -78.61 -43.74
CA GLU L 26 -45.20 -77.66 -43.34
C GLU L 26 -44.75 -76.66 -42.27
N PRO L 27 -44.22 -77.14 -41.12
CA PRO L 27 -43.92 -76.15 -40.08
C PRO L 27 -42.65 -75.35 -40.37
N VAL L 28 -42.46 -74.26 -39.64
CA VAL L 28 -41.29 -73.39 -39.76
C VAL L 28 -41.13 -72.75 -41.15
N ALA L 29 -41.24 -73.55 -42.20
CA ALA L 29 -41.17 -73.06 -43.56
C ALA L 29 -42.29 -72.06 -43.84
N SER L 30 -43.51 -72.42 -43.44
CA SER L 30 -44.65 -71.53 -43.57
C SER L 30 -44.45 -70.30 -42.69
N TRP L 31 -43.86 -70.51 -41.52
CA TRP L 31 -43.54 -69.42 -40.61
C TRP L 31 -42.55 -68.45 -41.23
N MET L 32 -41.56 -69.00 -41.94
CA MET L 32 -40.58 -68.18 -42.65
C MET L 32 -41.24 -67.44 -43.81
N SER L 33 -42.24 -68.08 -44.41
CA SER L 33 -42.98 -67.46 -45.51
C SER L 33 -43.87 -66.34 -44.98
N GLU L 34 -44.24 -66.42 -43.71
CA GLU L 34 -45.05 -65.39 -43.08
C GLU L 34 -44.18 -64.23 -42.58
N GLN L 35 -42.97 -64.55 -42.12
CA GLN L 35 -42.06 -63.55 -41.61
C GLN L 35 -41.48 -62.70 -42.74
N ARG L 36 -41.25 -63.32 -43.89
CA ARG L 36 -40.92 -62.57 -45.08
C ARG L 36 -42.12 -61.69 -45.41
N TRP L 37 -41.86 -60.48 -45.91
CA TRP L 37 -42.91 -59.50 -46.18
C TRP L 37 -43.67 -59.14 -44.90
N ALA L 38 -42.92 -58.84 -43.84
CA ALA L 38 -43.50 -58.47 -42.55
C ALA L 38 -42.51 -57.72 -41.68
N GLY L 39 -42.99 -56.70 -40.98
CA GLY L 39 -42.16 -55.91 -40.10
C GLY L 39 -42.89 -54.74 -39.48
N GLU L 40 -42.41 -54.28 -38.33
CA GLU L 40 -42.99 -53.12 -37.66
C GLU L 40 -42.32 -51.83 -38.13
N PRO L 41 -43.08 -50.98 -38.84
CA PRO L 41 -42.55 -49.74 -39.41
C PRO L 41 -42.71 -48.54 -38.48
N GLU L 42 -42.11 -47.42 -38.86
CA GLU L 42 -42.28 -46.17 -38.12
C GLU L 42 -43.53 -45.46 -38.62
N VAL L 43 -44.15 -44.66 -37.75
CA VAL L 43 -45.39 -43.97 -38.08
C VAL L 43 -45.25 -43.11 -39.32
N MET L 44 -45.88 -43.56 -40.42
CA MET L 44 -45.77 -42.87 -41.69
C MET L 44 -47.02 -42.07 -42.02
N CYS L 45 -47.35 -41.12 -41.14
CA CYS L 45 -48.50 -40.24 -41.35
C CYS L 45 -48.16 -38.82 -40.88
N THR L 46 -47.84 -37.95 -41.82
CA THR L 46 -47.47 -36.58 -41.50
C THR L 46 -48.71 -35.70 -41.30
N LEU L 47 -49.37 -35.38 -42.41
CA LEU L 47 -50.58 -34.56 -42.40
C LEU L 47 -50.36 -33.19 -41.78
N GLN L 48 -49.99 -32.22 -42.61
CA GLN L 48 -49.79 -30.85 -42.16
C GLN L 48 -51.13 -30.12 -42.06
N HIS L 49 -51.19 -29.12 -41.19
CA HIS L 49 -52.43 -28.38 -40.96
C HIS L 49 -52.36 -26.94 -41.47
N LYS L 50 -53.47 -26.46 -42.02
CA LYS L 50 -53.60 -25.05 -42.37
C LYS L 50 -54.41 -24.34 -41.28
N SER L 51 -53.73 -23.57 -40.45
CA SER L 51 -54.35 -22.94 -39.29
C SER L 51 -55.18 -21.72 -39.65
N ILE L 52 -56.38 -21.65 -39.07
CA ILE L 52 -57.27 -20.51 -39.27
C ILE L 52 -57.01 -19.47 -38.19
N ALA L 53 -56.48 -19.95 -37.07
CA ALA L 53 -56.16 -19.09 -35.93
C ALA L 53 -55.21 -17.97 -36.32
N GLN L 54 -54.10 -18.33 -36.95
CA GLN L 54 -53.12 -17.34 -37.39
C GLN L 54 -53.71 -16.44 -38.47
N GLU L 55 -54.51 -17.04 -39.35
CA GLU L 55 -55.13 -16.28 -40.44
C GLU L 55 -56.15 -15.27 -39.93
N ALA L 56 -56.62 -15.49 -38.69
CA ALA L 56 -57.55 -14.55 -38.07
C ALA L 56 -56.79 -13.53 -37.24
N TYR L 57 -55.65 -13.95 -36.68
CA TYR L 57 -54.84 -13.10 -35.82
C TYR L 57 -54.00 -12.13 -36.64
N LYS L 58 -53.87 -12.40 -37.93
CA LYS L 58 -53.00 -11.60 -38.79
C LYS L 58 -53.75 -10.65 -39.72
N ASN L 59 -54.97 -11.01 -40.10
CA ASN L 59 -55.69 -10.23 -41.10
C ASN L 59 -57.09 -9.78 -40.66
N TYR L 60 -57.48 -10.12 -39.43
CA TYR L 60 -58.83 -9.82 -38.97
C TYR L 60 -58.88 -9.08 -37.65
N THR L 61 -60.02 -8.45 -37.39
CA THR L 61 -60.28 -7.82 -36.10
C THR L 61 -60.41 -8.91 -35.04
N ILE L 62 -60.28 -8.54 -33.77
CA ILE L 62 -60.40 -9.50 -32.69
C ILE L 62 -61.80 -10.10 -32.64
N THR L 63 -61.87 -11.42 -32.48
CA THR L 63 -63.15 -12.12 -32.45
C THR L 63 -63.59 -12.40 -31.02
N THR L 64 -64.87 -12.70 -30.85
CA THR L 64 -65.44 -12.94 -29.53
C THR L 64 -64.79 -14.15 -28.85
N SER L 65 -64.40 -15.13 -29.66
CA SER L 65 -63.72 -16.31 -29.16
C SER L 65 -62.40 -15.93 -28.49
N ALA L 66 -61.66 -15.05 -29.14
CA ALA L 66 -60.40 -14.57 -28.62
C ALA L 66 -60.61 -13.79 -27.32
N VAL L 67 -61.72 -13.04 -27.26
CA VAL L 67 -62.06 -12.28 -26.07
C VAL L 67 -62.32 -13.22 -24.90
N CYS L 68 -63.10 -14.26 -25.14
CA CYS L 68 -63.39 -15.26 -24.11
C CYS L 68 -62.10 -15.94 -23.66
N LYS L 69 -61.21 -16.19 -24.62
CA LYS L 69 -59.90 -16.76 -24.34
C LYS L 69 -59.14 -15.85 -23.37
N LEU L 70 -59.19 -14.55 -23.64
CA LEU L 70 -58.57 -13.56 -22.78
C LEU L 70 -59.19 -13.55 -21.39
N VAL L 71 -60.50 -13.78 -21.33
CA VAL L 71 -61.19 -13.83 -20.06
C VAL L 71 -60.69 -15.01 -19.23
N ARG L 72 -60.54 -16.16 -19.89
CA ARG L 72 -60.02 -17.34 -19.20
C ARG L 72 -58.60 -17.12 -18.70
N GLN L 73 -57.74 -16.62 -19.57
CA GLN L 73 -56.34 -16.37 -19.18
C GLN L 73 -56.25 -15.39 -18.01
N LEU L 74 -56.97 -14.28 -18.14
CA LEU L 74 -57.02 -13.27 -17.07
C LEU L 74 -57.54 -13.88 -15.77
N GLN L 75 -58.49 -14.80 -15.88
CA GLN L 75 -59.03 -15.48 -14.72
C GLN L 75 -57.95 -16.31 -14.03
N GLN L 76 -57.24 -17.12 -14.81
CA GLN L 76 -56.17 -17.96 -14.28
C GLN L 76 -55.11 -17.12 -13.58
N GLN L 77 -54.61 -16.11 -14.29
CA GLN L 77 -53.57 -15.23 -13.76
C GLN L 77 -54.03 -14.52 -12.47
N ALA L 78 -55.26 -14.02 -12.49
CA ALA L 78 -55.82 -13.33 -11.33
C ALA L 78 -55.93 -14.27 -10.15
N LEU L 79 -56.25 -15.53 -10.42
CA LEU L 79 -56.32 -16.53 -9.36
C LEU L 79 -54.95 -16.78 -8.76
N SER L 80 -53.93 -16.89 -9.62
CA SER L 80 -52.56 -17.04 -9.16
C SER L 80 -52.16 -15.89 -8.24
N LEU L 81 -52.35 -14.67 -8.72
CA LEU L 81 -52.03 -13.48 -7.95
C LEU L 81 -52.79 -13.44 -6.63
N GLN L 82 -54.04 -13.91 -6.67
CA GLN L 82 -54.86 -13.97 -5.46
C GLN L 82 -54.26 -14.91 -4.45
N VAL L 83 -53.82 -16.07 -4.91
CA VAL L 83 -53.17 -17.06 -4.05
C VAL L 83 -51.92 -16.46 -3.40
N HIS L 84 -51.11 -15.78 -4.21
CA HIS L 84 -49.89 -15.14 -3.69
C HIS L 84 -50.24 -14.10 -2.62
N PHE L 85 -51.24 -13.27 -2.92
CA PHE L 85 -51.76 -12.29 -1.99
C PHE L 85 -52.16 -12.93 -0.66
N GLU L 86 -52.84 -14.06 -0.74
CA GLU L 86 -53.33 -14.75 0.44
C GLU L 86 -52.19 -15.37 1.25
N ARG L 87 -51.15 -15.82 0.55
CA ARG L 87 -49.95 -16.31 1.21
C ARG L 87 -49.32 -15.18 2.03
N SER L 88 -49.06 -14.07 1.36
CA SER L 88 -48.45 -12.91 2.02
C SER L 88 -49.30 -12.43 3.20
N GLU L 89 -50.61 -12.37 2.99
CA GLU L 89 -51.53 -11.99 4.05
C GLU L 89 -51.41 -12.93 5.25
N ARG L 90 -51.39 -14.23 4.96
CA ARG L 90 -51.34 -15.25 6.00
C ARG L 90 -50.05 -15.17 6.79
N VAL L 91 -48.96 -14.81 6.12
CA VAL L 91 -47.67 -14.66 6.80
C VAL L 91 -47.61 -13.38 7.64
N LEU L 92 -47.98 -12.27 7.04
CA LEU L 92 -47.89 -10.97 7.70
C LEU L 92 -48.85 -10.84 8.88
N SER L 93 -50.00 -11.51 8.79
CA SER L 93 -50.98 -11.47 9.86
C SER L 93 -50.47 -12.20 11.10
N GLY L 94 -49.67 -13.23 10.89
CA GLY L 94 -49.05 -13.97 11.98
C GLY L 94 -49.42 -15.43 12.02
N LEU L 95 -50.39 -15.84 11.20
CA LEU L 95 -50.85 -17.23 11.18
C LEU L 95 -49.74 -18.18 10.71
N GLN L 96 -49.44 -18.14 9.42
CA GLN L 96 -48.43 -19.01 8.84
C GLN L 96 -47.04 -18.73 9.42
N ALA L 97 -46.25 -19.79 9.59
CA ALA L 97 -44.93 -19.67 10.19
C ALA L 97 -43.91 -19.07 9.21
N SER L 98 -43.24 -18.01 9.66
CA SER L 98 -42.22 -17.35 8.86
C SER L 98 -41.40 -16.39 9.71
N SER L 99 -40.17 -16.12 9.27
CA SER L 99 -39.31 -15.16 9.96
C SER L 99 -39.46 -13.78 9.33
N LEU L 100 -38.88 -12.78 9.97
CA LEU L 100 -38.93 -11.40 9.47
C LEU L 100 -38.36 -11.24 8.05
N PRO L 101 -37.13 -11.74 7.80
CA PRO L 101 -36.61 -11.55 6.45
C PRO L 101 -37.36 -12.37 5.41
N GLU L 102 -37.88 -13.52 5.80
CA GLU L 102 -38.67 -14.36 4.89
C GLU L 102 -40.00 -13.67 4.58
N ALA L 103 -40.59 -13.03 5.59
CA ALA L 103 -41.83 -12.30 5.42
C ALA L 103 -41.64 -11.12 4.48
N LEU L 104 -40.59 -10.34 4.73
CA LEU L 104 -40.30 -9.18 3.90
C LEU L 104 -39.98 -9.59 2.46
N ALA L 105 -39.20 -10.65 2.30
CA ALA L 105 -38.87 -11.17 0.98
C ALA L 105 -40.13 -11.59 0.24
N GLY L 106 -41.00 -12.31 0.94
CA GLY L 106 -42.27 -12.74 0.38
C GLY L 106 -43.11 -11.56 -0.08
N ALA L 107 -43.13 -10.51 0.74
CA ALA L 107 -43.87 -9.30 0.42
C ALA L 107 -43.32 -8.65 -0.84
N THR L 108 -41.99 -8.58 -0.93
CA THR L 108 -41.32 -8.01 -2.09
C THR L 108 -41.68 -8.78 -3.36
N GLN L 109 -41.62 -10.11 -3.27
CA GLN L 109 -41.98 -10.96 -4.39
C GLN L 109 -43.43 -10.72 -4.81
N LEU L 110 -44.31 -10.58 -3.82
CA LEU L 110 -45.70 -10.26 -4.09
C LEU L 110 -45.79 -8.96 -4.88
N LEU L 111 -44.97 -7.99 -4.50
CA LEU L 111 -44.98 -6.70 -5.18
C LEU L 111 -44.49 -6.82 -6.62
N SER L 112 -43.50 -7.68 -6.85
CA SER L 112 -42.99 -7.89 -8.21
C SER L 112 -44.06 -8.53 -9.09
N HIS L 113 -44.69 -9.58 -8.55
CA HIS L 113 -45.78 -10.27 -9.23
C HIS L 113 -46.89 -9.29 -9.57
N LEU L 114 -47.23 -8.44 -8.60
CA LEU L 114 -48.27 -7.43 -8.79
C LEU L 114 -47.86 -6.41 -9.84
N ASP L 115 -46.57 -6.16 -9.96
CA ASP L 115 -46.06 -5.25 -10.99
C ASP L 115 -46.30 -5.85 -12.37
N ASP L 116 -45.93 -7.12 -12.52
CA ASP L 116 -46.16 -7.82 -13.78
C ASP L 116 -47.64 -7.81 -14.16
N PHE L 117 -48.48 -8.20 -13.20
CA PHE L 117 -49.92 -8.27 -13.43
C PHE L 117 -50.50 -6.90 -13.76
N THR L 118 -49.96 -5.86 -13.13
CA THR L 118 -50.39 -4.49 -13.38
C THR L 118 -50.04 -4.10 -14.81
N ALA L 119 -48.86 -4.52 -15.25
CA ALA L 119 -48.45 -4.29 -16.64
C ALA L 119 -49.43 -4.96 -17.58
N THR L 120 -49.83 -6.18 -17.23
CA THR L 120 -50.80 -6.92 -18.03
C THR L 120 -52.14 -6.19 -18.13
N LEU L 121 -52.65 -5.73 -17.00
CA LEU L 121 -53.90 -4.97 -16.96
C LEU L 121 -53.80 -3.72 -17.81
N GLU L 122 -52.71 -2.98 -17.64
CA GLU L 122 -52.46 -1.77 -18.42
C GLU L 122 -52.50 -2.07 -19.91
N ARG L 123 -51.90 -3.19 -20.30
CA ARG L 123 -51.87 -3.59 -21.70
C ARG L 123 -53.26 -3.98 -22.20
N ARG L 124 -54.06 -4.57 -21.31
CA ARG L 124 -55.40 -5.01 -21.70
C ARG L 124 -56.45 -3.91 -21.48
N GLY L 125 -55.98 -2.71 -21.17
CA GLY L 125 -56.88 -1.59 -20.96
C GLY L 125 -57.53 -1.04 -22.22
N VAL L 126 -57.12 -1.56 -23.38
CA VAL L 126 -57.59 -1.04 -24.66
C VAL L 126 -59.03 -1.46 -24.98
N PHE L 127 -59.61 -2.28 -24.12
CA PHE L 127 -60.95 -2.84 -24.38
C PHE L 127 -62.08 -1.98 -23.83
N PHE L 128 -61.78 -0.72 -23.50
CA PHE L 128 -62.81 0.16 -22.96
C PHE L 128 -63.43 1.03 -24.06
N ASN L 129 -62.63 1.36 -25.06
CA ASN L 129 -63.11 2.06 -26.26
C ASN L 129 -63.87 3.36 -25.97
N ASP L 130 -65.18 3.31 -26.16
CA ASP L 130 -66.03 4.49 -26.01
C ASP L 130 -66.27 4.87 -24.55
N ALA L 131 -66.52 3.85 -23.71
CA ALA L 131 -66.83 4.07 -22.31
C ALA L 131 -65.71 4.79 -21.57
N LYS L 132 -65.87 6.11 -21.41
CA LYS L 132 -64.83 6.94 -20.82
C LYS L 132 -64.85 6.94 -19.30
N ILE L 133 -66.03 6.74 -18.72
CA ILE L 133 -66.18 6.74 -17.28
C ILE L 133 -65.44 5.56 -16.65
N GLU L 134 -65.82 4.36 -17.07
CA GLU L 134 -65.23 3.12 -16.59
C GLU L 134 -63.72 3.11 -16.84
N ARG L 135 -63.31 3.64 -17.99
CA ARG L 135 -61.90 3.72 -18.33
C ARG L 135 -61.16 4.65 -17.39
N ARG L 136 -61.78 5.79 -17.12
CA ARG L 136 -61.21 6.77 -16.21
C ARG L 136 -60.95 6.15 -14.85
N ARG L 137 -61.98 5.51 -14.29
CA ARG L 137 -61.82 4.85 -12.99
C ARG L 137 -60.80 3.73 -13.06
N TYR L 138 -60.73 3.08 -14.22
CA TYR L 138 -59.80 1.98 -14.45
C TYR L 138 -58.36 2.43 -14.30
N GLU L 139 -57.95 3.39 -15.13
CA GLU L 139 -56.57 3.87 -15.09
C GLU L 139 -56.31 4.64 -13.79
N GLN L 140 -57.37 5.12 -13.15
CA GLN L 140 -57.26 5.75 -11.84
C GLN L 140 -56.77 4.74 -10.80
N HIS L 141 -57.55 3.69 -10.61
CA HIS L 141 -57.17 2.64 -9.67
C HIS L 141 -55.85 1.97 -10.06
N LEU L 142 -55.58 1.95 -11.36
CA LEU L 142 -54.32 1.43 -11.87
C LEU L 142 -53.15 2.26 -11.35
N GLU L 143 -53.26 3.57 -11.53
CA GLU L 143 -52.24 4.49 -11.01
C GLU L 143 -52.09 4.36 -9.50
N GLN L 144 -53.22 4.17 -8.80
CA GLN L 144 -53.16 3.95 -7.37
C GLN L 144 -52.34 2.71 -7.03
N ILE L 145 -52.57 1.62 -7.77
CA ILE L 145 -51.81 0.40 -7.61
C ILE L 145 -50.33 0.66 -7.78
N ARG L 146 -49.98 1.34 -8.87
CA ARG L 146 -48.58 1.64 -9.17
C ARG L 146 -47.91 2.45 -8.07
N THR L 147 -48.56 3.52 -7.65
CA THR L 147 -47.99 4.41 -6.63
C THR L 147 -47.84 3.71 -5.29
N VAL L 148 -48.88 3.00 -4.84
CA VAL L 148 -48.83 2.32 -3.55
C VAL L 148 -47.77 1.21 -3.57
N SER L 149 -47.68 0.49 -4.68
CA SER L 149 -46.66 -0.55 -4.83
C SER L 149 -45.26 0.05 -4.76
N LYS L 150 -45.05 1.11 -5.50
CA LYS L 150 -43.76 1.79 -5.55
C LYS L 150 -43.34 2.29 -4.17
N ASP L 151 -44.26 2.99 -3.50
CA ASP L 151 -43.98 3.55 -2.18
C ASP L 151 -43.76 2.45 -1.14
N THR L 152 -44.45 1.33 -1.31
CA THR L 152 -44.27 0.20 -0.40
C THR L 152 -42.88 -0.39 -0.57
N ARG L 153 -42.46 -0.57 -1.82
CA ARG L 153 -41.13 -1.09 -2.11
C ARG L 153 -40.06 -0.15 -1.56
N TYR L 154 -40.26 1.15 -1.78
CA TYR L 154 -39.37 2.19 -1.26
C TYR L 154 -39.26 2.11 0.26
N SER L 155 -40.40 1.97 0.92
CA SER L 155 -40.45 1.88 2.37
C SER L 155 -39.77 0.61 2.87
N LEU L 156 -39.80 -0.43 2.04
CA LEU L 156 -39.17 -1.70 2.39
C LEU L 156 -37.66 -1.66 2.21
N GLU L 157 -37.20 -0.83 1.28
CA GLU L 157 -35.77 -0.78 0.96
C GLU L 157 -34.96 0.15 1.87
N ARG L 158 -35.64 1.02 2.60
CA ARG L 158 -34.94 2.04 3.38
C ARG L 158 -35.31 2.04 4.86
N GLN L 159 -35.74 0.89 5.37
CA GLN L 159 -36.09 0.77 6.78
C GLN L 159 -35.71 -0.60 7.34
N HIS L 160 -34.81 -0.61 8.32
CA HIS L 160 -34.54 -1.83 9.07
C HIS L 160 -35.78 -2.25 9.83
N TYR L 161 -36.31 -1.32 10.60
CA TYR L 161 -37.49 -1.55 11.42
C TYR L 161 -38.76 -1.23 10.64
N ILE L 162 -39.55 -2.25 10.35
CA ILE L 162 -40.77 -2.07 9.59
C ILE L 162 -41.94 -2.80 10.23
N ASN L 163 -43.04 -2.08 10.46
CA ASN L 163 -44.23 -2.65 11.07
C ASN L 163 -44.98 -3.55 10.09
N LEU L 164 -45.16 -4.81 10.47
CA LEU L 164 -45.78 -5.79 9.59
C LEU L 164 -47.29 -5.62 9.48
N GLU L 165 -47.90 -5.03 10.51
CA GLU L 165 -49.34 -4.76 10.48
C GLU L 165 -49.68 -3.71 9.44
N SER L 166 -48.89 -2.64 9.42
CA SER L 166 -49.09 -1.57 8.45
C SER L 166 -48.76 -2.06 7.03
N LEU L 167 -47.76 -2.92 6.93
CA LEU L 167 -47.42 -3.54 5.66
C LEU L 167 -48.59 -4.37 5.16
N LEU L 168 -49.23 -5.09 6.09
CA LEU L 168 -50.42 -5.86 5.77
C LEU L 168 -51.54 -4.95 5.29
N ASP L 169 -51.67 -3.79 5.94
CA ASP L 169 -52.66 -2.80 5.51
C ASP L 169 -52.40 -2.37 4.06
N ASP L 170 -51.13 -2.13 3.76
CA ASP L 170 -50.73 -1.74 2.40
C ASP L 170 -51.08 -2.80 1.37
N VAL L 171 -50.65 -4.05 1.61
CA VAL L 171 -50.89 -5.11 0.65
C VAL L 171 -52.37 -5.39 0.50
N GLN L 172 -53.14 -5.13 1.57
CA GLN L 172 -54.58 -5.31 1.51
C GLN L 172 -55.22 -4.21 0.66
N LEU L 173 -54.69 -3.00 0.75
CA LEU L 173 -55.13 -1.89 -0.10
C LEU L 173 -54.88 -2.22 -1.57
N LEU L 174 -53.66 -2.66 -1.85
CA LEU L 174 -53.28 -3.10 -3.20
C LEU L 174 -54.24 -4.18 -3.69
N LYS L 175 -54.56 -5.12 -2.82
CA LYS L 175 -55.51 -6.17 -3.11
C LYS L 175 -56.86 -5.60 -3.53
N ARG L 176 -57.34 -4.63 -2.75
CA ARG L 176 -58.60 -3.93 -3.05
C ARG L 176 -58.59 -3.34 -4.46
N HIS L 177 -57.62 -2.48 -4.72
CA HIS L 177 -57.54 -1.80 -6.02
C HIS L 177 -57.45 -2.79 -7.19
N THR L 178 -56.62 -3.80 -7.02
CA THR L 178 -56.48 -4.85 -8.04
C THR L 178 -57.83 -5.51 -8.32
N LEU L 179 -58.53 -5.86 -7.25
CA LEU L 179 -59.88 -6.43 -7.37
C LEU L 179 -60.81 -5.53 -8.18
N ILE L 180 -60.79 -4.25 -7.86
CA ILE L 180 -61.65 -3.29 -8.55
C ILE L 180 -61.35 -3.21 -10.05
N THR L 181 -60.09 -3.02 -10.40
CA THR L 181 -59.70 -2.96 -11.81
C THR L 181 -60.11 -4.23 -12.54
N LEU L 182 -59.86 -5.37 -11.91
CA LEU L 182 -60.25 -6.66 -12.47
C LEU L 182 -61.75 -6.71 -12.74
N ARG L 183 -62.54 -6.23 -11.78
CA ARG L 183 -63.98 -6.16 -11.94
C ARG L 183 -64.37 -5.37 -13.19
N LEU L 184 -63.81 -4.16 -13.29
CA LEU L 184 -64.05 -3.29 -14.44
C LEU L 184 -63.77 -3.98 -15.77
N ILE L 185 -62.53 -4.43 -15.94
CA ILE L 185 -62.11 -4.99 -17.22
C ILE L 185 -62.86 -6.30 -17.53
N PHE L 186 -63.19 -7.07 -16.50
CA PHE L 186 -63.95 -8.31 -16.69
C PHE L 186 -65.35 -7.99 -17.21
N GLU L 187 -65.98 -6.97 -16.64
CA GLU L 187 -67.27 -6.54 -17.11
C GLU L 187 -67.18 -6.15 -18.59
N ARG L 188 -66.20 -5.32 -18.91
CA ARG L 188 -66.01 -4.87 -20.28
C ARG L 188 -65.78 -6.02 -21.27
N LEU L 189 -65.06 -7.06 -20.83
CA LEU L 189 -64.77 -8.19 -21.70
C LEU L 189 -65.97 -9.10 -21.90
N VAL L 190 -66.65 -9.43 -20.81
CA VAL L 190 -67.85 -10.26 -20.86
C VAL L 190 -68.93 -9.59 -21.72
N ARG L 191 -68.96 -8.26 -21.68
CA ARG L 191 -69.92 -7.50 -22.46
C ARG L 191 -69.97 -7.90 -23.93
N VAL L 192 -68.80 -8.06 -24.55
CA VAL L 192 -68.75 -8.37 -25.98
C VAL L 192 -69.34 -9.76 -26.26
N LEU L 193 -69.27 -10.64 -25.27
CA LEU L 193 -69.85 -11.97 -25.39
C LEU L 193 -71.36 -11.89 -25.31
N VAL L 194 -71.83 -11.16 -24.30
CA VAL L 194 -73.28 -10.98 -24.12
C VAL L 194 -73.92 -10.33 -25.34
N ILE L 195 -73.21 -9.38 -25.94
CA ILE L 195 -73.70 -8.73 -27.16
C ILE L 195 -73.63 -9.70 -28.33
N SER L 196 -72.58 -10.53 -28.35
CA SER L 196 -72.43 -11.55 -29.38
C SER L 196 -73.62 -12.50 -29.36
N ILE L 197 -74.19 -12.71 -28.18
CA ILE L 197 -75.43 -13.46 -28.06
C ILE L 197 -76.61 -12.61 -28.50
N GLU L 198 -76.61 -11.35 -28.08
CA GLU L 198 -77.71 -10.43 -28.37
C GLU L 198 -77.93 -10.23 -29.87
N GLN L 199 -76.84 -10.11 -30.61
CA GLN L 199 -76.95 -9.89 -32.05
C GLN L 199 -76.31 -11.02 -32.86
N SER L 200 -76.72 -12.25 -32.55
CA SER L 200 -76.23 -13.41 -33.27
C SER L 200 -76.96 -13.55 -34.59
N GLN L 201 -76.21 -13.62 -35.69
CA GLN L 201 -76.78 -13.74 -37.01
C GLN L 201 -76.86 -15.20 -37.45
N CYS L 202 -75.95 -16.01 -36.92
CA CYS L 202 -75.91 -17.43 -37.24
C CYS L 202 -76.28 -18.28 -36.02
N ASP L 203 -77.04 -19.34 -36.25
CA ASP L 203 -77.50 -20.21 -35.16
C ASP L 203 -76.36 -20.94 -34.47
N LEU L 204 -75.45 -21.50 -35.26
CA LEU L 204 -74.33 -22.25 -34.72
C LEU L 204 -73.45 -21.37 -33.84
N LEU L 205 -73.22 -20.14 -34.28
CA LEU L 205 -72.45 -19.17 -33.52
C LEU L 205 -73.14 -18.87 -32.19
N LEU L 206 -74.46 -18.74 -32.24
CA LEU L 206 -75.26 -18.53 -31.05
C LEU L 206 -75.06 -19.67 -30.05
N ARG L 207 -75.14 -20.89 -30.56
CA ARG L 207 -74.90 -22.08 -29.76
C ARG L 207 -73.54 -22.03 -29.09
N ALA L 208 -72.52 -21.75 -29.89
CA ALA L 208 -71.14 -21.70 -29.41
C ALA L 208 -70.98 -20.67 -28.31
N ASN L 209 -71.56 -19.48 -28.51
CA ASN L 209 -71.46 -18.39 -27.55
C ASN L 209 -72.18 -18.69 -26.24
N ILE L 210 -73.37 -19.28 -26.35
CA ILE L 210 -74.12 -19.70 -25.16
C ILE L 210 -73.29 -20.71 -24.38
N ASN L 211 -72.67 -21.64 -25.10
CA ASN L 211 -71.78 -22.61 -24.48
C ASN L 211 -70.56 -21.94 -23.84
N MET L 212 -70.12 -20.82 -24.40
CA MET L 212 -69.03 -20.05 -23.81
C MET L 212 -69.47 -19.47 -22.48
N VAL L 213 -70.69 -18.95 -22.45
CA VAL L 213 -71.28 -18.45 -21.21
C VAL L 213 -71.34 -19.55 -20.17
N ALA L 214 -71.70 -20.75 -20.62
CA ALA L 214 -71.78 -21.90 -19.72
C ALA L 214 -70.41 -22.28 -19.15
N THR L 215 -69.40 -22.31 -20.01
CA THR L 215 -68.07 -22.77 -19.61
C THR L 215 -67.31 -21.72 -18.80
N LEU L 216 -67.65 -20.45 -18.98
CA LEU L 216 -67.02 -19.39 -18.21
C LEU L 216 -67.56 -19.37 -16.79
N MET L 217 -68.79 -19.85 -16.62
CA MET L 217 -69.41 -19.94 -15.31
C MET L 217 -69.38 -21.37 -14.80
N ASN L 218 -68.48 -22.17 -15.38
CA ASN L 218 -68.29 -23.55 -14.95
C ASN L 218 -67.92 -23.62 -13.48
N ILE L 219 -66.95 -22.81 -13.09
CA ILE L 219 -66.57 -22.68 -11.69
C ILE L 219 -66.68 -21.22 -11.27
N ASP L 220 -67.60 -20.93 -10.36
CA ASP L 220 -67.85 -19.56 -9.93
C ASP L 220 -66.95 -19.18 -8.76
N TYR L 221 -65.82 -18.55 -9.07
CA TYR L 221 -64.90 -18.08 -8.05
C TYR L 221 -65.49 -16.88 -7.32
N ASP L 222 -64.90 -16.53 -6.18
CA ASP L 222 -65.46 -15.47 -5.34
C ASP L 222 -64.53 -14.26 -5.26
N GLY L 223 -63.23 -14.50 -5.44
CA GLY L 223 -62.23 -13.46 -5.28
C GLY L 223 -61.96 -12.65 -6.53
N PHE L 224 -60.70 -12.67 -6.98
CA PHE L 224 -60.27 -11.90 -8.13
C PHE L 224 -60.95 -12.33 -9.43
N ARG L 225 -61.18 -13.63 -9.57
CA ARG L 225 -61.62 -14.20 -10.84
C ARG L 225 -63.12 -14.42 -10.93
N SER L 226 -63.89 -13.67 -10.16
CA SER L 226 -65.34 -13.81 -10.20
C SER L 226 -65.91 -13.12 -11.43
N LEU L 227 -66.77 -13.82 -12.17
CA LEU L 227 -67.38 -13.26 -13.36
C LEU L 227 -68.88 -13.09 -13.19
N SER L 228 -69.37 -13.43 -12.00
CA SER L 228 -70.80 -13.36 -11.70
C SER L 228 -71.35 -11.95 -11.92
N ASP L 229 -70.72 -10.97 -11.30
CA ASP L 229 -71.15 -9.59 -11.43
C ASP L 229 -70.98 -9.12 -12.87
N ALA L 230 -69.97 -9.66 -13.55
CA ALA L 230 -69.69 -9.28 -14.93
C ALA L 230 -70.83 -9.70 -15.87
N PHE L 231 -71.52 -10.78 -15.51
CA PHE L 231 -72.65 -11.25 -16.28
C PHE L 231 -73.95 -10.60 -15.80
N VAL L 232 -74.00 -10.28 -14.51
CA VAL L 232 -75.18 -9.64 -13.94
C VAL L 232 -75.36 -8.22 -14.49
N GLN L 233 -74.28 -7.45 -14.49
CA GLN L 233 -74.30 -6.06 -14.94
C GLN L 233 -74.66 -5.94 -16.42
N ASN L 234 -74.24 -6.92 -17.22
CA ASN L 234 -74.49 -6.89 -18.65
C ASN L 234 -75.81 -7.53 -19.04
N GLU L 235 -76.63 -7.84 -18.03
CA GLU L 235 -77.94 -8.46 -18.23
C GLU L 235 -77.88 -9.71 -19.10
N ALA L 236 -77.02 -10.65 -18.72
CA ALA L 236 -76.86 -11.89 -19.46
C ALA L 236 -78.10 -12.77 -19.34
N VAL L 237 -78.63 -12.88 -18.13
CA VAL L 237 -79.78 -13.74 -17.86
C VAL L 237 -81.02 -13.28 -18.64
N ARG L 238 -81.19 -11.96 -18.78
CA ARG L 238 -82.30 -11.42 -19.54
C ARG L 238 -82.17 -11.78 -21.01
N THR L 239 -80.95 -11.67 -21.52
CA THR L 239 -80.66 -12.02 -22.91
C THR L 239 -80.97 -13.49 -23.17
N LEU L 240 -80.47 -14.36 -22.30
CA LEU L 240 -80.72 -15.78 -22.41
C LEU L 240 -82.21 -16.08 -22.33
N LEU L 241 -82.94 -15.34 -21.50
CA LEU L 241 -84.39 -15.52 -21.42
C LEU L 241 -85.05 -15.12 -22.74
N VAL L 242 -84.54 -14.07 -23.36
CA VAL L 242 -85.02 -13.67 -24.67
C VAL L 242 -84.80 -14.81 -25.66
N VAL L 243 -83.67 -15.50 -25.52
CA VAL L 243 -83.38 -16.65 -26.36
C VAL L 243 -84.38 -17.78 -26.14
N VAL L 244 -84.66 -18.11 -24.88
CA VAL L 244 -85.59 -19.20 -24.59
C VAL L 244 -87.02 -18.80 -24.94
N LEU L 245 -87.24 -17.52 -25.18
CA LEU L 245 -88.58 -17.05 -25.53
C LEU L 245 -88.82 -17.00 -27.04
N ASP L 246 -87.82 -16.56 -27.79
CA ASP L 246 -88.04 -16.24 -29.20
C ASP L 246 -87.44 -17.21 -30.21
N HIS L 247 -86.71 -18.23 -29.75
CA HIS L 247 -86.06 -19.14 -30.69
C HIS L 247 -86.96 -20.30 -31.09
N LYS L 248 -86.87 -20.69 -32.37
CA LYS L 248 -87.70 -21.77 -32.90
C LYS L 248 -87.10 -23.14 -32.61
N GLN L 249 -85.77 -23.23 -32.67
CA GLN L 249 -85.07 -24.49 -32.41
C GLN L 249 -85.04 -24.81 -30.91
N SER L 250 -85.50 -26.00 -30.56
CA SER L 250 -85.58 -26.42 -29.17
C SER L 250 -84.22 -26.60 -28.53
N SER L 251 -83.26 -27.11 -29.30
CA SER L 251 -81.91 -27.36 -28.81
C SER L 251 -81.25 -26.07 -28.30
N VAL L 252 -81.44 -24.99 -29.04
CA VAL L 252 -80.92 -23.69 -28.64
C VAL L 252 -81.52 -23.24 -27.32
N ARG L 253 -82.84 -23.43 -27.20
CA ARG L 253 -83.55 -23.12 -25.96
C ARG L 253 -82.97 -23.90 -24.80
N ALA L 254 -82.64 -25.17 -25.05
CA ALA L 254 -82.05 -26.03 -24.04
C ALA L 254 -80.68 -25.51 -23.61
N LEU L 255 -79.87 -25.11 -24.59
CA LEU L 255 -78.55 -24.55 -24.33
C LEU L 255 -78.66 -23.31 -23.46
N ALA L 256 -79.58 -22.42 -23.81
CA ALA L 256 -79.80 -21.20 -23.06
C ALA L 256 -80.27 -21.50 -21.65
N LEU L 257 -81.10 -22.53 -21.51
CA LEU L 257 -81.55 -22.99 -20.20
C LEU L 257 -80.37 -23.42 -19.35
N ARG L 258 -79.44 -24.16 -19.96
CA ARG L 258 -78.24 -24.62 -19.27
C ARG L 258 -77.37 -23.46 -18.84
N ALA L 259 -77.17 -22.50 -19.74
CA ALA L 259 -76.37 -21.32 -19.44
C ALA L 259 -76.98 -20.54 -18.29
N LEU L 260 -78.29 -20.41 -18.30
CA LEU L 260 -79.02 -19.77 -17.20
C LEU L 260 -78.81 -20.54 -15.91
N ALA L 261 -78.78 -21.86 -16.00
CA ALA L 261 -78.56 -22.70 -14.83
C ALA L 261 -77.19 -22.47 -14.22
N THR L 262 -76.17 -22.35 -15.07
CA THR L 262 -74.82 -22.08 -14.59
C THR L 262 -74.71 -20.66 -14.04
N LEU L 263 -75.49 -19.75 -14.61
CA LEU L 263 -75.46 -18.35 -14.24
C LEU L 263 -76.14 -18.12 -12.89
N CYS L 264 -77.24 -18.83 -12.67
CA CYS L 264 -78.04 -18.65 -11.48
C CYS L 264 -77.44 -19.32 -10.24
N CYS L 265 -76.16 -19.05 -9.99
CA CYS L 265 -75.52 -19.52 -8.77
C CYS L 265 -75.42 -18.38 -7.77
N ALA L 266 -75.10 -17.20 -8.27
CA ALA L 266 -75.10 -16.00 -7.45
C ALA L 266 -76.51 -15.45 -7.35
N PRO L 267 -76.96 -15.12 -6.13
CA PRO L 267 -78.32 -14.65 -5.84
C PRO L 267 -78.77 -13.47 -6.71
N GLN L 268 -77.82 -12.66 -7.16
CA GLN L 268 -78.14 -11.54 -8.05
C GLN L 268 -78.75 -12.03 -9.35
N ALA L 269 -78.18 -13.08 -9.91
CA ALA L 269 -78.69 -13.67 -11.14
C ALA L 269 -80.07 -14.26 -10.90
N ILE L 270 -80.30 -14.78 -9.70
CA ILE L 270 -81.60 -15.31 -9.31
C ILE L 270 -82.65 -14.20 -9.33
N ASN L 271 -82.36 -13.12 -8.60
CA ASN L 271 -83.26 -11.98 -8.53
C ASN L 271 -83.53 -11.38 -9.91
N GLN L 272 -82.50 -11.36 -10.75
CA GLN L 272 -82.62 -10.81 -12.09
C GLN L 272 -83.48 -11.72 -12.96
N LEU L 273 -83.40 -13.03 -12.70
CA LEU L 273 -84.22 -13.99 -13.40
C LEU L 273 -85.69 -13.83 -13.01
N GLY L 274 -85.93 -13.64 -11.72
CA GLY L 274 -87.27 -13.47 -11.21
C GLY L 274 -87.89 -12.16 -11.66
N SER L 275 -87.07 -11.13 -11.80
CA SER L 275 -87.54 -9.81 -12.22
C SER L 275 -88.01 -9.85 -13.67
N CYS L 276 -87.42 -10.73 -14.47
CA CYS L 276 -87.79 -10.87 -15.88
C CYS L 276 -88.91 -11.88 -16.04
N GLY L 277 -89.37 -12.44 -14.93
CA GLY L 277 -90.39 -13.46 -14.95
C GLY L 277 -89.87 -14.75 -15.55
N GLY L 278 -88.62 -15.07 -15.23
CA GLY L 278 -87.99 -16.27 -15.74
C GLY L 278 -88.69 -17.52 -15.25
N ILE L 279 -89.06 -17.53 -13.97
CA ILE L 279 -89.78 -18.65 -13.38
C ILE L 279 -91.09 -18.88 -14.12
N GLU L 280 -91.79 -17.80 -14.45
CA GLU L 280 -93.07 -17.89 -15.13
C GLU L 280 -92.96 -18.42 -16.56
N ILE L 281 -91.78 -18.30 -17.16
CA ILE L 281 -91.61 -18.74 -18.54
C ILE L 281 -90.83 -20.05 -18.64
N VAL L 282 -90.30 -20.53 -17.52
CA VAL L 282 -89.70 -21.86 -17.49
C VAL L 282 -90.70 -22.85 -16.91
N ARG L 283 -91.68 -22.33 -16.17
CA ARG L 283 -92.77 -23.15 -15.66
C ARG L 283 -93.83 -23.27 -16.74
N ASP L 284 -93.60 -22.58 -17.86
CA ASP L 284 -94.45 -22.68 -19.04
C ASP L 284 -93.94 -23.76 -19.98
N ILE L 285 -92.64 -24.03 -19.89
CA ILE L 285 -92.01 -25.04 -20.75
C ILE L 285 -92.59 -26.43 -20.50
N LEU L 286 -92.81 -26.73 -19.23
CA LEU L 286 -93.27 -28.05 -18.82
C LEU L 286 -94.79 -28.17 -18.88
N GLN L 287 -95.47 -27.11 -18.45
CA GLN L 287 -96.94 -27.11 -18.39
C GLN L 287 -97.56 -26.88 -19.76
N VAL L 288 -98.29 -25.76 -19.87
CA VAL L 288 -99.05 -25.36 -21.06
C VAL L 288 -99.71 -26.57 -21.76
N GLU L 289 -100.37 -27.40 -20.95
CA GLU L 289 -101.06 -28.60 -21.42
C GLU L 289 -100.12 -29.55 -22.14
N SER L 290 -98.90 -29.68 -21.62
CA SER L 290 -97.88 -30.58 -22.18
C SER L 290 -97.64 -30.32 -23.65
N ALA L 291 -96.90 -29.26 -23.96
CA ALA L 291 -96.61 -28.89 -25.34
C ALA L 291 -95.72 -29.91 -26.03
N GLY L 292 -96.07 -30.27 -27.25
CA GLY L 292 -95.29 -31.22 -28.03
C GLY L 292 -94.18 -30.53 -28.81
N GLU L 293 -94.13 -29.21 -28.72
CA GLU L 293 -93.09 -28.44 -29.39
C GLU L 293 -91.75 -28.60 -28.69
N ARG L 294 -91.75 -28.37 -27.38
CA ARG L 294 -90.56 -28.53 -26.56
C ARG L 294 -90.54 -29.90 -25.89
N GLY L 295 -89.36 -30.49 -25.80
CA GLY L 295 -89.22 -31.80 -25.18
C GLY L 295 -87.78 -32.27 -25.05
N ALA L 296 -87.61 -33.43 -24.40
CA ALA L 296 -86.31 -34.05 -24.19
C ALA L 296 -85.33 -33.14 -23.46
N ILE L 297 -84.33 -32.65 -24.19
CA ILE L 297 -83.26 -31.86 -23.60
C ILE L 297 -83.77 -30.54 -23.00
N GLU L 298 -84.72 -29.90 -23.68
CA GLU L 298 -85.25 -28.63 -23.22
C GLU L 298 -86.01 -28.80 -21.92
N ARG L 299 -86.89 -29.80 -21.87
CA ARG L 299 -87.63 -30.10 -20.66
C ARG L 299 -86.67 -30.41 -19.51
N ARG L 300 -85.72 -31.30 -19.75
CA ARG L 300 -84.76 -31.70 -18.74
C ARG L 300 -83.98 -30.51 -18.17
N GLU L 301 -83.45 -29.68 -19.06
CA GLU L 301 -82.68 -28.51 -18.63
C GLU L 301 -83.56 -27.51 -17.90
N ALA L 302 -84.84 -27.46 -18.28
CA ALA L 302 -85.79 -26.59 -17.61
C ALA L 302 -86.01 -27.02 -16.17
N VAL L 303 -86.30 -28.30 -16.00
CA VAL L 303 -86.51 -28.86 -14.65
C VAL L 303 -85.25 -28.70 -13.82
N SER L 304 -84.09 -28.89 -14.44
CA SER L 304 -82.81 -28.71 -13.78
C SER L 304 -82.66 -27.27 -13.28
N LEU L 305 -83.02 -26.32 -14.15
CA LEU L 305 -82.97 -24.91 -13.81
C LEU L 305 -83.87 -24.61 -12.63
N LEU L 306 -85.13 -25.02 -12.71
CA LEU L 306 -86.08 -24.82 -11.61
C LEU L 306 -85.56 -25.43 -10.31
N ALA L 307 -84.91 -26.58 -10.42
CA ALA L 307 -84.34 -27.26 -9.27
C ALA L 307 -83.26 -26.41 -8.62
N GLN L 308 -82.33 -25.91 -9.43
CA GLN L 308 -81.23 -25.10 -8.91
C GLN L 308 -81.76 -23.78 -8.34
N ILE L 309 -82.87 -23.29 -8.90
CA ILE L 309 -83.50 -22.07 -8.40
C ILE L 309 -84.08 -22.30 -7.01
N THR L 310 -84.83 -23.40 -6.87
CA THR L 310 -85.44 -23.74 -5.59
C THR L 310 -84.42 -24.32 -4.60
N ALA L 311 -83.17 -24.36 -5.02
CA ALA L 311 -82.08 -24.83 -4.15
C ALA L 311 -81.39 -23.64 -3.49
N ALA L 312 -82.09 -22.52 -3.39
CA ALA L 312 -81.55 -21.32 -2.77
C ALA L 312 -82.59 -20.63 -1.90
N HIS M 24 28.92 -20.37 -56.71
CA HIS M 24 27.58 -20.32 -56.13
C HIS M 24 27.66 -20.17 -54.61
N PRO M 25 26.95 -19.17 -54.07
CA PRO M 25 27.01 -18.83 -52.64
C PRO M 25 25.89 -19.43 -51.80
N GLU M 26 26.16 -19.58 -50.51
CA GLU M 26 25.15 -20.03 -49.54
C GLU M 26 24.71 -18.85 -48.69
N PRO M 27 23.42 -18.81 -48.31
CA PRO M 27 22.85 -17.67 -47.56
C PRO M 27 23.58 -17.38 -46.25
N VAL M 28 23.85 -18.43 -45.47
CA VAL M 28 24.53 -18.26 -44.18
C VAL M 28 25.96 -17.76 -44.39
N ALA M 29 26.65 -18.33 -45.37
CA ALA M 29 28.02 -17.94 -45.68
C ALA M 29 28.08 -16.49 -46.14
N SER M 30 27.11 -16.11 -46.97
CA SER M 30 27.02 -14.73 -47.46
C SER M 30 26.78 -13.76 -46.31
N TRP M 31 25.83 -14.12 -45.45
CA TRP M 31 25.51 -13.32 -44.26
C TRP M 31 26.75 -13.13 -43.38
N MET M 32 27.49 -14.21 -43.19
CA MET M 32 28.73 -14.18 -42.41
C MET M 32 29.73 -13.23 -43.05
N SER M 33 29.87 -13.35 -44.38
CA SER M 33 30.75 -12.49 -45.16
C SER M 33 30.39 -11.02 -44.97
N GLU M 34 29.09 -10.75 -44.84
CA GLU M 34 28.63 -9.41 -44.53
C GLU M 34 29.05 -9.01 -43.12
N GLN M 35 28.86 -9.92 -42.18
CA GLN M 35 29.10 -9.62 -40.77
C GLN M 35 30.57 -9.41 -40.44
N ARG M 36 31.46 -9.87 -41.32
CA ARG M 36 32.89 -9.65 -41.10
C ARG M 36 33.23 -8.15 -41.11
N TRP M 37 32.56 -7.39 -41.96
CA TRP M 37 32.77 -5.95 -42.04
C TRP M 37 31.94 -5.17 -41.03
N ALA M 38 30.86 -5.80 -40.57
CA ALA M 38 29.85 -5.10 -39.76
C ALA M 38 30.36 -4.68 -38.39
N GLY M 39 29.48 -4.02 -37.64
CA GLY M 39 29.80 -3.52 -36.31
C GLY M 39 28.95 -2.31 -35.96
N GLU M 40 28.60 -2.17 -34.70
CA GLU M 40 27.80 -1.04 -34.24
C GLU M 40 28.67 0.08 -33.70
N PRO M 41 28.62 1.25 -34.35
CA PRO M 41 29.45 2.40 -34.00
C PRO M 41 28.89 3.21 -32.83
N GLU M 42 29.77 3.87 -32.08
CA GLU M 42 29.37 4.76 -31.01
C GLU M 42 29.46 6.21 -31.49
N VAL M 43 28.37 6.70 -32.10
CA VAL M 43 28.35 8.03 -32.68
C VAL M 43 28.27 9.13 -31.63
N MET M 44 29.14 10.12 -31.76
CA MET M 44 29.23 11.23 -30.81
C MET M 44 29.92 12.43 -31.45
N CYS M 45 29.22 13.56 -31.46
CA CYS M 45 29.73 14.77 -32.11
C CYS M 45 30.74 15.50 -31.24
N THR M 46 31.88 15.88 -31.83
CA THR M 46 32.93 16.56 -31.09
C THR M 46 33.21 17.94 -31.65
N LEU M 47 32.29 18.45 -32.48
CA LEU M 47 32.42 19.78 -33.04
C LEU M 47 32.39 20.85 -31.95
N GLN M 48 33.39 21.73 -31.97
CA GLN M 48 33.47 22.80 -30.99
C GLN M 48 32.91 24.10 -31.56
N HIS M 49 32.38 24.95 -30.68
CA HIS M 49 31.62 26.11 -31.10
C HIS M 49 32.17 27.41 -30.52
N LYS M 50 32.34 28.41 -31.38
CA LYS M 50 32.81 29.73 -30.96
C LYS M 50 31.65 30.73 -30.94
N SER M 51 31.42 31.33 -29.77
CA SER M 51 30.25 32.19 -29.59
C SER M 51 30.55 33.66 -29.87
N ILE M 52 29.61 34.31 -30.54
CA ILE M 52 29.72 35.74 -30.82
C ILE M 52 29.32 36.55 -29.60
N ALA M 53 28.22 36.15 -28.98
CA ALA M 53 27.70 36.81 -27.79
C ALA M 53 28.73 36.83 -26.68
N GLN M 54 29.37 35.69 -26.45
CA GLN M 54 30.47 35.59 -25.48
C GLN M 54 31.71 36.27 -26.05
N GLU M 55 31.60 37.58 -26.27
CA GLU M 55 32.67 38.36 -26.90
C GLU M 55 34.01 38.43 -26.13
N ALA M 56 34.03 38.70 -24.82
CA ALA M 56 32.86 38.92 -23.96
C ALA M 56 32.86 40.32 -23.37
N TYR M 57 31.65 40.83 -23.11
CA TYR M 57 31.45 42.15 -22.51
C TYR M 57 32.12 43.26 -23.31
N LYS M 58 31.43 43.74 -24.34
CA LYS M 58 31.93 44.83 -25.16
C LYS M 58 30.83 45.84 -25.46
N ASN M 59 31.00 47.06 -24.97
CA ASN M 59 30.01 48.12 -25.14
C ASN M 59 29.86 48.53 -26.60
N TYR M 60 28.62 48.54 -27.08
CA TYR M 60 28.30 48.90 -28.46
C TYR M 60 27.85 50.36 -28.75
N THR M 61 27.08 51.03 -27.88
CA THR M 61 26.65 50.57 -26.56
C THR M 61 25.15 50.37 -26.47
N ILE M 62 24.40 50.97 -27.39
CA ILE M 62 22.96 50.77 -27.45
C ILE M 62 22.59 49.98 -28.70
N THR M 63 22.42 48.68 -28.52
CA THR M 63 22.04 47.80 -29.63
C THR M 63 20.71 47.11 -29.32
N THR M 64 19.89 46.98 -30.36
CA THR M 64 18.54 46.43 -30.23
C THR M 64 18.50 45.10 -29.48
N SER M 65 19.37 44.18 -29.89
CA SER M 65 19.44 42.86 -29.28
C SER M 65 19.80 42.92 -27.80
N ALA M 66 20.84 43.67 -27.48
CA ALA M 66 21.28 43.81 -26.09
C ALA M 66 20.19 44.44 -25.23
N VAL M 67 19.51 45.43 -25.80
CA VAL M 67 18.40 46.08 -25.11
C VAL M 67 17.31 45.06 -24.80
N CYS M 68 16.98 44.24 -25.79
CA CYS M 68 15.99 43.17 -25.58
C CYS M 68 16.42 42.23 -24.46
N LYS M 69 17.71 41.90 -24.44
CA LYS M 69 18.26 41.03 -23.40
C LYS M 69 18.05 41.65 -22.03
N LEU M 70 18.35 42.94 -21.93
CA LEU M 70 18.13 43.71 -20.71
C LEU M 70 16.67 43.64 -20.29
N VAL M 71 15.77 43.79 -21.27
CA VAL M 71 14.34 43.75 -21.03
C VAL M 71 13.91 42.42 -20.43
N ARG M 72 14.40 41.33 -21.00
CA ARG M 72 14.05 39.99 -20.52
C ARG M 72 14.59 39.74 -19.11
N GLN M 73 15.85 40.08 -18.89
CA GLN M 73 16.46 39.91 -17.57
C GLN M 73 15.70 40.70 -16.51
N LEU M 74 15.46 41.97 -16.81
CA LEU M 74 14.67 42.84 -15.93
C LEU M 74 13.30 42.25 -15.66
N GLN M 75 12.66 41.72 -16.70
CA GLN M 75 11.34 41.10 -16.55
C GLN M 75 11.36 39.96 -15.55
N GLN M 76 12.28 39.02 -15.74
CA GLN M 76 12.32 37.84 -14.88
C GLN M 76 12.67 38.19 -13.43
N GLN M 77 13.70 39.01 -13.26
CA GLN M 77 14.08 39.48 -11.92
C GLN M 77 12.89 40.18 -11.25
N ALA M 78 12.17 40.98 -12.02
CA ALA M 78 11.01 41.69 -11.52
C ALA M 78 9.89 40.75 -11.14
N LEU M 79 9.80 39.61 -11.82
CA LEU M 79 8.81 38.61 -11.48
C LEU M 79 9.14 38.00 -10.12
N SER M 80 10.41 37.68 -9.93
CA SER M 80 10.87 37.17 -8.63
C SER M 80 10.56 38.16 -7.51
N LEU M 81 10.94 39.41 -7.73
CA LEU M 81 10.67 40.47 -6.77
C LEU M 81 9.17 40.60 -6.52
N GLN M 82 8.39 40.36 -7.56
CA GLN M 82 6.94 40.45 -7.48
C GLN M 82 6.38 39.40 -6.54
N VAL M 83 6.82 38.16 -6.69
CA VAL M 83 6.31 37.10 -5.82
C VAL M 83 6.82 37.30 -4.40
N HIS M 84 7.97 37.96 -4.25
CA HIS M 84 8.45 38.32 -2.91
C HIS M 84 7.49 39.32 -2.26
N PHE M 85 7.24 40.43 -2.95
CA PHE M 85 6.34 41.47 -2.47
C PHE M 85 4.97 40.91 -2.13
N GLU M 86 4.44 40.07 -3.03
CA GLU M 86 3.13 39.48 -2.83
C GLU M 86 3.11 38.54 -1.62
N ARG M 87 4.21 37.82 -1.43
CA ARG M 87 4.33 36.93 -0.27
C ARG M 87 4.29 37.73 1.03
N SER M 88 5.14 38.74 1.12
CA SER M 88 5.19 39.58 2.32
C SER M 88 3.85 40.26 2.58
N GLU M 89 3.23 40.74 1.50
CA GLU M 89 1.89 41.33 1.58
C GLU M 89 0.90 40.34 2.18
N ARG M 90 0.97 39.09 1.73
CA ARG M 90 0.04 38.06 2.17
C ARG M 90 0.23 37.67 3.61
N VAL M 91 1.48 37.59 4.06
CA VAL M 91 1.74 37.16 5.44
C VAL M 91 1.59 38.30 6.44
N LEU M 92 1.71 39.54 5.98
CA LEU M 92 1.58 40.68 6.87
C LEU M 92 0.12 41.08 7.05
N SER M 93 -0.72 40.73 6.08
CA SER M 93 -2.14 41.06 6.13
C SER M 93 -2.96 39.90 6.69
N GLY M 94 -2.27 38.82 7.06
CA GLY M 94 -2.92 37.68 7.68
C GLY M 94 -3.71 36.80 6.74
N LEU M 95 -3.38 36.85 5.46
CA LEU M 95 -4.04 35.99 4.47
C LEU M 95 -3.28 34.69 4.28
N GLN M 96 -2.08 34.62 4.85
CA GLN M 96 -1.28 33.41 4.83
C GLN M 96 -0.68 33.15 6.20
N ALA M 97 -0.83 31.92 6.69
CA ALA M 97 -0.32 31.55 8.01
C ALA M 97 1.20 31.62 8.04
N SER M 98 1.73 32.32 9.05
CA SER M 98 3.18 32.47 9.18
C SER M 98 3.56 32.96 10.57
N SER M 99 4.67 32.46 11.09
CA SER M 99 5.18 32.91 12.37
C SER M 99 5.65 34.35 12.25
N LEU M 100 5.60 35.09 13.35
CA LEU M 100 6.00 36.50 13.32
C LEU M 100 7.48 36.70 12.97
N PRO M 101 8.40 35.95 13.62
CA PRO M 101 9.80 36.12 13.18
C PRO M 101 10.02 35.70 11.74
N GLU M 102 9.23 34.75 11.27
CA GLU M 102 9.28 34.35 9.87
C GLU M 102 8.87 35.52 8.96
N ALA M 103 7.81 36.21 9.36
CA ALA M 103 7.29 37.33 8.59
C ALA M 103 8.28 38.49 8.57
N LEU M 104 8.89 38.77 9.72
CA LEU M 104 9.88 39.83 9.82
C LEU M 104 11.13 39.51 9.00
N ALA M 105 11.59 38.26 9.09
CA ALA M 105 12.74 37.80 8.32
C ALA M 105 12.45 37.94 6.83
N GLY M 106 11.24 37.55 6.44
CA GLY M 106 10.81 37.65 5.06
C GLY M 106 10.76 39.10 4.60
N ALA M 107 10.41 39.99 5.52
CA ALA M 107 10.40 41.42 5.24
C ALA M 107 11.82 41.91 4.97
N THR M 108 12.75 41.50 5.82
CA THR M 108 14.14 41.87 5.66
C THR M 108 14.70 41.39 4.33
N GLN M 109 14.41 40.13 3.99
CA GLN M 109 14.83 39.55 2.73
C GLN M 109 14.23 40.32 1.55
N LEU M 110 12.95 40.65 1.66
CA LEU M 110 12.26 41.45 0.65
C LEU M 110 13.01 42.76 0.43
N LEU M 111 13.38 43.42 1.53
CA LEU M 111 14.12 44.67 1.46
C LEU M 111 15.47 44.48 0.80
N SER M 112 16.11 43.34 1.05
CA SER M 112 17.43 43.07 0.48
C SER M 112 17.34 42.90 -1.04
N HIS M 113 16.45 42.02 -1.49
CA HIS M 113 16.23 41.82 -2.91
C HIS M 113 15.83 43.13 -3.58
N LEU M 114 15.04 43.93 -2.87
CA LEU M 114 14.62 45.23 -3.36
C LEU M 114 15.83 46.15 -3.54
N ASP M 115 16.75 46.09 -2.60
CA ASP M 115 17.98 46.88 -2.66
C ASP M 115 18.79 46.50 -3.90
N ASP M 116 18.97 45.19 -4.10
CA ASP M 116 19.71 44.70 -5.26
C ASP M 116 19.06 45.14 -6.57
N PHE M 117 17.75 44.94 -6.68
CA PHE M 117 17.02 45.27 -7.90
C PHE M 117 17.09 46.77 -8.19
N THR M 118 16.94 47.58 -7.14
CA THR M 118 17.06 49.03 -7.27
C THR M 118 18.46 49.39 -7.75
N ALA M 119 19.46 48.65 -7.26
CA ALA M 119 20.83 48.86 -7.69
C ALA M 119 20.98 48.57 -9.18
N THR M 120 20.27 47.56 -9.66
CA THR M 120 20.31 47.25 -11.09
C THR M 120 19.55 48.31 -11.90
N LEU M 121 18.58 48.95 -11.27
CA LEU M 121 17.80 49.99 -11.92
C LEU M 121 18.57 51.30 -12.06
N GLU M 122 19.38 51.63 -11.05
CA GLU M 122 20.05 52.92 -10.98
C GLU M 122 21.06 53.16 -12.09
N ARG M 123 21.55 52.08 -12.68
CA ARG M 123 22.60 52.18 -13.69
C ARG M 123 22.12 52.85 -14.98
N ARG M 124 20.85 52.61 -15.32
CA ARG M 124 20.30 53.09 -16.59
C ARG M 124 20.17 54.60 -16.61
N GLY M 125 20.36 55.19 -17.78
CA GLY M 125 20.27 56.63 -17.93
C GLY M 125 20.46 57.09 -19.36
N VAL M 126 21.28 56.35 -20.11
CA VAL M 126 21.55 56.69 -21.51
C VAL M 126 20.32 56.41 -22.37
N PHE M 127 19.38 55.64 -21.82
CA PHE M 127 18.14 55.31 -22.52
C PHE M 127 17.15 56.46 -22.43
N PHE M 128 17.38 57.38 -21.50
CA PHE M 128 16.49 58.51 -21.30
C PHE M 128 16.89 59.72 -22.14
N ASN M 129 17.40 59.46 -23.34
CA ASN M 129 17.72 60.54 -24.27
C ASN M 129 16.46 61.26 -24.74
N ASP M 130 16.48 62.59 -24.64
CA ASP M 130 15.33 63.43 -24.97
C ASP M 130 14.11 63.04 -24.16
N ALA M 131 14.28 62.98 -22.84
CA ALA M 131 13.19 62.62 -21.94
C ALA M 131 13.48 63.10 -20.52
N LYS M 132 13.54 64.41 -20.33
CA LYS M 132 13.82 64.99 -19.02
C LYS M 132 12.71 64.68 -18.02
N ILE M 133 11.47 64.72 -18.50
CA ILE M 133 10.31 64.41 -17.67
C ILE M 133 10.39 63.01 -17.09
N GLU M 134 10.47 62.03 -18.00
CA GLU M 134 10.50 60.62 -17.63
C GLU M 134 11.67 60.30 -16.70
N ARG M 135 12.83 60.89 -16.96
CA ARG M 135 13.99 60.65 -16.12
C ARG M 135 13.82 61.30 -14.75
N ARG M 136 13.14 62.45 -14.72
CA ARG M 136 12.87 63.13 -13.47
C ARG M 136 12.00 62.25 -12.59
N ARG M 137 10.92 61.72 -13.17
CA ARG M 137 10.02 60.82 -12.46
C ARG M 137 10.75 59.56 -11.99
N TYR M 138 11.55 59.00 -12.90
CA TYR M 138 12.33 57.79 -12.65
C TYR M 138 13.26 57.96 -11.45
N GLU M 139 14.11 58.97 -11.51
CA GLU M 139 15.05 59.26 -10.43
C GLU M 139 14.33 59.57 -9.12
N GLN M 140 13.25 60.34 -9.22
CA GLN M 140 12.45 60.67 -8.04
C GLN M 140 11.97 59.43 -7.31
N HIS M 141 11.26 58.57 -8.05
CA HIS M 141 10.71 57.36 -7.45
C HIS M 141 11.78 56.39 -7.01
N LEU M 142 12.93 56.40 -7.69
CA LEU M 142 14.06 55.57 -7.26
C LEU M 142 14.56 56.01 -5.89
N GLU M 143 14.76 57.32 -5.75
CA GLU M 143 15.22 57.88 -4.48
C GLU M 143 14.19 57.62 -3.37
N GLN M 144 12.91 57.69 -3.73
CA GLN M 144 11.85 57.39 -2.77
C GLN M 144 11.91 55.94 -2.32
N ILE M 145 12.06 55.02 -3.27
CA ILE M 145 12.26 53.61 -2.97
C ILE M 145 13.40 53.43 -1.97
N ARG M 146 14.52 54.08 -2.28
CA ARG M 146 15.71 54.03 -1.45
C ARG M 146 15.47 54.47 -0.01
N THR M 147 14.92 55.68 0.14
CA THR M 147 14.68 56.24 1.47
C THR M 147 13.65 55.44 2.28
N VAL M 148 12.55 55.09 1.64
CA VAL M 148 11.51 54.32 2.32
C VAL M 148 12.05 52.95 2.76
N SER M 149 12.85 52.33 1.90
CA SER M 149 13.49 51.06 2.23
C SER M 149 14.41 51.23 3.43
N LYS M 150 15.16 52.33 3.45
CA LYS M 150 16.04 52.64 4.58
C LYS M 150 15.26 52.74 5.89
N ASP M 151 14.24 53.59 5.89
CA ASP M 151 13.42 53.81 7.07
C ASP M 151 12.75 52.52 7.54
N THR M 152 12.32 51.70 6.59
CA THR M 152 11.67 50.44 6.91
C THR M 152 12.64 49.45 7.54
N ARG M 153 13.86 49.40 7.01
CA ARG M 153 14.87 48.51 7.56
C ARG M 153 15.27 48.93 8.97
N TYR M 154 15.49 50.22 9.17
CA TYR M 154 15.83 50.72 10.50
C TYR M 154 14.68 50.49 11.48
N SER M 155 13.45 50.63 10.99
CA SER M 155 12.27 50.33 11.80
C SER M 155 12.18 48.85 12.11
N LEU M 156 12.80 48.04 11.27
CA LEU M 156 12.80 46.60 11.46
C LEU M 156 13.87 46.14 12.44
N GLU M 157 14.96 46.90 12.53
CA GLU M 157 16.08 46.47 13.38
C GLU M 157 16.44 47.45 14.49
N ARG M 158 15.51 48.35 14.85
CA ARG M 158 15.77 49.28 15.94
C ARG M 158 14.54 49.58 16.78
N GLN M 159 13.37 49.22 16.27
CA GLN M 159 12.12 49.49 16.96
C GLN M 159 11.83 48.43 18.02
N HIS M 160 11.35 48.88 19.18
CA HIS M 160 11.05 47.96 20.28
C HIS M 160 9.74 47.23 20.04
N TYR M 161 8.68 47.99 19.80
CA TYR M 161 7.40 47.42 19.43
C TYR M 161 7.10 47.67 17.95
N ILE M 162 7.45 46.70 17.12
CA ILE M 162 7.34 46.84 15.67
C ILE M 162 5.89 47.03 15.24
N ASN M 163 5.65 48.07 14.42
CA ASN M 163 4.32 48.35 13.89
C ASN M 163 4.09 47.56 12.61
N LEU M 164 3.37 46.45 12.72
CA LEU M 164 3.09 45.59 11.57
C LEU M 164 2.20 46.30 10.56
N GLU M 165 1.34 47.18 11.05
CA GLU M 165 0.46 47.97 10.19
C GLU M 165 1.29 48.89 9.29
N SER M 166 2.13 49.69 9.92
CA SER M 166 3.06 50.57 9.22
C SER M 166 4.00 49.78 8.32
N LEU M 167 4.36 48.58 8.76
CA LEU M 167 5.25 47.72 7.99
C LEU M 167 4.59 47.31 6.67
N LEU M 168 3.37 46.80 6.76
CA LEU M 168 2.60 46.42 5.58
C LEU M 168 2.42 47.61 4.64
N ASP M 169 2.05 48.76 5.22
CA ASP M 169 1.87 49.97 4.43
C ASP M 169 3.16 50.34 3.68
N ASP M 170 4.29 50.22 4.36
CA ASP M 170 5.58 50.50 3.76
C ASP M 170 5.88 49.54 2.60
N VAL M 171 5.59 48.26 2.82
CA VAL M 171 5.80 47.25 1.79
C VAL M 171 4.98 47.57 0.54
N GLN M 172 3.69 47.84 0.74
CA GLN M 172 2.81 48.16 -0.38
C GLN M 172 3.25 49.42 -1.11
N LEU M 173 3.70 50.41 -0.35
CA LEU M 173 4.22 51.65 -0.92
C LEU M 173 5.42 51.38 -1.83
N LEU M 174 6.38 50.64 -1.30
CA LEU M 174 7.56 50.22 -2.06
C LEU M 174 7.16 49.50 -3.33
N LYS M 175 6.13 48.66 -3.23
CA LYS M 175 5.60 47.94 -4.39
C LYS M 175 5.11 48.92 -5.45
N ARG M 176 4.31 49.89 -5.04
CA ARG M 176 3.82 50.93 -5.94
C ARG M 176 4.95 51.65 -6.67
N HIS M 177 5.89 52.18 -5.90
CA HIS M 177 7.01 52.93 -6.47
C HIS M 177 7.82 52.08 -7.46
N THR M 178 8.10 50.84 -7.05
CA THR M 178 8.85 49.91 -7.88
C THR M 178 8.14 49.68 -9.21
N LEU M 179 6.82 49.49 -9.13
CA LEU M 179 6.01 49.31 -10.33
C LEU M 179 6.16 50.52 -11.26
N ILE M 180 6.05 51.72 -10.68
CA ILE M 180 6.19 52.94 -11.48
C ILE M 180 7.54 53.03 -12.20
N THR M 181 8.62 52.90 -11.44
CA THR M 181 9.97 52.95 -12.02
C THR M 181 10.14 51.94 -13.13
N LEU M 182 9.70 50.71 -12.87
CA LEU M 182 9.81 49.63 -13.85
C LEU M 182 9.03 49.94 -15.12
N ARG M 183 7.83 50.50 -14.98
CA ARG M 183 7.04 50.87 -16.15
C ARG M 183 7.76 51.91 -16.99
N LEU M 184 8.33 52.91 -16.31
CA LEU M 184 9.09 53.96 -17.01
C LEU M 184 10.27 53.38 -17.80
N ILE M 185 11.13 52.63 -17.10
CA ILE M 185 12.33 52.08 -17.73
C ILE M 185 11.97 51.10 -18.85
N PHE M 186 10.87 50.38 -18.70
CA PHE M 186 10.42 49.45 -19.73
C PHE M 186 9.96 50.22 -20.97
N GLU M 187 9.25 51.31 -20.74
CA GLU M 187 8.83 52.19 -21.82
C GLU M 187 10.04 52.65 -22.63
N ARG M 188 11.03 53.18 -21.92
CA ARG M 188 12.21 53.72 -22.60
C ARG M 188 13.03 52.64 -23.30
N LEU M 189 13.07 51.44 -22.74
CA LEU M 189 13.80 50.33 -23.36
C LEU M 189 13.12 49.84 -24.63
N VAL M 190 11.80 49.65 -24.56
CA VAL M 190 11.02 49.19 -25.70
C VAL M 190 11.05 50.22 -26.84
N ARG M 191 11.12 51.50 -26.45
CA ARG M 191 11.15 52.57 -27.45
C ARG M 191 12.25 52.38 -28.50
N VAL M 192 13.41 51.91 -28.08
CA VAL M 192 14.52 51.76 -29.02
C VAL M 192 14.23 50.62 -30.00
N LEU M 193 13.48 49.63 -29.53
CA LEU M 193 13.12 48.49 -30.38
C LEU M 193 12.14 48.95 -31.44
N VAL M 194 11.05 49.59 -31.00
CA VAL M 194 10.03 50.04 -31.93
C VAL M 194 10.57 51.09 -32.90
N ILE M 195 11.46 51.96 -32.40
CA ILE M 195 12.05 52.98 -33.24
C ILE M 195 13.04 52.36 -34.20
N SER M 196 13.60 51.20 -33.85
CA SER M 196 14.48 50.49 -34.76
C SER M 196 13.65 49.85 -35.87
N ILE M 197 12.46 49.37 -35.50
CA ILE M 197 11.52 48.87 -36.49
C ILE M 197 11.15 49.96 -37.48
N GLU M 198 10.85 51.14 -36.94
CA GLU M 198 10.37 52.26 -37.75
C GLU M 198 11.41 52.78 -38.74
N GLN M 199 12.67 52.84 -38.30
CA GLN M 199 13.73 53.41 -39.12
C GLN M 199 14.73 52.35 -39.60
N SER M 200 14.23 51.16 -39.90
CA SER M 200 15.08 50.07 -40.36
C SER M 200 15.63 50.33 -41.75
N GLN M 201 16.90 49.99 -41.96
CA GLN M 201 17.54 50.16 -43.26
C GLN M 201 17.80 48.80 -43.90
N CYS M 202 18.21 47.83 -43.08
CA CYS M 202 18.45 46.47 -43.54
C CYS M 202 17.25 45.59 -43.24
N ASP M 203 16.71 44.95 -44.27
CA ASP M 203 15.49 44.14 -44.14
C ASP M 203 15.68 42.91 -43.27
N LEU M 204 16.88 42.34 -43.29
CA LEU M 204 17.19 41.20 -42.43
C LEU M 204 17.05 41.61 -40.97
N LEU M 205 17.63 42.75 -40.62
CA LEU M 205 17.53 43.29 -39.28
C LEU M 205 16.11 43.70 -38.94
N LEU M 206 15.34 44.05 -39.96
CA LEU M 206 13.93 44.38 -39.76
C LEU M 206 13.19 43.13 -39.31
N ARG M 207 13.40 42.04 -40.06
CA ARG M 207 12.84 40.75 -39.70
C ARG M 207 13.23 40.35 -38.28
N ALA M 208 14.51 40.48 -37.99
CA ALA M 208 15.05 40.14 -36.68
C ALA M 208 14.38 40.93 -35.57
N ASN M 209 14.21 42.22 -35.79
CA ASN M 209 13.63 43.12 -34.80
C ASN M 209 12.15 42.87 -34.56
N ILE M 210 11.40 42.66 -35.64
CA ILE M 210 9.98 42.31 -35.51
C ILE M 210 9.86 40.99 -34.76
N ASN M 211 10.77 40.07 -35.05
CA ASN M 211 10.83 38.81 -34.34
C ASN M 211 11.14 39.02 -32.86
N MET M 212 11.91 40.07 -32.56
CA MET M 212 12.19 40.42 -31.18
C MET M 212 10.95 40.98 -30.51
N VAL M 213 10.12 41.68 -31.28
CA VAL M 213 8.85 42.17 -30.77
C VAL M 213 7.94 41.00 -30.40
N ALA M 214 7.82 40.05 -31.32
CA ALA M 214 6.98 38.88 -31.10
C ALA M 214 7.48 38.03 -29.93
N THR M 215 8.81 37.94 -29.81
CA THR M 215 9.43 37.17 -28.74
C THR M 215 9.21 37.82 -27.39
N LEU M 216 9.34 39.15 -27.36
CA LEU M 216 9.19 39.92 -26.13
C LEU M 216 7.77 39.85 -25.59
N MET M 217 6.80 39.78 -26.49
CA MET M 217 5.39 39.72 -26.11
C MET M 217 4.84 38.30 -26.19
N ASN M 218 5.71 37.32 -26.02
CA ASN M 218 5.30 35.92 -26.06
C ASN M 218 4.35 35.60 -24.90
N ILE M 219 4.68 36.12 -23.72
CA ILE M 219 3.81 36.01 -22.56
C ILE M 219 3.51 37.40 -22.01
N ASP M 220 2.23 37.77 -22.02
CA ASP M 220 1.84 39.09 -21.55
C ASP M 220 1.58 39.08 -20.05
N TYR M 221 2.56 39.54 -19.28
CA TYR M 221 2.45 39.57 -17.83
C TYR M 221 1.62 40.76 -17.36
N ASP M 222 1.24 40.77 -16.09
CA ASP M 222 0.39 41.82 -15.54
C ASP M 222 1.10 42.68 -14.50
N GLY M 223 1.93 42.05 -13.69
CA GLY M 223 2.58 42.73 -12.58
C GLY M 223 3.72 43.66 -12.98
N PHE M 224 4.84 43.52 -12.30
CA PHE M 224 6.02 44.34 -12.55
C PHE M 224 6.52 44.21 -13.98
N ARG M 225 6.53 43.00 -14.50
CA ARG M 225 7.17 42.69 -15.78
C ARG M 225 6.24 42.82 -16.97
N SER M 226 5.28 43.76 -16.91
CA SER M 226 4.36 43.96 -18.01
C SER M 226 4.95 44.92 -19.05
N LEU M 227 5.03 44.46 -20.29
CA LEU M 227 5.55 45.27 -21.38
C LEU M 227 4.42 45.79 -22.26
N SER M 228 3.19 45.49 -21.87
CA SER M 228 2.01 45.85 -22.66
C SER M 228 1.97 47.33 -22.99
N ASP M 229 1.92 48.15 -21.95
CA ASP M 229 1.80 49.60 -22.11
C ASP M 229 3.08 50.20 -22.68
N ALA M 230 4.19 49.47 -22.57
CA ALA M 230 5.45 49.93 -23.13
C ALA M 230 5.39 49.91 -24.65
N PHE M 231 4.73 48.88 -25.19
CA PHE M 231 4.54 48.77 -26.63
C PHE M 231 3.36 49.63 -27.08
N VAL M 232 2.40 49.82 -26.18
CA VAL M 232 1.23 50.65 -26.48
C VAL M 232 1.60 52.12 -26.63
N GLN M 233 2.36 52.65 -25.67
CA GLN M 233 2.71 54.07 -25.64
C GLN M 233 3.65 54.48 -26.76
N ASN M 234 4.43 53.54 -27.26
CA ASN M 234 5.36 53.83 -28.35
C ASN M 234 4.74 53.64 -29.72
N GLU M 235 3.43 53.38 -29.72
CA GLU M 235 2.67 53.15 -30.95
C GLU M 235 3.29 52.06 -31.82
N ALA M 236 3.61 50.92 -31.20
CA ALA M 236 4.19 49.80 -31.91
C ALA M 236 3.20 49.24 -32.93
N VAL M 237 1.93 49.24 -32.56
CA VAL M 237 0.87 48.75 -33.43
C VAL M 237 0.83 49.53 -34.74
N ARG M 238 0.92 50.85 -34.65
CA ARG M 238 0.90 51.70 -35.84
C ARG M 238 2.13 51.46 -36.70
N THR M 239 3.28 51.27 -36.05
CA THR M 239 4.53 51.01 -36.74
C THR M 239 4.43 49.72 -37.56
N LEU M 240 4.01 48.65 -36.90
CA LEU M 240 3.85 47.36 -37.56
C LEU M 240 2.80 47.42 -38.65
N LEU M 241 1.74 48.20 -38.43
CA LEU M 241 0.71 48.37 -39.44
C LEU M 241 1.27 49.07 -40.68
N VAL M 242 2.16 50.03 -40.45
CA VAL M 242 2.85 50.71 -41.55
C VAL M 242 3.73 49.70 -42.30
N VAL M 243 4.38 48.82 -41.55
CA VAL M 243 5.18 47.76 -42.17
C VAL M 243 4.32 46.87 -43.07
N VAL M 244 3.18 46.44 -42.55
CA VAL M 244 2.25 45.61 -43.31
C VAL M 244 1.75 46.34 -44.55
N LEU M 245 1.58 47.66 -44.42
CA LEU M 245 0.99 48.45 -45.49
C LEU M 245 1.96 48.72 -46.63
N ASP M 246 3.20 49.08 -46.31
CA ASP M 246 4.12 49.59 -47.31
C ASP M 246 5.14 48.57 -47.85
N HIS M 247 5.52 47.60 -47.03
CA HIS M 247 6.59 46.68 -47.41
C HIS M 247 6.20 45.83 -48.62
N LYS M 248 7.20 45.29 -49.31
CA LYS M 248 6.99 44.53 -50.53
C LYS M 248 7.07 43.02 -50.31
N GLN M 249 7.96 42.59 -49.40
CA GLN M 249 8.12 41.18 -49.11
C GLN M 249 6.98 40.65 -48.26
N SER M 250 6.37 39.55 -48.72
CA SER M 250 5.23 38.96 -48.02
C SER M 250 5.63 38.37 -46.67
N SER M 251 6.84 37.82 -46.60
CA SER M 251 7.34 37.22 -45.37
C SER M 251 7.46 38.26 -44.25
N VAL M 252 7.95 39.44 -44.61
CA VAL M 252 8.08 40.54 -43.67
C VAL M 252 6.71 40.97 -43.15
N ARG M 253 5.76 41.11 -44.07
CA ARG M 253 4.39 41.45 -43.70
C ARG M 253 3.81 40.40 -42.75
N ALA M 254 4.13 39.14 -43.01
CA ALA M 254 3.68 38.04 -42.16
C ALA M 254 4.26 38.17 -40.75
N LEU M 255 5.55 38.46 -40.68
CA LEU M 255 6.21 38.68 -39.39
C LEU M 255 5.54 39.81 -38.62
N ALA M 256 5.29 40.92 -39.31
CA ALA M 256 4.64 42.07 -38.71
C ALA M 256 3.26 41.72 -38.19
N LEU M 257 2.53 40.92 -38.96
CA LEU M 257 1.21 40.45 -38.55
C LEU M 257 1.30 39.58 -37.31
N ARG M 258 2.36 38.78 -37.22
CA ARG M 258 2.57 37.91 -36.07
C ARG M 258 2.82 38.75 -34.81
N ALA M 259 3.69 39.74 -34.93
CA ALA M 259 3.96 40.63 -33.81
C ALA M 259 2.69 41.36 -33.37
N LEU M 260 1.95 41.87 -34.35
CA LEU M 260 0.67 42.51 -34.09
C LEU M 260 -0.26 41.56 -33.33
N ALA M 261 -0.22 40.29 -33.70
CA ALA M 261 -1.03 39.28 -33.04
C ALA M 261 -0.59 39.11 -31.59
N THR M 262 0.71 39.20 -31.35
CA THR M 262 1.23 39.10 -29.98
C THR M 262 0.77 40.29 -29.15
N LEU M 263 0.63 41.44 -29.81
CA LEU M 263 0.26 42.67 -29.11
C LEU M 263 -1.23 42.76 -28.81
N CYS M 264 -2.05 42.11 -29.62
CA CYS M 264 -3.50 42.30 -29.53
C CYS M 264 -4.17 41.48 -28.43
N CYS M 265 -3.51 41.35 -27.29
CA CYS M 265 -4.12 40.73 -26.12
C CYS M 265 -4.57 41.80 -25.14
N ALA M 266 -3.84 42.91 -25.13
CA ALA M 266 -4.21 44.07 -24.32
C ALA M 266 -5.27 44.90 -25.05
N PRO M 267 -6.27 45.40 -24.30
CA PRO M 267 -7.37 46.16 -24.88
C PRO M 267 -6.92 47.46 -25.53
N GLN M 268 -5.91 48.10 -24.94
CA GLN M 268 -5.39 49.36 -25.45
C GLN M 268 -4.77 49.18 -26.84
N ALA M 269 -4.07 48.06 -27.03
CA ALA M 269 -3.46 47.74 -28.30
C ALA M 269 -4.51 47.52 -29.37
N ILE M 270 -5.61 46.86 -28.98
CA ILE M 270 -6.72 46.62 -29.90
C ILE M 270 -7.38 47.95 -30.27
N ASN M 271 -7.51 48.84 -29.29
CA ASN M 271 -8.02 50.18 -29.55
C ASN M 271 -7.13 50.92 -30.53
N GLN M 272 -5.82 50.72 -30.40
CA GLN M 272 -4.85 51.32 -31.32
C GLN M 272 -5.02 50.76 -32.73
N LEU M 273 -5.20 49.46 -32.83
CA LEU M 273 -5.34 48.81 -34.13
C LEU M 273 -6.63 49.22 -34.81
N GLY M 274 -7.66 49.49 -34.02
CA GLY M 274 -8.93 49.94 -34.54
C GLY M 274 -8.88 51.39 -34.96
N SER M 275 -8.14 52.19 -34.19
CA SER M 275 -8.00 53.61 -34.45
C SER M 275 -7.21 53.86 -35.73
N CYS M 276 -6.41 52.87 -36.11
CA CYS M 276 -5.61 52.95 -37.33
C CYS M 276 -6.31 52.24 -38.47
N GLY M 277 -7.42 51.59 -38.17
CA GLY M 277 -8.18 50.84 -39.17
C GLY M 277 -7.44 49.60 -39.62
N GLY M 278 -6.74 48.96 -38.70
CA GLY M 278 -6.00 47.75 -39.00
C GLY M 278 -6.91 46.60 -39.38
N ILE M 279 -8.14 46.63 -38.86
CA ILE M 279 -9.14 45.64 -39.20
C ILE M 279 -9.42 45.65 -40.70
N GLU M 280 -9.62 46.84 -41.23
CA GLU M 280 -9.86 47.00 -42.67
C GLU M 280 -8.63 46.58 -43.47
N ILE M 281 -7.46 46.81 -42.90
CA ILE M 281 -6.21 46.41 -43.55
C ILE M 281 -6.11 44.90 -43.71
N VAL M 282 -6.32 44.18 -42.61
CA VAL M 282 -6.25 42.73 -42.62
C VAL M 282 -7.36 42.14 -43.50
N ARG M 283 -8.58 42.68 -43.34
CA ARG M 283 -9.71 42.26 -44.16
C ARG M 283 -9.36 42.40 -45.64
N ASP M 284 -8.76 43.53 -46.00
CA ASP M 284 -8.37 43.75 -47.39
C ASP M 284 -7.19 42.88 -47.79
N ILE M 285 -6.44 42.39 -46.82
CA ILE M 285 -5.37 41.44 -47.10
C ILE M 285 -5.99 40.12 -47.55
N LEU M 286 -7.04 39.69 -46.85
CA LEU M 286 -7.67 38.43 -47.17
C LEU M 286 -8.42 38.46 -48.51
N GLN M 287 -9.28 39.44 -48.72
CA GLN M 287 -10.04 39.52 -49.96
C GLN M 287 -9.31 40.33 -51.04
N VAL M 288 -8.23 39.77 -51.57
CA VAL M 288 -7.45 40.44 -52.60
C VAL M 288 -8.09 40.24 -53.98
N GLU M 289 -9.34 40.71 -54.09
CA GLU M 289 -10.14 40.60 -55.32
C GLU M 289 -10.20 39.17 -55.83
N SER M 290 -10.40 38.22 -54.91
CA SER M 290 -10.49 36.79 -55.24
C SER M 290 -9.27 36.30 -56.00
N ALA M 291 -8.08 36.52 -55.43
CA ALA M 291 -6.85 36.09 -56.06
C ALA M 291 -5.99 35.28 -55.09
N GLY M 292 -4.97 34.62 -55.61
CA GLY M 292 -4.11 33.78 -54.80
C GLY M 292 -2.86 34.49 -54.32
N GLU M 293 -2.42 35.49 -55.07
CA GLU M 293 -1.24 36.27 -54.73
C GLU M 293 -1.43 36.97 -53.38
N ARG M 294 -0.32 37.37 -52.77
CA ARG M 294 -0.29 37.94 -51.42
C ARG M 294 -0.68 36.88 -50.39
N GLY M 295 0.06 35.79 -50.39
CA GLY M 295 -0.09 34.71 -49.43
C GLY M 295 1.27 34.08 -49.20
N ALA M 296 1.32 32.93 -48.52
CA ALA M 296 0.14 32.31 -47.92
C ALA M 296 0.32 32.22 -46.42
N ILE M 297 1.57 32.29 -45.98
CA ILE M 297 1.87 32.42 -44.55
C ILE M 297 1.36 33.76 -44.06
N GLU M 298 1.35 34.74 -44.96
CA GLU M 298 0.78 36.05 -44.68
C GLU M 298 -0.71 35.95 -44.40
N ARG M 299 -1.42 35.18 -45.21
CA ARG M 299 -2.84 34.96 -45.01
C ARG M 299 -3.10 34.23 -43.70
N ARG M 300 -2.28 33.20 -43.44
CA ARG M 300 -2.37 32.42 -42.21
C ARG M 300 -2.24 33.30 -40.98
N GLU M 301 -1.20 34.13 -40.97
CA GLU M 301 -0.93 35.01 -39.85
C GLU M 301 -1.99 36.12 -39.74
N ALA M 302 -2.55 36.52 -40.87
CA ALA M 302 -3.60 37.53 -40.89
C ALA M 302 -4.86 36.99 -40.22
N VAL M 303 -5.25 35.77 -40.60
CA VAL M 303 -6.37 35.10 -39.99
C VAL M 303 -6.10 34.89 -38.50
N SER M 304 -4.85 34.59 -38.16
CA SER M 304 -4.45 34.44 -36.77
C SER M 304 -4.68 35.73 -35.98
N LEU M 305 -4.34 36.86 -36.61
CA LEU M 305 -4.51 38.16 -35.98
C LEU M 305 -5.99 38.50 -35.79
N LEU M 306 -6.78 38.25 -36.83
CA LEU M 306 -8.21 38.51 -36.78
C LEU M 306 -8.87 37.68 -35.67
N ALA M 307 -8.52 36.41 -35.61
CA ALA M 307 -9.02 35.51 -34.57
C ALA M 307 -8.56 35.97 -33.19
N GLN M 308 -7.33 36.47 -33.11
CA GLN M 308 -6.78 36.97 -31.86
C GLN M 308 -7.60 38.15 -31.36
N ILE M 309 -8.00 39.01 -32.30
CA ILE M 309 -8.79 40.20 -32.00
C ILE M 309 -10.22 39.82 -31.59
N THR M 310 -10.77 38.80 -32.24
CA THR M 310 -12.13 38.33 -31.95
C THR M 310 -12.33 38.00 -30.47
N ALA M 311 -11.32 37.42 -29.84
CA ALA M 311 -11.40 37.03 -28.44
C ALA M 311 -11.60 38.24 -27.52
N PRO N 25 -39.89 24.34 -25.64
CA PRO N 25 -40.25 23.02 -26.16
C PRO N 25 -41.08 23.07 -27.44
N GLU N 26 -40.98 22.04 -28.26
CA GLU N 26 -41.65 21.99 -29.56
C GLU N 26 -42.38 20.66 -29.73
N PRO N 27 -43.61 20.71 -30.27
CA PRO N 27 -44.42 19.50 -30.45
C PRO N 27 -43.79 18.48 -31.39
N VAL N 28 -43.32 18.93 -32.55
CA VAL N 28 -42.73 18.05 -33.54
C VAL N 28 -41.40 17.49 -33.04
N ALA N 29 -40.65 18.32 -32.33
CA ALA N 29 -39.36 17.89 -31.79
C ALA N 29 -39.54 16.81 -30.73
N SER N 30 -40.60 16.97 -29.92
CA SER N 30 -40.91 15.99 -28.89
C SER N 30 -41.40 14.69 -29.52
N TRP N 31 -42.30 14.83 -30.50
CA TRP N 31 -42.84 13.69 -31.22
C TRP N 31 -41.73 12.88 -31.88
N MET N 32 -40.72 13.58 -32.42
CA MET N 32 -39.59 12.91 -33.04
C MET N 32 -38.67 12.31 -32.01
N SER N 33 -38.55 12.97 -30.86
CA SER N 33 -37.66 12.52 -29.80
C SER N 33 -38.18 11.24 -29.16
N GLU N 34 -39.50 11.07 -29.14
CA GLU N 34 -40.09 9.91 -28.51
C GLU N 34 -40.19 8.72 -29.47
N GLN N 35 -40.09 8.99 -30.78
CA GLN N 35 -40.10 7.93 -31.77
C GLN N 35 -38.70 7.37 -31.98
N ARG N 36 -37.75 7.87 -31.19
CA ARG N 36 -36.36 7.44 -31.30
C ARG N 36 -36.20 5.99 -30.86
N TRP N 37 -37.06 5.54 -29.95
CA TRP N 37 -36.97 4.19 -29.42
C TRP N 37 -38.19 3.34 -29.76
N ALA N 38 -39.10 3.90 -30.54
CA ALA N 38 -40.31 3.18 -30.93
C ALA N 38 -40.03 2.21 -32.07
N GLY N 39 -40.69 1.05 -32.03
CA GLY N 39 -40.52 0.05 -33.06
C GLY N 39 -41.36 -1.20 -32.82
N GLU N 40 -42.30 -1.46 -33.71
CA GLU N 40 -43.15 -2.64 -33.61
C GLU N 40 -42.33 -3.90 -33.90
N PRO N 41 -42.18 -4.77 -32.90
CA PRO N 41 -41.30 -5.94 -32.99
C PRO N 41 -42.02 -7.22 -33.39
N GLU N 42 -41.28 -8.33 -33.43
CA GLU N 42 -41.84 -9.64 -33.73
C GLU N 42 -41.91 -10.46 -32.45
N VAL N 43 -42.37 -11.70 -32.57
CA VAL N 43 -42.47 -12.59 -31.42
C VAL N 43 -41.10 -12.86 -30.81
N MET N 44 -40.90 -12.45 -29.57
CA MET N 44 -39.61 -12.59 -28.90
C MET N 44 -39.57 -13.77 -27.94
N CYS N 45 -40.75 -14.25 -27.54
CA CYS N 45 -40.84 -15.41 -26.66
C CYS N 45 -41.46 -16.60 -27.38
N THR N 46 -40.67 -17.65 -27.56
CA THR N 46 -41.11 -18.84 -28.27
C THR N 46 -41.48 -19.97 -27.32
N LEU N 47 -40.53 -20.34 -26.46
CA LEU N 47 -40.72 -21.39 -25.45
C LEU N 47 -40.98 -22.78 -26.03
N GLN N 48 -40.04 -23.69 -25.81
CA GLN N 48 -40.19 -25.08 -26.23
C GLN N 48 -40.86 -25.88 -25.11
N HIS N 49 -41.54 -26.96 -25.47
CA HIS N 49 -42.26 -27.77 -24.50
C HIS N 49 -41.86 -29.23 -24.55
N LYS N 50 -41.93 -29.90 -23.40
CA LYS N 50 -41.61 -31.32 -23.31
C LYS N 50 -42.87 -32.16 -23.17
N SER N 51 -43.15 -32.97 -24.18
CA SER N 51 -44.39 -33.75 -24.23
C SER N 51 -44.38 -34.92 -23.27
N ILE N 52 -45.47 -35.09 -22.53
CA ILE N 52 -45.64 -36.23 -21.64
C ILE N 52 -46.45 -37.31 -22.36
N ALA N 53 -47.32 -36.88 -23.26
CA ALA N 53 -48.15 -37.78 -24.05
C ALA N 53 -47.29 -38.75 -24.86
N GLN N 54 -46.15 -38.27 -25.35
CA GLN N 54 -45.23 -39.11 -26.10
C GLN N 54 -44.48 -40.06 -25.17
N GLU N 55 -44.12 -39.56 -24.00
CA GLU N 55 -43.42 -40.37 -23.01
C GLU N 55 -44.32 -41.50 -22.51
N ALA N 56 -45.63 -41.29 -22.62
CA ALA N 56 -46.59 -42.30 -22.22
C ALA N 56 -46.82 -43.31 -23.35
N TYR N 57 -46.63 -42.85 -24.58
CA TYR N 57 -46.84 -43.71 -25.75
C TYR N 57 -45.57 -44.50 -26.08
N LYS N 58 -44.56 -44.38 -25.24
CA LYS N 58 -43.30 -45.09 -25.44
C LYS N 58 -42.95 -45.99 -24.27
N ASN N 59 -42.56 -45.37 -23.16
CA ASN N 59 -41.99 -46.09 -22.03
C ASN N 59 -43.01 -46.82 -21.16
N TYR N 60 -44.29 -46.47 -21.31
CA TYR N 60 -45.32 -47.02 -20.43
C TYR N 60 -46.39 -47.81 -21.16
N THR N 61 -47.34 -48.35 -20.40
CA THR N 61 -48.44 -49.13 -20.93
C THR N 61 -49.62 -48.24 -21.32
N ILE N 62 -50.75 -48.87 -21.64
CA ILE N 62 -51.94 -48.14 -22.04
C ILE N 62 -52.67 -47.53 -20.85
N THR N 63 -52.94 -46.23 -20.94
CA THR N 63 -53.64 -45.53 -19.88
C THR N 63 -55.13 -45.40 -20.18
N THR N 64 -55.93 -45.13 -19.16
CA THR N 64 -57.38 -45.04 -19.30
C THR N 64 -57.80 -43.85 -20.14
N SER N 65 -57.02 -42.77 -20.04
CA SER N 65 -57.28 -41.57 -20.82
C SER N 65 -57.22 -41.87 -22.31
N ALA N 66 -56.20 -42.63 -22.70
CA ALA N 66 -56.03 -43.05 -24.09
C ALA N 66 -57.22 -43.87 -24.54
N VAL N 67 -57.73 -44.72 -23.64
CA VAL N 67 -58.90 -45.54 -23.93
C VAL N 67 -60.11 -44.64 -24.19
N CYS N 68 -60.22 -43.57 -23.42
CA CYS N 68 -61.30 -42.61 -23.62
C CYS N 68 -61.16 -41.89 -24.96
N LYS N 69 -59.92 -41.57 -25.33
CA LYS N 69 -59.66 -40.99 -26.63
C LYS N 69 -60.14 -41.94 -27.73
N LEU N 70 -59.90 -43.24 -27.51
CA LEU N 70 -60.27 -44.26 -28.48
C LEU N 70 -61.78 -44.40 -28.60
N VAL N 71 -62.50 -44.37 -27.48
CA VAL N 71 -63.94 -44.53 -27.54
C VAL N 71 -64.58 -43.29 -28.16
N ARG N 72 -63.98 -42.13 -27.93
CA ARG N 72 -64.46 -40.90 -28.58
C ARG N 72 -64.29 -40.98 -30.09
N GLN N 73 -63.06 -41.30 -30.51
CA GLN N 73 -62.73 -41.40 -31.92
C GLN N 73 -63.62 -42.42 -32.64
N LEU N 74 -63.72 -43.61 -32.05
CA LEU N 74 -64.55 -44.68 -32.58
C LEU N 74 -66.00 -44.24 -32.66
N GLN N 75 -66.44 -43.47 -31.66
CA GLN N 75 -67.79 -42.93 -31.65
C GLN N 75 -68.02 -42.04 -32.88
N GLN N 76 -67.07 -41.13 -33.12
CA GLN N 76 -67.13 -40.23 -34.27
C GLN N 76 -67.20 -40.98 -35.59
N GLN N 77 -66.23 -41.86 -35.81
CA GLN N 77 -66.14 -42.64 -37.03
C GLN N 77 -67.43 -43.44 -37.25
N ALA N 78 -67.95 -43.99 -36.15
CA ALA N 78 -69.21 -44.73 -36.17
C ALA N 78 -70.34 -43.83 -36.62
N LEU N 79 -70.32 -42.58 -36.18
CA LEU N 79 -71.34 -41.62 -36.59
C LEU N 79 -71.30 -41.37 -38.10
N SER N 80 -70.10 -41.11 -38.61
CA SER N 80 -69.92 -40.89 -40.04
C SER N 80 -70.41 -42.08 -40.86
N LEU N 81 -69.97 -43.27 -40.46
CA LEU N 81 -70.40 -44.49 -41.14
C LEU N 81 -71.92 -44.64 -41.07
N GLN N 82 -72.49 -44.24 -39.94
CA GLN N 82 -73.93 -44.36 -39.73
C GLN N 82 -74.71 -43.47 -40.68
N VAL N 83 -74.31 -42.21 -40.80
CA VAL N 83 -75.04 -41.31 -41.70
C VAL N 83 -74.82 -41.71 -43.16
N HIS N 84 -73.66 -42.30 -43.45
CA HIS N 84 -73.43 -42.85 -44.78
C HIS N 84 -74.45 -43.96 -45.06
N PHE N 85 -74.55 -44.89 -44.11
CA PHE N 85 -75.55 -45.96 -44.17
C PHE N 85 -76.95 -45.42 -44.39
N GLU N 86 -77.30 -44.38 -43.64
CA GLU N 86 -78.64 -43.79 -43.71
C GLU N 86 -78.91 -43.19 -45.08
N ARG N 87 -77.93 -42.50 -45.63
CA ARG N 87 -78.07 -41.90 -46.95
C ARG N 87 -78.26 -42.98 -48.01
N SER N 88 -77.40 -43.99 -47.98
CA SER N 88 -77.50 -45.09 -48.94
C SER N 88 -78.85 -45.79 -48.83
N GLU N 89 -79.32 -45.97 -47.60
CA GLU N 89 -80.63 -46.56 -47.34
C GLU N 89 -81.73 -45.72 -47.95
N ARG N 90 -81.60 -44.39 -47.82
CA ARG N 90 -82.56 -43.48 -48.40
C ARG N 90 -82.61 -43.64 -49.92
N VAL N 91 -81.44 -43.84 -50.52
CA VAL N 91 -81.37 -44.03 -51.96
C VAL N 91 -82.01 -45.35 -52.40
N LEU N 92 -81.60 -46.44 -51.77
CA LEU N 92 -82.04 -47.78 -52.17
C LEU N 92 -83.51 -48.04 -51.86
N SER N 93 -84.06 -47.36 -50.86
CA SER N 93 -85.45 -47.56 -50.48
C SER N 93 -86.41 -46.87 -51.44
N GLY N 94 -85.86 -46.04 -52.32
CA GLY N 94 -86.66 -45.35 -53.31
C GLY N 94 -87.20 -44.01 -52.80
N LEU N 95 -86.84 -43.67 -51.57
CA LEU N 95 -87.24 -42.40 -50.98
C LEU N 95 -86.46 -41.25 -51.62
N GLN N 96 -85.14 -41.39 -51.64
CA GLN N 96 -84.28 -40.42 -52.31
C GLN N 96 -84.27 -40.69 -53.82
N ALA N 97 -84.92 -39.80 -54.57
CA ALA N 97 -85.05 -39.98 -56.01
C ALA N 97 -83.70 -39.88 -56.72
N SER N 98 -83.36 -40.93 -57.45
CA SER N 98 -82.11 -40.98 -58.20
C SER N 98 -82.16 -42.08 -59.27
N SER N 99 -81.09 -42.19 -60.06
CA SER N 99 -81.01 -43.21 -61.09
C SER N 99 -80.35 -44.46 -60.53
N LEU N 100 -80.33 -45.53 -61.33
CA LEU N 100 -79.79 -46.81 -60.90
C LEU N 100 -78.25 -46.84 -60.78
N PRO N 101 -77.52 -46.42 -61.85
CA PRO N 101 -76.06 -46.55 -61.75
C PRO N 101 -75.43 -45.74 -60.62
N GLU N 102 -75.98 -44.57 -60.34
CA GLU N 102 -75.46 -43.73 -59.25
C GLU N 102 -75.80 -44.34 -57.91
N ALA N 103 -76.92 -45.04 -57.83
CA ALA N 103 -77.32 -45.74 -56.62
C ALA N 103 -76.34 -46.88 -56.33
N LEU N 104 -76.08 -47.67 -57.36
CA LEU N 104 -75.15 -48.79 -57.24
C LEU N 104 -73.74 -48.32 -56.89
N ALA N 105 -73.31 -47.25 -57.56
CA ALA N 105 -72.00 -46.67 -57.30
C ALA N 105 -71.89 -46.20 -55.86
N GLY N 106 -72.92 -45.51 -55.40
CA GLY N 106 -72.99 -45.05 -54.03
C GLY N 106 -72.90 -46.21 -53.05
N ALA N 107 -73.60 -47.29 -53.36
CA ALA N 107 -73.56 -48.49 -52.54
C ALA N 107 -72.14 -49.05 -52.46
N THR N 108 -71.46 -49.06 -53.60
CA THR N 108 -70.08 -49.54 -53.65
C THR N 108 -69.17 -48.69 -52.78
N GLN N 109 -69.35 -47.36 -52.86
CA GLN N 109 -68.59 -46.44 -52.04
C GLN N 109 -68.81 -46.73 -50.55
N LEU N 110 -70.08 -46.93 -50.21
CA LEU N 110 -70.47 -47.32 -48.85
C LEU N 110 -69.73 -48.58 -48.42
N LEU N 111 -69.60 -49.52 -49.35
CA LEU N 111 -68.88 -50.76 -49.07
C LEU N 111 -67.40 -50.49 -48.79
N SER N 112 -66.82 -49.55 -49.53
CA SER N 112 -65.41 -49.18 -49.31
C SER N 112 -65.21 -48.62 -47.91
N HIS N 113 -66.02 -47.61 -47.58
CA HIS N 113 -65.98 -46.97 -46.26
C HIS N 113 -66.15 -48.01 -45.16
N LEU N 114 -67.15 -48.87 -45.32
CA LEU N 114 -67.43 -49.93 -44.36
C LEU N 114 -66.27 -50.90 -44.23
N ASP N 115 -65.53 -51.11 -45.31
CA ASP N 115 -64.38 -51.99 -45.28
C ASP N 115 -63.24 -51.38 -44.48
N ASP N 116 -63.00 -50.08 -44.68
CA ASP N 116 -61.99 -49.38 -43.89
C ASP N 116 -62.34 -49.44 -42.39
N PHE N 117 -63.59 -49.12 -42.10
CA PHE N 117 -64.08 -49.15 -40.72
C PHE N 117 -64.01 -50.57 -40.16
N THR N 118 -64.10 -51.56 -41.04
CA THR N 118 -63.99 -52.95 -40.64
C THR N 118 -62.55 -53.27 -40.27
N ALA N 119 -61.61 -52.65 -40.98
CA ALA N 119 -60.20 -52.79 -40.66
C ALA N 119 -59.90 -52.22 -39.27
N THR N 120 -60.33 -50.97 -39.05
CA THR N 120 -60.12 -50.34 -37.74
C THR N 120 -60.79 -51.15 -36.63
N LEU N 121 -62.02 -51.58 -36.90
CA LEU N 121 -62.76 -52.44 -35.98
C LEU N 121 -61.97 -53.68 -35.61
N GLU N 122 -61.35 -54.28 -36.63
CA GLU N 122 -60.53 -55.47 -36.44
C GLU N 122 -59.35 -55.21 -35.53
N ARG N 123 -58.55 -54.21 -35.87
CA ARG N 123 -57.34 -53.94 -35.09
C ARG N 123 -57.67 -53.42 -33.68
N ARG N 124 -58.92 -53.01 -33.47
CA ARG N 124 -59.33 -52.55 -32.15
C ARG N 124 -59.92 -53.69 -31.31
N GLY N 125 -59.49 -54.92 -31.58
CA GLY N 125 -60.03 -56.09 -30.91
C GLY N 125 -59.11 -56.68 -29.85
N VAL N 126 -58.05 -55.95 -29.52
CA VAL N 126 -57.07 -56.41 -28.54
C VAL N 126 -57.61 -56.32 -27.12
N PHE N 127 -58.55 -55.41 -26.91
CA PHE N 127 -59.04 -55.08 -25.57
C PHE N 127 -59.88 -56.19 -24.93
N PHE N 128 -60.20 -57.22 -25.70
CA PHE N 128 -60.89 -58.39 -25.14
C PHE N 128 -59.89 -59.29 -24.45
N ASN N 129 -59.48 -58.89 -23.24
CA ASN N 129 -58.44 -59.61 -22.50
C ASN N 129 -58.85 -61.02 -22.10
N ASP N 130 -59.46 -61.16 -20.93
CA ASP N 130 -59.86 -62.47 -20.43
C ASP N 130 -61.24 -62.87 -20.94
N ALA N 131 -61.97 -61.91 -21.49
CA ALA N 131 -63.30 -62.18 -22.02
C ALA N 131 -63.22 -63.03 -23.29
N LYS N 132 -63.45 -64.33 -23.13
CA LYS N 132 -63.38 -65.26 -24.25
C LYS N 132 -64.67 -65.24 -25.07
N ILE N 133 -65.80 -65.33 -24.39
CA ILE N 133 -67.11 -65.35 -25.03
C ILE N 133 -67.34 -64.10 -25.89
N GLU N 134 -67.17 -62.94 -25.26
CA GLU N 134 -67.34 -61.66 -25.94
C GLU N 134 -66.44 -61.56 -27.15
N ARG N 135 -65.22 -62.04 -27.02
CA ARG N 135 -64.25 -61.99 -28.12
C ARG N 135 -64.72 -62.87 -29.27
N ARG N 136 -65.15 -64.08 -28.95
CA ARG N 136 -65.65 -65.02 -29.96
C ARG N 136 -66.82 -64.43 -30.73
N ARG N 137 -67.81 -63.90 -30.01
CA ARG N 137 -68.98 -63.29 -30.63
C ARG N 137 -68.56 -62.12 -31.51
N TYR N 138 -67.65 -61.30 -30.98
CA TYR N 138 -67.11 -60.13 -31.66
C TYR N 138 -66.49 -60.48 -33.01
N GLU N 139 -65.54 -61.40 -33.01
CA GLU N 139 -64.84 -61.77 -34.23
C GLU N 139 -65.75 -62.56 -35.18
N GLN N 140 -66.75 -63.22 -34.63
CA GLN N 140 -67.74 -63.91 -35.46
C GLN N 140 -68.52 -62.89 -36.29
N HIS N 141 -69.12 -61.92 -35.61
CA HIS N 141 -69.88 -60.88 -36.30
C HIS N 141 -68.97 -60.08 -37.24
N LEU N 142 -67.72 -59.90 -36.83
CA LEU N 142 -66.73 -59.21 -37.66
C LEU N 142 -66.52 -59.93 -39.00
N GLU N 143 -66.21 -61.22 -38.92
CA GLU N 143 -65.99 -62.03 -40.10
C GLU N 143 -67.25 -62.07 -40.96
N GLN N 144 -68.40 -62.05 -40.30
CA GLN N 144 -69.68 -61.99 -41.01
C GLN N 144 -69.74 -60.72 -41.86
N ILE N 145 -69.45 -59.59 -41.22
CA ILE N 145 -69.35 -58.31 -41.92
C ILE N 145 -68.47 -58.41 -43.15
N ARG N 146 -67.25 -58.93 -42.94
CA ARG N 146 -66.29 -59.10 -44.02
C ARG N 146 -66.88 -59.86 -45.19
N THR N 147 -67.32 -61.08 -44.92
CA THR N 147 -67.81 -61.98 -45.97
C THR N 147 -69.01 -61.41 -46.72
N VAL N 148 -70.01 -60.90 -46.00
CA VAL N 148 -71.21 -60.40 -46.67
C VAL N 148 -70.89 -59.11 -47.44
N SER N 149 -69.90 -58.36 -46.97
CA SER N 149 -69.45 -57.16 -47.67
C SER N 149 -68.80 -57.54 -49.01
N LYS N 150 -67.91 -58.51 -48.96
CA LYS N 150 -67.24 -59.01 -50.17
C LYS N 150 -68.26 -59.56 -51.16
N ASP N 151 -69.22 -60.34 -50.65
CA ASP N 151 -70.28 -60.91 -51.47
C ASP N 151 -71.12 -59.81 -52.12
N THR N 152 -71.36 -58.73 -51.37
CA THR N 152 -72.13 -57.61 -51.90
C THR N 152 -71.35 -56.91 -53.00
N ARG N 153 -70.04 -56.76 -52.80
CA ARG N 153 -69.17 -56.18 -53.82
C ARG N 153 -69.23 -56.98 -55.11
N TYR N 154 -69.04 -58.29 -54.98
CA TYR N 154 -69.10 -59.19 -56.12
C TYR N 154 -70.44 -59.08 -56.84
N SER N 155 -71.52 -59.20 -56.07
CA SER N 155 -72.87 -59.16 -56.64
C SER N 155 -73.18 -57.81 -57.27
N LEU N 156 -72.43 -56.79 -56.88
CA LEU N 156 -72.60 -55.46 -57.45
C LEU N 156 -71.85 -55.30 -58.77
N GLU N 157 -70.59 -55.73 -58.78
CA GLU N 157 -69.75 -55.54 -59.96
C GLU N 157 -69.99 -56.61 -61.02
N ARG N 158 -70.92 -57.53 -60.74
CA ARG N 158 -71.35 -58.52 -61.73
C ARG N 158 -72.78 -58.18 -62.19
N GLN N 159 -73.29 -57.05 -61.70
CA GLN N 159 -74.64 -56.60 -62.01
C GLN N 159 -75.71 -57.64 -61.67
N HIS N 160 -75.51 -58.34 -60.55
CA HIS N 160 -76.46 -59.36 -60.12
C HIS N 160 -77.72 -58.76 -59.52
N TYR N 161 -77.65 -57.49 -59.15
CA TYR N 161 -78.80 -56.80 -58.58
C TYR N 161 -79.71 -56.24 -59.66
N ILE N 162 -80.83 -56.90 -59.89
CA ILE N 162 -81.81 -56.42 -60.85
C ILE N 162 -82.86 -55.58 -60.13
N ASN N 163 -82.99 -55.80 -58.83
CA ASN N 163 -83.89 -55.02 -58.00
C ASN N 163 -83.15 -54.41 -56.81
N LEU N 164 -83.48 -53.15 -56.50
CA LEU N 164 -82.77 -52.41 -55.45
C LEU N 164 -83.09 -52.92 -54.04
N GLU N 165 -84.25 -53.53 -53.88
CA GLU N 165 -84.71 -53.99 -52.56
C GLU N 165 -83.74 -54.98 -51.93
N SER N 166 -83.25 -55.92 -52.73
CA SER N 166 -82.30 -56.92 -52.23
C SER N 166 -80.99 -56.29 -51.80
N LEU N 167 -80.53 -55.31 -52.58
CA LEU N 167 -79.32 -54.57 -52.25
C LEU N 167 -79.50 -53.86 -50.91
N LEU N 168 -80.68 -53.25 -50.74
CA LEU N 168 -81.03 -52.61 -49.48
C LEU N 168 -81.01 -53.61 -48.33
N ASP N 169 -81.47 -54.82 -48.60
CA ASP N 169 -81.48 -55.87 -47.59
C ASP N 169 -80.07 -56.23 -47.14
N ASP N 170 -79.18 -56.46 -48.10
CA ASP N 170 -77.78 -56.75 -47.79
C ASP N 170 -77.14 -55.62 -47.00
N VAL N 171 -77.41 -54.39 -47.44
CA VAL N 171 -76.90 -53.20 -46.75
C VAL N 171 -77.34 -53.15 -45.30
N GLN N 172 -78.63 -53.40 -45.06
CA GLN N 172 -79.18 -53.37 -43.71
C GLN N 172 -78.63 -54.51 -42.86
N LEU N 173 -78.32 -55.63 -43.50
CA LEU N 173 -77.65 -56.73 -42.80
C LEU N 173 -76.27 -56.29 -42.31
N LEU N 174 -75.52 -55.66 -43.22
CA LEU N 174 -74.23 -55.06 -42.90
C LEU N 174 -74.37 -54.13 -41.70
N LYS N 175 -75.42 -53.31 -41.73
CA LYS N 175 -75.70 -52.36 -40.67
C LYS N 175 -75.90 -53.06 -39.33
N ARG N 176 -76.70 -54.13 -39.34
CA ARG N 176 -76.95 -54.90 -38.13
C ARG N 176 -75.67 -55.46 -37.53
N HIS N 177 -74.93 -56.22 -38.34
CA HIS N 177 -73.69 -56.83 -37.86
C HIS N 177 -72.71 -55.78 -37.33
N THR N 178 -72.57 -54.70 -38.09
CA THR N 178 -71.71 -53.58 -37.69
C THR N 178 -72.11 -53.03 -36.33
N LEU N 179 -73.41 -52.86 -36.14
CA LEU N 179 -73.93 -52.34 -34.87
C LEU N 179 -73.60 -53.26 -33.71
N ILE N 180 -73.83 -54.56 -33.89
CA ILE N 180 -73.54 -55.53 -32.84
C ILE N 180 -72.06 -55.51 -32.45
N THR N 181 -71.20 -55.62 -33.46
CA THR N 181 -69.76 -55.57 -33.25
C THR N 181 -69.37 -54.32 -32.46
N LEU N 182 -69.84 -53.18 -32.96
CA LEU N 182 -69.58 -51.89 -32.37
C LEU N 182 -69.96 -51.83 -30.90
N ARG N 183 -71.16 -52.31 -30.58
CA ARG N 183 -71.63 -52.29 -29.19
C ARG N 183 -70.79 -53.20 -28.31
N LEU N 184 -70.35 -54.33 -28.84
CA LEU N 184 -69.44 -55.20 -28.10
C LEU N 184 -68.14 -54.47 -27.75
N ILE N 185 -67.54 -53.84 -28.76
CA ILE N 185 -66.32 -53.07 -28.56
C ILE N 185 -66.50 -51.96 -27.53
N PHE N 186 -67.59 -51.21 -27.65
CA PHE N 186 -67.87 -50.12 -26.73
C PHE N 186 -68.03 -50.61 -25.30
N GLU N 187 -68.71 -51.74 -25.13
CA GLU N 187 -68.85 -52.36 -23.82
C GLU N 187 -67.47 -52.64 -23.23
N ARG N 188 -66.65 -53.35 -24.01
CA ARG N 188 -65.33 -53.75 -23.55
C ARG N 188 -64.45 -52.54 -23.20
N LEU N 189 -64.62 -51.45 -23.95
CA LEU N 189 -63.82 -50.25 -23.74
C LEU N 189 -64.25 -49.48 -22.49
N VAL N 190 -65.56 -49.25 -22.36
CA VAL N 190 -66.12 -48.56 -21.21
C VAL N 190 -65.80 -49.29 -19.91
N ARG N 191 -65.75 -50.62 -20.00
CA ARG N 191 -65.35 -51.43 -18.84
C ARG N 191 -64.06 -50.94 -18.20
N VAL N 192 -63.08 -50.59 -19.04
CA VAL N 192 -61.81 -50.07 -18.55
C VAL N 192 -62.00 -48.81 -17.70
N LEU N 193 -62.87 -47.92 -18.16
CA LEU N 193 -63.13 -46.67 -17.46
C LEU N 193 -63.81 -46.91 -16.13
N VAL N 194 -64.90 -47.68 -16.15
CA VAL N 194 -65.65 -47.95 -14.93
C VAL N 194 -64.79 -48.66 -13.88
N ILE N 195 -63.99 -49.62 -14.33
CA ILE N 195 -63.06 -50.31 -13.44
C ILE N 195 -62.01 -49.33 -12.90
N SER N 196 -61.55 -48.41 -13.75
CA SER N 196 -60.60 -47.40 -13.34
C SER N 196 -61.19 -46.52 -12.24
N ILE N 197 -62.50 -46.35 -12.28
CA ILE N 197 -63.18 -45.65 -11.19
C ILE N 197 -63.22 -46.53 -9.94
N GLU N 198 -63.50 -47.83 -10.13
CA GLU N 198 -63.57 -48.77 -9.01
C GLU N 198 -62.28 -48.80 -8.20
N GLN N 199 -61.15 -48.91 -8.89
CA GLN N 199 -59.86 -49.10 -8.24
C GLN N 199 -59.00 -47.84 -8.24
N SER N 200 -59.65 -46.68 -8.26
CA SER N 200 -58.93 -45.42 -8.28
C SER N 200 -58.18 -45.20 -6.96
N GLN N 201 -56.86 -45.31 -7.02
CA GLN N 201 -56.03 -45.19 -5.82
C GLN N 201 -55.62 -43.74 -5.57
N CYS N 202 -56.35 -42.81 -6.19
CA CYS N 202 -56.04 -41.38 -6.07
C CYS N 202 -57.30 -40.55 -6.29
N ASP N 203 -57.58 -39.63 -5.36
CA ASP N 203 -58.78 -38.81 -5.43
C ASP N 203 -58.77 -37.88 -6.65
N LEU N 204 -57.61 -37.34 -6.99
CA LEU N 204 -57.47 -36.48 -8.17
C LEU N 204 -57.85 -37.23 -9.42
N LEU N 205 -57.20 -38.38 -9.63
CA LEU N 205 -57.48 -39.23 -10.78
C LEU N 205 -58.92 -39.72 -10.75
N LEU N 206 -59.47 -39.90 -9.55
CA LEU N 206 -60.86 -40.29 -9.40
C LEU N 206 -61.77 -39.22 -9.98
N ARG N 207 -61.54 -37.97 -9.58
CA ARG N 207 -62.24 -36.83 -10.16
C ARG N 207 -62.14 -36.87 -11.66
N ALA N 208 -60.92 -37.02 -12.16
CA ALA N 208 -60.65 -37.05 -13.60
C ALA N 208 -61.49 -38.10 -14.31
N ASN N 209 -61.56 -39.28 -13.72
CA ASN N 209 -62.28 -40.40 -14.33
C ASN N 209 -63.78 -40.21 -14.30
N ILE N 210 -64.31 -39.72 -13.19
CA ILE N 210 -65.75 -39.45 -13.11
C ILE N 210 -66.12 -38.39 -14.15
N ASN N 211 -65.27 -37.38 -14.29
CA ASN N 211 -65.46 -36.37 -15.33
C ASN N 211 -65.37 -36.98 -16.72
N MET N 212 -64.51 -37.99 -16.88
CA MET N 212 -64.41 -38.70 -18.15
C MET N 212 -65.73 -39.40 -18.46
N VAL N 213 -66.38 -39.91 -17.42
CA VAL N 213 -67.70 -40.51 -17.58
C VAL N 213 -68.72 -39.46 -18.00
N ALA N 214 -68.69 -38.32 -17.32
CA ALA N 214 -69.62 -37.23 -17.61
C ALA N 214 -69.44 -36.70 -19.04
N THR N 215 -68.20 -36.57 -19.47
CA THR N 215 -67.90 -36.02 -20.79
C THR N 215 -68.11 -37.03 -21.91
N LEU N 216 -68.48 -38.25 -21.54
CA LEU N 216 -68.73 -39.31 -22.52
C LEU N 216 -70.23 -39.50 -22.73
N MET N 217 -71.01 -39.07 -21.74
CA MET N 217 -72.46 -39.23 -21.80
C MET N 217 -73.17 -37.89 -21.91
N ASN N 218 -72.44 -36.86 -22.33
CA ASN N 218 -73.03 -35.55 -22.52
C ASN N 218 -74.03 -35.56 -23.68
N ILE N 219 -73.79 -36.45 -24.63
CA ILE N 219 -74.68 -36.62 -25.77
C ILE N 219 -75.03 -38.09 -25.97
N ASP N 220 -76.25 -38.47 -25.59
CA ASP N 220 -76.70 -39.85 -25.75
C ASP N 220 -77.16 -40.09 -27.18
N TYR N 221 -76.47 -40.99 -27.88
CA TYR N 221 -76.83 -41.31 -29.25
C TYR N 221 -77.76 -42.51 -29.32
N ASP N 222 -78.39 -42.70 -30.48
CA ASP N 222 -79.39 -43.74 -30.65
C ASP N 222 -78.84 -44.97 -31.38
N GLY N 223 -78.02 -44.73 -32.40
CA GLY N 223 -77.54 -45.79 -33.26
C GLY N 223 -76.17 -46.34 -32.91
N PHE N 224 -75.25 -46.22 -33.87
CA PHE N 224 -73.91 -46.78 -33.73
C PHE N 224 -73.12 -46.22 -32.55
N ARG N 225 -73.30 -44.94 -32.29
CA ARG N 225 -72.44 -44.22 -31.35
C ARG N 225 -72.90 -44.29 -29.90
N SER N 226 -73.98 -45.03 -29.64
CA SER N 226 -74.54 -45.07 -28.30
C SER N 226 -73.61 -45.74 -27.30
N LEU N 227 -73.48 -45.13 -26.12
CA LEU N 227 -72.61 -45.66 -25.07
C LEU N 227 -73.41 -46.03 -23.83
N SER N 228 -74.70 -45.69 -23.84
CA SER N 228 -75.57 -45.87 -22.69
C SER N 228 -75.58 -47.30 -22.16
N ASP N 229 -75.89 -48.26 -23.04
CA ASP N 229 -75.97 -49.65 -22.65
C ASP N 229 -74.62 -50.18 -22.17
N ALA N 230 -73.54 -49.63 -22.71
CA ALA N 230 -72.21 -50.01 -22.30
C ALA N 230 -71.95 -49.63 -20.84
N PHE N 231 -72.43 -48.46 -20.45
CA PHE N 231 -72.32 -48.01 -19.07
C PHE N 231 -73.27 -48.81 -18.18
N VAL N 232 -74.42 -49.18 -18.74
CA VAL N 232 -75.41 -49.96 -18.01
C VAL N 232 -74.88 -51.34 -17.62
N GLN N 233 -74.31 -52.05 -18.59
CA GLN N 233 -73.87 -53.41 -18.36
C GLN N 233 -72.70 -53.52 -17.40
N ASN N 234 -71.85 -52.50 -17.36
CA ASN N 234 -70.69 -52.51 -16.47
C ASN N 234 -71.02 -52.02 -15.07
N GLU N 235 -72.31 -51.79 -14.82
CA GLU N 235 -72.81 -51.30 -13.54
C GLU N 235 -72.08 -50.02 -13.10
N ALA N 236 -72.05 -49.03 -13.99
CA ALA N 236 -71.40 -47.77 -13.71
C ALA N 236 -72.17 -47.01 -12.63
N VAL N 237 -73.49 -46.99 -12.76
CA VAL N 237 -74.36 -46.29 -11.83
C VAL N 237 -74.17 -46.79 -10.39
N ARG N 238 -74.00 -48.10 -10.24
CA ARG N 238 -73.74 -48.66 -8.91
C ARG N 238 -72.41 -48.17 -8.36
N THR N 239 -71.40 -48.13 -9.22
CA THR N 239 -70.08 -47.67 -8.81
C THR N 239 -70.12 -46.22 -8.35
N LEU N 240 -70.81 -45.38 -9.11
CA LEU N 240 -70.95 -43.98 -8.78
C LEU N 240 -71.76 -43.79 -7.50
N LEU N 241 -72.75 -44.65 -7.29
CA LEU N 241 -73.53 -44.60 -6.08
C LEU N 241 -72.69 -45.03 -4.87
N VAL N 242 -71.71 -45.90 -5.13
CA VAL N 242 -70.78 -46.31 -4.09
C VAL N 242 -69.86 -45.15 -3.71
N VAL N 243 -69.29 -44.50 -4.72
CA VAL N 243 -68.38 -43.40 -4.44
C VAL N 243 -69.15 -42.19 -3.89
N VAL N 244 -70.46 -42.17 -4.11
CA VAL N 244 -71.31 -41.17 -3.45
C VAL N 244 -71.49 -41.54 -1.98
N LEU N 245 -71.75 -42.82 -1.74
CA LEU N 245 -72.08 -43.31 -0.41
C LEU N 245 -70.89 -43.30 0.55
N ASP N 246 -69.68 -43.48 0.02
CA ASP N 246 -68.53 -43.73 0.88
C ASP N 246 -67.49 -42.61 0.94
N HIS N 247 -67.31 -41.87 -0.15
CA HIS N 247 -66.19 -40.93 -0.24
C HIS N 247 -66.24 -39.84 0.82
N LYS N 248 -65.06 -39.37 1.23
CA LYS N 248 -64.91 -38.47 2.35
C LYS N 248 -65.24 -37.02 1.98
N GLN N 249 -64.99 -36.64 0.74
CA GLN N 249 -65.16 -35.26 0.30
C GLN N 249 -66.45 -35.02 -0.49
N SER N 250 -67.13 -33.93 -0.15
CA SER N 250 -68.36 -33.53 -0.81
C SER N 250 -68.12 -33.16 -2.26
N SER N 251 -66.95 -32.59 -2.54
CA SER N 251 -66.59 -32.16 -3.88
C SER N 251 -66.54 -33.32 -4.87
N VAL N 252 -66.17 -34.51 -4.37
CA VAL N 252 -66.13 -35.70 -5.21
C VAL N 252 -67.53 -36.27 -5.39
N ARG N 253 -68.27 -36.35 -4.29
CA ARG N 253 -69.65 -36.82 -4.31
C ARG N 253 -70.49 -36.02 -5.31
N ALA N 254 -70.20 -34.72 -5.40
CA ALA N 254 -70.89 -33.86 -6.34
C ALA N 254 -70.62 -34.28 -7.78
N LEU N 255 -69.35 -34.52 -8.09
CA LEU N 255 -68.93 -34.98 -9.41
C LEU N 255 -69.64 -36.29 -9.77
N ALA N 256 -69.64 -37.21 -8.81
CA ALA N 256 -70.29 -38.50 -9.00
C ALA N 256 -71.78 -38.32 -9.30
N LEU N 257 -72.43 -37.44 -8.53
CA LEU N 257 -73.84 -37.14 -8.76
C LEU N 257 -74.07 -36.58 -10.15
N ARG N 258 -73.13 -35.77 -10.62
CA ARG N 258 -73.23 -35.19 -11.96
C ARG N 258 -73.16 -36.28 -13.02
N ALA N 259 -72.20 -37.20 -12.86
CA ALA N 259 -72.06 -38.31 -13.78
C ALA N 259 -73.33 -39.16 -13.80
N LEU N 260 -73.88 -39.42 -12.62
CA LEU N 260 -75.14 -40.15 -12.51
C LEU N 260 -76.24 -39.43 -13.29
N ALA N 261 -76.26 -38.10 -13.16
CA ALA N 261 -77.25 -37.28 -13.85
C ALA N 261 -77.09 -37.40 -15.37
N THR N 262 -75.85 -37.55 -15.83
CA THR N 262 -75.61 -37.74 -17.25
C THR N 262 -76.05 -39.14 -17.71
N LEU N 263 -75.94 -40.10 -16.79
CA LEU N 263 -76.25 -41.48 -17.11
C LEU N 263 -77.76 -41.77 -17.08
N CYS N 264 -78.51 -40.99 -16.32
CA CYS N 264 -79.92 -41.28 -16.11
C CYS N 264 -80.81 -40.91 -17.29
N CYS N 265 -80.21 -40.74 -18.47
CA CYS N 265 -80.96 -40.48 -19.68
C CYS N 265 -81.61 -41.77 -20.19
N ALA N 266 -80.93 -42.89 -19.95
CA ALA N 266 -81.43 -44.20 -20.36
C ALA N 266 -82.22 -44.84 -19.21
N PRO N 267 -83.41 -45.37 -19.52
CA PRO N 267 -84.32 -45.95 -18.52
C PRO N 267 -83.69 -47.13 -17.76
N GLN N 268 -82.80 -47.87 -18.41
CA GLN N 268 -82.12 -48.98 -17.76
C GLN N 268 -81.26 -48.49 -16.60
N ALA N 269 -80.54 -47.39 -16.83
CA ALA N 269 -79.69 -46.80 -15.81
C ALA N 269 -80.52 -46.29 -14.64
N ILE N 270 -81.71 -45.78 -14.95
CA ILE N 270 -82.63 -45.31 -13.91
C ILE N 270 -83.13 -46.49 -13.08
N ASN N 271 -83.48 -47.58 -13.76
CA ASN N 271 -83.87 -48.81 -13.08
C ASN N 271 -82.77 -49.29 -12.16
N GLN N 272 -81.53 -49.20 -12.61
CA GLN N 272 -80.38 -49.56 -11.80
C GLN N 272 -80.27 -48.65 -10.58
N LEU N 273 -80.51 -47.36 -10.79
CA LEU N 273 -80.44 -46.39 -9.70
C LEU N 273 -81.48 -46.72 -8.63
N GLY N 274 -82.69 -47.01 -9.06
CA GLY N 274 -83.76 -47.37 -8.14
C GLY N 274 -83.49 -48.68 -7.43
N SER N 275 -82.81 -49.59 -8.13
CA SER N 275 -82.51 -50.91 -7.58
C SER N 275 -81.40 -50.85 -6.54
N CYS N 276 -80.52 -49.85 -6.67
CA CYS N 276 -79.42 -49.68 -5.73
C CYS N 276 -79.82 -48.73 -4.60
N GLY N 277 -81.11 -48.39 -4.56
CA GLY N 277 -81.60 -47.44 -3.57
C GLY N 277 -80.95 -46.09 -3.73
N GLY N 278 -80.72 -45.69 -4.97
CA GLY N 278 -80.09 -44.41 -5.26
C GLY N 278 -80.99 -43.25 -4.88
N ILE N 279 -82.30 -43.47 -4.97
CA ILE N 279 -83.28 -42.45 -4.61
C ILE N 279 -83.14 -42.05 -3.15
N GLU N 280 -83.08 -43.03 -2.26
CA GLU N 280 -82.96 -42.77 -0.83
C GLU N 280 -81.58 -42.24 -0.46
N ILE N 281 -80.56 -42.71 -1.17
CA ILE N 281 -79.19 -42.24 -0.98
C ILE N 281 -79.09 -40.76 -1.29
N VAL N 282 -79.63 -40.35 -2.43
CA VAL N 282 -79.54 -38.96 -2.86
C VAL N 282 -80.55 -38.09 -2.12
N ARG N 283 -81.60 -38.71 -1.56
CA ARG N 283 -82.58 -37.97 -0.78
C ARG N 283 -82.05 -37.71 0.62
N ASP N 284 -81.16 -38.58 1.09
CA ASP N 284 -80.54 -38.41 2.39
C ASP N 284 -79.56 -37.24 2.38
N ILE N 285 -79.10 -36.86 1.19
CA ILE N 285 -78.20 -35.73 1.04
C ILE N 285 -78.91 -34.43 1.36
N LEU N 286 -80.17 -34.34 0.94
CA LEU N 286 -80.98 -33.14 1.13
C LEU N 286 -81.59 -33.09 2.52
N GLN N 287 -81.96 -34.25 3.05
CA GLN N 287 -82.59 -34.34 4.36
C GLN N 287 -81.57 -34.43 5.48
N VAL N 288 -80.64 -33.48 5.49
CA VAL N 288 -79.60 -33.44 6.52
C VAL N 288 -80.13 -32.91 7.83
N GLY N 295 -72.66 -30.15 1.83
CA GLY N 295 -73.53 -29.16 1.22
C GLY N 295 -72.92 -28.53 -0.01
N ALA N 296 -73.22 -27.25 -0.22
CA ALA N 296 -72.71 -26.48 -1.36
C ALA N 296 -73.08 -27.11 -2.70
N ILE N 297 -72.07 -27.44 -3.50
CA ILE N 297 -72.26 -28.01 -4.82
C ILE N 297 -72.98 -29.36 -4.80
N GLU N 298 -72.72 -30.15 -3.76
CA GLU N 298 -73.30 -31.47 -3.65
C GLU N 298 -74.83 -31.44 -3.61
N ARG N 299 -75.37 -30.48 -2.86
CA ARG N 299 -76.82 -30.32 -2.78
C ARG N 299 -77.42 -29.95 -4.12
N ARG N 300 -76.71 -29.10 -4.86
CA ARG N 300 -77.17 -28.64 -6.16
C ARG N 300 -77.19 -29.80 -7.16
N GLU N 301 -76.11 -30.57 -7.18
CA GLU N 301 -76.04 -31.72 -8.07
C GLU N 301 -77.06 -32.78 -7.67
N ALA N 302 -77.37 -32.84 -6.38
CA ALA N 302 -78.35 -33.78 -5.86
C ALA N 302 -79.76 -33.43 -6.33
N VAL N 303 -80.19 -32.20 -6.09
CA VAL N 303 -81.52 -31.78 -6.50
C VAL N 303 -81.65 -31.80 -8.01
N SER N 304 -80.56 -31.51 -8.72
CA SER N 304 -80.56 -31.59 -10.17
C SER N 304 -80.74 -33.05 -10.60
N LEU N 305 -80.11 -33.95 -9.86
CA LEU N 305 -80.23 -35.38 -10.15
C LEU N 305 -81.66 -35.88 -9.96
N LEU N 306 -82.25 -35.56 -8.81
CA LEU N 306 -83.63 -35.95 -8.54
C LEU N 306 -84.57 -35.36 -9.58
N ALA N 307 -84.31 -34.11 -9.95
CA ALA N 307 -85.08 -33.43 -10.99
C ALA N 307 -85.01 -34.19 -12.30
N GLN N 308 -83.80 -34.59 -12.69
CA GLN N 308 -83.60 -35.36 -13.91
C GLN N 308 -84.30 -36.72 -13.85
N ILE N 309 -84.32 -37.31 -12.66
CA ILE N 309 -84.97 -38.60 -12.44
C ILE N 309 -86.47 -38.47 -12.65
N THR N 310 -87.08 -37.45 -12.07
CA THR N 310 -88.51 -37.21 -12.24
C THR N 310 -88.85 -36.74 -13.64
N ALA N 311 -87.84 -36.34 -14.39
CA ALA N 311 -88.04 -35.88 -15.77
C ALA N 311 -88.17 -37.06 -16.73
N HIS O 24 -1.95 84.83 42.48
CA HIS O 24 -2.83 83.99 41.66
C HIS O 24 -3.28 82.69 42.37
N PRO O 25 -2.33 81.87 42.85
CA PRO O 25 -2.75 80.53 43.28
C PRO O 25 -3.51 80.50 44.61
N GLU O 26 -4.01 79.31 44.94
CA GLU O 26 -4.76 79.07 46.17
C GLU O 26 -4.93 77.57 46.37
N PRO O 27 -4.68 77.07 47.60
CA PRO O 27 -4.78 75.63 47.90
C PRO O 27 -6.13 75.03 47.57
N VAL O 28 -7.18 75.58 48.18
CA VAL O 28 -8.53 75.05 48.03
C VAL O 28 -9.01 75.08 46.57
N ALA O 29 -8.77 76.21 45.91
CA ALA O 29 -9.16 76.38 44.52
C ALA O 29 -8.45 75.37 43.62
N SER O 30 -7.21 75.05 43.97
CA SER O 30 -6.43 74.05 43.24
C SER O 30 -7.04 72.67 43.46
N TRP O 31 -7.37 72.38 44.72
CA TRP O 31 -8.00 71.12 45.08
C TRP O 31 -9.29 70.90 44.29
N MET O 32 -10.13 71.92 44.23
CA MET O 32 -11.37 71.82 43.48
C MET O 32 -11.12 71.72 41.98
N SER O 33 -10.11 72.45 41.51
CA SER O 33 -9.77 72.45 40.09
C SER O 33 -9.38 71.05 39.63
N GLU O 34 -8.61 70.35 40.45
CA GLU O 34 -8.18 69.00 40.10
C GLU O 34 -9.25 67.97 40.43
N GLN O 35 -10.19 68.33 41.29
CA GLN O 35 -11.28 67.41 41.63
C GLN O 35 -12.42 67.46 40.61
N ARG O 36 -12.30 68.35 39.64
CA ARG O 36 -13.34 68.49 38.62
C ARG O 36 -13.35 67.28 37.69
N TRP O 37 -12.20 66.62 37.56
CA TRP O 37 -12.06 65.49 36.66
C TRP O 37 -12.10 64.16 37.38
N ALA O 38 -11.68 64.16 38.65
CA ALA O 38 -11.58 62.93 39.43
C ALA O 38 -12.92 62.22 39.56
N GLY O 39 -12.87 60.90 39.70
CA GLY O 39 -14.06 60.09 39.83
C GLY O 39 -13.70 58.61 39.79
N GLU O 40 -14.24 57.85 40.75
CA GLU O 40 -13.93 56.43 40.85
C GLU O 40 -14.55 55.63 39.71
N PRO O 41 -13.70 55.04 38.86
CA PRO O 41 -14.13 54.28 37.68
C PRO O 41 -14.55 52.85 38.01
N GLU O 42 -15.61 52.37 37.40
CA GLU O 42 -16.04 51.00 37.55
C GLU O 42 -15.18 50.10 36.66
N VAL O 43 -13.96 49.81 37.11
CA VAL O 43 -13.01 49.05 36.32
C VAL O 43 -13.46 47.59 36.13
N MET O 44 -13.73 47.22 34.88
CA MET O 44 -14.10 45.86 34.53
C MET O 44 -13.65 45.53 33.12
N CYS O 45 -13.03 44.35 32.97
CA CYS O 45 -12.55 43.90 31.68
C CYS O 45 -13.63 43.10 30.95
N THR O 46 -13.89 43.45 29.69
CA THR O 46 -14.94 42.81 28.92
C THR O 46 -14.36 41.98 27.77
N LEU O 47 -13.06 41.72 27.84
CA LEU O 47 -12.36 41.01 26.77
C LEU O 47 -12.84 39.57 26.64
N GLN O 48 -13.18 39.16 25.42
CA GLN O 48 -13.66 37.81 25.17
C GLN O 48 -12.50 36.85 24.89
N HIS O 49 -12.78 35.55 24.96
CA HIS O 49 -11.75 34.53 24.84
C HIS O 49 -12.21 33.34 24.02
N LYS O 50 -11.38 32.89 23.09
CA LYS O 50 -11.64 31.72 22.27
C LYS O 50 -10.71 30.57 22.66
N SER O 51 -11.28 29.48 23.15
CA SER O 51 -10.48 28.35 23.61
C SER O 51 -9.97 27.51 22.44
N ILE O 52 -8.76 26.97 22.61
CA ILE O 52 -8.17 26.10 21.60
C ILE O 52 -8.61 24.66 21.82
N ALA O 53 -8.78 24.30 23.09
CA ALA O 53 -9.18 22.95 23.47
C ALA O 53 -10.49 22.53 22.83
N GLN O 54 -11.44 23.47 22.77
CA GLN O 54 -12.74 23.20 22.17
C GLN O 54 -12.61 22.90 20.68
N GLU O 55 -11.57 23.45 20.06
CA GLU O 55 -11.33 23.23 18.63
C GLU O 55 -10.68 21.88 18.41
N ALA O 56 -10.38 21.18 19.49
CA ALA O 56 -9.88 19.82 19.44
C ALA O 56 -10.87 18.86 20.09
N TYR O 57 -12.04 19.41 20.46
CA TYR O 57 -13.08 18.63 21.10
C TYR O 57 -14.31 18.49 20.21
N LYS O 58 -14.67 19.58 19.52
CA LYS O 58 -15.83 19.58 18.63
C LYS O 58 -15.41 19.83 17.18
N THR O 61 -5.97 11.81 19.79
CA THR O 61 -5.30 10.55 19.46
C THR O 61 -4.02 10.78 18.66
N ILE O 62 -2.89 10.90 19.35
CA ILE O 62 -2.88 10.82 20.81
C ILE O 62 -2.37 12.11 21.47
N THR O 63 -1.10 12.44 21.23
CA THR O 63 -0.42 13.58 21.85
C THR O 63 -0.32 13.44 23.37
N THR O 64 0.77 13.97 23.94
CA THR O 64 1.04 13.83 25.37
C THR O 64 0.03 14.57 26.24
N SER O 65 -0.52 15.65 25.72
CA SER O 65 -1.49 16.46 26.46
C SER O 65 -2.72 15.66 26.83
N ALA O 66 -3.34 15.06 25.82
CA ALA O 66 -4.53 14.22 26.01
C ALA O 66 -4.23 13.09 26.97
N VAL O 67 -3.04 12.53 26.88
CA VAL O 67 -2.61 11.45 27.76
C VAL O 67 -2.59 11.92 29.20
N CYS O 68 -1.97 13.09 29.45
CA CYS O 68 -1.91 13.64 30.80
C CYS O 68 -3.30 13.92 31.36
N LYS O 69 -4.17 14.51 30.55
CA LYS O 69 -5.54 14.75 30.96
C LYS O 69 -6.21 13.44 31.34
N LEU O 70 -5.91 12.40 30.57
CA LEU O 70 -6.45 11.07 30.81
C LEU O 70 -5.98 10.50 32.14
N VAL O 71 -4.69 10.62 32.44
CA VAL O 71 -4.17 10.05 33.68
C VAL O 71 -4.67 10.85 34.88
N ARG O 72 -4.98 12.12 34.68
CA ARG O 72 -5.52 12.93 35.77
C ARG O 72 -6.97 12.53 36.05
N GLN O 73 -7.76 12.41 34.99
CA GLN O 73 -9.15 11.97 35.13
C GLN O 73 -9.22 10.59 35.78
N LEU O 74 -8.39 9.68 35.28
CA LEU O 74 -8.29 8.33 35.82
C LEU O 74 -7.87 8.36 37.29
N GLN O 75 -6.89 9.19 37.62
CA GLN O 75 -6.43 9.33 38.99
C GLN O 75 -7.55 9.73 39.93
N GLN O 76 -8.24 10.82 39.60
CA GLN O 76 -9.29 11.34 40.46
C GLN O 76 -10.46 10.34 40.61
N GLN O 77 -10.92 9.80 39.48
CA GLN O 77 -11.98 8.81 39.52
C GLN O 77 -11.58 7.60 40.36
N ALA O 78 -10.33 7.19 40.25
CA ALA O 78 -9.81 6.04 40.98
C ALA O 78 -9.73 6.32 42.47
N LEU O 79 -9.44 7.57 42.83
CA LEU O 79 -9.45 7.97 44.23
C LEU O 79 -10.87 7.87 44.79
N SER O 80 -11.81 8.50 44.09
CA SER O 80 -13.21 8.48 44.50
C SER O 80 -13.75 7.05 44.59
N LEU O 81 -13.19 6.15 43.79
CA LEU O 81 -13.57 4.75 43.85
C LEU O 81 -12.93 4.07 45.05
N GLN O 82 -11.68 4.44 45.32
CA GLN O 82 -10.92 3.83 46.40
C GLN O 82 -11.55 4.13 47.74
N VAL O 83 -12.10 5.33 47.90
CA VAL O 83 -12.75 5.66 49.17
C VAL O 83 -14.01 4.80 49.37
N HIS O 84 -14.64 4.40 48.25
CA HIS O 84 -15.79 3.53 48.30
C HIS O 84 -15.39 2.12 48.71
N PHE O 85 -14.37 1.59 48.04
CA PHE O 85 -13.84 0.27 48.39
C PHE O 85 -13.43 0.21 49.85
N GLU O 86 -12.74 1.26 50.30
CA GLU O 86 -12.28 1.35 51.68
C GLU O 86 -13.44 1.42 52.67
N ARG O 87 -14.46 2.20 52.33
CA ARG O 87 -15.63 2.32 53.21
C ARG O 87 -16.36 1.00 53.33
N SER O 88 -16.61 0.35 52.20
CA SER O 88 -17.33 -0.92 52.20
C SER O 88 -16.52 -1.98 52.94
N GLU O 89 -15.19 -1.92 52.79
CA GLU O 89 -14.30 -2.80 53.54
C GLU O 89 -14.48 -2.58 55.03
N ARG O 90 -14.38 -1.33 55.46
CA ARG O 90 -14.50 -0.97 56.87
C ARG O 90 -15.83 -1.43 57.46
N VAL O 91 -16.91 -1.22 56.71
CA VAL O 91 -18.24 -1.59 57.18
C VAL O 91 -18.40 -3.10 57.28
N LEU O 92 -18.03 -3.82 56.22
CA LEU O 92 -18.20 -5.26 56.19
C LEU O 92 -17.21 -5.99 57.10
N SER O 93 -16.20 -5.27 57.58
CA SER O 93 -15.22 -5.86 58.49
C SER O 93 -15.63 -5.66 59.94
N GLY O 94 -16.50 -4.68 60.18
CA GLY O 94 -16.94 -4.37 61.52
C GLY O 94 -16.13 -3.25 62.14
N LEU O 95 -15.21 -2.70 61.36
CA LEU O 95 -14.35 -1.61 61.81
C LEU O 95 -15.11 -0.30 61.86
N GLN O 96 -16.21 -0.23 61.13
CA GLN O 96 -17.04 0.97 61.10
C GLN O 96 -18.51 0.61 61.30
N ALA O 97 -19.13 1.21 62.31
CA ALA O 97 -20.51 0.91 62.65
C ALA O 97 -21.48 1.37 61.56
N SER O 98 -22.26 0.44 61.05
CA SER O 98 -23.25 0.74 60.01
C SER O 98 -24.28 -0.38 59.94
N SER O 99 -25.54 -0.01 59.74
CA SER O 99 -26.62 -0.99 59.67
C SER O 99 -26.47 -1.86 58.43
N LEU O 100 -27.01 -3.07 58.49
CA LEU O 100 -26.92 -4.02 57.37
C LEU O 100 -27.54 -3.48 56.07
N PRO O 101 -28.73 -2.85 56.13
CA PRO O 101 -29.25 -2.30 54.87
C PRO O 101 -28.33 -1.24 54.27
N GLU O 102 -27.77 -0.37 55.12
CA GLU O 102 -26.82 0.63 54.67
C GLU O 102 -25.59 -0.05 54.05
N ALA O 103 -25.14 -1.13 54.67
CA ALA O 103 -23.98 -1.87 54.20
C ALA O 103 -24.21 -2.45 52.81
N LEU O 104 -25.34 -3.13 52.64
CA LEU O 104 -25.67 -3.78 51.38
C LEU O 104 -25.89 -2.74 50.28
N ALA O 105 -26.57 -1.64 50.62
CA ALA O 105 -26.79 -0.56 49.67
C ALA O 105 -25.45 0.02 49.21
N GLY O 106 -24.56 0.25 50.17
CA GLY O 106 -23.24 0.77 49.88
C GLY O 106 -22.44 -0.17 48.99
N ALA O 107 -22.60 -1.47 49.22
CA ALA O 107 -21.92 -2.46 48.39
C ALA O 107 -22.46 -2.43 46.97
N THR O 108 -23.77 -2.30 46.85
CA THR O 108 -24.42 -2.25 45.54
C THR O 108 -23.94 -1.04 44.74
N GLN O 109 -24.00 0.14 45.35
CA GLN O 109 -23.56 1.34 44.65
C GLN O 109 -22.05 1.31 44.39
N LEU O 110 -21.33 0.58 45.24
CA LEU O 110 -19.90 0.34 44.99
C LEU O 110 -19.73 -0.44 43.70
N LEU O 111 -20.53 -1.48 43.54
CA LEU O 111 -20.49 -2.27 42.31
C LEU O 111 -20.88 -1.42 41.10
N SER O 112 -21.83 -0.52 41.29
CA SER O 112 -22.23 0.40 40.22
C SER O 112 -21.06 1.27 39.78
N HIS O 113 -20.40 1.92 40.74
CA HIS O 113 -19.23 2.74 40.46
C HIS O 113 -18.15 1.92 39.76
N LEU O 114 -17.94 0.70 40.25
CA LEU O 114 -16.94 -0.18 39.67
C LEU O 114 -17.25 -0.50 38.21
N ASP O 115 -18.53 -0.65 37.90
CA ASP O 115 -18.96 -0.90 36.53
C ASP O 115 -18.68 0.32 35.66
N ASP O 116 -19.10 1.49 36.13
CA ASP O 116 -18.90 2.74 35.39
C ASP O 116 -17.42 3.04 35.14
N PHE O 117 -16.57 2.58 36.05
CA PHE O 117 -15.13 2.80 35.97
C PHE O 117 -14.50 1.81 34.99
N THR O 118 -14.85 0.54 35.15
CA THR O 118 -14.39 -0.52 34.25
C THR O 118 -14.76 -0.20 32.82
N ALA O 119 -15.90 0.46 32.65
CA ALA O 119 -16.33 0.93 31.34
C ALA O 119 -15.31 1.90 30.75
N THR O 120 -14.74 2.76 31.60
CA THR O 120 -13.75 3.73 31.15
C THR O 120 -12.39 3.08 30.96
N LEU O 121 -12.21 1.90 31.54
CA LEU O 121 -10.96 1.16 31.37
C LEU O 121 -10.94 0.32 30.09
N GLU O 122 -11.99 0.40 29.29
CA GLU O 122 -12.18 -0.49 28.16
C GLU O 122 -11.29 -0.20 26.96
N ARG O 123 -11.86 0.48 25.96
CA ARG O 123 -11.22 0.68 24.66
C ARG O 123 -9.90 1.44 24.72
N ARG O 124 -8.87 0.79 25.28
CA ARG O 124 -7.56 1.42 25.41
C ARG O 124 -6.49 0.58 24.74
N GLY O 125 -6.65 0.33 23.44
CA GLY O 125 -5.75 -0.56 22.73
C GLY O 125 -4.45 0.07 22.27
N VAL O 126 -4.52 1.29 21.76
CA VAL O 126 -3.38 1.96 21.15
C VAL O 126 -2.18 2.14 22.08
N PHE O 127 -2.43 2.09 23.39
CA PHE O 127 -1.37 2.33 24.36
C PHE O 127 -0.58 1.07 24.68
N PHE O 128 -1.06 -0.07 24.17
CA PHE O 128 -0.37 -1.34 24.40
C PHE O 128 0.43 -1.77 23.18
N ASN O 129 1.07 -0.81 22.53
CA ASN O 129 1.95 -1.10 21.41
C ASN O 129 3.21 -1.82 21.88
N ASP O 130 3.48 -2.97 21.29
CA ASP O 130 4.61 -3.81 21.68
C ASP O 130 4.55 -4.20 23.16
N ALA O 131 3.32 -4.33 23.67
CA ALA O 131 3.10 -4.73 25.05
C ALA O 131 2.07 -5.84 25.14
N LYS O 132 2.34 -6.94 24.43
CA LYS O 132 1.43 -8.06 24.34
C LYS O 132 1.16 -8.72 25.70
N ILE O 133 2.23 -8.96 26.45
CA ILE O 133 2.13 -9.50 27.81
C ILE O 133 1.22 -8.63 28.67
N GLU O 134 1.54 -7.34 28.70
CA GLU O 134 0.82 -6.37 29.50
C GLU O 134 -0.66 -6.32 29.12
N ARG O 135 -0.95 -6.46 27.82
CA ARG O 135 -2.33 -6.42 27.36
C ARG O 135 -3.08 -7.68 27.75
N ARG O 136 -2.39 -8.82 27.69
CA ARG O 136 -3.00 -10.08 28.10
C ARG O 136 -3.39 -10.01 29.57
N ARG O 137 -2.47 -9.52 30.41
CA ARG O 137 -2.75 -9.41 31.83
C ARG O 137 -3.88 -8.40 32.10
N TYR O 138 -3.78 -7.24 31.46
CA TYR O 138 -4.78 -6.17 31.55
C TYR O 138 -6.18 -6.70 31.24
N GLU O 139 -6.35 -7.25 30.04
CA GLU O 139 -7.61 -7.81 29.60
C GLU O 139 -8.11 -8.91 30.54
N GLN O 140 -7.20 -9.80 30.95
CA GLN O 140 -7.55 -10.88 31.85
C GLN O 140 -8.17 -10.36 33.14
N HIS O 141 -7.45 -9.47 33.81
CA HIS O 141 -7.92 -8.92 35.07
C HIS O 141 -9.21 -8.12 34.90
N LEU O 142 -9.36 -7.46 33.76
CA LEU O 142 -10.60 -6.75 33.47
C LEU O 142 -11.78 -7.72 33.42
N GLU O 143 -11.60 -8.81 32.68
CA GLU O 143 -12.62 -9.85 32.58
C GLU O 143 -12.94 -10.40 33.97
N GLN O 144 -11.90 -10.57 34.79
CA GLN O 144 -12.09 -11.02 36.16
C GLN O 144 -12.97 -10.06 36.93
N ILE O 145 -12.72 -8.76 36.79
CA ILE O 145 -13.52 -7.73 37.44
C ILE O 145 -14.98 -7.84 37.02
N ARG O 146 -15.21 -7.94 35.72
CA ARG O 146 -16.57 -8.07 35.20
C ARG O 146 -17.30 -9.27 35.78
N THR O 147 -16.64 -10.43 35.71
CA THR O 147 -17.24 -11.68 36.17
C THR O 147 -17.56 -11.67 37.67
N VAL O 148 -16.55 -11.33 38.48
CA VAL O 148 -16.73 -11.29 39.92
C VAL O 148 -17.80 -10.28 40.31
N SER O 149 -17.84 -9.15 39.60
CA SER O 149 -18.87 -8.14 39.83
C SER O 149 -20.25 -8.73 39.56
N LYS O 150 -20.37 -9.48 38.47
CA LYS O 150 -21.64 -10.09 38.11
C LYS O 150 -22.09 -11.08 39.18
N ASP O 151 -21.20 -11.98 39.57
CA ASP O 151 -21.50 -12.98 40.59
C ASP O 151 -21.90 -12.33 41.93
N THR O 152 -21.18 -11.29 42.30
CA THR O 152 -21.45 -10.57 43.54
C THR O 152 -22.81 -9.91 43.49
N ARG O 153 -23.12 -9.27 42.37
CA ARG O 153 -24.41 -8.62 42.20
C ARG O 153 -25.53 -9.65 42.25
N TYR O 154 -25.24 -10.87 41.79
CA TYR O 154 -26.18 -11.96 41.98
C TYR O 154 -26.36 -12.26 43.46
N SER O 155 -25.24 -12.34 44.17
CA SER O 155 -25.24 -12.65 45.60
C SER O 155 -26.06 -11.64 46.41
N LEU O 156 -26.09 -10.40 45.93
CA LEU O 156 -26.83 -9.35 46.63
C LEU O 156 -28.29 -9.29 46.20
N GLU O 157 -28.53 -9.31 44.89
CA GLU O 157 -29.89 -9.18 44.36
C GLU O 157 -30.73 -10.42 44.60
N ARG O 158 -30.20 -11.59 44.21
CA ARG O 158 -30.86 -12.85 44.50
C ARG O 158 -30.35 -13.40 45.83
N GLN O 159 -30.52 -14.69 46.05
CA GLN O 159 -30.02 -15.39 47.25
C GLN O 159 -30.69 -14.91 48.54
N HIS O 160 -31.39 -15.83 49.19
CA HIS O 160 -32.15 -15.53 50.40
C HIS O 160 -31.28 -15.07 51.56
N TYR O 161 -30.41 -15.96 52.03
CA TYR O 161 -29.48 -15.62 53.11
C TYR O 161 -28.15 -15.15 52.55
N ILE O 162 -27.93 -13.83 52.56
CA ILE O 162 -26.70 -13.26 52.03
C ILE O 162 -25.49 -13.66 52.86
N ASN O 163 -24.49 -14.21 52.20
CA ASN O 163 -23.22 -14.52 52.86
C ASN O 163 -22.33 -13.28 52.88
N LEU O 164 -22.14 -12.71 54.06
CA LEU O 164 -21.38 -11.48 54.22
C LEU O 164 -19.88 -11.73 54.14
N GLU O 165 -19.46 -12.92 54.56
CA GLU O 165 -18.05 -13.32 54.49
C GLU O 165 -17.58 -13.29 53.04
N SER O 166 -18.33 -13.99 52.19
CA SER O 166 -18.04 -14.06 50.77
C SER O 166 -18.18 -12.68 50.12
N LEU O 167 -19.06 -11.86 50.66
CA LEU O 167 -19.25 -10.51 50.16
C LEU O 167 -17.99 -9.68 50.38
N LEU O 168 -17.48 -9.70 51.59
CA LEU O 168 -16.26 -8.99 51.93
C LEU O 168 -15.09 -9.51 51.10
N ASP O 169 -14.98 -10.83 50.99
CA ASP O 169 -13.92 -11.44 50.18
C ASP O 169 -13.98 -10.97 48.73
N ASP O 170 -15.19 -10.94 48.17
CA ASP O 170 -15.38 -10.51 46.79
C ASP O 170 -15.02 -9.05 46.60
N VAL O 171 -15.43 -8.20 47.55
CA VAL O 171 -15.09 -6.78 47.51
C VAL O 171 -13.58 -6.59 47.48
N GLN O 172 -12.90 -7.25 48.41
CA GLN O 172 -11.43 -7.15 48.49
C GLN O 172 -10.77 -7.65 47.20
N LEU O 173 -11.29 -8.74 46.64
CA LEU O 173 -10.76 -9.28 45.39
C LEU O 173 -10.90 -8.29 44.24
N LEU O 174 -12.07 -7.67 44.16
CA LEU O 174 -12.32 -6.64 43.15
C LEU O 174 -11.34 -5.50 43.31
N LYS O 175 -11.09 -5.11 44.56
CA LYS O 175 -10.10 -4.07 44.85
C LYS O 175 -8.72 -4.45 44.31
N ARG O 176 -8.33 -5.69 44.59
CA ARG O 176 -7.09 -6.27 44.07
C ARG O 176 -6.95 -6.12 42.55
N HIS O 177 -7.90 -6.72 41.84
CA HIS O 177 -7.91 -6.71 40.38
C HIS O 177 -7.88 -5.29 39.82
N THR O 178 -8.71 -4.42 40.38
CA THR O 178 -8.77 -3.01 39.98
C THR O 178 -7.40 -2.36 40.12
N LEU O 179 -6.75 -2.61 41.26
CA LEU O 179 -5.43 -2.07 41.51
C LEU O 179 -4.46 -2.49 40.41
N ILE O 180 -4.40 -3.78 40.13
CA ILE O 180 -3.47 -4.28 39.10
C ILE O 180 -3.75 -3.66 37.73
N THR O 181 -5.01 -3.67 37.33
CA THR O 181 -5.47 -3.06 36.08
C THR O 181 -4.96 -1.62 35.93
N LEU O 182 -5.28 -0.81 36.94
CA LEU O 182 -4.87 0.59 36.94
C LEU O 182 -3.36 0.75 36.87
N ARG O 183 -2.64 -0.10 37.59
CA ARG O 183 -1.18 -0.07 37.52
C ARG O 183 -0.69 -0.23 36.08
N LEU O 184 -1.24 -1.22 35.39
CA LEU O 184 -0.88 -1.49 34.01
C LEU O 184 -1.15 -0.28 33.10
N ILE O 185 -2.41 0.16 33.06
CA ILE O 185 -2.80 1.22 32.14
C ILE O 185 -2.03 2.52 32.44
N PHE O 186 -1.78 2.80 33.72
CA PHE O 186 -1.01 3.97 34.11
C PHE O 186 0.43 3.85 33.62
N GLU O 187 0.98 2.64 33.71
CA GLU O 187 2.34 2.41 33.23
C GLU O 187 2.45 2.74 31.75
N ARG O 188 1.48 2.29 30.96
CA ARG O 188 1.51 2.57 29.53
C ARG O 188 1.38 4.08 29.26
N LEU O 189 0.34 4.68 29.83
CA LEU O 189 0.06 6.09 29.65
C LEU O 189 1.26 6.97 29.99
N VAL O 190 1.94 6.63 31.09
CA VAL O 190 3.14 7.36 31.49
C VAL O 190 4.29 7.11 30.51
N ARG O 191 4.39 5.88 30.03
CA ARG O 191 5.44 5.53 29.07
C ARG O 191 5.35 6.40 27.84
N VAL O 192 4.13 6.76 27.45
CA VAL O 192 3.94 7.71 26.35
C VAL O 192 4.71 9.01 26.58
N LEU O 193 4.49 9.61 27.75
CA LEU O 193 5.12 10.87 28.13
C LEU O 193 6.64 10.76 28.22
N VAL O 194 7.11 9.75 28.94
CA VAL O 194 8.55 9.57 29.14
C VAL O 194 9.27 9.34 27.81
N ILE O 195 8.66 8.55 26.93
CA ILE O 195 9.22 8.35 25.60
C ILE O 195 9.24 9.67 24.82
N SER O 196 8.16 10.44 24.92
CA SER O 196 8.07 11.73 24.24
C SER O 196 9.18 12.66 24.69
N ILE O 197 9.58 12.56 25.95
CA ILE O 197 10.72 13.33 26.43
C ILE O 197 12.03 12.77 25.87
N GLU O 198 12.14 11.44 25.87
CA GLU O 198 13.34 10.76 25.43
C GLU O 198 13.66 11.04 23.96
N GLN O 199 12.62 11.10 23.14
CA GLN O 199 12.78 11.32 21.71
C GLN O 199 12.29 12.70 21.29
N SER O 200 12.60 13.71 22.10
CA SER O 200 12.18 15.08 21.82
C SER O 200 12.84 15.61 20.56
N GLN O 201 12.11 16.47 19.84
CA GLN O 201 12.62 17.07 18.62
C GLN O 201 12.30 18.56 18.58
N CYS O 202 11.49 19.02 19.54
CA CYS O 202 11.19 20.43 19.70
C CYS O 202 11.42 20.83 21.15
N ASP O 203 12.36 21.74 21.37
CA ASP O 203 12.75 22.13 22.73
C ASP O 203 11.60 22.66 23.57
N LEU O 204 10.73 23.45 22.96
CA LEU O 204 9.57 23.98 23.66
C LEU O 204 8.68 22.85 24.18
N LEU O 205 8.44 21.87 23.33
CA LEU O 205 7.63 20.72 23.71
C LEU O 205 8.37 19.84 24.72
N LEU O 206 9.69 19.88 24.69
CA LEU O 206 10.49 19.19 25.70
C LEU O 206 10.23 19.80 27.07
N ARG O 207 10.33 21.12 27.13
CA ARG O 207 10.05 21.86 28.36
C ARG O 207 8.63 21.57 28.83
N ALA O 208 7.70 21.58 27.87
CA ALA O 208 6.28 21.35 28.18
C ALA O 208 6.08 19.98 28.79
N ASN O 209 6.70 18.96 28.20
CA ASN O 209 6.55 17.59 28.66
C ASN O 209 7.19 17.36 30.02
N ILE O 210 8.40 17.86 30.20
CA ILE O 210 9.07 17.80 31.50
C ILE O 210 8.19 18.43 32.56
N ASN O 211 7.62 19.58 32.21
CA ASN O 211 6.67 20.27 33.07
C ASN O 211 5.43 19.42 33.32
N MET O 212 5.10 18.55 32.36
CA MET O 212 3.95 17.68 32.50
C MET O 212 4.23 16.56 33.51
N VAL O 213 5.46 16.05 33.53
CA VAL O 213 5.78 15.04 34.54
C VAL O 213 5.93 15.71 35.90
N ALA O 214 6.29 16.99 35.90
CA ALA O 214 6.38 17.73 37.15
C ALA O 214 4.99 17.94 37.73
N THR O 215 4.04 18.20 36.84
CA THR O 215 2.65 18.43 37.23
C THR O 215 1.98 17.13 37.66
N LEU O 216 2.26 16.06 36.93
CA LEU O 216 1.64 14.76 37.17
C LEU O 216 2.04 14.17 38.51
N MET O 217 3.20 14.58 39.01
CA MET O 217 3.71 14.08 40.28
C MET O 217 3.70 15.15 41.37
N ASN O 218 2.86 16.16 41.20
CA ASN O 218 2.69 17.21 42.20
C ASN O 218 2.31 16.60 43.55
N ILE O 219 1.36 15.68 43.51
CA ILE O 219 0.95 14.94 44.70
C ILE O 219 1.12 13.45 44.45
N ASP O 220 1.96 12.80 45.25
CA ASP O 220 2.19 11.37 45.09
C ASP O 220 1.18 10.59 45.90
N TYR O 221 0.62 9.54 45.30
CA TYR O 221 -0.37 8.70 45.97
C TYR O 221 0.18 7.29 46.17
N ASP O 222 -0.58 6.47 46.89
CA ASP O 222 -0.16 5.10 47.17
C ASP O 222 -1.23 4.09 46.78
N GLY O 223 -2.47 4.56 46.68
CA GLY O 223 -3.59 3.68 46.40
C GLY O 223 -3.78 3.37 44.93
N PHE O 224 -5.02 3.52 44.45
CA PHE O 224 -5.34 3.25 43.05
C PHE O 224 -4.66 4.23 42.11
N ARG O 225 -4.45 5.45 42.57
CA ARG O 225 -3.98 6.54 41.72
C ARG O 225 -2.47 6.77 41.82
N SER O 226 -1.73 5.74 42.20
CA SER O 226 -0.28 5.87 42.33
C SER O 226 0.39 5.84 40.96
N LEU O 227 1.27 6.80 40.70
CA LEU O 227 1.99 6.87 39.44
C LEU O 227 3.48 6.62 39.65
N SER O 228 3.85 6.32 40.89
CA SER O 228 5.25 6.13 41.27
C SER O 228 5.95 5.09 40.40
N ASP O 229 5.42 3.87 40.44
CA ASP O 229 6.03 2.76 39.71
C ASP O 229 5.85 2.91 38.20
N ALA O 230 4.89 3.74 37.80
CA ALA O 230 4.68 4.02 36.39
C ALA O 230 5.84 4.83 35.83
N PHE O 231 6.40 5.70 36.66
CA PHE O 231 7.57 6.50 36.28
C PHE O 231 8.86 5.75 36.56
N VAL O 232 8.82 4.86 37.55
CA VAL O 232 10.00 4.08 37.90
C VAL O 232 10.31 3.01 36.84
N GLN O 233 9.28 2.31 36.39
CA GLN O 233 9.44 1.23 35.42
C GLN O 233 9.82 1.73 34.03
N ASN O 234 9.39 2.94 33.69
CA ASN O 234 9.68 3.50 32.38
C ASN O 234 10.99 4.26 32.35
N GLU O 235 11.77 4.13 33.41
CA GLU O 235 13.07 4.79 33.55
C GLU O 235 12.99 6.29 33.30
N ALA O 236 12.03 6.95 33.94
CA ALA O 236 11.86 8.39 33.79
C ALA O 236 13.05 9.13 34.42
N VAL O 237 13.53 8.60 35.54
CA VAL O 237 14.66 9.20 36.25
C VAL O 237 15.91 9.25 35.37
N ARG O 238 16.21 8.14 34.72
CA ARG O 238 17.38 8.07 33.85
C ARG O 238 17.23 9.01 32.66
N THR O 239 16.02 9.07 32.11
CA THR O 239 15.73 9.96 30.98
C THR O 239 15.98 11.42 31.34
N LEU O 240 15.40 11.83 32.47
CA LEU O 240 15.56 13.20 32.94
C LEU O 240 17.02 13.51 33.29
N LEU O 241 17.74 12.48 33.77
CA LEU O 241 19.15 12.66 34.06
C LEU O 241 19.95 12.84 32.78
N VAL O 242 19.51 12.19 31.71
CA VAL O 242 20.13 12.38 30.41
C VAL O 242 19.87 13.80 29.92
N VAL O 243 18.64 14.27 30.14
CA VAL O 243 18.28 15.64 29.81
C VAL O 243 19.19 16.62 30.54
N VAL O 244 19.42 16.37 31.82
CA VAL O 244 20.31 17.21 32.63
C VAL O 244 21.73 17.17 32.11
N LEU O 245 22.19 15.98 31.72
CA LEU O 245 23.56 15.81 31.27
C LEU O 245 23.87 16.46 29.92
N ASP O 246 22.95 16.34 28.97
CA ASP O 246 23.27 16.67 27.58
C ASP O 246 22.75 18.01 27.08
N HIS O 247 21.69 18.54 27.68
CA HIS O 247 21.05 19.74 27.14
C HIS O 247 21.93 20.98 27.26
N LYS O 248 21.79 21.89 26.30
CA LYS O 248 22.59 23.11 26.26
C LYS O 248 22.03 24.19 27.17
N GLN O 249 20.72 24.43 27.07
CA GLN O 249 20.07 25.49 27.83
C GLN O 249 19.95 25.15 29.31
N SER O 250 20.36 26.09 30.16
CA SER O 250 20.32 25.91 31.60
C SER O 250 18.90 25.89 32.13
N SER O 251 18.00 26.57 31.44
CA SER O 251 16.60 26.63 31.82
C SER O 251 15.97 25.24 31.79
N VAL O 252 16.19 24.53 30.69
CA VAL O 252 15.65 23.19 30.51
C VAL O 252 16.24 22.22 31.53
N ARG O 253 17.52 22.39 31.83
CA ARG O 253 18.18 21.58 32.85
C ARG O 253 17.53 21.81 34.20
N ALA O 254 17.23 23.06 34.49
CA ALA O 254 16.55 23.42 35.74
C ALA O 254 15.17 22.76 35.81
N LEU O 255 14.45 22.81 34.69
CA LEU O 255 13.15 22.16 34.59
C LEU O 255 13.26 20.65 34.85
N ALA O 256 14.29 20.03 34.28
CA ALA O 256 14.50 18.60 34.44
C ALA O 256 14.84 18.24 35.87
N LEU O 257 15.61 19.10 36.53
CA LEU O 257 15.94 18.89 37.94
C LEU O 257 14.70 19.01 38.81
N ARG O 258 13.87 20.01 38.50
CA ARG O 258 12.61 20.20 39.19
C ARG O 258 11.73 18.96 39.04
N ALA O 259 11.71 18.39 37.84
CA ALA O 259 10.92 17.20 37.57
C ALA O 259 11.51 15.98 38.26
N LEU O 260 12.83 15.96 38.44
CA LEU O 260 13.50 14.86 39.11
C LEU O 260 13.22 14.88 40.60
N ALA O 261 13.06 16.09 41.14
CA ALA O 261 12.84 16.27 42.57
C ALA O 261 11.46 15.79 43.00
N THR O 262 10.53 15.72 42.06
CA THR O 262 9.16 15.33 42.39
C THR O 262 8.96 13.83 42.22
N LEU O 263 10.02 13.14 41.77
CA LEU O 263 9.98 11.69 41.61
C LEU O 263 10.66 11.00 42.78
N CYS O 264 11.48 11.75 43.50
CA CYS O 264 12.28 11.18 44.59
C CYS O 264 11.49 11.07 45.89
N CYS O 265 10.19 10.88 45.77
CA CYS O 265 9.34 10.62 46.92
C CYS O 265 9.34 9.12 47.22
N ALA O 266 9.44 8.33 46.15
CA ALA O 266 9.50 6.88 46.28
C ALA O 266 10.94 6.38 46.31
N PRO O 267 11.25 5.49 47.26
CA PRO O 267 12.60 4.95 47.45
C PRO O 267 13.15 4.26 46.19
N GLN O 268 12.27 3.61 45.44
CA GLN O 268 12.68 2.91 44.22
C GLN O 268 13.28 3.88 43.22
N ALA O 269 12.67 5.06 43.11
CA ALA O 269 13.14 6.09 42.20
C ALA O 269 14.47 6.68 42.67
N ILE O 270 14.66 6.73 43.98
CA ILE O 270 15.90 7.23 44.55
C ILE O 270 17.03 6.25 44.27
N ASN O 271 16.76 4.97 44.46
CA ASN O 271 17.71 3.93 44.10
C ASN O 271 18.02 4.01 42.61
N GLN O 272 17.00 4.27 41.82
CA GLN O 272 17.15 4.39 40.38
C GLN O 272 17.94 5.64 40.01
N LEU O 273 17.99 6.60 40.93
CA LEU O 273 18.78 7.81 40.73
C LEU O 273 20.24 7.54 41.04
N GLY O 274 20.48 6.96 42.20
CA GLY O 274 21.83 6.63 42.63
C GLY O 274 22.51 5.63 41.71
N SER O 275 21.72 4.77 41.09
CA SER O 275 22.25 3.76 40.17
C SER O 275 22.83 4.41 38.92
N CYS O 276 22.30 5.58 38.56
CA CYS O 276 22.77 6.30 37.38
C CYS O 276 23.89 7.26 37.74
N GLY O 277 24.22 7.34 39.02
CA GLY O 277 25.21 8.29 39.49
C GLY O 277 24.66 9.70 39.41
N GLY O 278 23.39 9.85 39.74
CA GLY O 278 22.72 11.13 39.70
C GLY O 278 23.18 12.06 40.81
N ILE O 279 23.47 11.48 41.98
CA ILE O 279 23.97 12.25 43.11
C ILE O 279 25.27 12.95 42.74
N GLU O 280 26.16 12.22 42.06
CA GLU O 280 27.42 12.78 41.62
C GLU O 280 27.21 13.92 40.63
N ILE O 281 26.27 13.75 39.71
CA ILE O 281 25.98 14.77 38.71
C ILE O 281 25.45 16.04 39.35
N VAL O 282 24.44 15.89 40.20
CA VAL O 282 23.86 17.02 40.92
C VAL O 282 24.93 17.71 41.78
N ARG O 283 25.81 16.91 42.36
CA ARG O 283 26.91 17.45 43.15
C ARG O 283 27.87 18.25 42.26
N ASP O 284 28.01 17.82 41.01
CA ASP O 284 28.87 18.52 40.06
C ASP O 284 28.23 19.82 39.60
N ILE O 285 26.90 19.85 39.61
CA ILE O 285 26.16 21.05 39.22
C ILE O 285 26.47 22.22 40.15
N LEU O 286 26.70 21.91 41.43
CA LEU O 286 26.88 22.94 42.45
C LEU O 286 28.33 23.40 42.60
N GLN O 287 29.20 23.05 41.65
CA GLN O 287 30.58 23.49 41.71
C GLN O 287 31.19 23.76 40.34
N VAL O 288 31.78 22.72 39.73
CA VAL O 288 32.65 22.87 38.56
C VAL O 288 33.75 23.87 38.90
N GLU O 289 34.60 23.49 39.86
CA GLU O 289 35.61 24.37 40.43
C GLU O 289 34.97 25.66 40.98
N SER O 290 33.70 25.53 41.40
CA SER O 290 32.90 26.66 41.87
C SER O 290 32.91 27.80 40.86
N ALA O 291 32.51 27.49 39.63
CA ALA O 291 32.47 28.48 38.56
C ALA O 291 31.14 29.23 38.56
N GLY O 292 31.17 30.45 38.01
CA GLY O 292 29.99 31.29 38.00
C GLY O 292 28.92 30.86 37.01
N GLU O 293 29.34 30.53 35.79
CA GLU O 293 28.41 30.17 34.74
C GLU O 293 27.67 28.86 35.02
N ARG O 294 26.72 28.54 34.14
CA ARG O 294 25.82 27.40 34.30
C ARG O 294 25.07 27.45 35.63
N GLY O 295 24.58 28.64 35.97
CA GLY O 295 23.65 28.81 37.08
C GLY O 295 22.35 29.34 36.52
N ALA O 296 21.47 29.87 37.36
CA ALA O 296 21.66 29.89 38.81
C ALA O 296 20.38 29.42 39.48
N ILE O 297 19.30 29.39 38.70
CA ILE O 297 18.05 28.79 39.15
C ILE O 297 18.21 27.28 39.07
N GLU O 298 19.14 26.86 38.20
CA GLU O 298 19.52 25.46 38.06
C GLU O 298 20.11 24.95 39.36
N ARG O 299 20.90 25.78 40.01
CA ARG O 299 21.43 25.48 41.34
C ARG O 299 20.29 25.37 42.35
N ARG O 300 19.37 26.32 42.28
CA ARG O 300 18.22 26.36 43.19
C ARG O 300 17.35 25.13 43.08
N GLU O 301 17.32 24.52 41.90
CA GLU O 301 16.56 23.28 41.72
C GLU O 301 17.40 22.05 42.07
N ALA O 302 18.71 22.15 41.86
CA ALA O 302 19.61 21.05 42.20
C ALA O 302 19.64 20.81 43.71
N VAL O 303 19.76 21.88 44.48
CA VAL O 303 19.75 21.77 45.93
C VAL O 303 18.39 21.30 46.43
N SER O 304 17.35 21.60 45.65
CA SER O 304 16.00 21.12 45.96
C SER O 304 15.95 19.61 45.78
N LEU O 305 16.61 19.13 44.73
CA LEU O 305 16.70 17.70 44.48
C LEU O 305 17.46 17.00 45.61
N LEU O 306 18.62 17.56 45.96
CA LEU O 306 19.41 17.03 47.07
C LEU O 306 18.61 17.02 48.37
N ALA O 307 17.77 18.02 48.54
CA ALA O 307 16.94 18.13 49.73
C ALA O 307 15.88 17.03 49.77
N GLN O 308 15.14 16.89 48.66
CA GLN O 308 14.11 15.86 48.56
C GLN O 308 14.71 14.47 48.73
N ILE O 309 15.93 14.29 48.25
CA ILE O 309 16.63 13.01 48.40
C ILE O 309 17.01 12.75 49.84
N THR O 310 17.61 13.75 50.49
CA THR O 310 18.06 13.60 51.87
C THR O 310 16.91 13.55 52.87
N ALA O 311 15.70 13.81 52.40
CA ALA O 311 14.51 13.72 53.23
C ALA O 311 14.24 12.28 53.65
N ALA O 312 14.80 11.34 52.90
CA ALA O 312 14.74 9.93 53.23
C ALA O 312 16.17 9.36 53.20
N TRP O 313 16.81 9.07 54.34
CA TRP O 313 16.29 9.11 55.72
C TRP O 313 15.08 8.19 55.92
N HIS O 314 15.27 6.92 55.61
CA HIS O 314 14.25 5.91 55.82
C HIS O 314 14.24 5.48 57.28
N GLY O 315 15.28 4.77 57.70
CA GLY O 315 15.41 4.30 59.07
C GLY O 315 16.72 3.60 59.32
N SER O 316 17.79 4.12 58.71
CA SER O 316 19.12 3.54 58.88
C SER O 316 20.20 4.60 58.82
N GLU O 317 21.46 4.15 58.75
CA GLU O 317 22.65 5.00 58.66
C GLU O 317 22.87 5.83 59.94
N HIS O 318 24.13 5.96 60.33
CA HIS O 318 24.49 6.71 61.53
C HIS O 318 25.21 8.01 61.19
N ARG O 319 26.04 7.97 60.15
CA ARG O 319 26.78 9.15 59.73
C ARG O 319 25.90 10.14 58.99
N VAL O 320 24.91 9.61 58.28
CA VAL O 320 23.97 10.43 57.50
C VAL O 320 23.05 11.25 58.39
N PRO O 321 23.10 10.96 59.69
CA PRO O 321 22.32 11.72 60.67
C PRO O 321 23.23 12.68 61.43
N GLY O 322 24.43 12.20 61.75
CA GLY O 322 25.41 13.01 62.47
C GLY O 322 25.85 14.20 61.64
N LEU O 323 26.09 13.97 60.36
CA LEU O 323 26.49 15.04 59.44
C LEU O 323 25.35 16.05 59.28
N ARG O 324 24.13 15.53 59.20
CA ARG O 324 22.94 16.37 59.06
C ARG O 324 22.77 17.29 60.27
N ASP O 325 22.94 16.72 61.46
CA ASP O 325 22.86 17.52 62.69
C ASP O 325 24.01 18.52 62.76
N CYS O 326 25.18 18.10 62.26
CA CYS O 326 26.35 18.97 62.23
C CYS O 326 26.09 20.21 61.38
N ALA O 327 25.50 20.00 60.21
CA ALA O 327 25.13 21.11 59.34
C ALA O 327 24.04 21.96 59.96
N GLU O 328 23.08 21.29 60.60
CA GLU O 328 21.95 21.96 61.24
C GLU O 328 22.42 22.89 62.35
N SER O 329 23.52 22.53 63.00
CA SER O 329 24.10 23.37 64.04
C SER O 329 24.98 24.46 63.42
N LEU O 330 25.72 24.09 62.38
CA LEU O 330 26.61 25.01 61.70
C LEU O 330 25.85 26.19 61.10
N VAL O 331 24.61 25.95 60.69
CA VAL O 331 23.76 27.01 60.18
C VAL O 331 23.25 27.88 61.32
N ALA O 332 22.89 27.23 62.43
CA ALA O 332 22.38 27.92 63.61
C ALA O 332 23.43 28.86 64.20
N GLY O 333 24.70 28.52 63.99
CA GLY O 333 25.80 29.37 64.45
C GLY O 333 25.86 30.67 63.66
N LEU O 334 25.78 30.55 62.34
CA LEU O 334 25.90 31.71 61.45
C LEU O 334 24.67 32.61 61.51
N ALA O 335 23.49 31.99 61.56
CA ALA O 335 22.24 32.75 61.55
C ALA O 335 22.04 33.54 62.85
N ALA O 336 22.18 32.86 63.98
CA ALA O 336 22.01 33.50 65.28
C ALA O 336 23.29 34.20 65.72
N GLU P 26 53.27 -76.27 10.16
CA GLU P 26 51.87 -75.93 10.34
C GLU P 26 51.63 -74.94 11.48
N PRO P 27 52.23 -75.16 12.66
CA PRO P 27 52.02 -74.15 13.70
C PRO P 27 52.81 -72.88 13.45
N VAL P 28 54.13 -72.97 13.65
CA VAL P 28 55.02 -71.82 13.47
C VAL P 28 55.00 -71.33 12.03
N ALA P 29 54.70 -72.23 11.10
CA ALA P 29 54.61 -71.88 9.68
C ALA P 29 53.49 -70.87 9.45
N SER P 30 52.29 -71.21 9.90
CA SER P 30 51.13 -70.32 9.76
C SER P 30 51.31 -69.08 10.62
N TRP P 31 51.98 -69.25 11.76
CA TRP P 31 52.29 -68.14 12.66
C TRP P 31 53.11 -67.08 11.93
N MET P 32 54.18 -67.50 11.27
CA MET P 32 55.00 -66.60 10.47
C MET P 32 54.23 -66.06 9.27
N SER P 33 53.40 -66.92 8.68
CA SER P 33 52.60 -66.56 7.52
C SER P 33 51.65 -65.41 7.85
N GLU P 34 51.18 -65.36 9.09
CA GLU P 34 50.31 -64.27 9.52
C GLU P 34 51.13 -63.07 9.98
N GLN P 35 52.25 -63.33 10.65
CA GLN P 35 53.07 -62.25 11.22
C GLN P 35 53.88 -61.49 10.16
N ARG P 36 53.94 -62.02 8.94
CA ARG P 36 54.63 -61.33 7.86
C ARG P 36 53.89 -60.06 7.47
N TRP P 37 52.59 -60.17 7.29
CA TRP P 37 51.78 -59.05 6.83
C TRP P 37 51.08 -58.34 7.98
N ALA P 38 51.81 -58.15 9.08
CA ALA P 38 51.25 -57.50 10.26
C ALA P 38 52.30 -56.68 10.99
N GLY P 39 51.90 -55.53 11.50
CA GLY P 39 52.79 -54.66 12.25
C GLY P 39 52.05 -53.46 12.82
N GLU P 40 52.57 -52.91 13.91
CA GLU P 40 51.95 -51.77 14.56
C GLU P 40 52.57 -50.46 14.08
N PRO P 41 51.81 -49.67 13.31
CA PRO P 41 52.30 -48.43 12.70
C PRO P 41 52.04 -47.20 13.57
N GLU P 42 52.28 -46.02 13.02
CA GLU P 42 52.06 -44.77 13.75
C GLU P 42 50.81 -44.06 13.26
N VAL P 43 50.62 -42.83 13.72
CA VAL P 43 49.43 -42.05 13.36
C VAL P 43 49.39 -41.77 11.87
N MET P 44 48.33 -42.24 11.22
CA MET P 44 48.15 -42.04 9.78
C MET P 44 46.89 -41.23 9.50
N CYS P 45 46.66 -40.20 10.31
CA CYS P 45 45.51 -39.32 10.14
C CYS P 45 45.84 -37.90 10.57
N THR P 46 46.20 -37.06 9.60
CA THR P 46 46.58 -35.68 9.88
C THR P 46 45.34 -34.79 10.04
N LEU P 47 44.77 -34.38 8.91
CA LEU P 47 43.57 -33.53 8.87
C LEU P 47 43.78 -32.17 9.55
N GLN P 48 43.99 -31.15 8.72
CA GLN P 48 44.11 -29.78 9.22
C GLN P 48 42.74 -29.12 9.26
N HIS P 49 42.59 -28.07 10.06
CA HIS P 49 41.30 -27.42 10.24
C HIS P 49 41.29 -25.98 9.74
N LYS P 50 40.17 -25.57 9.16
CA LYS P 50 39.95 -24.18 8.77
C LYS P 50 39.02 -23.51 9.79
N SER P 51 39.59 -22.65 10.62
CA SER P 51 38.84 -22.05 11.72
C SER P 51 37.93 -20.91 11.28
N ILE P 52 36.65 -21.03 11.58
CA ILE P 52 35.68 -19.95 11.35
C ILE P 52 35.94 -18.82 12.34
N ALA P 53 36.26 -19.21 13.57
CA ALA P 53 36.51 -18.26 14.65
C ALA P 53 37.57 -17.23 14.28
N GLN P 54 38.59 -17.65 13.54
CA GLN P 54 39.64 -16.75 13.10
C GLN P 54 39.11 -15.73 12.11
N GLU P 55 38.32 -16.19 11.14
CA GLU P 55 37.74 -15.29 10.14
C GLU P 55 36.78 -14.30 10.77
N ALA P 56 36.06 -14.75 11.79
CA ALA P 56 35.16 -13.88 12.55
C ALA P 56 35.97 -12.87 13.35
N TYR P 57 37.14 -13.30 13.83
CA TYR P 57 38.03 -12.46 14.61
C TYR P 57 38.75 -11.46 13.70
N LYS P 58 38.72 -11.74 12.40
CA LYS P 58 39.45 -10.92 11.43
C LYS P 58 38.58 -9.89 10.72
N ASN P 59 37.45 -10.34 10.18
CA ASN P 59 36.72 -9.53 9.20
C ASN P 59 35.37 -9.00 9.65
N TYR P 60 34.75 -9.64 10.63
CA TYR P 60 33.41 -9.26 11.04
C TYR P 60 33.40 -8.45 12.33
N THR P 61 32.26 -7.80 12.61
CA THR P 61 32.13 -6.87 13.73
C THR P 61 32.38 -7.55 15.08
N ILE P 62 31.31 -8.01 15.71
CA ILE P 62 31.41 -8.72 16.98
C ILE P 62 30.19 -9.62 17.17
N THR P 63 30.46 -10.89 17.47
CA THR P 63 29.39 -11.88 17.61
C THR P 63 28.98 -12.06 19.06
N THR P 64 27.71 -12.41 19.26
CA THR P 64 27.15 -12.60 20.60
C THR P 64 27.90 -13.69 21.36
N SER P 65 28.35 -14.71 20.63
CA SER P 65 29.10 -15.82 21.20
C SER P 65 30.33 -15.33 21.93
N ALA P 66 31.13 -14.52 21.24
CA ALA P 66 32.35 -13.95 21.81
C ALA P 66 32.02 -13.10 23.02
N VAL P 67 30.92 -12.38 22.97
CA VAL P 67 30.48 -11.53 24.08
C VAL P 67 30.22 -12.39 25.31
N CYS P 68 29.52 -13.51 25.11
CA CYS P 68 29.25 -14.42 26.22
C CYS P 68 30.54 -15.03 26.75
N LYS P 69 31.48 -15.29 25.86
CA LYS P 69 32.80 -15.74 26.27
C LYS P 69 33.45 -14.72 27.20
N LEU P 70 33.34 -13.45 26.82
CA LEU P 70 33.82 -12.36 27.65
C LEU P 70 33.14 -12.34 29.00
N VAL P 71 31.84 -12.66 29.01
CA VAL P 71 31.08 -12.71 30.25
C VAL P 71 31.62 -13.79 31.18
N ARG P 72 31.82 -14.98 30.66
CA ARG P 72 32.37 -16.08 31.46
C ARG P 72 33.76 -15.74 31.99
N GLN P 73 34.64 -15.30 31.08
CA GLN P 73 36.01 -14.98 31.43
C GLN P 73 36.09 -13.92 32.52
N LEU P 74 35.38 -12.82 32.30
CA LEU P 74 35.35 -11.73 33.27
C LEU P 74 34.73 -12.18 34.59
N GLN P 75 33.77 -13.10 34.51
CA GLN P 75 33.13 -13.64 35.69
C GLN P 75 34.16 -14.37 36.55
N GLN P 76 34.92 -15.25 35.92
CA GLN P 76 35.93 -16.04 36.64
C GLN P 76 37.06 -15.16 37.18
N GLN P 77 37.55 -14.24 36.35
CA GLN P 77 38.59 -13.30 36.78
C GLN P 77 38.11 -12.49 37.99
N ALA P 78 36.86 -12.07 37.94
CA ALA P 78 36.25 -11.34 39.04
C ALA P 78 36.17 -12.20 40.28
N LEU P 79 35.94 -13.50 40.10
CA LEU P 79 35.91 -14.42 41.22
C LEU P 79 37.27 -14.52 41.90
N SER P 80 38.32 -14.65 41.09
CA SER P 80 39.68 -14.73 41.64
C SER P 80 40.05 -13.45 42.37
N LEU P 81 39.75 -12.31 41.76
CA LEU P 81 40.02 -11.03 42.38
C LEU P 81 39.25 -10.90 43.69
N GLN P 82 38.03 -11.43 43.70
CA GLN P 82 37.17 -11.36 44.87
C GLN P 82 37.73 -12.18 46.02
N VAL P 83 38.15 -13.41 45.74
CA VAL P 83 38.66 -14.27 46.80
C VAL P 83 40.00 -13.73 47.30
N HIS P 84 40.75 -13.07 46.42
CA HIS P 84 41.98 -12.41 46.84
C HIS P 84 41.65 -11.28 47.81
N PHE P 85 40.69 -10.45 47.42
CA PHE P 85 40.18 -9.38 48.27
C PHE P 85 39.76 -9.88 49.64
N GLU P 86 39.04 -11.00 49.65
CA GLU P 86 38.52 -11.58 50.89
C GLU P 86 39.63 -12.16 51.75
N ARG P 87 40.68 -12.66 51.10
CA ARG P 87 41.86 -13.13 51.82
C ARG P 87 42.54 -11.97 52.54
N SER P 88 42.81 -10.91 51.80
CA SER P 88 43.41 -9.72 52.40
C SER P 88 42.52 -9.12 53.48
N GLU P 89 41.20 -9.25 53.31
CA GLU P 89 40.25 -8.80 54.32
C GLU P 89 40.41 -9.63 55.59
N ARG P 90 40.50 -10.95 55.43
CA ARG P 90 40.68 -11.85 56.56
C ARG P 90 41.96 -11.52 57.31
N VAL P 91 43.04 -11.29 56.58
CA VAL P 91 44.32 -10.99 57.20
C VAL P 91 44.31 -9.64 57.93
N LEU P 92 43.82 -8.60 57.24
CA LEU P 92 43.84 -7.26 57.80
C LEU P 92 42.86 -7.09 58.96
N SER P 93 41.81 -7.92 58.98
CA SER P 93 40.85 -7.88 60.08
C SER P 93 41.43 -8.54 61.33
N GLY P 94 42.00 -9.72 61.15
CA GLY P 94 42.66 -10.42 62.24
C GLY P 94 42.27 -11.89 62.34
N LEU P 95 41.41 -12.35 61.44
CA LEU P 95 40.95 -13.73 61.47
C LEU P 95 41.99 -14.70 60.91
N GLN P 96 42.71 -14.27 59.88
CA GLN P 96 43.74 -15.11 59.27
C GLN P 96 45.02 -15.06 60.09
N ALA P 97 45.31 -13.88 60.64
CA ALA P 97 46.45 -13.66 61.55
C ALA P 97 47.80 -14.01 60.93
N SER P 98 48.47 -13.01 60.37
CA SER P 98 49.81 -13.18 59.85
C SER P 98 50.73 -12.11 60.42
N SER P 99 51.99 -12.10 59.99
CA SER P 99 52.91 -11.07 60.41
C SER P 99 52.59 -9.78 59.66
N LEU P 100 52.77 -8.64 60.32
CA LEU P 100 52.46 -7.35 59.74
C LEU P 100 53.13 -7.09 58.38
N PRO P 101 54.43 -7.39 58.24
CA PRO P 101 55.01 -7.19 56.90
C PRO P 101 54.42 -8.12 55.84
N GLU P 102 53.99 -9.31 56.24
CA GLU P 102 53.37 -10.25 55.31
C GLU P 102 51.97 -9.77 54.94
N ALA P 103 51.28 -9.18 55.90
CA ALA P 103 49.95 -8.61 55.65
C ALA P 103 50.07 -7.45 54.67
N LEU P 104 51.04 -6.58 54.92
CA LEU P 104 51.30 -5.43 54.06
C LEU P 104 51.67 -5.88 52.64
N ALA P 105 52.57 -6.84 52.55
CA ALA P 105 52.99 -7.38 51.26
C ALA P 105 51.81 -8.00 50.51
N GLY P 106 50.96 -8.71 51.24
CA GLY P 106 49.76 -9.29 50.68
C GLY P 106 48.84 -8.23 50.13
N ALA P 107 48.74 -7.12 50.85
CA ALA P 107 47.95 -5.98 50.40
C ALA P 107 48.53 -5.40 49.12
N THR P 108 49.86 -5.37 49.04
CA THR P 108 50.53 -4.87 47.84
C THR P 108 50.23 -5.75 46.63
N GLN P 109 50.34 -7.06 46.81
CA GLN P 109 50.02 -8.01 45.74
C GLN P 109 48.56 -7.88 45.33
N LEU P 110 47.68 -7.66 46.30
CA LEU P 110 46.27 -7.40 46.02
C LEU P 110 46.13 -6.19 45.13
N LEU P 111 46.89 -5.14 45.44
CA LEU P 111 46.88 -3.92 44.66
C LEU P 111 47.35 -4.16 43.23
N SER P 112 48.36 -5.00 43.05
CA SER P 112 48.86 -5.32 41.71
C SER P 112 47.84 -6.10 40.89
N HIS P 113 47.27 -7.13 41.50
CA HIS P 113 46.23 -7.93 40.88
C HIS P 113 45.06 -7.04 40.44
N LEU P 114 44.65 -6.16 41.34
CA LEU P 114 43.58 -5.21 41.07
C LEU P 114 43.97 -4.24 39.96
N ASP P 115 45.25 -3.94 39.85
CA ASP P 115 45.74 -3.06 38.78
C ASP P 115 45.57 -3.72 37.42
N ASP P 116 46.01 -4.98 37.32
CA ASP P 116 45.86 -5.72 36.07
C ASP P 116 44.39 -5.85 35.68
N PHE P 117 43.57 -6.25 36.66
CA PHE P 117 42.15 -6.41 36.41
C PHE P 117 41.51 -5.09 35.97
N THR P 118 41.97 -4.00 36.58
CA THR P 118 41.49 -2.67 36.22
C THR P 118 41.85 -2.35 34.78
N ALA P 119 43.06 -2.73 34.37
CA ALA P 119 43.50 -2.55 32.99
C ALA P 119 42.55 -3.28 32.05
N THR P 120 42.20 -4.51 32.39
CA THR P 120 41.26 -5.27 31.58
C THR P 120 39.89 -4.61 31.53
N LEU P 121 39.44 -4.05 32.64
CA LEU P 121 38.16 -3.35 32.69
C LEU P 121 38.16 -2.14 31.74
N GLU P 122 39.20 -1.33 31.85
CA GLU P 122 39.39 -0.18 30.96
C GLU P 122 39.37 -0.64 29.51
N ARG P 123 39.97 -1.79 29.26
CA ARG P 123 39.97 -2.37 27.92
C ARG P 123 38.56 -2.77 27.50
N ARG P 124 37.72 -3.12 28.47
CA ARG P 124 36.36 -3.57 28.18
C ARG P 124 35.32 -2.47 28.29
N GLY P 125 35.77 -1.23 28.49
CA GLY P 125 34.86 -0.11 28.57
C GLY P 125 34.23 0.28 27.23
N VAL P 126 34.53 -0.50 26.19
CA VAL P 126 34.06 -0.21 24.83
C VAL P 126 32.57 -0.44 24.67
N PHE P 127 32.02 -1.39 25.42
CA PHE P 127 30.65 -1.84 25.22
C PHE P 127 29.59 -0.83 25.68
N PHE P 128 30.01 0.27 26.30
CA PHE P 128 29.09 1.34 26.65
C PHE P 128 28.92 2.30 25.47
N ASN P 129 28.25 1.81 24.43
CA ASN P 129 28.10 2.57 23.19
C ASN P 129 27.33 3.87 23.37
N ASP P 130 26.00 3.78 23.30
CA ASP P 130 25.15 4.97 23.38
C ASP P 130 24.79 5.29 24.83
N ALA P 131 25.14 4.40 25.74
CA ALA P 131 24.81 4.55 27.14
C ALA P 131 25.78 5.50 27.84
N LYS P 132 25.53 6.80 27.70
CA LYS P 132 26.39 7.82 28.30
C LYS P 132 26.34 7.79 29.82
N ILE P 133 25.13 7.81 30.36
CA ILE P 133 24.92 7.93 31.80
C ILE P 133 25.51 6.73 32.57
N GLU P 134 25.66 5.60 31.88
CA GLU P 134 26.30 4.43 32.49
C GLU P 134 27.81 4.52 32.34
N ARG P 135 28.26 4.98 31.18
CA ARG P 135 29.68 5.09 30.88
C ARG P 135 30.36 6.04 31.84
N ARG P 136 29.71 7.16 32.12
CA ARG P 136 30.24 8.16 33.05
C ARG P 136 30.52 7.56 34.41
N ARG P 137 29.54 6.84 34.94
CA ARG P 137 29.68 6.21 36.25
C ARG P 137 30.77 5.15 36.20
N TYR P 138 30.83 4.42 35.09
CA TYR P 138 31.83 3.38 34.89
C TYR P 138 33.25 3.93 34.98
N GLU P 139 33.54 4.95 34.17
CA GLU P 139 34.88 5.51 34.12
C GLU P 139 35.18 6.38 35.35
N GLN P 140 34.12 6.83 36.04
CA GLN P 140 34.30 7.55 37.28
C GLN P 140 34.80 6.60 38.36
N HIS P 141 34.12 5.46 38.50
CA HIS P 141 34.52 4.48 39.51
C HIS P 141 35.86 3.86 39.14
N LEU P 142 36.11 3.73 37.84
CA LEU P 142 37.42 3.26 37.37
C LEU P 142 38.51 4.24 37.78
N GLU P 143 38.29 5.53 37.51
CA GLU P 143 39.26 6.56 37.85
C GLU P 143 39.52 6.59 39.34
N GLN P 144 38.47 6.44 40.14
CA GLN P 144 38.61 6.39 41.58
C GLN P 144 39.43 5.17 42.00
N ILE P 145 39.18 4.03 41.34
CA ILE P 145 39.95 2.82 41.59
C ILE P 145 41.43 3.07 41.36
N ARG P 146 41.77 3.61 40.19
CA ARG P 146 43.16 3.95 39.88
C ARG P 146 43.76 4.85 40.94
N THR P 147 43.02 5.89 41.29
CA THR P 147 43.47 6.91 42.23
C THR P 147 43.81 6.32 43.60
N VAL P 148 42.81 5.73 44.26
CA VAL P 148 43.02 5.23 45.61
C VAL P 148 43.94 4.00 45.60
N SER P 149 44.05 3.33 44.46
CA SER P 149 45.03 2.26 44.32
C SER P 149 46.44 2.84 44.40
N LYS P 150 46.68 3.89 43.61
CA LYS P 150 47.97 4.58 43.62
C LYS P 150 48.30 5.15 45.00
N ASP P 151 47.31 5.76 45.62
CA ASP P 151 47.49 6.39 46.93
C ASP P 151 47.79 5.37 48.02
N THR P 152 47.00 4.30 48.06
CA THR P 152 47.19 3.26 49.06
C THR P 152 48.48 2.49 48.79
N ARG P 153 48.92 2.52 47.53
CA ARG P 153 50.19 1.91 47.15
C ARG P 153 51.33 2.77 47.71
N TYR P 154 51.16 4.08 47.60
CA TYR P 154 52.13 5.04 48.12
C TYR P 154 52.22 4.97 49.64
N SER P 155 51.09 4.76 50.29
CA SER P 155 51.04 4.69 51.75
C SER P 155 51.67 3.39 52.26
N LEU P 156 52.08 2.54 51.33
CA LEU P 156 52.74 1.29 51.67
C LEU P 156 54.22 1.32 51.31
N GLU P 157 54.52 1.60 50.04
CA GLU P 157 55.89 1.55 49.54
C GLU P 157 56.75 2.69 50.09
N ARG P 158 56.11 3.75 50.55
CA ARG P 158 56.83 4.86 51.17
C ARG P 158 56.86 4.69 52.69
N GLN P 159 56.30 5.66 53.40
CA GLN P 159 56.27 5.63 54.85
C GLN P 159 55.35 4.52 55.35
N HIS P 160 55.68 3.97 56.52
CA HIS P 160 54.89 2.89 57.11
C HIS P 160 53.75 3.44 57.95
N TYR P 161 52.63 3.74 57.30
CA TYR P 161 51.46 4.26 57.99
C TYR P 161 50.73 3.12 58.70
N ILE P 162 50.79 3.14 60.04
CA ILE P 162 50.34 2.03 60.87
C ILE P 162 48.81 1.93 60.94
N ASN P 163 48.31 1.06 61.82
CA ASN P 163 46.89 0.78 61.99
C ASN P 163 46.29 0.07 60.78
N LEU P 164 45.98 -1.22 60.97
CA LEU P 164 45.48 -2.07 59.89
C LEU P 164 44.06 -1.70 59.51
N GLU P 165 43.35 -1.01 60.39
CA GLU P 165 42.00 -0.55 60.11
C GLU P 165 42.02 0.50 58.99
N SER P 166 43.01 1.38 59.06
CA SER P 166 43.20 2.43 58.07
C SER P 166 43.40 1.84 56.68
N LEU P 167 44.14 0.74 56.60
CA LEU P 167 44.38 0.06 55.33
C LEU P 167 43.13 -0.69 54.88
N LEU P 168 42.49 -1.36 55.83
CA LEU P 168 41.31 -2.16 55.56
C LEU P 168 40.19 -1.32 54.97
N ASP P 169 40.05 -0.08 55.45
CA ASP P 169 39.06 0.84 54.92
C ASP P 169 39.28 1.10 53.43
N ASP P 170 40.51 1.41 53.07
CA ASP P 170 40.86 1.68 51.68
C ASP P 170 40.64 0.44 50.80
N VAL P 171 41.06 -0.72 51.31
CA VAL P 171 40.88 -1.97 50.60
C VAL P 171 39.40 -2.24 50.32
N GLN P 172 38.58 -2.12 51.35
CA GLN P 172 37.14 -2.34 51.23
C GLN P 172 36.50 -1.33 50.27
N LEU P 173 36.99 -0.11 50.31
CA LEU P 173 36.52 0.93 49.38
C LEU P 173 36.78 0.50 47.94
N LEU P 174 38.02 0.09 47.69
CA LEU P 174 38.41 -0.44 46.38
C LEU P 174 37.50 -1.59 45.96
N LYS P 175 37.18 -2.47 46.90
CA LYS P 175 36.29 -3.59 46.64
C LYS P 175 34.92 -3.11 46.19
N ARG P 176 34.39 -2.11 46.90
CA ARG P 176 33.10 -1.52 46.55
C ARG P 176 33.11 -0.96 45.13
N HIS P 177 34.08 -0.10 44.84
CA HIS P 177 34.19 0.50 43.51
C HIS P 177 34.27 -0.56 42.41
N THR P 178 35.13 -1.56 42.63
CA THR P 178 35.30 -2.66 41.70
C THR P 178 33.98 -3.38 41.45
N LEU P 179 33.24 -3.64 42.52
CA LEU P 179 31.94 -4.28 42.42
C LEU P 179 30.99 -3.47 41.56
N ILE P 180 30.98 -2.16 41.78
CA ILE P 180 30.10 -1.26 41.02
C ILE P 180 30.41 -1.29 39.53
N THR P 181 31.67 -1.05 39.18
CA THR P 181 32.10 -1.10 37.78
C THR P 181 31.73 -2.44 37.15
N LEU P 182 31.94 -3.51 37.91
CA LEU P 182 31.62 -4.86 37.47
C LEU P 182 30.14 -5.01 37.14
N ARG P 183 29.29 -4.51 38.03
CA ARG P 183 27.85 -4.58 37.82
C ARG P 183 27.46 -3.85 36.54
N LEU P 184 27.99 -2.64 36.37
CA LEU P 184 27.72 -1.85 35.18
C LEU P 184 28.09 -2.60 33.90
N ILE P 185 29.34 -3.03 33.82
CA ILE P 185 29.85 -3.68 32.62
C ILE P 185 29.13 -5.01 32.37
N PHE P 186 28.71 -5.69 33.43
CA PHE P 186 28.01 -6.96 33.30
C PHE P 186 26.62 -6.73 32.72
N GLU P 187 25.94 -5.71 33.22
CA GLU P 187 24.62 -5.35 32.68
C GLU P 187 24.75 -5.03 31.20
N ARG P 188 25.74 -4.21 30.87
CA ARG P 188 25.93 -3.76 29.50
C ARG P 188 26.30 -4.92 28.57
N LEU P 189 26.95 -5.95 29.12
CA LEU P 189 27.31 -7.12 28.32
C LEU P 189 26.13 -8.07 28.11
N VAL P 190 25.37 -8.32 29.18
CA VAL P 190 24.22 -9.21 29.14
C VAL P 190 23.11 -8.66 28.23
N ARG P 191 22.98 -7.33 28.23
CA ARG P 191 22.00 -6.66 27.37
C ARG P 191 22.10 -7.13 25.92
N VAL P 192 23.33 -7.35 25.46
CA VAL P 192 23.57 -7.83 24.11
C VAL P 192 22.92 -9.19 23.89
N LEU P 193 23.09 -10.09 24.83
CA LEU P 193 22.52 -11.42 24.75
C LEU P 193 21.00 -11.37 24.74
N VAL P 194 20.43 -10.59 25.66
CA VAL P 194 18.97 -10.48 25.74
C VAL P 194 18.38 -9.89 24.45
N ILE P 195 19.05 -8.88 23.91
CA ILE P 195 18.64 -8.29 22.63
C ILE P 195 18.71 -9.36 21.54
N SER P 196 19.75 -10.19 21.59
CA SER P 196 19.90 -11.28 20.63
C SER P 196 18.74 -12.27 20.75
N ILE P 197 18.21 -12.42 21.96
CA ILE P 197 17.04 -13.25 22.17
C ILE P 197 15.79 -12.62 21.54
N GLU P 198 15.51 -11.37 21.89
CA GLU P 198 14.27 -10.73 21.45
C GLU P 198 14.34 -10.23 20.00
N GLN P 199 15.48 -10.39 19.35
CA GLN P 199 15.61 -10.01 17.95
C GLN P 199 16.26 -11.12 17.12
N SER P 200 15.87 -12.36 17.39
CA SER P 200 16.41 -13.50 16.65
C SER P 200 15.77 -13.60 15.27
N GLN P 201 16.62 -13.77 14.26
CA GLN P 201 16.17 -13.92 12.89
C GLN P 201 16.28 -15.38 12.45
N CYS P 202 16.88 -16.20 13.31
CA CYS P 202 17.04 -17.62 13.05
C CYS P 202 16.69 -18.45 14.28
N ASP P 203 15.95 -19.55 14.08
CA ASP P 203 15.50 -20.39 15.19
C ASP P 203 16.65 -21.11 15.87
N LEU P 204 17.66 -21.51 15.10
CA LEU P 204 18.83 -22.17 15.66
C LEU P 204 19.58 -21.23 16.58
N LEU P 205 19.74 -19.98 16.13
CA LEU P 205 20.40 -18.95 16.92
C LEU P 205 19.61 -18.65 18.18
N LEU P 206 18.29 -18.64 18.05
CA LEU P 206 17.41 -18.44 19.20
C LEU P 206 17.62 -19.55 20.22
N ARG P 207 17.69 -20.78 19.72
CA ARG P 207 17.96 -21.94 20.55
C ARG P 207 19.29 -21.80 21.29
N ALA P 208 20.33 -21.42 20.56
CA ALA P 208 21.67 -21.29 21.12
C ALA P 208 21.72 -20.22 22.21
N ASN P 209 21.16 -19.06 21.90
CA ASN P 209 21.15 -17.96 22.86
C ASN P 209 20.34 -18.28 24.11
N ILE P 210 19.13 -18.82 23.89
CA ILE P 210 18.28 -19.24 25.00
C ILE P 210 18.99 -20.24 25.91
N ASN P 211 19.68 -21.21 25.32
CA ASN P 211 20.50 -22.14 26.10
C ASN P 211 21.62 -21.40 26.83
N MET P 212 22.10 -20.32 26.21
CA MET P 212 23.22 -19.58 26.77
C MET P 212 22.83 -18.82 28.04
N VAL P 213 21.62 -18.24 28.06
CA VAL P 213 21.19 -17.55 29.28
C VAL P 213 21.08 -18.55 30.42
N ALA P 214 20.73 -19.80 30.10
CA ALA P 214 20.66 -20.85 31.09
C ALA P 214 22.07 -21.29 31.50
N THR P 215 23.02 -21.14 30.58
CA THR P 215 24.41 -21.50 30.85
C THR P 215 25.05 -20.52 31.81
N LEU P 216 24.81 -19.23 31.57
CA LEU P 216 25.38 -18.18 32.42
C LEU P 216 24.81 -18.22 33.84
N MET P 217 23.54 -18.61 33.95
CA MET P 217 22.88 -18.65 35.25
C MET P 217 22.78 -20.07 35.80
N ASN P 218 23.62 -20.96 35.31
CA ASN P 218 23.70 -22.31 35.85
C ASN P 218 24.17 -22.26 37.30
N ILE P 219 25.18 -21.43 37.54
CA ILE P 219 25.66 -21.17 38.90
C ILE P 219 25.50 -19.70 39.22
N ASP P 220 24.67 -19.39 40.19
CA ASP P 220 24.43 -18.00 40.57
C ASP P 220 25.34 -17.56 41.71
N TYR P 221 26.14 -16.53 41.46
CA TYR P 221 27.03 -15.98 42.48
C TYR P 221 26.40 -14.75 43.10
N ASP P 222 26.95 -14.30 44.23
CA ASP P 222 26.38 -13.18 44.96
C ASP P 222 27.35 -12.00 45.06
N GLY P 223 28.62 -12.24 44.77
CA GLY P 223 29.63 -11.21 44.92
C GLY P 223 29.95 -10.49 43.62
N PHE P 224 31.24 -10.47 43.27
CA PHE P 224 31.71 -9.81 42.06
C PHE P 224 31.10 -10.39 40.80
N ARG P 225 30.86 -11.70 40.82
CA ARG P 225 30.53 -12.45 39.61
C ARG P 225 29.03 -12.61 39.37
N SER P 226 28.22 -11.90 40.16
CA SER P 226 26.77 -12.03 40.03
C SER P 226 26.26 -11.48 38.70
N LEU P 227 25.36 -12.21 38.07
CA LEU P 227 24.78 -11.80 36.79
C LEU P 227 23.27 -11.66 36.88
N SER P 228 22.72 -11.99 38.05
CA SER P 228 21.27 -11.99 38.27
C SER P 228 20.66 -10.63 38.00
N ASP P 229 21.22 -9.59 38.61
CA ASP P 229 20.70 -8.23 38.46
C ASP P 229 20.84 -7.75 37.02
N ALA P 230 21.84 -8.28 36.32
CA ALA P 230 22.08 -7.91 34.93
C ALA P 230 20.97 -8.42 34.02
N PHE P 231 20.44 -9.60 34.33
CA PHE P 231 19.33 -10.16 33.59
C PHE P 231 18.02 -9.52 34.02
N VAL P 232 17.92 -9.21 35.32
CA VAL P 232 16.72 -8.57 35.86
C VAL P 232 16.50 -7.20 35.23
N GLN P 233 17.58 -6.42 35.11
CA GLN P 233 17.48 -5.06 34.61
C GLN P 233 17.19 -5.01 33.12
N ASN P 234 17.69 -5.99 32.36
CA ASN P 234 17.45 -6.02 30.93
C ASN P 234 16.17 -6.77 30.57
N GLU P 235 15.39 -7.10 31.59
CA GLU P 235 14.10 -7.78 31.43
C GLU P 235 14.23 -9.05 30.59
N ALA P 236 15.08 -9.97 31.04
CA ALA P 236 15.27 -11.23 30.35
C ALA P 236 14.08 -12.15 30.60
N VAL P 237 13.50 -12.04 31.79
CA VAL P 237 12.34 -12.84 32.17
C VAL P 237 11.17 -12.56 31.23
N ARG P 238 10.90 -11.28 30.99
CA ARG P 238 9.82 -10.88 30.10
C ARG P 238 10.07 -11.36 28.68
N THR P 239 11.32 -11.27 28.26
CA THR P 239 11.72 -11.68 26.93
C THR P 239 11.48 -13.17 26.71
N LEU P 240 12.01 -13.99 27.61
CA LEU P 240 11.81 -15.43 27.57
C LEU P 240 10.32 -15.78 27.65
N LEU P 241 9.57 -15.00 28.43
CA LEU P 241 8.13 -15.22 28.53
C LEU P 241 7.44 -14.95 27.20
N VAL P 242 7.91 -13.93 26.47
CA VAL P 242 7.37 -13.62 25.17
C VAL P 242 7.69 -14.74 24.20
N VAL P 243 8.91 -15.30 24.31
CA VAL P 243 9.29 -16.43 23.49
C VAL P 243 8.37 -17.63 23.75
N VAL P 244 8.15 -17.92 25.02
CA VAL P 244 7.26 -19.01 25.42
C VAL P 244 5.85 -18.78 24.91
N LEU P 245 5.43 -17.52 24.89
CA LEU P 245 4.06 -17.17 24.55
C LEU P 245 3.80 -17.17 23.04
N ASP P 246 4.81 -16.82 22.25
CA ASP P 246 4.56 -16.54 20.84
C ASP P 246 5.24 -17.50 19.84
N HIS P 247 6.24 -18.24 20.29
CA HIS P 247 6.99 -19.07 19.33
C HIS P 247 6.21 -20.31 18.89
N LYS P 248 6.44 -20.71 17.66
CA LYS P 248 5.68 -21.79 17.02
C LYS P 248 6.07 -23.16 17.58
N GLN P 249 7.34 -23.50 17.46
CA GLN P 249 7.82 -24.82 17.86
C GLN P 249 7.87 -25.01 19.37
N SER P 250 7.46 -26.19 19.83
CA SER P 250 7.36 -26.50 21.25
C SER P 250 8.74 -26.64 21.90
N SER P 251 9.72 -27.08 21.12
CA SER P 251 11.07 -27.27 21.63
C SER P 251 11.68 -25.95 22.09
N VAL P 252 11.53 -24.92 21.27
CA VAL P 252 12.01 -23.58 21.60
C VAL P 252 11.36 -23.08 22.88
N ARG P 253 10.04 -23.24 22.97
CA ARG P 253 9.30 -22.86 24.16
C ARG P 253 9.84 -23.58 25.40
N ALA P 254 10.13 -24.87 25.25
CA ALA P 254 10.66 -25.66 26.35
C ALA P 254 12.03 -25.13 26.79
N LEU P 255 12.86 -24.80 25.81
CA LEU P 255 14.18 -24.24 26.10
C LEU P 255 14.07 -22.93 26.88
N ALA P 256 13.19 -22.06 26.40
CA ALA P 256 12.93 -20.78 27.05
C ALA P 256 12.42 -20.98 28.47
N LEU P 257 11.62 -22.01 28.66
CA LEU P 257 11.09 -22.35 29.97
C LEU P 257 12.20 -22.82 30.91
N ARG P 258 13.15 -23.57 30.35
CA ARG P 258 14.29 -24.05 31.12
C ARG P 258 15.16 -22.88 31.57
N ALA P 259 15.51 -22.02 30.62
CA ALA P 259 16.31 -20.83 30.91
C ALA P 259 15.60 -19.96 31.94
N LEU P 260 14.29 -19.83 31.78
CA LEU P 260 13.47 -19.08 32.72
C LEU P 260 13.54 -19.68 34.11
N ALA P 261 13.57 -21.00 34.17
CA ALA P 261 13.65 -21.71 35.43
C ALA P 261 14.99 -21.46 36.12
N THR P 262 16.07 -21.45 35.33
CA THR P 262 17.40 -21.18 35.87
C THR P 262 17.50 -19.73 36.34
N LEU P 263 16.77 -18.84 35.67
CA LEU P 263 16.85 -17.42 35.96
C LEU P 263 16.11 -17.03 37.24
N CYS P 264 14.92 -17.58 37.43
CA CYS P 264 14.06 -17.17 38.55
C CYS P 264 14.46 -17.82 39.87
N CYS P 265 15.75 -17.87 40.15
CA CYS P 265 16.23 -18.27 41.47
C CYS P 265 16.36 -17.02 42.33
N ALA P 266 16.63 -15.91 41.67
CA ALA P 266 16.67 -14.61 42.33
C ALA P 266 15.25 -14.05 42.45
N PRO P 267 14.86 -13.65 43.67
CA PRO P 267 13.51 -13.17 44.00
C PRO P 267 13.01 -12.07 43.06
N GLN P 268 13.91 -11.21 42.60
CA GLN P 268 13.54 -10.14 41.69
C GLN P 268 13.00 -10.70 40.38
N ALA P 269 13.69 -11.71 39.87
CA ALA P 269 13.28 -12.36 38.62
C ALA P 269 11.91 -13.02 38.77
N ILE P 270 11.67 -13.59 39.94
CA ILE P 270 10.37 -14.21 40.23
C ILE P 270 9.29 -13.14 40.25
N ASN P 271 9.60 -12.00 40.87
CA ASN P 271 8.68 -10.87 40.91
C ASN P 271 8.33 -10.38 39.51
N GLN P 272 9.34 -10.33 38.64
CA GLN P 272 9.12 -9.96 37.26
C GLN P 272 8.23 -10.98 36.56
N LEU P 273 8.49 -12.26 36.83
CA LEU P 273 7.72 -13.35 36.24
C LEU P 273 6.25 -13.23 36.61
N GLY P 274 5.98 -12.95 37.88
CA GLY P 274 4.62 -12.81 38.36
C GLY P 274 3.95 -11.55 37.85
N SER P 275 4.74 -10.49 37.70
CA SER P 275 4.23 -9.22 37.21
C SER P 275 3.80 -9.33 35.75
N CYS P 276 4.49 -10.18 34.99
CA CYS P 276 4.17 -10.39 33.59
C CYS P 276 3.10 -11.47 33.44
N GLY P 277 2.64 -11.99 34.57
CA GLY P 277 1.64 -13.05 34.56
C GLY P 277 2.19 -14.35 34.01
N GLY P 278 3.48 -14.58 34.26
CA GLY P 278 4.14 -15.78 33.80
C GLY P 278 3.58 -17.04 34.43
N ILE P 279 3.20 -16.93 35.70
CA ILE P 279 2.59 -18.03 36.43
C ILE P 279 1.33 -18.50 35.72
N GLU P 280 0.52 -17.54 35.28
CA GLU P 280 -0.71 -17.82 34.56
C GLU P 280 -0.44 -18.49 33.21
N ILE P 281 0.64 -18.05 32.55
CA ILE P 281 1.03 -18.61 31.28
C ILE P 281 1.45 -20.08 31.41
N VAL P 282 2.40 -20.33 32.31
CA VAL P 282 2.88 -21.68 32.56
C VAL P 282 1.74 -22.57 33.03
N ARG P 283 0.82 -21.99 33.80
CA ARG P 283 -0.38 -22.70 34.21
C ARG P 283 -1.21 -23.10 32.99
N ASP P 284 -1.32 -22.19 32.03
CA ASP P 284 -2.11 -22.43 30.83
C ASP P 284 -1.42 -23.41 29.89
N ILE P 285 -0.13 -23.61 30.09
CA ILE P 285 0.61 -24.60 29.31
C ILE P 285 0.08 -25.99 29.61
N LEU P 286 -0.17 -26.26 30.89
CA LEU P 286 -0.58 -27.59 31.32
C LEU P 286 -2.09 -27.80 31.26
N GLN P 287 -2.83 -26.83 30.72
CA GLN P 287 -4.28 -26.94 30.69
C GLN P 287 -4.87 -26.32 29.43
N VAL P 288 -5.35 -25.08 29.55
CA VAL P 288 -6.20 -24.39 28.56
C VAL P 288 -7.13 -25.40 27.85
N GLU P 289 -8.12 -25.87 28.61
CA GLU P 289 -9.07 -26.88 28.15
C GLU P 289 -8.36 -28.15 27.71
N SER P 290 -7.30 -28.51 28.43
CA SER P 290 -6.50 -29.71 28.15
C SER P 290 -6.00 -29.74 26.70
N ALA P 291 -5.09 -28.82 26.37
CA ALA P 291 -4.56 -28.73 25.02
C ALA P 291 -3.72 -29.96 24.67
N GLY P 292 -4.13 -30.69 23.63
CA GLY P 292 -3.42 -31.87 23.20
C GLY P 292 -2.10 -31.54 22.53
N GLU P 293 -2.14 -30.59 21.59
CA GLU P 293 -0.94 -30.15 20.89
C GLU P 293 0.05 -29.50 21.85
N ARG P 294 1.33 -29.62 21.53
CA ARG P 294 2.42 -29.07 22.34
C ARG P 294 2.49 -29.69 23.73
N GLY P 295 3.51 -30.51 23.96
CA GLY P 295 3.70 -31.18 25.23
C GLY P 295 5.04 -31.86 25.37
N ALA P 296 5.03 -33.07 25.92
CA ALA P 296 6.23 -33.87 26.13
C ALA P 296 7.26 -33.16 27.01
N ILE P 297 8.25 -32.54 26.37
CA ILE P 297 9.33 -31.86 27.08
C ILE P 297 8.91 -30.48 27.57
N GLU P 298 8.08 -29.79 26.78
CA GLU P 298 7.55 -28.49 27.18
C GLU P 298 6.74 -28.64 28.45
N ARG P 299 5.97 -29.73 28.53
CA ARG P 299 5.23 -30.07 29.74
C ARG P 299 6.17 -30.23 30.92
N ARG P 300 7.24 -30.99 30.71
CA ARG P 300 8.22 -31.27 31.77
C ARG P 300 8.85 -30.00 32.31
N GLU P 301 9.33 -29.14 31.41
CA GLU P 301 9.98 -27.90 31.83
C GLU P 301 8.99 -26.95 32.47
N ALA P 302 7.75 -26.97 31.98
CA ALA P 302 6.69 -26.13 32.57
C ALA P 302 6.41 -26.55 34.00
N VAL P 303 6.26 -27.86 34.22
CA VAL P 303 6.01 -28.40 35.55
C VAL P 303 7.19 -28.14 36.48
N SER P 304 8.40 -28.33 35.98
CA SER P 304 9.60 -28.14 36.77
C SER P 304 9.75 -26.68 37.20
N LEU P 305 9.52 -25.76 36.26
CA LEU P 305 9.54 -24.33 36.56
C LEU P 305 8.48 -23.98 37.60
N LEU P 306 7.25 -24.40 37.32
CA LEU P 306 6.10 -24.15 38.19
C LEU P 306 6.36 -24.67 39.60
N ALA P 307 7.16 -25.72 39.69
CA ALA P 307 7.50 -26.34 40.97
C ALA P 307 8.61 -25.56 41.68
N GLN P 308 9.61 -25.14 40.92
CA GLN P 308 10.72 -24.39 41.49
C GLN P 308 10.27 -23.03 41.99
N ILE P 309 9.17 -22.51 41.41
CA ILE P 309 8.57 -21.28 41.91
C ILE P 309 8.06 -21.47 43.34
N THR P 310 7.33 -22.56 43.56
CA THR P 310 6.78 -22.88 44.86
C THR P 310 7.88 -23.30 45.83
N ALA P 311 9.00 -23.76 45.28
CA ALA P 311 10.13 -24.20 46.11
C ALA P 311 10.78 -23.03 46.82
N ALA P 312 10.69 -21.84 46.22
CA ALA P 312 11.27 -20.64 46.81
C ALA P 312 10.40 -20.11 47.94
#